data_8W21
#
_entry.id   8W21
#
_cell.length_a   140.602
_cell.length_b   140.602
_cell.length_c   409.050
_cell.angle_alpha   90.00
_cell.angle_beta   90.00
_cell.angle_gamma   90.00
#
_symmetry.space_group_name_H-M   'P 43 21 2'
#
loop_
_entity.id
_entity.type
_entity.pdbx_description
1 polymer Enolase
2 non-polymer 'PHOSPHATE ION'
3 non-polymer 'MAGNESIUM ION'
4 non-polymer GLYCEROL
5 non-polymer DI(HYDROXYETHYL)ETHER
6 non-polymer 'TRIETHYLENE GLYCOL'
7 water water
#
_entity_poly.entity_id   1
_entity_poly.type   'polypeptide(L)'
_entity_poly.pdbx_seq_one_letter_code
;MAHHHHHHMFDVVISDIEAREILDSRGYPTLCVKVITNTGTFGEACVPSGASTGIKEALELRDKDPKRYQGKGVLQAISN
VEKVLVPALQGFSVFDQITADAIMIDADGTPNKEKLGANAILGVSLALAKAAANTLQRPLYRYLGGSFSHVLPCPMMNLI
NGGMHATNGLQFQEFMIRPISAPSLKEAVRMGAEVFNALKKILQNRQLATGVGDEGGFAPNLASNAEALDLLLTAIETAG
FTPREDISLALDCAASSFYNTQDKTYDGKSYADQVGILAELCEHYPIDSIEDGLAEEDFEGWKLLSETLGDRVQLVGDDL
FVTNSALIAEGIAQGLANAVLIKPNQIGTLTETAEAIRLATIQGYATILSHRSGETEDTTIADLAVAFNTGQIKTGSLSR
SERIAKYNRLMAIEEEMGPEALFQDSNPFSKA
;
_entity_poly.pdbx_strand_id   A,B,C,D,E,F,G,H
#
loop_
_chem_comp.id
_chem_comp.type
_chem_comp.name
_chem_comp.formula
GOL non-polymer GLYCEROL 'C3 H8 O3'
MG non-polymer 'MAGNESIUM ION' 'Mg 2'
PEG non-polymer DI(HYDROXYETHYL)ETHER 'C4 H10 O3'
PGE non-polymer 'TRIETHYLENE GLYCOL' 'C6 H14 O4'
PO4 non-polymer 'PHOSPHATE ION' 'O4 P -3'
#
# COMPACT_ATOMS: atom_id res chain seq x y z
N ASP A 11 52.26 15.81 -2.75
CA ASP A 11 51.29 14.95 -3.42
C ASP A 11 49.88 15.13 -2.85
N VAL A 12 48.91 15.07 -3.73
CA VAL A 12 47.52 15.38 -3.43
C VAL A 12 46.79 14.08 -3.17
N VAL A 13 46.13 13.98 -2.02
CA VAL A 13 45.45 12.76 -1.63
C VAL A 13 43.99 13.03 -1.25
N ILE A 14 43.22 11.94 -1.24
CA ILE A 14 41.82 12.00 -0.88
C ILE A 14 41.70 12.33 0.60
N SER A 15 40.93 13.36 0.92
CA SER A 15 40.78 13.77 2.30
C SER A 15 39.40 13.48 2.86
N ASP A 16 38.34 13.68 2.07
CA ASP A 16 36.96 13.43 2.50
C ASP A 16 36.12 13.15 1.27
N ILE A 17 34.98 12.50 1.49
CA ILE A 17 33.99 12.28 0.45
C ILE A 17 32.61 12.59 1.01
N GLU A 18 31.87 13.43 0.31
CA GLU A 18 30.49 13.75 0.67
C GLU A 18 29.55 13.11 -0.34
N ALA A 19 28.37 12.74 0.13
CA ALA A 19 27.34 12.21 -0.76
C ALA A 19 25.97 12.73 -0.31
N ARG A 20 25.09 12.96 -1.28
CA ARG A 20 23.77 13.44 -0.99
C ARG A 20 22.78 12.88 -1.98
N GLU A 21 21.51 12.88 -1.55
CA GLU A 21 20.39 12.30 -2.27
C GLU A 21 19.75 13.36 -3.14
N ILE A 22 19.69 13.12 -4.45
CA ILE A 22 19.03 14.02 -5.38
C ILE A 22 17.94 13.23 -6.10
N LEU A 23 17.22 13.90 -7.00
CA LEU A 23 16.32 13.24 -7.91
C LEU A 23 16.92 13.16 -9.31
N ASP A 24 16.68 12.02 -9.97
CA ASP A 24 17.02 11.89 -11.37
C ASP A 24 15.91 12.51 -12.21
N SER A 25 16.06 12.42 -13.53
CA SER A 25 15.14 13.04 -14.49
C SER A 25 13.76 12.40 -14.55
N ARG A 26 13.55 11.26 -13.92
CA ARG A 26 12.25 10.61 -13.82
C ARG A 26 11.58 10.89 -12.48
N GLY A 27 12.24 11.60 -11.58
CA GLY A 27 11.69 11.89 -10.26
C GLY A 27 12.01 10.84 -9.21
N TYR A 28 13.02 10.02 -9.44
CA TYR A 28 13.38 8.99 -8.46
C TYR A 28 14.73 9.32 -7.85
N PRO A 29 14.98 8.90 -6.61
CA PRO A 29 16.25 9.25 -5.97
C PRO A 29 17.46 8.67 -6.66
N THR A 30 18.56 9.41 -6.62
CA THR A 30 19.88 8.86 -6.87
C THR A 30 20.84 9.68 -6.04
N LEU A 31 22.13 9.48 -6.26
CA LEU A 31 23.09 10.22 -5.44
C LEU A 31 24.08 11.00 -6.29
N CYS A 32 24.56 12.09 -5.68
CA CYS A 32 25.69 12.87 -6.14
CA CYS A 32 25.70 12.84 -6.16
C CYS A 32 26.77 12.76 -5.08
N VAL A 33 28.01 12.72 -5.52
CA VAL A 33 29.16 12.47 -4.68
C VAL A 33 30.19 13.53 -4.97
N LYS A 34 30.79 14.04 -3.92
CA LYS A 34 31.84 15.04 -4.00
C LYS A 34 33.07 14.50 -3.30
N VAL A 35 34.16 14.37 -4.06
CA VAL A 35 35.47 13.97 -3.54
C VAL A 35 36.34 15.19 -3.33
N ILE A 36 36.92 15.31 -2.14
CA ILE A 36 37.64 16.49 -1.70
C ILE A 36 39.09 16.10 -1.37
N THR A 37 40.05 16.83 -1.92
CA THR A 37 41.46 16.51 -1.70
C THR A 37 42.00 17.27 -0.51
N ASN A 38 43.22 16.89 -0.09
CA ASN A 38 43.84 17.59 1.03
C ASN A 38 44.23 19.03 0.69
N THR A 39 44.26 19.40 -0.59
CA THR A 39 44.47 20.80 -0.95
C THR A 39 43.16 21.58 -1.05
N GLY A 40 42.02 20.97 -0.78
CA GLY A 40 40.77 21.67 -0.94
C GLY A 40 40.18 21.64 -2.34
N THR A 41 40.88 21.05 -3.31
CA THR A 41 40.29 20.81 -4.62
C THR A 41 39.23 19.71 -4.53
N PHE A 42 38.32 19.69 -5.51
CA PHE A 42 37.28 18.68 -5.44
C PHE A 42 36.70 18.38 -6.81
N GLY A 43 35.98 17.28 -6.88
CA GLY A 43 35.16 16.94 -8.02
C GLY A 43 33.84 16.35 -7.56
N GLU A 44 32.81 16.55 -8.39
CA GLU A 44 31.47 16.11 -8.09
C GLU A 44 30.86 15.40 -9.29
N ALA A 45 30.16 14.31 -9.03
CA ALA A 45 29.49 13.56 -10.07
C ALA A 45 28.16 12.99 -9.54
N CYS A 46 27.19 12.83 -10.41
CA CYS A 46 25.94 12.21 -10.03
C CYS A 46 25.78 10.91 -10.82
N VAL A 47 24.96 10.01 -10.29
CA VAL A 47 24.89 8.63 -10.76
C VAL A 47 23.54 8.42 -11.45
N PRO A 48 23.51 7.97 -12.69
CA PRO A 48 22.24 7.71 -13.38
C PRO A 48 21.68 6.37 -12.92
N SER A 49 20.56 5.98 -13.53
CA SER A 49 19.81 4.76 -13.17
C SER A 49 18.91 4.30 -14.33
N GLY A 50 18.89 2.98 -14.56
CA GLY A 50 18.09 2.42 -15.63
C GLY A 50 16.69 2.02 -15.19
N ALA A 51 15.89 1.54 -16.14
CA ALA A 51 14.56 1.03 -15.81
C ALA A 51 14.63 -0.34 -15.13
N LYS A 56 19.87 -7.62 -13.31
CA LYS A 56 20.58 -7.86 -14.57
C LYS A 56 21.87 -7.00 -14.79
N GLU A 57 22.36 -6.37 -13.74
CA GLU A 57 23.53 -5.49 -13.80
C GLU A 57 24.07 -5.33 -12.39
N ALA A 58 25.18 -4.59 -12.28
CA ALA A 58 25.71 -4.25 -10.96
C ALA A 58 24.61 -3.66 -10.08
N LEU A 59 24.68 -3.93 -8.77
CA LEU A 59 23.55 -3.66 -7.92
C LEU A 59 23.44 -2.17 -7.60
N GLU A 60 22.36 -1.57 -8.05
CA GLU A 60 21.89 -0.25 -7.60
C GLU A 60 21.25 -0.43 -6.23
N LEU A 61 21.86 0.16 -5.18
CA LEU A 61 21.42 -0.10 -3.82
C LEU A 61 20.36 0.91 -3.41
N ARG A 62 19.17 0.40 -3.08
CA ARG A 62 18.01 1.14 -2.63
C ARG A 62 17.62 0.73 -1.20
N ASP A 63 16.99 1.67 -0.50
CA ASP A 63 16.71 1.53 0.92
C ASP A 63 15.58 0.58 1.23
N LYS A 64 14.59 0.48 0.33
CA LYS A 64 13.44 -0.40 0.53
C LYS A 64 12.57 0.06 1.69
N ASP A 65 12.63 1.33 2.06
CA ASP A 65 11.73 1.88 3.09
C ASP A 65 10.41 2.25 2.43
N PRO A 66 9.32 1.51 2.65
CA PRO A 66 8.10 1.78 1.88
C PRO A 66 7.49 3.14 2.17
N LYS A 67 7.82 3.74 3.30
CA LYS A 67 7.28 5.05 3.67
C LYS A 67 8.06 6.18 3.00
N ARG A 68 9.08 5.86 2.21
CA ARG A 68 9.95 6.87 1.63
C ARG A 68 10.22 6.56 0.16
N TYR A 69 9.70 7.39 -0.73
CA TYR A 69 9.98 7.27 -2.16
C TYR A 69 9.63 5.88 -2.67
N GLN A 70 8.57 5.30 -2.10
CA GLN A 70 8.14 3.95 -2.42
C GLN A 70 9.32 2.97 -2.42
N GLY A 71 10.22 3.12 -1.46
CA GLY A 71 11.30 2.17 -1.28
C GLY A 71 12.54 2.42 -2.10
N LYS A 72 12.61 3.54 -2.81
CA LYS A 72 13.71 3.83 -3.73
C LYS A 72 14.73 4.87 -3.20
N GLY A 73 14.68 5.24 -1.91
CA GLY A 73 15.71 6.10 -1.36
C GLY A 73 17.11 5.50 -1.51
N VAL A 74 18.12 6.34 -1.44
CA VAL A 74 19.50 5.84 -1.53
C VAL A 74 20.32 6.35 -0.34
N LEU A 75 19.65 6.50 0.81
CA LEU A 75 20.33 6.96 2.00
C LEU A 75 21.36 5.96 2.49
N GLN A 76 21.11 4.66 2.32
CA GLN A 76 22.08 3.64 2.70
CA GLN A 76 22.12 3.71 2.75
C GLN A 76 23.31 3.70 1.81
N ALA A 77 23.12 3.90 0.51
CA ALA A 77 24.30 4.04 -0.34
C ALA A 77 25.11 5.26 0.08
N ILE A 78 24.43 6.37 0.35
CA ILE A 78 25.12 7.57 0.85
C ILE A 78 25.89 7.24 2.12
N SER A 79 25.26 6.52 3.03
CA SER A 79 25.94 6.11 4.26
C SER A 79 27.17 5.25 3.96
N ASN A 80 27.06 4.35 2.97
CA ASN A 80 28.22 3.54 2.62
C ASN A 80 29.35 4.41 2.08
N VAL A 81 29.04 5.39 1.25
CA VAL A 81 30.08 6.31 0.80
C VAL A 81 30.76 6.94 2.00
N GLU A 82 29.97 7.46 2.92
CA GLU A 82 30.54 8.30 3.98
C GLU A 82 31.23 7.47 5.06
N LYS A 83 30.72 6.29 5.38
CA LYS A 83 31.25 5.50 6.49
C LYS A 83 32.16 4.36 6.09
N VAL A 84 32.08 3.87 4.85
CA VAL A 84 32.92 2.76 4.40
C VAL A 84 33.99 3.21 3.43
N LEU A 85 33.59 3.92 2.37
CA LEU A 85 34.54 4.31 1.34
C LEU A 85 35.48 5.43 1.80
N VAL A 86 35.02 6.32 2.65
CA VAL A 86 35.88 7.41 3.12
C VAL A 86 37.07 6.79 3.85
N PRO A 87 36.89 5.95 4.88
CA PRO A 87 38.08 5.39 5.57
C PRO A 87 38.94 4.55 4.67
N ALA A 88 38.32 3.91 3.65
CA ALA A 88 39.05 3.02 2.76
C ALA A 88 39.94 3.80 1.81
N LEU A 89 39.56 5.04 1.47
CA LEU A 89 40.26 5.80 0.45
C LEU A 89 41.05 7.00 0.96
N GLN A 90 40.82 7.50 2.19
CA GLN A 90 41.52 8.72 2.56
C GLN A 90 43.01 8.45 2.69
N GLY A 91 43.82 9.44 2.29
CA GLY A 91 45.25 9.29 2.27
C GLY A 91 45.81 8.76 0.95
N PHE A 92 44.98 8.13 0.12
CA PHE A 92 45.44 7.65 -1.17
C PHE A 92 45.48 8.77 -2.18
N SER A 93 46.39 8.63 -3.14
CA SER A 93 46.62 9.66 -4.12
C SER A 93 45.36 9.91 -4.92
N VAL A 94 45.08 11.19 -5.20
CA VAL A 94 43.89 11.48 -5.99
C VAL A 94 44.04 11.00 -7.42
N PHE A 95 45.27 10.76 -7.87
CA PHE A 95 45.61 10.39 -9.23
C PHE A 95 45.64 8.88 -9.48
N ASP A 96 45.61 8.05 -8.44
CA ASP A 96 45.68 6.60 -8.62
C ASP A 96 44.27 6.03 -8.81
N GLN A 97 43.74 6.30 -10.01
CA GLN A 97 42.37 5.93 -10.31
C GLN A 97 42.18 4.42 -10.23
N ILE A 98 43.07 3.66 -10.86
CA ILE A 98 42.92 2.21 -10.85
C ILE A 98 43.03 1.68 -9.43
N THR A 99 43.96 2.23 -8.64
CA THR A 99 44.10 1.82 -7.25
C THR A 99 42.83 2.12 -6.44
N ALA A 100 42.29 3.34 -6.58
CA ALA A 100 41.10 3.68 -5.80
C ALA A 100 39.96 2.75 -6.15
N ASP A 101 39.75 2.51 -7.45
CA ASP A 101 38.68 1.64 -7.90
C ASP A 101 38.88 0.22 -7.38
N ALA A 102 40.12 -0.27 -7.37
CA ALA A 102 40.36 -1.61 -6.83
C ALA A 102 40.03 -1.67 -5.35
N ILE A 103 40.40 -0.61 -4.62
CA ILE A 103 40.11 -0.55 -3.18
C ILE A 103 38.60 -0.63 -2.95
N MET A 104 37.81 0.07 -3.75
CA MET A 104 36.36 0.04 -3.53
C MET A 104 35.76 -1.30 -3.87
N ILE A 105 36.22 -1.90 -4.99
CA ILE A 105 35.80 -3.25 -5.39
C ILE A 105 36.13 -4.24 -4.31
N ASP A 106 37.29 -4.11 -3.69
CA ASP A 106 37.62 -5.01 -2.59
C ASP A 106 36.86 -4.67 -1.31
N ALA A 107 36.62 -3.39 -1.03
CA ALA A 107 35.85 -3.06 0.17
C ALA A 107 34.46 -3.68 0.14
N ASP A 108 33.87 -3.75 -1.05
CA ASP A 108 32.58 -4.40 -1.21
C ASP A 108 32.74 -5.92 -1.18
N GLY A 109 33.73 -6.43 -1.90
CA GLY A 109 34.07 -7.84 -1.90
C GLY A 109 33.19 -8.73 -2.77
N THR A 110 32.12 -8.17 -3.39
CA THR A 110 31.26 -9.05 -4.16
C THR A 110 31.31 -8.70 -5.65
N PRO A 111 31.09 -9.69 -6.51
CA PRO A 111 31.22 -9.44 -7.95
C PRO A 111 30.29 -8.36 -8.46
N ASN A 112 29.07 -8.29 -7.95
CA ASN A 112 28.06 -7.36 -8.44
C ASN A 112 27.93 -6.12 -7.57
N LYS A 113 28.86 -5.88 -6.67
CA LYS A 113 28.87 -4.67 -5.84
C LYS A 113 27.60 -4.57 -5.01
N GLU A 114 27.09 -5.71 -4.56
CA GLU A 114 25.81 -5.79 -3.89
C GLU A 114 25.88 -5.43 -2.41
N LYS A 115 27.07 -5.31 -1.83
CA LYS A 115 27.17 -4.95 -0.41
C LYS A 115 27.14 -3.44 -0.19
N LEU A 116 27.97 -2.68 -0.89
CA LEU A 116 28.05 -1.23 -0.73
C LEU A 116 27.18 -0.47 -1.71
N GLY A 117 26.92 -1.07 -2.87
CA GLY A 117 26.13 -0.45 -3.93
C GLY A 117 26.98 0.03 -5.08
N ALA A 118 26.66 -0.43 -6.29
CA ALA A 118 27.40 0.03 -7.46
C ALA A 118 27.19 1.51 -7.69
N ASN A 119 26.04 2.03 -7.24
CA ASN A 119 25.79 3.46 -7.35
C ASN A 119 26.68 4.26 -6.37
N ALA A 120 26.84 3.78 -5.14
CA ALA A 120 27.82 4.40 -4.23
C ALA A 120 29.24 4.37 -4.82
N ILE A 121 29.68 3.23 -5.35
CA ILE A 121 31.06 3.11 -5.83
C ILE A 121 31.28 3.95 -7.10
N LEU A 122 30.31 3.96 -8.03
CA LEU A 122 30.47 4.75 -9.25
C LEU A 122 30.50 6.25 -8.96
N GLY A 123 29.68 6.71 -8.02
CA GLY A 123 29.73 8.13 -7.66
C GLY A 123 31.12 8.53 -7.23
N VAL A 124 31.74 7.72 -6.37
CA VAL A 124 33.11 7.99 -5.93
C VAL A 124 34.06 7.91 -7.12
N SER A 125 33.92 6.86 -7.95
CA SER A 125 34.86 6.66 -9.06
C SER A 125 34.90 7.88 -9.98
N LEU A 126 33.72 8.39 -10.35
CA LEU A 126 33.66 9.54 -11.25
C LEU A 126 34.10 10.82 -10.55
N ALA A 127 33.65 11.03 -9.32
CA ALA A 127 34.01 12.26 -8.62
C ALA A 127 35.51 12.31 -8.35
N LEU A 128 36.12 11.15 -8.13
CA LEU A 128 37.57 11.11 -7.93
C LEU A 128 38.32 11.55 -9.18
N ALA A 129 37.94 11.03 -10.35
CA ALA A 129 38.62 11.44 -11.57
C ALA A 129 38.49 12.93 -11.79
N LYS A 130 37.30 13.48 -11.54
CA LYS A 130 37.10 14.91 -11.71
C LYS A 130 37.93 15.70 -10.71
N ALA A 131 38.03 15.23 -9.46
CA ALA A 131 38.86 15.91 -8.48
C ALA A 131 40.32 15.93 -8.95
N ALA A 132 40.79 14.83 -9.51
CA ALA A 132 42.17 14.83 -10.01
C ALA A 132 42.32 15.79 -11.18
N ALA A 133 41.37 15.75 -12.12
CA ALA A 133 41.45 16.65 -13.26
C ALA A 133 41.40 18.10 -12.80
N ASN A 134 40.51 18.39 -11.85
CA ASN A 134 40.42 19.77 -11.34
C ASN A 134 41.68 20.17 -10.61
N THR A 135 42.31 19.23 -9.89
CA THR A 135 43.60 19.48 -9.25
C THR A 135 44.66 19.85 -10.30
N LEU A 136 44.72 19.12 -11.40
CA LEU A 136 45.68 19.48 -12.43
C LEU A 136 45.21 20.66 -13.26
N GLN A 137 43.96 21.08 -13.08
CA GLN A 137 43.35 22.08 -13.95
C GLN A 137 43.48 21.66 -15.42
N ARG A 138 43.20 20.39 -15.68
CA ARG A 138 43.19 19.84 -17.01
C ARG A 138 41.78 19.34 -17.32
N PRO A 139 41.35 19.43 -18.58
CA PRO A 139 40.03 18.86 -18.93
C PRO A 139 39.97 17.39 -18.58
N LEU A 140 38.80 16.96 -18.11
CA LEU A 140 38.61 15.58 -17.71
C LEU A 140 38.92 14.60 -18.84
N TYR A 141 38.47 14.90 -20.08
CA TYR A 141 38.72 13.95 -21.16
C TYR A 141 40.21 13.80 -21.44
N ARG A 142 41.02 14.85 -21.22
CA ARG A 142 42.47 14.79 -21.38
C ARG A 142 43.15 14.09 -20.22
N TYR A 143 42.65 14.32 -19.00
CA TYR A 143 43.16 13.60 -17.85
C TYR A 143 42.86 12.11 -17.98
N LEU A 144 41.64 11.77 -18.39
CA LEU A 144 41.28 10.35 -18.47
C LEU A 144 41.89 9.69 -19.69
N GLY A 145 41.93 10.39 -20.82
CA GLY A 145 42.27 9.74 -22.08
C GLY A 145 43.65 10.10 -22.58
N GLY A 146 44.33 11.05 -21.90
CA GLY A 146 45.65 11.49 -22.31
C GLY A 146 45.62 12.56 -23.39
N SER A 147 46.82 12.86 -23.89
CA SER A 147 47.03 13.95 -24.84
C SER A 147 46.31 13.79 -26.15
N PHE A 148 45.96 12.57 -26.56
CA PHE A 148 45.43 12.33 -27.90
C PHE A 148 43.94 12.05 -27.89
N SER A 149 43.28 12.33 -26.77
CA SER A 149 41.82 12.38 -26.74
CA SER A 149 41.82 12.38 -26.74
C SER A 149 41.36 13.57 -27.56
N HIS A 150 40.71 13.29 -28.69
CA HIS A 150 40.33 14.37 -29.60
C HIS A 150 39.12 14.08 -30.50
N VAL A 151 38.53 12.89 -30.46
CA VAL A 151 37.46 12.53 -31.38
C VAL A 151 36.10 12.86 -30.75
N LEU A 152 35.32 13.71 -31.44
CA LEU A 152 33.95 13.91 -31.03
C LEU A 152 33.09 12.79 -31.64
N PRO A 153 32.14 12.27 -30.89
CA PRO A 153 31.39 11.11 -31.35
C PRO A 153 30.23 11.48 -32.25
N CYS A 154 29.96 10.58 -33.20
CA CYS A 154 28.75 10.68 -33.98
C CYS A 154 27.60 10.20 -33.11
N PRO A 155 26.58 11.02 -32.86
CA PRO A 155 25.50 10.56 -31.98
C PRO A 155 24.45 9.74 -32.72
N MET A 156 23.84 8.84 -31.97
CA MET A 156 22.60 8.23 -32.40
C MET A 156 21.50 8.81 -31.52
N MET A 157 20.55 9.50 -32.16
CA MET A 157 19.60 10.38 -31.49
C MET A 157 18.21 9.78 -31.57
N ASN A 158 17.68 9.43 -30.40
CA ASN A 158 16.32 8.94 -30.29
C ASN A 158 15.30 9.94 -30.86
N LEU A 159 14.31 9.44 -31.60
CA LEU A 159 13.21 10.31 -31.99
C LEU A 159 11.86 9.68 -31.74
N ILE A 160 11.75 8.35 -31.90
CA ILE A 160 10.47 7.65 -31.80
C ILE A 160 10.63 6.39 -30.94
N ASN A 161 9.65 6.15 -30.10
CA ASN A 161 9.70 5.09 -29.12
C ASN A 161 8.56 4.11 -29.30
N GLY A 162 8.85 2.88 -29.00
CA GLY A 162 7.86 1.81 -29.04
C GLY A 162 8.18 0.74 -28.03
N GLY A 163 7.70 -0.46 -28.31
CA GLY A 163 8.00 -1.55 -27.42
C GLY A 163 7.50 -1.27 -26.02
N MET A 164 8.36 -1.56 -25.05
CA MET A 164 8.05 -1.32 -23.64
C MET A 164 8.02 0.16 -23.30
N HIS A 165 8.65 1.00 -24.12
CA HIS A 165 8.68 2.44 -23.87
C HIS A 165 7.52 3.19 -24.52
N ALA A 166 6.40 2.53 -24.84
CA ALA A 166 5.28 3.20 -25.48
C ALA A 166 3.99 2.40 -25.28
N THR A 167 2.88 2.96 -25.77
CA THR A 167 1.57 2.30 -25.82
C THR A 167 1.06 2.28 -27.25
N ASN A 168 1.97 2.11 -28.20
CA ASN A 168 1.65 2.10 -29.61
C ASN A 168 1.83 0.68 -30.16
N GLY A 169 1.76 0.54 -31.47
CA GLY A 169 1.92 -0.77 -32.09
C GLY A 169 3.33 -1.07 -32.57
N LEU A 170 4.33 -0.36 -32.05
CA LEU A 170 5.71 -0.57 -32.45
C LEU A 170 6.33 -1.70 -31.62
N GLN A 171 6.83 -2.71 -32.30
CA GLN A 171 7.51 -3.81 -31.61
C GLN A 171 8.86 -3.37 -31.05
N PHE A 172 9.66 -2.69 -31.87
CA PHE A 172 10.99 -2.23 -31.45
C PHE A 172 10.90 -1.07 -30.45
N GLN A 173 11.98 -0.90 -29.68
CA GLN A 173 11.95 0.03 -28.58
C GLN A 173 12.35 1.45 -28.97
N GLU A 174 13.38 1.65 -29.81
CA GLU A 174 13.84 2.97 -30.16
C GLU A 174 14.18 3.09 -31.64
N PHE A 175 13.80 4.23 -32.22
CA PHE A 175 14.13 4.56 -33.60
C PHE A 175 14.95 5.84 -33.55
N MET A 176 16.16 5.78 -34.08
CA MET A 176 17.14 6.84 -33.91
C MET A 176 17.62 7.30 -35.28
N ILE A 177 18.15 8.51 -35.31
CA ILE A 177 18.88 9.01 -36.46
C ILE A 177 20.32 9.27 -36.08
N ARG A 178 21.18 9.21 -37.09
CA ARG A 178 22.60 9.46 -36.98
C ARG A 178 22.98 10.50 -38.03
N PRO A 179 23.42 11.72 -37.63
CA PRO A 179 23.73 12.80 -38.59
C PRO A 179 25.15 12.65 -39.15
N ILE A 180 25.28 11.65 -40.01
CA ILE A 180 26.58 11.16 -40.42
C ILE A 180 27.35 12.11 -41.32
N SER A 181 26.69 13.01 -42.03
CA SER A 181 27.45 13.91 -42.89
C SER A 181 27.91 15.17 -42.17
N ALA A 182 27.63 15.32 -40.88
CA ALA A 182 27.98 16.56 -40.20
C ALA A 182 29.49 16.78 -40.25
N PRO A 183 29.96 18.01 -40.45
CA PRO A 183 31.40 18.26 -40.38
C PRO A 183 31.89 18.45 -38.96
N SER A 184 30.98 18.61 -38.00
CA SER A 184 31.31 18.91 -36.63
C SER A 184 30.21 18.35 -35.74
N LEU A 185 30.53 18.20 -34.45
CA LEU A 185 29.54 17.78 -33.49
C LEU A 185 28.45 18.83 -33.37
N LYS A 186 28.85 20.12 -33.30
CA LYS A 186 27.84 21.17 -33.16
C LYS A 186 26.90 21.18 -34.38
N GLU A 187 27.40 20.89 -35.56
CA GLU A 187 26.52 20.76 -36.71
C GLU A 187 25.70 19.48 -36.65
N ALA A 188 26.26 18.40 -36.09
CA ALA A 188 25.46 17.21 -35.86
C ALA A 188 24.29 17.50 -34.93
N VAL A 189 24.54 18.30 -33.91
CA VAL A 189 23.48 18.65 -32.98
C VAL A 189 22.38 19.43 -33.70
N ARG A 190 22.77 20.41 -34.52
CA ARG A 190 21.78 21.21 -35.23
C ARG A 190 20.96 20.35 -36.19
N MET A 191 21.62 19.45 -36.92
CA MET A 191 20.89 18.57 -37.81
C MET A 191 19.88 17.76 -37.01
N GLY A 192 20.32 17.20 -35.88
CA GLY A 192 19.39 16.45 -35.04
C GLY A 192 18.22 17.30 -34.58
N ALA A 193 18.51 18.52 -34.13
CA ALA A 193 17.46 19.40 -33.63
C ALA A 193 16.49 19.76 -34.73
N GLU A 194 16.98 19.97 -35.94
CA GLU A 194 16.08 20.40 -37.00
C GLU A 194 15.17 19.25 -37.44
N VAL A 195 15.68 18.02 -37.49
CA VAL A 195 14.83 16.88 -37.79
C VAL A 195 13.79 16.71 -36.69
N PHE A 196 14.24 16.84 -35.43
CA PHE A 196 13.33 16.79 -34.28
C PHE A 196 12.21 17.82 -34.43
N ASN A 197 12.56 19.05 -34.80
CA ASN A 197 11.52 20.08 -34.94
C ASN A 197 10.55 19.73 -36.08
N ALA A 198 11.07 19.22 -37.20
CA ALA A 198 10.19 18.83 -38.29
C ALA A 198 9.25 17.70 -37.89
N LEU A 199 9.78 16.73 -37.13
CA LEU A 199 8.93 15.63 -36.67
C LEU A 199 7.85 16.15 -35.72
N LYS A 200 8.24 17.00 -34.76
CA LYS A 200 7.25 17.52 -33.82
C LYS A 200 6.09 18.18 -34.56
N LYS A 201 6.40 18.98 -35.58
CA LYS A 201 5.38 19.70 -36.33
C LYS A 201 4.56 18.73 -37.19
N ILE A 202 5.20 17.71 -37.77
CA ILE A 202 4.47 16.67 -38.50
C ILE A 202 3.47 15.99 -37.58
N LEU A 203 3.91 15.63 -36.37
CA LEU A 203 2.99 14.97 -35.43
C LEU A 203 1.84 15.90 -35.05
N GLN A 204 2.13 17.18 -34.83
CA GLN A 204 1.04 18.13 -34.53
C GLN A 204 0.07 18.17 -35.70
N ASN A 205 0.59 18.24 -36.92
CA ASN A 205 -0.30 18.36 -38.06
C ASN A 205 -1.12 17.10 -38.22
N ARG A 206 -0.59 15.94 -37.84
CA ARG A 206 -1.36 14.71 -37.90
C ARG A 206 -2.19 14.48 -36.64
N GLN A 207 -2.20 15.44 -35.71
CA GLN A 207 -2.94 15.33 -34.45
C GLN A 207 -2.55 14.07 -33.67
N LEU A 208 -1.26 13.72 -33.75
CA LEU A 208 -0.68 12.64 -32.95
C LEU A 208 0.00 13.22 -31.70
N ALA A 209 0.19 12.38 -30.70
CA ALA A 209 0.69 12.85 -29.42
C ALA A 209 2.10 13.42 -29.52
N THR A 210 2.33 14.53 -28.81
CA THR A 210 3.61 15.22 -28.78
C THR A 210 4.27 15.24 -27.41
N GLY A 211 3.63 14.70 -26.37
CA GLY A 211 4.33 14.53 -25.10
C GLY A 211 5.56 13.66 -25.27
N VAL A 212 6.60 13.91 -24.47
CA VAL A 212 7.83 13.16 -24.69
C VAL A 212 8.01 12.14 -23.60
N GLY A 213 8.75 11.08 -23.94
CA GLY A 213 9.12 10.04 -22.99
C GLY A 213 10.40 10.38 -22.26
N ASP A 214 10.95 9.35 -21.60
CA ASP A 214 12.11 9.54 -20.73
C ASP A 214 13.29 10.15 -21.47
N GLU A 215 13.51 9.74 -22.72
CA GLU A 215 14.65 10.18 -23.50
C GLU A 215 14.41 11.49 -24.24
N GLY A 216 13.20 12.03 -24.17
CA GLY A 216 12.88 13.29 -24.81
C GLY A 216 12.37 13.21 -26.22
N GLY A 217 12.15 11.98 -26.74
CA GLY A 217 11.51 11.78 -28.03
C GLY A 217 10.03 11.43 -27.85
N PHE A 218 9.41 11.03 -28.96
CA PHE A 218 7.97 10.91 -29.05
C PHE A 218 7.54 9.44 -29.09
N ALA A 219 6.31 9.20 -28.68
CA ALA A 219 5.71 7.88 -28.68
C ALA A 219 4.30 7.96 -29.29
N PRO A 220 4.21 8.44 -30.52
CA PRO A 220 2.90 8.54 -31.17
C PRO A 220 2.31 7.16 -31.46
N ASN A 221 1.02 7.14 -31.74
CA ASN A 221 0.35 5.86 -31.98
C ASN A 221 0.54 5.46 -33.45
N LEU A 222 1.70 4.88 -33.73
CA LEU A 222 1.98 4.31 -35.03
C LEU A 222 1.78 2.80 -34.99
N ALA A 223 1.56 2.23 -36.17
CA ALA A 223 1.10 0.85 -36.25
C ALA A 223 2.22 -0.17 -36.36
N SER A 224 3.43 0.23 -36.75
CA SER A 224 4.46 -0.76 -37.06
C SER A 224 5.83 -0.12 -37.16
N ASN A 225 6.84 -0.98 -37.02
CA ASN A 225 8.21 -0.56 -37.19
C ASN A 225 8.42 0.17 -38.51
N ALA A 226 7.81 -0.32 -39.58
CA ALA A 226 7.98 0.31 -40.90
C ALA A 226 7.36 1.71 -40.93
N GLU A 227 6.20 1.90 -40.29
CA GLU A 227 5.62 3.23 -40.24
C GLU A 227 6.52 4.19 -39.49
N ALA A 228 7.12 3.74 -38.40
CA ALA A 228 8.03 4.62 -37.69
C ALA A 228 9.22 4.98 -38.57
N LEU A 229 9.79 3.99 -39.28
CA LEU A 229 10.95 4.26 -40.15
C LEU A 229 10.58 5.21 -41.27
N ASP A 230 9.39 5.03 -41.85
CA ASP A 230 8.87 5.94 -42.87
C ASP A 230 8.71 7.35 -42.33
N LEU A 231 8.17 7.48 -41.11
CA LEU A 231 7.98 8.80 -40.53
C LEU A 231 9.32 9.50 -40.31
N LEU A 232 10.34 8.79 -39.83
CA LEU A 232 11.64 9.42 -39.66
C LEU A 232 12.19 9.89 -41.01
N LEU A 233 12.02 9.09 -42.06
CA LEU A 233 12.47 9.52 -43.38
C LEU A 233 11.76 10.80 -43.83
N THR A 234 10.44 10.88 -43.59
CA THR A 234 9.68 12.08 -43.92
C THR A 234 10.21 13.29 -43.13
N ALA A 235 10.45 13.09 -41.83
CA ALA A 235 10.99 14.16 -41.01
C ALA A 235 12.37 14.62 -41.50
N ILE A 236 13.24 13.68 -41.85
CA ILE A 236 14.57 14.03 -42.35
C ILE A 236 14.43 14.92 -43.59
N GLU A 237 13.66 14.45 -44.56
CA GLU A 237 13.50 15.19 -45.82
C GLU A 237 12.79 16.52 -45.57
N THR A 238 11.77 16.53 -44.71
CA THR A 238 11.09 17.78 -44.42
C THR A 238 12.05 18.80 -43.81
N ALA A 239 12.99 18.36 -42.97
CA ALA A 239 13.95 19.31 -42.44
C ALA A 239 14.97 19.71 -43.50
N GLY A 240 14.97 19.07 -44.66
CA GLY A 240 15.81 19.45 -45.76
C GLY A 240 17.04 18.62 -46.01
N PHE A 241 17.19 17.46 -45.38
CA PHE A 241 18.35 16.62 -45.49
C PHE A 241 18.06 15.36 -46.30
N THR A 242 19.12 14.70 -46.75
CA THR A 242 18.94 13.49 -47.57
C THR A 242 19.18 12.21 -46.80
N PRO A 243 18.19 11.32 -46.66
CA PRO A 243 18.47 10.06 -45.97
C PRO A 243 19.61 9.32 -46.66
N ARG A 244 20.39 8.62 -45.85
CA ARG A 244 21.53 7.83 -46.31
CA ARG A 244 21.54 7.83 -46.29
C ARG A 244 22.75 8.71 -46.54
N GLU A 245 22.58 9.81 -47.29
CA GLU A 245 23.72 10.69 -47.51
C GLU A 245 24.01 11.58 -46.31
N ASP A 246 22.98 12.19 -45.73
CA ASP A 246 23.14 13.10 -44.60
C ASP A 246 22.83 12.47 -43.27
N ILE A 247 21.78 11.65 -43.20
CA ILE A 247 21.27 11.13 -41.95
C ILE A 247 20.87 9.68 -42.19
N SER A 248 21.37 8.77 -41.37
CA SER A 248 20.98 7.36 -41.45
C SER A 248 20.15 7.02 -40.21
N LEU A 249 19.65 5.81 -40.18
CA LEU A 249 18.76 5.33 -39.14
C LEU A 249 19.45 4.27 -38.31
N ALA A 250 19.04 4.16 -37.06
CA ALA A 250 19.54 3.12 -36.18
C ALA A 250 18.38 2.61 -35.34
N LEU A 251 18.43 1.35 -34.98
CA LEU A 251 17.40 0.75 -34.17
C LEU A 251 17.96 0.25 -32.84
N ASP A 252 17.10 0.27 -31.82
CA ASP A 252 17.24 -0.56 -30.63
C ASP A 252 15.97 -1.40 -30.53
N CYS A 253 16.08 -2.68 -30.92
CA CYS A 253 14.94 -3.58 -30.87
C CYS A 253 14.60 -3.97 -29.43
N ALA A 254 15.60 -4.03 -28.55
CA ALA A 254 15.45 -4.59 -27.20
C ALA A 254 14.70 -5.92 -27.25
N ALA A 255 15.14 -6.79 -28.15
CA ALA A 255 14.38 -7.97 -28.54
C ALA A 255 14.11 -8.91 -27.38
N SER A 256 14.86 -8.81 -26.28
CA SER A 256 14.51 -9.60 -25.10
C SER A 256 13.09 -9.29 -24.64
N SER A 257 12.60 -8.07 -24.89
CA SER A 257 11.29 -7.68 -24.38
C SER A 257 10.15 -8.46 -24.99
N PHE A 258 10.35 -9.02 -26.20
CA PHE A 258 9.29 -9.78 -26.86
C PHE A 258 9.74 -11.19 -27.23
N TYR A 259 10.69 -11.74 -26.47
CA TYR A 259 11.19 -13.11 -26.68
C TYR A 259 10.57 -14.05 -25.66
N ASN A 260 9.83 -15.03 -26.14
CA ASN A 260 9.27 -16.06 -25.26
C ASN A 260 10.35 -17.11 -25.05
N THR A 261 10.90 -17.18 -23.83
CA THR A 261 12.00 -18.12 -23.57
C THR A 261 11.55 -19.57 -23.59
N GLN A 262 10.27 -19.83 -23.31
CA GLN A 262 9.76 -21.20 -23.34
C GLN A 262 9.65 -21.71 -24.79
N ASP A 263 9.01 -20.93 -25.66
CA ASP A 263 8.81 -21.24 -27.06
C ASP A 263 9.99 -20.89 -27.95
N LYS A 264 10.92 -20.06 -27.49
CA LYS A 264 12.01 -19.55 -28.33
C LYS A 264 11.49 -18.83 -29.58
N THR A 265 10.55 -17.90 -29.36
CA THR A 265 9.93 -17.13 -30.44
C THR A 265 9.85 -15.65 -30.10
N TYR A 266 9.96 -14.83 -31.16
CA TYR A 266 9.83 -13.38 -31.11
C TYR A 266 8.46 -13.03 -31.68
N ASP A 267 7.51 -12.77 -30.80
CA ASP A 267 6.10 -12.59 -31.17
C ASP A 267 5.70 -13.66 -32.19
N GLY A 268 5.98 -14.91 -31.84
CA GLY A 268 5.64 -16.05 -32.67
C GLY A 268 6.68 -16.47 -33.70
N LYS A 269 7.74 -15.71 -33.91
CA LYS A 269 8.68 -16.00 -35.00
C LYS A 269 9.98 -16.58 -34.47
N SER A 270 10.50 -17.56 -35.21
CA SER A 270 11.80 -18.16 -34.89
C SER A 270 12.89 -17.11 -35.05
N TYR A 271 14.08 -17.40 -34.50
CA TYR A 271 15.14 -16.40 -34.58
C TYR A 271 15.61 -16.21 -36.02
N ALA A 272 15.53 -17.26 -36.82
CA ALA A 272 15.85 -17.18 -38.24
C ALA A 272 14.86 -16.28 -38.97
N ASP A 273 13.57 -16.41 -38.66
CA ASP A 273 12.58 -15.47 -39.16
C ASP A 273 12.92 -14.06 -38.72
N GLN A 274 13.28 -13.90 -37.44
CA GLN A 274 13.56 -12.56 -36.94
C GLN A 274 14.75 -11.95 -37.65
N VAL A 275 15.78 -12.75 -37.92
CA VAL A 275 16.92 -12.24 -38.66
C VAL A 275 16.50 -11.85 -40.06
N GLY A 276 15.63 -12.66 -40.68
CA GLY A 276 15.12 -12.32 -42.00
C GLY A 276 14.35 -11.01 -42.00
N ILE A 277 13.57 -10.77 -40.95
CA ILE A 277 12.86 -9.51 -40.80
C ILE A 277 13.85 -8.33 -40.73
N LEU A 278 14.85 -8.42 -39.85
CA LEU A 278 15.85 -7.36 -39.77
C LEU A 278 16.58 -7.18 -41.11
N ALA A 279 16.87 -8.29 -41.80
CA ALA A 279 17.60 -8.16 -43.06
C ALA A 279 16.80 -7.43 -44.11
N GLU A 280 15.49 -7.71 -44.19
CA GLU A 280 14.62 -7.03 -45.16
C GLU A 280 14.50 -5.53 -44.86
N LEU A 281 14.37 -5.19 -43.57
CA LEU A 281 14.35 -3.79 -43.18
C LEU A 281 15.63 -3.10 -43.63
N CYS A 282 16.77 -3.77 -43.45
CA CYS A 282 18.03 -3.14 -43.82
C CYS A 282 18.17 -3.01 -45.34
N GLU A 283 17.53 -3.90 -46.11
CA GLU A 283 17.57 -3.75 -47.56
C GLU A 283 16.73 -2.56 -48.01
N HIS A 284 15.62 -2.28 -47.32
CA HIS A 284 14.71 -1.25 -47.80
CA HIS A 284 14.66 -1.26 -47.76
C HIS A 284 14.87 0.08 -47.08
N TYR A 285 15.59 0.14 -45.96
CA TYR A 285 15.82 1.38 -45.23
C TYR A 285 17.30 1.64 -45.00
N PRO A 286 17.69 2.90 -44.92
CA PRO A 286 19.11 3.22 -44.64
C PRO A 286 19.46 3.05 -43.16
N ILE A 287 19.25 1.85 -42.65
CA ILE A 287 19.59 1.49 -41.28
C ILE A 287 21.05 1.06 -41.27
N ASP A 288 21.88 1.71 -40.43
CA ASP A 288 23.27 1.30 -40.36
C ASP A 288 23.66 0.79 -38.99
N SER A 289 22.70 0.61 -38.08
CA SER A 289 23.00 0.11 -36.75
C SER A 289 21.74 -0.52 -36.16
N ILE A 290 21.93 -1.69 -35.53
CA ILE A 290 20.88 -2.43 -34.88
C ILE A 290 21.38 -2.85 -33.51
N GLU A 291 20.65 -2.46 -32.46
CA GLU A 291 20.99 -2.79 -31.08
C GLU A 291 20.05 -3.87 -30.57
N ASP A 292 20.63 -4.89 -29.93
CA ASP A 292 19.85 -5.98 -29.33
C ASP A 292 18.78 -6.51 -30.29
N GLY A 293 19.20 -6.87 -31.52
CA GLY A 293 18.26 -7.44 -32.48
C GLY A 293 17.70 -8.81 -32.11
N LEU A 294 18.38 -9.53 -31.24
CA LEU A 294 17.92 -10.80 -30.71
C LEU A 294 18.09 -10.75 -29.21
N ALA A 295 17.53 -11.73 -28.50
CA ALA A 295 17.52 -11.70 -27.04
C ALA A 295 18.91 -11.96 -26.44
N GLU A 296 19.06 -11.60 -25.16
CA GLU A 296 20.37 -11.53 -24.53
C GLU A 296 21.05 -12.88 -24.42
N GLU A 297 20.29 -13.96 -24.46
CA GLU A 297 20.80 -15.30 -24.32
C GLU A 297 20.53 -16.17 -25.54
N ASP A 298 19.97 -15.60 -26.60
CA ASP A 298 19.67 -16.36 -27.82
C ASP A 298 20.96 -16.40 -28.64
N PHE A 299 21.85 -17.30 -28.26
CA PHE A 299 23.19 -17.26 -28.81
C PHE A 299 23.21 -17.78 -30.24
N GLU A 300 22.33 -18.73 -30.59
CA GLU A 300 22.21 -19.16 -31.99
C GLU A 300 21.65 -18.03 -32.86
N GLY A 301 20.65 -17.31 -32.35
CA GLY A 301 20.14 -16.17 -33.08
C GLY A 301 21.22 -15.15 -33.35
N TRP A 302 21.93 -14.72 -32.29
CA TRP A 302 23.00 -13.75 -32.47
C TRP A 302 24.04 -14.26 -33.47
N LYS A 303 24.36 -15.55 -33.43
CA LYS A 303 25.33 -16.10 -34.39
C LYS A 303 24.83 -15.90 -35.82
N LEU A 304 23.56 -16.24 -36.07
CA LEU A 304 22.99 -16.05 -37.40
C LEU A 304 22.88 -14.57 -37.76
N LEU A 305 22.47 -13.73 -36.83
CA LEU A 305 22.43 -12.29 -37.10
C LEU A 305 23.83 -11.77 -37.48
N SER A 306 24.85 -12.17 -36.72
CA SER A 306 26.21 -11.68 -37.00
C SER A 306 26.71 -12.16 -38.36
N GLU A 307 26.43 -13.44 -38.68
CA GLU A 307 26.83 -13.99 -39.97
C GLU A 307 26.04 -13.36 -41.13
N THR A 308 24.79 -12.99 -40.90
CA THR A 308 23.94 -12.48 -41.98
C THR A 308 24.15 -10.98 -42.22
N LEU A 309 24.24 -10.19 -41.15
CA LEU A 309 24.36 -8.75 -41.31
C LEU A 309 25.65 -8.16 -40.77
N GLY A 310 26.50 -8.94 -40.10
CA GLY A 310 27.70 -8.42 -39.46
C GLY A 310 28.73 -7.87 -40.43
N ASP A 311 28.52 -8.08 -41.73
CA ASP A 311 29.34 -7.55 -42.80
C ASP A 311 28.81 -6.26 -43.41
N ARG A 312 27.62 -5.81 -42.99
CA ARG A 312 26.92 -4.73 -43.67
C ARG A 312 26.47 -3.65 -42.71
N VAL A 313 26.15 -4.03 -41.47
CA VAL A 313 25.50 -3.16 -40.51
C VAL A 313 26.19 -3.29 -39.15
N GLN A 314 26.21 -2.20 -38.42
CA GLN A 314 26.66 -2.26 -37.04
C GLN A 314 25.65 -3.06 -36.23
N LEU A 315 26.16 -4.00 -35.42
CA LEU A 315 25.34 -4.83 -34.55
C LEU A 315 25.81 -4.57 -33.14
N VAL A 316 24.96 -3.90 -32.34
CA VAL A 316 25.30 -3.45 -30.99
C VAL A 316 24.70 -4.41 -29.97
N GLY A 317 25.54 -4.89 -29.07
CA GLY A 317 25.07 -5.54 -27.86
C GLY A 317 24.88 -4.54 -26.73
N ASP A 318 23.68 -4.49 -26.19
CA ASP A 318 23.42 -3.75 -24.95
C ASP A 318 23.13 -4.75 -23.84
N ASP A 319 21.93 -5.34 -23.83
CA ASP A 319 21.63 -6.42 -22.89
C ASP A 319 22.52 -7.64 -23.09
N LEU A 320 23.11 -7.78 -24.28
CA LEU A 320 24.01 -8.91 -24.51
C LEU A 320 25.27 -8.81 -23.67
N PHE A 321 25.74 -7.59 -23.38
CA PHE A 321 27.06 -7.36 -22.80
C PHE A 321 27.04 -6.70 -21.43
N VAL A 322 26.06 -5.85 -21.14
CA VAL A 322 25.94 -5.10 -19.90
C VAL A 322 27.27 -4.53 -19.44
N THR A 323 28.04 -3.94 -20.38
CA THR A 323 29.29 -3.24 -20.07
C THR A 323 30.21 -4.13 -19.23
N ASN A 324 30.12 -5.44 -19.43
CA ASN A 324 30.77 -6.39 -18.55
C ASN A 324 31.88 -7.14 -19.27
N SER A 325 33.13 -6.96 -18.83
CA SER A 325 34.25 -7.51 -19.59
C SER A 325 34.16 -9.01 -19.78
N ALA A 326 33.62 -9.73 -18.81
CA ALA A 326 33.51 -11.18 -18.97
C ALA A 326 32.51 -11.56 -20.06
N LEU A 327 31.37 -10.88 -20.11
CA LEU A 327 30.39 -11.17 -21.15
C LEU A 327 30.88 -10.73 -22.52
N ILE A 328 31.55 -9.58 -22.58
CA ILE A 328 32.11 -9.09 -23.83
C ILE A 328 33.10 -10.12 -24.38
N ALA A 329 34.01 -10.59 -23.53
CA ALA A 329 35.02 -11.55 -23.98
C ALA A 329 34.39 -12.83 -24.49
N GLU A 330 33.31 -13.28 -23.85
CA GLU A 330 32.66 -14.49 -24.32
C GLU A 330 31.94 -14.20 -25.65
N GLY A 331 31.31 -13.03 -25.76
CA GLY A 331 30.67 -12.66 -27.01
C GLY A 331 31.63 -12.59 -28.17
N ILE A 332 32.80 -11.96 -27.96
CA ILE A 332 33.80 -11.84 -29.03
C ILE A 332 34.34 -13.19 -29.46
N ALA A 333 34.58 -14.08 -28.49
CA ALA A 333 35.10 -15.42 -28.80
C ALA A 333 34.14 -16.20 -29.70
N GLN A 334 32.84 -15.99 -29.52
CA GLN A 334 31.83 -16.68 -30.31
C GLN A 334 31.49 -15.93 -31.59
N GLY A 335 32.12 -14.78 -31.86
CA GLY A 335 31.83 -14.06 -33.08
C GLY A 335 30.51 -13.31 -33.08
N LEU A 336 30.08 -12.79 -31.94
CA LEU A 336 28.77 -12.15 -31.82
C LEU A 336 28.92 -10.63 -31.82
N ALA A 337 28.15 -9.97 -32.70
CA ALA A 337 28.05 -8.52 -32.67
C ALA A 337 29.30 -7.85 -33.21
N ASN A 338 29.28 -6.50 -33.30
CA ASN A 338 30.48 -5.79 -33.70
C ASN A 338 30.59 -4.44 -33.02
N ALA A 339 29.76 -4.18 -32.01
CA ALA A 339 29.77 -2.95 -31.24
C ALA A 339 29.23 -3.25 -29.85
N VAL A 340 29.69 -2.46 -28.88
CA VAL A 340 29.39 -2.62 -27.46
C VAL A 340 28.88 -1.28 -26.94
N LEU A 341 27.68 -1.30 -26.35
CA LEU A 341 27.18 -0.18 -25.58
C LEU A 341 27.90 -0.11 -24.23
N ILE A 342 28.22 1.10 -23.80
CA ILE A 342 29.02 1.31 -22.59
C ILE A 342 28.20 2.16 -21.63
N LYS A 343 27.70 1.55 -20.57
CA LYS A 343 26.93 2.25 -19.56
C LYS A 343 27.72 2.14 -18.27
N PRO A 344 28.47 3.18 -17.86
CA PRO A 344 29.37 3.00 -16.71
C PRO A 344 28.68 2.49 -15.47
N ASN A 345 27.41 2.87 -15.19
CA ASN A 345 26.84 2.43 -13.92
C ASN A 345 26.39 0.99 -13.95
N GLN A 346 26.41 0.33 -15.12
CA GLN A 346 26.10 -1.10 -15.18
C GLN A 346 27.21 -1.95 -14.60
N ILE A 347 28.41 -1.41 -14.52
CA ILE A 347 29.55 -2.13 -13.99
C ILE A 347 30.08 -1.48 -12.71
N GLY A 348 30.10 -0.14 -12.62
CA GLY A 348 30.22 0.52 -11.33
C GLY A 348 31.54 1.23 -11.03
N THR A 349 32.58 1.08 -11.86
CA THR A 349 33.81 1.88 -11.71
C THR A 349 34.23 2.38 -13.07
N LEU A 350 35.04 3.47 -13.07
CA LEU A 350 35.63 3.91 -14.32
C LEU A 350 36.65 2.92 -14.81
N THR A 351 37.44 2.34 -13.89
CA THR A 351 38.49 1.39 -14.26
C THR A 351 37.92 0.22 -15.04
N GLU A 352 36.80 -0.35 -14.57
CA GLU A 352 36.18 -1.47 -15.29
C GLU A 352 35.51 -1.02 -16.57
N THR A 353 34.98 0.20 -16.60
CA THR A 353 34.44 0.75 -17.85
C THR A 353 35.54 0.86 -18.89
N ALA A 354 36.71 1.35 -18.48
CA ALA A 354 37.83 1.50 -19.41
C ALA A 354 38.28 0.14 -19.91
N GLU A 355 38.28 -0.85 -19.02
CA GLU A 355 38.76 -2.20 -19.40
C GLU A 355 37.77 -2.82 -20.38
N ALA A 356 36.47 -2.58 -20.23
CA ALA A 356 35.51 -3.01 -21.22
C ALA A 356 35.79 -2.35 -22.57
N ILE A 357 36.03 -1.03 -22.55
CA ILE A 357 36.28 -0.34 -23.80
C ILE A 357 37.51 -0.91 -24.47
N ARG A 358 38.61 -1.07 -23.70
CA ARG A 358 39.85 -1.55 -24.28
C ARG A 358 39.68 -2.95 -24.87
N LEU A 359 38.99 -3.83 -24.15
CA LEU A 359 38.90 -5.20 -24.64
C LEU A 359 38.11 -5.28 -25.95
N ALA A 360 37.07 -4.47 -26.07
CA ALA A 360 36.28 -4.44 -27.30
C ALA A 360 37.05 -3.80 -28.44
N THR A 361 37.73 -2.69 -28.16
CA THR A 361 38.36 -1.89 -29.19
C THR A 361 39.52 -2.65 -29.83
N ILE A 362 40.33 -3.36 -29.04
CA ILE A 362 41.46 -4.04 -29.64
C ILE A 362 41.01 -5.27 -30.45
N GLN A 363 39.79 -5.73 -30.28
CA GLN A 363 39.23 -6.78 -31.12
C GLN A 363 38.40 -6.26 -32.29
N GLY A 364 38.48 -4.97 -32.60
CA GLY A 364 37.78 -4.44 -33.76
C GLY A 364 36.34 -4.04 -33.53
N TYR A 365 35.86 -4.10 -32.29
CA TYR A 365 34.50 -3.66 -32.01
C TYR A 365 34.46 -2.16 -31.78
N ALA A 366 33.38 -1.54 -32.26
CA ALA A 366 33.12 -0.16 -31.90
C ALA A 366 32.55 -0.10 -30.47
N THR A 367 32.73 1.03 -29.80
CA THR A 367 32.08 1.25 -28.52
C THR A 367 31.30 2.57 -28.53
N ILE A 368 30.23 2.57 -27.75
CA ILE A 368 29.23 3.65 -27.77
C ILE A 368 28.91 4.00 -26.32
N LEU A 369 29.34 5.17 -25.87
CA LEU A 369 28.95 5.63 -24.53
C LEU A 369 27.45 5.88 -24.51
N SER A 370 26.80 5.48 -23.42
CA SER A 370 25.36 5.55 -23.39
C SER A 370 24.85 6.14 -22.09
N HIS A 371 23.77 6.92 -22.22
CA HIS A 371 22.98 7.37 -21.08
C HIS A 371 22.15 6.22 -20.53
N ARG A 372 21.41 6.50 -19.43
CA ARG A 372 20.39 5.62 -18.89
C ARG A 372 19.05 6.30 -19.03
N SER A 373 17.98 5.52 -18.84
CA SER A 373 16.65 6.14 -18.95
C SER A 373 16.46 7.15 -17.82
N GLY A 374 17.02 6.88 -16.64
CA GLY A 374 17.05 7.82 -15.56
C GLY A 374 18.40 8.53 -15.54
N GLU A 375 18.48 9.75 -16.07
CA GLU A 375 19.72 10.52 -16.12
C GLU A 375 19.66 11.64 -15.10
N THR A 376 20.74 12.42 -15.07
CA THR A 376 20.82 13.61 -14.25
C THR A 376 21.44 14.73 -15.06
N GLU A 377 21.58 15.89 -14.43
CA GLU A 377 22.30 17.02 -15.02
C GLU A 377 23.83 16.76 -15.13
N ASP A 378 24.34 15.63 -14.62
CA ASP A 378 25.75 15.24 -14.84
C ASP A 378 26.02 14.92 -16.31
N THR A 379 27.17 15.34 -16.82
CA THR A 379 27.52 15.17 -18.22
C THR A 379 28.80 14.34 -18.43
N THR A 380 29.19 13.55 -17.44
CA THR A 380 30.44 12.80 -17.55
C THR A 380 30.52 11.96 -18.81
N ILE A 381 29.39 11.39 -19.27
CA ILE A 381 29.55 10.45 -20.39
C ILE A 381 30.01 11.14 -21.68
N ALA A 382 29.73 12.45 -21.81
CA ALA A 382 30.29 13.21 -22.93
C ALA A 382 31.80 13.24 -22.85
N ASP A 383 32.36 13.52 -21.68
CA ASP A 383 33.81 13.49 -21.50
C ASP A 383 34.39 12.11 -21.73
N LEU A 384 33.67 11.07 -21.27
CA LEU A 384 34.18 9.72 -21.44
C LEU A 384 34.26 9.34 -22.91
N ALA A 385 33.25 9.75 -23.69
CA ALA A 385 33.25 9.44 -25.11
C ALA A 385 34.44 10.05 -25.83
N VAL A 386 34.80 11.27 -25.44
CA VAL A 386 35.94 11.92 -26.04
C VAL A 386 37.25 11.37 -25.49
N ALA A 387 37.30 11.16 -24.16
CA ALA A 387 38.49 10.62 -23.53
C ALA A 387 38.97 9.35 -24.23
N PHE A 388 38.05 8.48 -24.57
CA PHE A 388 38.39 7.19 -25.16
C PHE A 388 38.23 7.18 -26.67
N ASN A 389 37.99 8.34 -27.30
CA ASN A 389 37.91 8.45 -28.76
C ASN A 389 36.95 7.41 -29.35
N THR A 390 35.80 7.23 -28.68
CA THR A 390 34.91 6.13 -29.08
C THR A 390 34.29 6.40 -30.45
N GLY A 391 34.09 7.65 -30.82
CA GLY A 391 33.50 7.92 -32.11
C GLY A 391 32.00 7.78 -32.15
N GLN A 392 31.37 7.42 -31.03
CA GLN A 392 29.92 7.26 -30.97
C GLN A 392 29.43 7.51 -29.55
N ILE A 393 28.21 8.02 -29.45
CA ILE A 393 27.54 8.21 -28.18
C ILE A 393 26.06 8.02 -28.43
N LYS A 394 25.35 7.61 -27.37
CA LYS A 394 23.90 7.48 -27.38
C LYS A 394 23.40 8.19 -26.13
N THR A 395 22.86 9.43 -26.27
CA THR A 395 22.51 10.19 -25.07
C THR A 395 21.18 10.93 -25.18
N GLY A 396 20.28 10.50 -26.07
CA GLY A 396 18.87 10.84 -26.01
C GLY A 396 18.40 11.65 -27.20
N SER A 397 17.15 12.10 -27.10
CA SER A 397 16.54 12.90 -28.16
C SER A 397 16.97 14.35 -28.00
N LEU A 398 16.30 15.28 -28.69
CA LEU A 398 16.67 16.69 -28.66
C LEU A 398 15.73 17.51 -27.75
N SER A 399 15.20 16.92 -26.70
CA SER A 399 14.56 17.71 -25.66
C SER A 399 14.87 17.07 -24.32
N ARG A 400 14.67 17.86 -23.26
CA ARG A 400 14.97 17.49 -21.87
C ARG A 400 16.46 17.66 -21.58
N SER A 401 16.80 18.52 -20.60
CA SER A 401 18.18 18.93 -20.40
C SER A 401 19.08 17.82 -19.83
N GLU A 402 18.55 16.74 -19.24
CA GLU A 402 19.46 15.63 -18.89
C GLU A 402 19.99 14.93 -20.14
N ARG A 403 19.37 15.15 -21.29
CA ARG A 403 19.92 14.73 -22.56
C ARG A 403 20.69 15.86 -23.23
N ILE A 404 20.04 17.02 -23.39
CA ILE A 404 20.67 18.15 -24.07
C ILE A 404 21.98 18.53 -23.41
N ALA A 405 22.05 18.45 -22.08
CA ALA A 405 23.27 18.88 -21.42
C ALA A 405 24.48 18.08 -21.87
N LYS A 406 24.30 16.81 -22.26
CA LYS A 406 25.41 16.05 -22.81
C LYS A 406 25.83 16.62 -24.16
N TYR A 407 24.85 16.99 -25.00
CA TYR A 407 25.20 17.60 -26.28
C TYR A 407 25.85 18.96 -26.06
N ASN A 408 25.36 19.73 -25.08
CA ASN A 408 26.00 21.00 -24.75
C ASN A 408 27.44 20.80 -24.29
N ARG A 409 27.68 19.75 -23.50
CA ARG A 409 29.04 19.50 -23.03
C ARG A 409 29.96 19.12 -24.17
N LEU A 410 29.47 18.27 -25.10
CA LEU A 410 30.28 17.89 -26.25
C LEU A 410 30.65 19.10 -27.10
N MET A 411 29.71 20.02 -27.27
CA MET A 411 29.99 21.22 -28.06
C MET A 411 31.02 22.08 -27.36
N ALA A 412 30.98 22.18 -26.01
CA ALA A 412 32.02 22.91 -25.29
C ALA A 412 33.40 22.26 -25.47
N ILE A 413 33.46 20.93 -25.40
CA ILE A 413 34.70 20.17 -25.61
C ILE A 413 35.24 20.42 -27.01
N GLU A 414 34.39 20.36 -28.01
CA GLU A 414 34.86 20.59 -29.37
C GLU A 414 35.46 21.98 -29.51
N GLU A 415 34.79 22.98 -28.95
CA GLU A 415 35.27 24.36 -29.02
C GLU A 415 36.59 24.55 -28.29
N GLU A 416 36.68 24.00 -27.07
CA GLU A 416 37.91 24.09 -26.29
C GLU A 416 39.09 23.47 -27.04
N MET A 417 38.86 22.39 -27.77
CA MET A 417 39.96 21.73 -28.48
C MET A 417 40.39 22.47 -29.74
N GLY A 418 39.62 23.44 -30.21
CA GLY A 418 40.02 24.18 -31.37
C GLY A 418 40.43 23.27 -32.52
N PRO A 419 41.62 23.49 -33.08
CA PRO A 419 42.03 22.73 -34.26
C PRO A 419 42.29 21.27 -34.01
N GLU A 420 42.36 20.85 -32.74
CA GLU A 420 42.62 19.44 -32.41
C GLU A 420 41.38 18.55 -32.52
N ALA A 421 40.19 19.14 -32.59
CA ALA A 421 38.96 18.36 -32.61
C ALA A 421 38.76 17.70 -33.96
N LEU A 422 38.23 16.49 -33.93
CA LEU A 422 37.82 15.76 -35.12
C LEU A 422 36.51 15.06 -34.80
N PHE A 423 35.44 15.44 -35.50
CA PHE A 423 34.19 14.69 -35.47
C PHE A 423 34.35 13.50 -36.39
N GLN A 424 34.20 12.29 -35.85
CA GLN A 424 34.44 11.09 -36.65
C GLN A 424 33.63 9.93 -36.14
N ASP A 425 32.70 9.47 -36.98
CA ASP A 425 31.88 8.31 -36.73
C ASP A 425 32.74 7.06 -36.71
N SER A 426 32.59 6.23 -35.69
CA SER A 426 33.29 4.97 -35.61
C SER A 426 32.47 3.77 -36.10
N ASN A 427 31.24 3.97 -36.56
CA ASN A 427 30.49 2.84 -37.16
C ASN A 427 31.25 2.34 -38.38
N PRO A 428 31.75 1.12 -38.38
CA PRO A 428 32.48 0.63 -39.57
C PRO A 428 31.70 0.64 -40.85
N PHE A 429 30.38 0.58 -40.78
CA PHE A 429 29.54 0.35 -41.96
C PHE A 429 28.69 1.57 -42.31
N SER A 430 29.21 2.78 -42.14
CA SER A 430 28.34 3.95 -42.28
C SER A 430 27.71 4.01 -43.67
N LYS A 431 26.66 4.84 -43.78
CA LYS A 431 25.92 4.98 -45.05
C LYS A 431 26.64 5.95 -45.98
N ASP B 11 42.89 44.26 -6.34
CA ASP B 11 41.50 44.21 -6.73
C ASP B 11 41.26 43.40 -8.00
N VAL B 12 40.15 42.68 -8.00
CA VAL B 12 39.79 41.71 -9.04
C VAL B 12 38.82 42.36 -10.01
N VAL B 13 39.19 42.38 -11.30
CA VAL B 13 38.41 43.07 -12.31
C VAL B 13 38.04 42.13 -13.45
N ILE B 14 37.05 42.54 -14.23
CA ILE B 14 36.61 41.79 -15.38
C ILE B 14 37.71 41.86 -16.44
N SER B 15 38.14 40.69 -16.91
CA SER B 15 39.19 40.61 -17.91
C SER B 15 38.69 40.18 -19.28
N ASP B 16 37.81 39.19 -19.34
CA ASP B 16 37.26 38.69 -20.60
C ASP B 16 35.86 38.12 -20.34
N ILE B 17 35.07 38.06 -21.40
CA ILE B 17 33.78 37.40 -21.35
C ILE B 17 33.66 36.53 -22.59
N GLU B 18 33.34 35.25 -22.39
CA GLU B 18 33.06 34.33 -23.48
C GLU B 18 31.58 33.95 -23.47
N ALA B 19 31.07 33.62 -24.65
CA ALA B 19 29.71 33.16 -24.82
C ALA B 19 29.70 32.08 -25.90
N ARG B 20 28.77 31.14 -25.76
CA ARG B 20 28.64 30.09 -26.75
C ARG B 20 27.18 29.71 -26.82
N GLU B 21 26.86 29.10 -27.95
CA GLU B 21 25.50 28.70 -28.28
C GLU B 21 25.26 27.27 -27.81
N ILE B 22 24.22 27.09 -26.98
CA ILE B 22 23.80 25.77 -26.53
C ILE B 22 22.35 25.54 -26.95
N LEU B 23 21.78 24.38 -26.61
CA LEU B 23 20.35 24.13 -26.80
C LEU B 23 19.66 24.20 -25.44
N ASP B 24 18.42 24.66 -25.43
CA ASP B 24 17.61 24.73 -24.20
C ASP B 24 16.93 23.37 -24.06
N SER B 25 16.04 23.23 -23.09
CA SER B 25 15.36 21.97 -22.85
C SER B 25 14.32 21.62 -23.92
N ARG B 26 14.01 22.54 -24.84
CA ARG B 26 13.06 22.31 -25.93
CA ARG B 26 13.06 22.26 -25.92
C ARG B 26 13.75 21.95 -27.24
N GLY B 27 15.08 21.92 -27.24
CA GLY B 27 15.81 21.75 -28.47
C GLY B 27 16.04 23.01 -29.27
N TYR B 28 15.90 24.21 -28.66
CA TYR B 28 16.11 25.47 -29.37
C TYR B 28 17.33 26.19 -28.80
N PRO B 29 18.01 26.99 -29.60
CA PRO B 29 19.24 27.61 -29.12
C PRO B 29 19.04 28.61 -28.00
N THR B 30 20.05 28.66 -27.13
CA THR B 30 20.24 29.77 -26.21
C THR B 30 21.74 29.93 -26.01
N LEU B 31 22.14 30.76 -25.04
CA LEU B 31 23.56 30.99 -24.81
C LEU B 31 23.93 30.74 -23.37
N CYS B 32 25.20 30.37 -23.20
CA CYS B 32 25.88 30.35 -21.92
CA CYS B 32 25.86 30.37 -21.91
C CYS B 32 27.00 31.37 -22.00
N VAL B 33 27.28 32.02 -20.88
CA VAL B 33 28.24 33.11 -20.82
C VAL B 33 29.22 32.79 -19.71
N LYS B 34 30.50 33.04 -19.96
CA LYS B 34 31.54 32.84 -18.97
C LYS B 34 32.24 34.18 -18.79
N VAL B 35 32.23 34.71 -17.55
CA VAL B 35 32.94 35.94 -17.18
C VAL B 35 34.22 35.53 -16.47
N ILE B 36 35.34 36.09 -16.90
CA ILE B 36 36.67 35.69 -16.44
C ILE B 36 37.35 36.90 -15.85
N THR B 37 37.93 36.72 -14.66
CA THR B 37 38.62 37.82 -13.99
C THR B 37 40.10 37.82 -14.32
N ASN B 38 40.76 38.90 -13.93
CA ASN B 38 42.20 38.99 -14.16
C ASN B 38 42.98 38.05 -13.25
N THR B 39 42.36 37.51 -12.20
CA THR B 39 43.07 36.49 -11.44
C THR B 39 42.84 35.11 -12.02
N GLY B 40 42.03 34.99 -13.08
CA GLY B 40 41.70 33.70 -13.64
C GLY B 40 40.49 33.01 -13.03
N THR B 41 39.86 33.58 -12.00
CA THR B 41 38.60 33.06 -11.52
C THR B 41 37.52 33.32 -12.57
N PHE B 42 36.45 32.53 -12.53
CA PHE B 42 35.39 32.74 -13.49
C PHE B 42 34.05 32.27 -12.94
N GLY B 43 33.02 32.68 -13.65
CA GLY B 43 31.68 32.17 -13.44
C GLY B 43 30.99 31.97 -14.77
N GLU B 44 30.07 31.01 -14.81
CA GLU B 44 29.34 30.67 -16.03
C GLU B 44 27.86 30.65 -15.73
N ALA B 45 27.06 31.15 -16.66
CA ALA B 45 25.62 31.15 -16.52
C ALA B 45 25.01 30.96 -17.91
N CYS B 46 23.88 30.28 -17.93
CA CYS B 46 23.12 30.09 -19.14
C CYS B 46 21.76 30.73 -18.93
N VAL B 47 21.12 31.04 -20.05
CA VAL B 47 19.96 31.91 -20.11
C VAL B 47 18.79 31.09 -20.62
N PRO B 48 17.61 31.18 -20.01
CA PRO B 48 16.45 30.46 -20.55
C PRO B 48 15.77 31.21 -21.69
N SER B 49 14.74 30.58 -22.24
CA SER B 49 13.99 31.12 -23.37
C SER B 49 13.19 32.32 -22.91
N GLY B 50 13.04 33.31 -23.81
CA GLY B 50 12.33 34.54 -23.52
C GLY B 50 11.29 34.83 -24.58
N ALA B 51 11.05 36.11 -24.78
CA ALA B 51 10.27 36.58 -25.93
C ALA B 51 11.17 37.38 -26.87
N SER B 52 11.08 37.05 -28.15
CA SER B 52 11.79 37.75 -29.20
C SER B 52 11.09 39.05 -29.62
N THR B 53 9.77 39.18 -29.37
CA THR B 53 8.97 40.27 -29.90
C THR B 53 7.94 40.73 -28.86
N GLY B 54 7.30 41.86 -29.15
CA GLY B 54 6.23 42.37 -28.32
C GLY B 54 6.68 43.50 -27.43
N ILE B 55 5.72 44.05 -26.71
CA ILE B 55 5.94 45.21 -25.86
C ILE B 55 5.87 44.85 -24.39
N LYS B 56 5.80 43.57 -24.08
CA LYS B 56 5.59 43.17 -22.69
C LYS B 56 6.90 43.00 -21.93
N GLU B 57 7.86 42.25 -22.48
CA GLU B 57 9.07 41.90 -21.77
C GLU B 57 10.26 42.60 -22.41
N ALA B 58 11.38 42.60 -21.70
CA ALA B 58 12.64 42.82 -22.37
C ALA B 58 12.79 41.72 -23.42
N LEU B 59 13.43 42.06 -24.54
CA LEU B 59 13.45 41.19 -25.71
C LEU B 59 14.79 40.48 -25.86
N GLU B 60 14.73 39.16 -25.91
CA GLU B 60 15.84 38.35 -26.35
C GLU B 60 16.10 38.55 -27.85
N LEU B 61 17.35 38.46 -28.25
CA LEU B 61 17.75 38.63 -29.64
C LEU B 61 17.94 37.27 -30.31
N ARG B 62 17.23 37.05 -31.41
CA ARG B 62 17.34 35.86 -32.24
C ARG B 62 17.89 36.23 -33.61
N ASP B 63 18.58 35.26 -34.23
CA ASP B 63 19.26 35.51 -35.49
C ASP B 63 18.28 35.63 -36.64
N LYS B 64 17.18 34.87 -36.61
CA LYS B 64 16.12 34.91 -37.62
C LYS B 64 16.60 34.41 -38.96
N ASP B 65 17.66 33.58 -38.95
CA ASP B 65 18.21 32.98 -40.15
C ASP B 65 17.46 31.71 -40.46
N PRO B 66 16.69 31.66 -41.53
CA PRO B 66 15.89 30.46 -41.80
C PRO B 66 16.72 29.21 -42.00
N LYS B 67 18.01 29.36 -42.33
CA LYS B 67 18.85 28.20 -42.62
C LYS B 67 19.34 27.51 -41.35
N ARG B 68 19.07 28.09 -40.21
CA ARG B 68 19.70 27.66 -38.98
C ARG B 68 18.64 27.65 -37.89
N TYR B 69 18.31 26.44 -37.40
CA TYR B 69 17.44 26.26 -36.23
C TYR B 69 16.12 27.02 -36.41
N GLN B 70 15.64 27.11 -37.65
CA GLN B 70 14.38 27.78 -37.93
C GLN B 70 14.38 29.23 -37.47
N GLY B 71 15.48 29.92 -37.66
CA GLY B 71 15.57 31.32 -37.29
C GLY B 71 15.80 31.60 -35.82
N LYS B 72 16.03 30.58 -34.99
CA LYS B 72 16.09 30.77 -33.55
C LYS B 72 17.52 30.72 -33.01
N GLY B 73 18.52 30.78 -33.89
CA GLY B 73 19.90 30.90 -33.43
C GLY B 73 20.12 32.15 -32.59
N VAL B 74 21.20 32.13 -31.81
CA VAL B 74 21.56 33.30 -30.99
C VAL B 74 23.00 33.73 -31.17
N LEU B 75 23.53 33.56 -32.38
CA LEU B 75 24.89 33.97 -32.70
C LEU B 75 25.06 35.49 -32.67
N GLN B 76 24.01 36.25 -32.97
CA GLN B 76 24.12 37.69 -32.83
C GLN B 76 24.29 38.08 -31.36
N ALA B 77 23.52 37.47 -30.46
CA ALA B 77 23.65 37.80 -29.05
C ALA B 77 25.04 37.45 -28.54
N ILE B 78 25.52 36.27 -28.93
CA ILE B 78 26.88 35.87 -28.57
C ILE B 78 27.88 36.90 -29.07
N SER B 79 27.68 37.35 -30.30
CA SER B 79 28.56 38.38 -30.86
C SER B 79 28.51 39.67 -30.05
N ASN B 80 27.33 40.08 -29.60
CA ASN B 80 27.22 41.28 -28.79
C ASN B 80 27.97 41.16 -27.46
N VAL B 81 27.87 40.00 -26.81
CA VAL B 81 28.63 39.80 -25.57
C VAL B 81 30.11 40.02 -25.81
N GLU B 82 30.66 39.37 -26.85
CA GLU B 82 32.11 39.38 -27.08
C GLU B 82 32.61 40.70 -27.69
N LYS B 83 31.79 41.38 -28.49
CA LYS B 83 32.24 42.53 -29.25
C LYS B 83 31.78 43.86 -28.67
N VAL B 84 30.69 43.87 -27.91
CA VAL B 84 30.14 45.09 -27.35
C VAL B 84 30.29 45.13 -25.84
N LEU B 85 29.87 44.08 -25.14
CA LEU B 85 29.91 44.08 -23.69
C LEU B 85 31.32 43.86 -23.13
N VAL B 86 32.17 43.10 -23.82
CA VAL B 86 33.54 42.91 -23.31
C VAL B 86 34.21 44.29 -23.19
N PRO B 87 34.29 45.10 -24.24
CA PRO B 87 34.94 46.40 -24.09
C PRO B 87 34.27 47.29 -23.10
N ALA B 88 32.95 47.22 -22.94
CA ALA B 88 32.30 48.17 -22.05
C ALA B 88 32.60 47.84 -20.61
N LEU B 89 32.90 46.56 -20.33
CA LEU B 89 33.06 46.09 -18.98
C LEU B 89 34.48 45.76 -18.54
N GLN B 90 35.43 45.57 -19.46
CA GLN B 90 36.72 45.10 -18.96
C GLN B 90 37.38 46.21 -18.13
N GLY B 91 38.08 45.76 -17.08
CA GLY B 91 38.71 46.65 -16.13
C GLY B 91 37.87 47.00 -14.93
N PHE B 92 36.55 46.87 -15.01
CA PHE B 92 35.68 47.16 -13.88
C PHE B 92 35.71 46.01 -12.88
N SER B 93 35.48 46.36 -11.63
CA SER B 93 35.52 45.41 -10.53
C SER B 93 34.47 44.34 -10.74
N VAL B 94 34.85 43.09 -10.47
CA VAL B 94 33.90 41.99 -10.57
C VAL B 94 32.79 42.10 -9.54
N PHE B 95 33.00 42.86 -8.49
CA PHE B 95 32.04 42.99 -7.40
C PHE B 95 31.05 44.11 -7.61
N ASP B 96 31.23 44.96 -8.62
CA ASP B 96 30.34 46.10 -8.79
C ASP B 96 29.18 45.68 -9.67
N GLN B 97 28.32 44.84 -9.10
CA GLN B 97 27.22 44.26 -9.85
C GLN B 97 26.30 45.36 -10.39
N ILE B 98 25.96 46.33 -9.55
CA ILE B 98 25.05 47.37 -9.99
C ILE B 98 25.71 48.20 -11.08
N THR B 99 27.00 48.49 -10.93
CA THR B 99 27.68 49.30 -11.93
C THR B 99 27.72 48.58 -13.26
N ALA B 100 28.05 47.29 -13.23
CA ALA B 100 28.10 46.52 -14.47
C ALA B 100 26.73 46.48 -15.14
N ASP B 101 25.66 46.24 -14.37
CA ASP B 101 24.32 46.16 -14.97
C ASP B 101 23.92 47.49 -15.59
N ALA B 102 24.26 48.60 -14.92
CA ALA B 102 24.00 49.93 -15.48
C ALA B 102 24.80 50.16 -16.76
N ILE B 103 26.04 49.70 -16.80
CA ILE B 103 26.83 49.85 -18.03
C ILE B 103 26.16 49.12 -19.20
N MET B 104 25.68 47.90 -18.97
CA MET B 104 25.07 47.14 -20.05
C MET B 104 23.76 47.77 -20.50
N ILE B 105 22.95 48.25 -19.55
CA ILE B 105 21.71 48.94 -19.90
C ILE B 105 22.01 50.13 -20.80
N ASP B 106 23.03 50.91 -20.45
CA ASP B 106 23.45 52.05 -21.26
C ASP B 106 23.96 51.63 -22.63
N ALA B 107 24.81 50.61 -22.69
CA ALA B 107 25.39 50.21 -23.96
C ALA B 107 24.30 49.84 -24.98
N ASP B 108 23.22 49.21 -24.49
CA ASP B 108 22.10 48.85 -25.35
C ASP B 108 21.23 50.07 -25.69
N GLY B 109 20.96 50.92 -24.72
CA GLY B 109 20.32 52.18 -25.03
C GLY B 109 18.83 52.12 -25.26
N THR B 110 18.19 50.95 -25.16
CA THR B 110 16.75 50.84 -25.34
C THR B 110 16.08 50.34 -24.05
N PRO B 111 14.81 50.69 -23.85
CA PRO B 111 14.14 50.28 -22.61
C PRO B 111 13.99 48.79 -22.49
N ASN B 112 13.70 48.13 -23.60
CA ASN B 112 13.47 46.69 -23.59
C ASN B 112 14.70 45.88 -24.06
N LYS B 113 15.89 46.52 -24.09
CA LYS B 113 17.17 45.84 -24.37
C LYS B 113 17.17 45.12 -25.73
N GLU B 114 16.44 45.65 -26.72
CA GLU B 114 16.26 44.95 -27.98
C GLU B 114 17.45 45.08 -28.94
N LYS B 115 18.38 46.01 -28.69
CA LYS B 115 19.54 46.19 -29.56
C LYS B 115 20.57 45.08 -29.33
N LEU B 116 21.02 44.90 -28.09
CA LEU B 116 22.01 43.89 -27.79
C LEU B 116 21.36 42.56 -27.42
N GLY B 117 20.14 42.60 -26.92
CA GLY B 117 19.45 41.42 -26.51
C GLY B 117 19.48 41.22 -25.01
N ALA B 118 18.29 41.04 -24.45
CA ALA B 118 18.15 40.76 -23.03
C ALA B 118 18.83 39.46 -22.69
N ASN B 119 18.91 38.55 -23.64
CA ASN B 119 19.58 37.29 -23.35
C ASN B 119 21.09 37.50 -23.21
N ALA B 120 21.67 38.34 -24.06
CA ALA B 120 23.10 38.65 -23.92
C ALA B 120 23.39 39.32 -22.59
N ILE B 121 22.55 40.29 -22.21
CA ILE B 121 22.80 41.13 -21.03
C ILE B 121 22.56 40.36 -19.76
N LEU B 122 21.48 39.57 -19.70
CA LEU B 122 21.26 38.74 -18.53
C LEU B 122 22.35 37.67 -18.38
N GLY B 123 22.79 37.08 -19.50
CA GLY B 123 23.87 36.09 -19.41
C GLY B 123 25.10 36.67 -18.76
N VAL B 124 25.52 37.84 -19.21
CA VAL B 124 26.64 38.51 -18.56
C VAL B 124 26.27 38.83 -17.10
N SER B 125 25.05 39.33 -16.86
CA SER B 125 24.68 39.73 -15.49
C SER B 125 24.82 38.58 -14.51
N LEU B 126 24.32 37.40 -14.87
CA LEU B 126 24.40 36.23 -14.00
C LEU B 126 25.82 35.69 -13.90
N ALA B 127 26.51 35.65 -15.03
CA ALA B 127 27.83 35.07 -15.03
C ALA B 127 28.79 35.91 -14.21
N LEU B 128 28.59 37.24 -14.24
CA LEU B 128 29.39 38.14 -13.41
C LEU B 128 29.13 37.88 -11.92
N ALA B 129 27.87 37.77 -11.51
CA ALA B 129 27.62 37.47 -10.12
C ALA B 129 28.30 36.16 -9.73
N LYS B 130 28.26 35.15 -10.60
CA LYS B 130 28.91 33.90 -10.27
C LYS B 130 30.42 34.06 -10.18
N ALA B 131 31.02 34.82 -11.10
CA ALA B 131 32.46 35.04 -11.04
C ALA B 131 32.85 35.71 -9.73
N ALA B 132 32.06 36.68 -9.30
CA ALA B 132 32.38 37.36 -8.04
C ALA B 132 32.28 36.39 -6.86
N ALA B 133 31.20 35.60 -6.79
CA ALA B 133 31.06 34.66 -5.69
C ALA B 133 32.18 33.62 -5.69
N ASN B 134 32.50 33.08 -6.86
CA ASN B 134 33.62 32.15 -6.96
C ASN B 134 34.93 32.81 -6.57
N THR B 135 35.11 34.09 -6.87
CA THR B 135 36.33 34.78 -6.43
C THR B 135 36.43 34.78 -4.90
N LEU B 136 35.34 35.08 -4.22
CA LEU B 136 35.30 35.06 -2.77
C LEU B 136 35.17 33.66 -2.22
N GLN B 137 34.95 32.66 -3.08
CA GLN B 137 34.62 31.30 -2.64
C GLN B 137 33.43 31.28 -1.68
N ARG B 138 32.42 32.03 -2.04
CA ARG B 138 31.20 32.10 -1.26
C ARG B 138 30.03 31.57 -2.07
N PRO B 139 29.06 30.95 -1.42
CA PRO B 139 27.83 30.55 -2.13
C PRO B 139 27.20 31.75 -2.80
N LEU B 140 26.67 31.54 -4.00
CA LEU B 140 26.06 32.61 -4.77
C LEU B 140 24.92 33.31 -3.99
N TYR B 141 24.05 32.54 -3.33
CA TYR B 141 22.94 33.14 -2.60
C TYR B 141 23.43 33.99 -1.44
N ARG B 142 24.59 33.68 -0.90
CA ARG B 142 25.18 34.51 0.14
C ARG B 142 25.82 35.78 -0.44
N TYR B 143 26.45 35.67 -1.61
CA TYR B 143 26.99 36.85 -2.25
C TYR B 143 25.88 37.82 -2.66
N LEU B 144 24.80 37.32 -3.24
CA LEU B 144 23.74 38.17 -3.76
C LEU B 144 22.85 38.74 -2.65
N GLY B 145 22.57 37.93 -1.62
CA GLY B 145 21.63 38.29 -0.60
C GLY B 145 22.21 38.59 0.76
N GLY B 146 23.53 38.37 0.96
CA GLY B 146 24.13 38.62 2.26
C GLY B 146 23.96 37.47 3.23
N SER B 147 24.54 37.64 4.42
CA SER B 147 24.62 36.60 5.44
C SER B 147 23.27 36.05 5.90
N PHE B 148 22.15 36.72 5.66
CA PHE B 148 20.88 36.26 6.24
C PHE B 148 19.96 35.73 5.17
N SER B 149 20.52 35.39 4.01
CA SER B 149 19.85 34.55 3.04
CA SER B 149 19.85 34.55 3.04
C SER B 149 19.77 33.15 3.62
N HIS B 150 18.55 32.66 3.89
CA HIS B 150 18.44 31.38 4.53
C HIS B 150 17.08 30.70 4.42
N VAL B 151 16.10 31.36 3.77
CA VAL B 151 14.75 30.82 3.65
C VAL B 151 14.64 29.97 2.39
N LEU B 152 14.27 28.71 2.56
CA LEU B 152 14.00 27.85 1.41
C LEU B 152 12.56 28.04 0.96
N PRO B 153 12.33 28.12 -0.35
CA PRO B 153 10.99 28.46 -0.83
C PRO B 153 10.06 27.27 -0.85
N CYS B 154 8.80 27.55 -0.58
CA CYS B 154 7.78 26.53 -0.81
C CYS B 154 7.49 26.48 -2.31
N PRO B 155 7.67 25.35 -2.95
CA PRO B 155 7.47 25.29 -4.41
C PRO B 155 6.00 25.11 -4.79
N MET B 156 5.63 25.65 -5.94
CA MET B 156 4.38 25.28 -6.58
C MET B 156 4.74 24.39 -7.76
N MET B 157 4.30 23.15 -7.70
CA MET B 157 4.79 22.08 -8.55
C MET B 157 3.75 21.71 -9.59
N ASN B 158 4.08 21.95 -10.84
CA ASN B 158 3.23 21.61 -11.96
C ASN B 158 2.94 20.12 -11.95
N LEU B 159 1.63 19.75 -12.21
CA LEU B 159 1.30 18.34 -12.45
C LEU B 159 0.43 18.11 -13.69
N ILE B 160 -0.49 19.01 -13.99
CA ILE B 160 -1.40 18.78 -15.12
C ILE B 160 -1.50 20.07 -15.91
N ASN B 161 -1.50 19.95 -17.24
CA ASN B 161 -1.47 21.10 -18.13
C ASN B 161 -2.70 21.13 -19.02
N GLY B 162 -3.11 22.35 -19.37
CA GLY B 162 -4.27 22.56 -20.19
C GLY B 162 -4.16 23.82 -21.01
N GLY B 163 -5.28 24.30 -21.53
CA GLY B 163 -5.27 25.49 -22.37
C GLY B 163 -4.36 25.35 -23.58
N MET B 164 -3.59 26.41 -23.81
CA MET B 164 -2.66 26.46 -24.92
C MET B 164 -1.51 25.47 -24.75
N HIS B 165 -1.24 25.01 -23.51
CA HIS B 165 -0.19 24.04 -23.24
C HIS B 165 -0.68 22.59 -23.29
N ALA B 166 -1.78 22.32 -23.99
CA ALA B 166 -2.33 20.98 -24.08
C ALA B 166 -3.26 20.90 -25.28
N THR B 167 -3.82 19.72 -25.49
CA THR B 167 -4.86 19.52 -26.50
C THR B 167 -6.06 18.81 -25.88
N ASN B 168 -6.41 19.19 -24.66
CA ASN B 168 -7.51 18.57 -23.93
C ASN B 168 -8.63 19.60 -23.69
N GLY B 169 -9.54 19.26 -22.79
CA GLY B 169 -10.69 20.10 -22.49
C GLY B 169 -10.53 20.99 -21.29
N LEU B 170 -9.29 21.19 -20.84
CA LEU B 170 -9.01 22.05 -19.69
C LEU B 170 -8.89 23.49 -20.17
N GLN B 171 -9.69 24.38 -19.59
CA GLN B 171 -9.60 25.81 -19.90
C GLN B 171 -8.37 26.43 -19.28
N PHE B 172 -8.15 26.15 -18.00
CA PHE B 172 -6.98 26.68 -17.29
C PHE B 172 -5.70 26.02 -17.80
N GLN B 173 -4.59 26.73 -17.63
CA GLN B 173 -3.31 26.32 -18.21
C GLN B 173 -2.48 25.41 -17.31
N GLU B 174 -2.40 25.68 -16.00
CA GLU B 174 -1.58 24.83 -15.14
C GLU B 174 -2.29 24.53 -13.83
N PHE B 175 -2.20 23.27 -13.41
CA PHE B 175 -2.71 22.76 -12.14
C PHE B 175 -1.50 22.24 -11.38
N MET B 176 -1.29 22.77 -10.18
CA MET B 176 -0.10 22.59 -9.39
C MET B 176 -0.45 22.16 -7.97
N ILE B 177 0.54 21.57 -7.28
CA ILE B 177 0.42 21.33 -5.85
C ILE B 177 1.48 22.14 -5.09
N ARG B 178 1.19 22.43 -3.82
CA ARG B 178 2.13 23.09 -2.92
C ARG B 178 2.21 22.20 -1.70
N PRO B 179 3.42 21.64 -1.37
CA PRO B 179 3.61 20.76 -0.21
C PRO B 179 3.82 21.61 1.04
N ILE B 180 2.73 22.25 1.48
CA ILE B 180 2.82 23.27 2.50
C ILE B 180 3.16 22.72 3.89
N SER B 181 2.88 21.46 4.19
CA SER B 181 3.22 20.95 5.52
C SER B 181 4.65 20.44 5.62
N ALA B 182 5.47 20.56 4.58
CA ALA B 182 6.83 20.03 4.65
C ALA B 182 7.63 20.72 5.75
N PRO B 183 8.43 19.98 6.52
CA PRO B 183 9.34 20.60 7.48
C PRO B 183 10.62 21.10 6.85
N SER B 184 10.87 20.74 5.59
CA SER B 184 12.10 21.12 4.91
C SER B 184 11.84 21.11 3.42
N LEU B 185 12.71 21.77 2.69
CA LEU B 185 12.60 21.74 1.24
C LEU B 185 12.79 20.32 0.72
N LYS B 186 13.76 19.59 1.25
CA LYS B 186 13.94 18.22 0.76
C LYS B 186 12.70 17.34 1.02
N GLU B 187 11.99 17.57 2.12
CA GLU B 187 10.73 16.85 2.31
C GLU B 187 9.65 17.36 1.38
N ALA B 188 9.69 18.66 1.05
CA ALA B 188 8.76 19.17 0.06
C ALA B 188 8.99 18.48 -1.28
N VAL B 189 10.27 18.29 -1.64
CA VAL B 189 10.60 17.62 -2.90
C VAL B 189 10.07 16.18 -2.90
N ARG B 190 10.30 15.46 -1.79
CA ARG B 190 9.82 14.09 -1.71
C ARG B 190 8.31 14.02 -1.82
N MET B 191 7.61 14.91 -1.10
CA MET B 191 6.14 14.96 -1.19
C MET B 191 5.70 15.13 -2.63
N GLY B 192 6.26 16.15 -3.31
CA GLY B 192 5.91 16.36 -4.71
C GLY B 192 6.17 15.14 -5.56
N ALA B 193 7.33 14.51 -5.39
CA ALA B 193 7.70 13.36 -6.20
C ALA B 193 6.78 12.19 -5.94
N GLU B 194 6.39 11.99 -4.69
CA GLU B 194 5.49 10.86 -4.42
C GLU B 194 4.11 11.13 -5.00
N VAL B 195 3.64 12.37 -4.99
CA VAL B 195 2.33 12.64 -5.60
C VAL B 195 2.44 12.51 -7.12
N PHE B 196 3.54 13.01 -7.68
CA PHE B 196 3.79 12.87 -9.10
C PHE B 196 3.75 11.41 -9.50
N ASN B 197 4.45 10.57 -8.73
CA ASN B 197 4.48 9.15 -9.08
C ASN B 197 3.11 8.49 -8.97
N ALA B 198 2.36 8.82 -7.91
CA ALA B 198 1.02 8.25 -7.78
C ALA B 198 0.13 8.74 -8.92
N LEU B 199 0.31 9.99 -9.35
CA LEU B 199 -0.47 10.51 -10.46
C LEU B 199 -0.14 9.77 -11.74
N LYS B 200 1.16 9.56 -11.99
CA LYS B 200 1.58 8.81 -13.17
C LYS B 200 0.94 7.42 -13.19
N LYS B 201 0.91 6.74 -12.04
CA LYS B 201 0.37 5.38 -12.01
C LYS B 201 -1.15 5.40 -12.20
N ILE B 202 -1.84 6.42 -11.68
CA ILE B 202 -3.27 6.56 -11.92
C ILE B 202 -3.53 6.73 -13.41
N LEU B 203 -2.76 7.60 -14.06
CA LEU B 203 -2.91 7.80 -15.50
C LEU B 203 -2.63 6.52 -16.28
N GLN B 204 -1.61 5.77 -15.90
CA GLN B 204 -1.33 4.50 -16.56
C GLN B 204 -2.52 3.55 -16.43
N ASN B 205 -3.08 3.45 -15.22
CA ASN B 205 -4.20 2.53 -15.01
C ASN B 205 -5.46 3.01 -15.71
N ARG B 206 -5.64 4.32 -15.88
CA ARG B 206 -6.81 4.83 -16.60
C ARG B 206 -6.61 4.88 -18.12
N GLN B 207 -5.49 4.39 -18.63
CA GLN B 207 -5.20 4.40 -20.06
C GLN B 207 -5.10 5.82 -20.60
N LEU B 208 -4.65 6.74 -19.77
CA LEU B 208 -4.40 8.11 -20.19
C LEU B 208 -2.92 8.33 -20.50
N ALA B 209 -2.65 9.33 -21.35
CA ALA B 209 -1.28 9.55 -21.83
C ALA B 209 -0.33 9.97 -20.71
N THR B 210 0.90 9.45 -20.74
CA THR B 210 1.90 9.82 -19.73
C THR B 210 3.13 10.52 -20.29
N GLY B 211 3.20 10.78 -21.58
CA GLY B 211 4.21 11.70 -22.08
C GLY B 211 4.08 13.06 -21.41
N VAL B 212 5.21 13.74 -21.26
CA VAL B 212 5.24 14.97 -20.49
C VAL B 212 5.44 16.15 -21.43
N GLY B 213 4.94 17.31 -20.97
CA GLY B 213 5.12 18.56 -21.66
C GLY B 213 6.42 19.22 -21.23
N ASP B 214 6.54 20.49 -21.57
CA ASP B 214 7.78 21.23 -21.34
C ASP B 214 8.19 21.23 -19.88
N GLU B 215 7.21 21.36 -18.97
CA GLU B 215 7.45 21.50 -17.55
C GLU B 215 7.63 20.15 -16.87
N GLY B 216 7.43 19.04 -17.57
CA GLY B 216 7.67 17.73 -17.00
C GLY B 216 6.45 17.10 -16.37
N GLY B 217 5.30 17.75 -16.49
CA GLY B 217 4.05 17.19 -16.05
C GLY B 217 3.26 16.61 -17.21
N PHE B 218 2.01 16.30 -16.91
CA PHE B 218 1.14 15.53 -17.78
C PHE B 218 0.07 16.43 -18.38
N ALA B 219 -0.40 16.03 -19.56
CA ALA B 219 -1.47 16.74 -20.27
C ALA B 219 -2.48 15.70 -20.71
N PRO B 220 -3.02 14.91 -19.79
CA PRO B 220 -3.95 13.86 -20.17
C PRO B 220 -5.22 14.43 -20.76
N ASN B 221 -5.95 13.54 -21.40
CA ASN B 221 -7.19 13.92 -22.04
C ASN B 221 -8.28 13.96 -20.97
N LEU B 222 -8.34 15.08 -20.25
CA LEU B 222 -9.38 15.43 -19.30
C LEU B 222 -10.30 16.48 -19.90
N ALA B 223 -11.54 16.50 -19.40
CA ALA B 223 -12.63 17.27 -20.00
C ALA B 223 -12.88 18.62 -19.36
N SER B 224 -12.42 18.85 -18.14
CA SER B 224 -12.80 20.08 -17.45
C SER B 224 -11.82 20.36 -16.32
N ASN B 225 -11.78 21.63 -15.92
CA ASN B 225 -10.92 22.03 -14.81
C ASN B 225 -11.18 21.18 -13.58
N ALA B 226 -12.46 20.88 -13.30
CA ALA B 226 -12.83 20.14 -12.11
C ALA B 226 -12.32 18.71 -12.15
N GLU B 227 -12.32 18.09 -13.35
CA GLU B 227 -11.72 16.77 -13.46
C GLU B 227 -10.25 16.82 -13.10
N ALA B 228 -9.55 17.85 -13.55
CA ALA B 228 -8.15 17.93 -13.22
C ALA B 228 -7.96 18.16 -11.71
N LEU B 229 -8.75 19.06 -11.11
CA LEU B 229 -8.62 19.32 -9.68
C LEU B 229 -8.95 18.07 -8.85
N ASP B 230 -10.01 17.36 -9.25
CA ASP B 230 -10.38 16.11 -8.59
C ASP B 230 -9.26 15.08 -8.71
N LEU B 231 -8.66 14.99 -9.90
CA LEU B 231 -7.58 14.03 -10.13
C LEU B 231 -6.36 14.33 -9.26
N LEU B 232 -6.05 15.61 -9.06
CA LEU B 232 -4.96 15.93 -8.14
C LEU B 232 -5.32 15.52 -6.72
N LEU B 233 -6.59 15.69 -6.31
CA LEU B 233 -6.97 15.27 -4.97
C LEU B 233 -6.78 13.76 -4.79
N THR B 234 -7.19 12.99 -5.78
CA THR B 234 -6.98 11.55 -5.73
C THR B 234 -5.48 11.22 -5.67
N ALA B 235 -4.67 11.93 -6.44
CA ALA B 235 -3.23 11.68 -6.43
C ALA B 235 -2.63 11.95 -5.05
N ILE B 236 -3.00 13.07 -4.46
CA ILE B 236 -2.51 13.41 -3.12
C ILE B 236 -2.87 12.29 -2.14
N GLU B 237 -4.15 11.90 -2.12
CA GLU B 237 -4.60 10.92 -1.13
C GLU B 237 -3.98 9.56 -1.39
N THR B 238 -3.92 9.14 -2.66
CA THR B 238 -3.29 7.88 -3.03
C THR B 238 -1.82 7.84 -2.58
N ALA B 239 -1.11 8.96 -2.62
CA ALA B 239 0.27 8.99 -2.13
C ALA B 239 0.38 8.97 -0.62
N GLY B 240 -0.73 9.07 0.09
CA GLY B 240 -0.75 9.04 1.53
C GLY B 240 -0.83 10.38 2.23
N PHE B 241 -1.05 11.47 1.50
CA PHE B 241 -1.11 12.81 2.06
C PHE B 241 -2.55 13.33 2.07
N THR B 242 -2.76 14.34 2.91
CA THR B 242 -4.08 14.91 3.10
C THR B 242 -4.21 16.24 2.38
N PRO B 243 -5.11 16.40 1.42
CA PRO B 243 -5.26 17.72 0.80
C PRO B 243 -5.63 18.76 1.85
N ARG B 244 -5.21 20.01 1.57
CA ARG B 244 -5.45 21.17 2.40
C ARG B 244 -4.50 21.20 3.59
N GLU B 245 -4.36 20.09 4.32
CA GLU B 245 -3.49 20.03 5.50
C GLU B 245 -2.02 19.80 5.13
N ASP B 246 -1.72 18.90 4.20
CA ASP B 246 -0.35 18.63 3.78
C ASP B 246 -0.02 19.31 2.48
N ILE B 247 -0.97 19.31 1.56
CA ILE B 247 -0.76 19.74 0.20
C ILE B 247 -1.95 20.53 -0.24
N SER B 248 -1.69 21.73 -0.73
CA SER B 248 -2.73 22.57 -1.29
C SER B 248 -2.58 22.59 -2.81
N LEU B 249 -3.52 23.26 -3.46
CA LEU B 249 -3.57 23.38 -4.91
C LEU B 249 -3.29 24.81 -5.35
N ALA B 250 -2.71 24.95 -6.54
CA ALA B 250 -2.53 26.26 -7.13
C ALA B 250 -2.85 26.19 -8.60
N LEU B 251 -3.40 27.29 -9.12
CA LEU B 251 -3.80 27.42 -10.51
C LEU B 251 -2.99 28.48 -11.24
N ASP B 252 -2.76 28.25 -12.53
CA ASP B 252 -2.41 29.30 -13.48
C ASP B 252 -3.47 29.28 -14.58
N CYS B 253 -4.44 30.20 -14.47
CA CYS B 253 -5.54 30.22 -15.43
C CYS B 253 -5.08 30.71 -16.79
N ALA B 254 -4.04 31.57 -16.82
CA ALA B 254 -3.59 32.24 -18.04
C ALA B 254 -4.77 32.79 -18.83
N ALA B 255 -5.65 33.50 -18.13
CA ALA B 255 -6.96 33.83 -18.68
C ALA B 255 -6.91 34.72 -19.93
N SER B 256 -5.82 35.45 -20.17
CA SER B 256 -5.71 36.19 -21.43
C SER B 256 -5.88 35.27 -22.61
N SER B 257 -5.51 34.00 -22.47
CA SER B 257 -5.56 33.09 -23.59
C SER B 257 -6.98 32.72 -23.97
N PHE B 258 -7.95 32.89 -23.09
CA PHE B 258 -9.34 32.64 -23.47
C PHE B 258 -10.19 33.89 -23.27
N TYR B 259 -9.57 35.07 -23.36
CA TYR B 259 -10.29 36.33 -23.20
C TYR B 259 -10.52 36.96 -24.56
N ASN B 260 -11.78 37.16 -24.92
CA ASN B 260 -12.16 37.84 -26.15
C ASN B 260 -12.15 39.34 -25.87
N THR B 261 -11.20 40.06 -26.46
CA THR B 261 -11.04 41.48 -26.14
C THR B 261 -12.16 42.36 -26.73
N GLN B 262 -12.75 41.99 -27.89
CA GLN B 262 -13.85 42.78 -28.43
C GLN B 262 -15.13 42.59 -27.62
N ASP B 263 -15.51 41.34 -27.35
CA ASP B 263 -16.70 41.05 -26.58
C ASP B 263 -16.50 41.27 -25.08
N LYS B 264 -15.24 41.36 -24.65
CA LYS B 264 -14.91 41.39 -23.23
C LYS B 264 -15.50 40.20 -22.49
N THR B 265 -15.21 38.99 -23.01
CA THR B 265 -15.78 37.76 -22.47
C THR B 265 -14.70 36.68 -22.29
N TYR B 266 -14.89 35.87 -21.24
CA TYR B 266 -14.04 34.72 -20.94
C TYR B 266 -14.84 33.48 -21.35
N ASP B 267 -14.59 33.00 -22.56
CA ASP B 267 -15.37 31.91 -23.15
C ASP B 267 -16.86 32.10 -22.87
N GLY B 268 -17.36 33.30 -23.18
CA GLY B 268 -18.76 33.61 -23.00
C GLY B 268 -19.15 34.24 -21.68
N LYS B 269 -18.24 34.38 -20.72
CA LYS B 269 -18.53 34.84 -19.36
C LYS B 269 -18.04 36.27 -19.15
N SER B 270 -18.83 37.09 -18.44
CA SER B 270 -18.32 38.41 -18.05
C SER B 270 -17.21 38.26 -17.01
N TYR B 271 -16.50 39.35 -16.74
CA TYR B 271 -15.43 39.23 -15.76
C TYR B 271 -16.01 38.91 -14.40
N ALA B 272 -17.23 39.40 -14.12
CA ALA B 272 -17.88 39.08 -12.87
C ALA B 272 -18.17 37.58 -12.78
N ASP B 273 -18.70 37.00 -13.85
CA ASP B 273 -18.98 35.57 -13.86
C ASP B 273 -17.70 34.78 -13.62
N GLN B 274 -16.63 35.13 -14.33
CA GLN B 274 -15.36 34.41 -14.16
C GLN B 274 -14.85 34.52 -12.73
N VAL B 275 -15.01 35.69 -12.11
CA VAL B 275 -14.65 35.81 -10.70
C VAL B 275 -15.54 34.88 -9.86
N GLY B 276 -16.85 34.84 -10.18
CA GLY B 276 -17.71 33.92 -9.45
C GLY B 276 -17.27 32.48 -9.59
N ILE B 277 -16.80 32.11 -10.77
CA ILE B 277 -16.30 30.76 -11.03
C ILE B 277 -15.12 30.44 -10.12
N LEU B 278 -14.15 31.38 -10.05
CA LEU B 278 -12.97 31.21 -9.22
C LEU B 278 -13.33 31.13 -7.75
N ALA B 279 -14.28 31.95 -7.29
CA ALA B 279 -14.71 31.90 -5.90
C ALA B 279 -15.34 30.55 -5.55
N GLU B 280 -16.16 30.00 -6.46
CA GLU B 280 -16.75 28.69 -6.27
C GLU B 280 -15.67 27.62 -6.23
N LEU B 281 -14.71 27.71 -7.15
CA LEU B 281 -13.58 26.78 -7.10
C LEU B 281 -12.86 26.86 -5.78
N CYS B 282 -12.66 28.07 -5.26
CA CYS B 282 -11.91 28.19 -4.01
C CYS B 282 -12.71 27.71 -2.80
N GLU B 283 -14.05 27.77 -2.85
CA GLU B 283 -14.85 27.24 -1.73
C GLU B 283 -14.79 25.71 -1.71
N HIS B 284 -14.76 25.08 -2.89
CA HIS B 284 -14.93 23.63 -2.99
C HIS B 284 -13.62 22.87 -3.02
N TYR B 285 -12.51 23.54 -3.34
CA TYR B 285 -11.21 22.92 -3.40
C TYR B 285 -10.21 23.66 -2.54
N PRO B 286 -9.21 22.99 -2.07
CA PRO B 286 -8.16 23.65 -1.28
C PRO B 286 -7.16 24.42 -2.15
N ILE B 287 -7.66 25.38 -2.93
CA ILE B 287 -6.84 26.27 -3.75
C ILE B 287 -6.39 27.45 -2.89
N ASP B 288 -5.08 27.70 -2.81
CA ASP B 288 -4.59 28.87 -2.08
C ASP B 288 -3.81 29.84 -2.96
N SER B 289 -3.82 29.66 -4.29
CA SER B 289 -3.11 30.56 -5.18
C SER B 289 -3.67 30.47 -6.58
N ILE B 290 -3.93 31.64 -7.16
CA ILE B 290 -4.44 31.77 -8.53
C ILE B 290 -3.56 32.76 -9.29
N GLU B 291 -2.98 32.33 -10.41
CA GLU B 291 -2.14 33.17 -11.26
C GLU B 291 -2.92 33.53 -12.52
N ASP B 292 -2.88 34.80 -12.89
CA ASP B 292 -3.54 35.29 -14.09
C ASP B 292 -4.97 34.77 -14.18
N GLY B 293 -5.73 35.00 -13.11
CA GLY B 293 -7.11 34.59 -13.09
C GLY B 293 -8.00 35.34 -14.08
N LEU B 294 -7.62 36.57 -14.42
CA LEU B 294 -8.27 37.39 -15.43
C LEU B 294 -7.19 37.92 -16.37
N ALA B 295 -7.61 38.56 -17.46
CA ALA B 295 -6.70 38.97 -18.51
C ALA B 295 -5.79 40.10 -18.06
N GLU B 296 -4.66 40.26 -18.77
CA GLU B 296 -3.58 41.14 -18.33
C GLU B 296 -3.96 42.61 -18.39
N GLU B 297 -5.01 42.98 -19.13
CA GLU B 297 -5.41 44.37 -19.23
C GLU B 297 -6.83 44.63 -18.73
N ASP B 298 -7.51 43.60 -18.21
CA ASP B 298 -8.89 43.73 -17.71
C ASP B 298 -8.79 44.24 -16.27
N PHE B 299 -8.59 45.56 -16.15
CA PHE B 299 -8.28 46.11 -14.83
C PHE B 299 -9.51 46.13 -13.96
N GLU B 300 -10.69 46.25 -14.55
CA GLU B 300 -11.91 46.10 -13.76
C GLU B 300 -12.12 44.68 -13.29
N GLY B 301 -11.85 43.69 -14.15
CA GLY B 301 -11.91 42.32 -13.72
C GLY B 301 -10.98 42.05 -12.55
N TRP B 302 -9.72 42.50 -12.68
CA TRP B 302 -8.72 42.26 -11.63
C TRP B 302 -9.07 42.96 -10.29
N LYS B 303 -9.60 44.18 -10.31
CA LYS B 303 -10.01 44.83 -9.05
C LYS B 303 -11.09 44.03 -8.36
N LEU B 304 -12.11 43.62 -9.15
CA LEU B 304 -13.17 42.79 -8.58
C LEU B 304 -12.64 41.49 -8.04
N LEU B 305 -11.72 40.84 -8.77
CA LEU B 305 -11.07 39.63 -8.28
C LEU B 305 -10.37 39.89 -6.94
N SER B 306 -9.65 41.02 -6.86
CA SER B 306 -8.92 41.39 -5.65
C SER B 306 -9.87 41.69 -4.50
N GLU B 307 -11.00 42.38 -4.78
CA GLU B 307 -11.99 42.65 -3.74
C GLU B 307 -12.67 41.37 -3.24
N THR B 308 -12.87 40.37 -4.10
CA THR B 308 -13.60 39.16 -3.74
C THR B 308 -12.71 38.12 -3.07
N LEU B 309 -11.53 37.89 -3.63
CA LEU B 309 -10.66 36.83 -3.14
C LEU B 309 -9.33 37.31 -2.56
N GLY B 310 -8.97 38.59 -2.72
CA GLY B 310 -7.64 39.07 -2.34
C GLY B 310 -7.35 39.03 -0.86
N ASP B 311 -8.37 38.77 -0.03
CA ASP B 311 -8.27 38.58 1.41
C ASP B 311 -8.25 37.11 1.82
N ARG B 312 -8.35 36.16 0.86
CA ARG B 312 -8.55 34.75 1.13
C ARG B 312 -7.50 33.86 0.45
N VAL B 313 -7.05 34.20 -0.77
CA VAL B 313 -6.16 33.37 -1.55
C VAL B 313 -5.09 34.27 -2.17
N GLN B 314 -3.92 33.69 -2.45
CA GLN B 314 -2.89 34.39 -3.19
C GLN B 314 -3.33 34.61 -4.65
N LEU B 315 -3.10 35.82 -5.14
CA LEU B 315 -3.44 36.24 -6.49
C LEU B 315 -2.16 36.70 -7.17
N VAL B 316 -1.69 35.93 -8.19
CA VAL B 316 -0.40 36.18 -8.84
C VAL B 316 -0.64 36.91 -10.16
N GLY B 317 0.05 38.02 -10.34
CA GLY B 317 0.22 38.59 -11.67
C GLY B 317 1.50 38.05 -12.31
N ASP B 318 1.36 37.41 -13.48
CA ASP B 318 2.48 37.04 -14.35
C ASP B 318 2.46 37.92 -15.60
N ASP B 319 1.53 37.64 -16.54
CA ASP B 319 1.30 38.54 -17.67
C ASP B 319 0.79 39.91 -17.22
N LEU B 320 0.21 40.00 -16.02
CA LEU B 320 -0.22 41.31 -15.53
C LEU B 320 0.98 42.21 -15.25
N PHE B 321 2.10 41.63 -14.82
CA PHE B 321 3.25 42.38 -14.33
C PHE B 321 4.52 42.19 -15.15
N VAL B 322 4.74 41.00 -15.72
CA VAL B 322 5.92 40.71 -16.52
C VAL B 322 7.21 41.26 -15.91
N THR B 323 7.39 41.09 -14.59
CA THR B 323 8.63 41.44 -13.89
C THR B 323 9.08 42.88 -14.18
N ASN B 324 8.11 43.78 -14.36
CA ASN B 324 8.36 45.17 -14.74
C ASN B 324 7.94 46.08 -13.59
N SER B 325 8.90 46.79 -13.00
CA SER B 325 8.63 47.55 -11.78
C SER B 325 7.59 48.65 -11.97
N ALA B 326 7.55 49.29 -13.14
CA ALA B 326 6.54 50.33 -13.35
C ALA B 326 5.14 49.72 -13.39
N LEU B 327 4.99 48.53 -14.00
CA LEU B 327 3.68 47.86 -13.96
C LEU B 327 3.33 47.38 -12.56
N ILE B 328 4.32 46.83 -11.84
CA ILE B 328 4.10 46.35 -10.48
C ILE B 328 3.65 47.52 -9.60
N ALA B 329 4.35 48.66 -9.73
CA ALA B 329 4.03 49.83 -8.92
C ALA B 329 2.63 50.35 -9.20
N GLU B 330 2.20 50.34 -10.46
CA GLU B 330 0.86 50.79 -10.82
C GLU B 330 -0.20 49.82 -10.35
N GLY B 331 0.09 48.51 -10.43
CA GLY B 331 -0.86 47.53 -9.92
C GLY B 331 -1.09 47.69 -8.42
N ILE B 332 -0.01 47.81 -7.65
CA ILE B 332 -0.10 47.96 -6.20
C ILE B 332 -0.87 49.23 -5.84
N ALA B 333 -0.64 50.32 -6.58
CA ALA B 333 -1.35 51.56 -6.33
C ALA B 333 -2.85 51.39 -6.55
N GLN B 334 -3.24 50.58 -7.54
CA GLN B 334 -4.64 50.29 -7.80
C GLN B 334 -5.12 49.09 -7.02
N GLY B 335 -4.23 48.46 -6.26
CA GLY B 335 -4.61 47.36 -5.40
C GLY B 335 -4.88 46.04 -6.11
N LEU B 336 -4.13 45.73 -7.16
CA LEU B 336 -4.39 44.54 -7.96
C LEU B 336 -3.38 43.47 -7.59
N ALA B 337 -3.90 42.26 -7.28
CA ALA B 337 -3.05 41.10 -7.02
C ALA B 337 -2.41 41.21 -5.64
N ASN B 338 -1.72 40.16 -5.21
CA ASN B 338 -0.98 40.27 -3.95
C ASN B 338 0.33 39.51 -4.01
N ALA B 339 0.74 39.04 -5.18
CA ALA B 339 2.01 38.36 -5.36
C ALA B 339 2.44 38.58 -6.82
N VAL B 340 3.75 38.48 -7.03
CA VAL B 340 4.38 38.85 -8.28
C VAL B 340 5.28 37.71 -8.70
N LEU B 341 5.08 37.24 -9.92
CA LEU B 341 6.03 36.29 -10.53
C LEU B 341 7.28 37.05 -10.97
N ILE B 342 8.45 36.46 -10.73
CA ILE B 342 9.73 37.10 -11.02
C ILE B 342 10.47 36.22 -12.01
N LYS B 343 10.59 36.68 -13.25
CA LYS B 343 11.32 35.94 -14.30
C LYS B 343 12.51 36.81 -14.66
N PRO B 344 13.72 36.50 -14.18
CA PRO B 344 14.83 37.43 -14.39
C PRO B 344 15.06 37.82 -15.83
N ASN B 345 14.82 36.94 -16.77
CA ASN B 345 15.08 37.29 -18.14
C ASN B 345 13.98 38.15 -18.76
N GLN B 346 12.85 38.35 -18.07
CA GLN B 346 11.86 39.30 -18.57
C GLN B 346 12.29 40.75 -18.40
N ILE B 347 13.22 41.04 -17.50
CA ILE B 347 13.72 42.39 -17.34
C ILE B 347 15.18 42.51 -17.76
N GLY B 348 16.01 41.49 -17.49
CA GLY B 348 17.25 41.33 -18.22
C GLY B 348 18.55 41.58 -17.45
N THR B 349 18.52 42.10 -16.23
CA THR B 349 19.71 42.20 -15.39
C THR B 349 19.37 41.69 -14.00
N LEU B 350 20.40 41.31 -13.24
CA LEU B 350 20.18 40.94 -11.85
C LEU B 350 19.80 42.16 -11.01
N THR B 351 20.43 43.31 -11.28
CA THR B 351 20.14 44.53 -10.50
C THR B 351 18.66 44.91 -10.61
N GLU B 352 18.09 44.87 -11.82
CA GLU B 352 16.67 45.14 -11.99
C GLU B 352 15.81 44.03 -11.43
N THR B 353 16.26 42.78 -11.47
CA THR B 353 15.51 41.73 -10.80
C THR B 353 15.41 41.98 -9.30
N ALA B 354 16.54 42.29 -8.67
CA ALA B 354 16.51 42.51 -7.23
C ALA B 354 15.64 43.69 -6.88
N GLU B 355 15.66 44.71 -7.72
CA GLU B 355 14.88 45.91 -7.46
C GLU B 355 13.39 45.64 -7.67
N ALA B 356 13.01 44.82 -8.66
CA ALA B 356 11.62 44.41 -8.79
C ALA B 356 11.16 43.69 -7.52
N ILE B 357 11.98 42.77 -7.00
CA ILE B 357 11.64 42.05 -5.77
C ILE B 357 11.54 43.01 -4.59
N ARG B 358 12.52 43.90 -4.44
CA ARG B 358 12.51 44.81 -3.29
C ARG B 358 11.28 45.73 -3.30
N LEU B 359 10.96 46.28 -4.46
CA LEU B 359 9.86 47.23 -4.57
C LEU B 359 8.53 46.52 -4.36
N ALA B 360 8.40 45.29 -4.86
CA ALA B 360 7.18 44.53 -4.58
C ALA B 360 7.09 44.17 -3.11
N THR B 361 8.21 43.76 -2.52
CA THR B 361 8.20 43.17 -1.19
C THR B 361 7.84 44.19 -0.13
N ILE B 362 8.35 45.42 -0.25
CA ILE B 362 8.09 46.44 0.77
C ILE B 362 6.65 46.93 0.74
N GLN B 363 5.91 46.63 -0.32
CA GLN B 363 4.49 46.91 -0.43
C GLN B 363 3.62 45.76 0.00
N GLY B 364 4.21 44.74 0.62
CA GLY B 364 3.44 43.62 1.13
C GLY B 364 3.10 42.54 0.13
N TYR B 365 3.64 42.61 -1.09
CA TYR B 365 3.43 41.56 -2.08
C TYR B 365 4.46 40.43 -1.92
N ALA B 366 3.99 39.21 -2.03
CA ALA B 366 4.92 38.08 -2.14
C ALA B 366 5.52 38.02 -3.54
N THR B 367 6.74 37.44 -3.63
CA THR B 367 7.41 37.25 -4.91
C THR B 367 7.77 35.78 -5.10
N ILE B 368 7.73 35.33 -6.34
CA ILE B 368 7.85 33.92 -6.69
C ILE B 368 8.83 33.82 -7.86
N LEU B 369 10.03 33.29 -7.59
CA LEU B 369 10.98 33.09 -8.68
C LEU B 369 10.41 32.06 -9.63
N SER B 370 10.60 32.28 -10.93
CA SER B 370 9.94 31.42 -11.90
C SER B 370 10.89 30.98 -13.00
N HIS B 371 10.71 29.73 -13.41
CA HIS B 371 11.34 29.22 -14.59
C HIS B 371 10.65 29.77 -15.84
N ARG B 372 11.24 29.43 -16.99
CA ARG B 372 10.64 29.65 -18.29
C ARG B 372 10.37 28.29 -18.95
N SER B 373 9.55 28.31 -19.99
CA SER B 373 9.23 27.03 -20.64
C SER B 373 10.47 26.45 -21.33
N GLY B 374 11.32 27.28 -21.90
CA GLY B 374 12.59 26.77 -22.39
C GLY B 374 13.66 26.96 -21.31
N GLU B 375 14.00 25.93 -20.55
CA GLU B 375 15.00 26.07 -19.50
C GLU B 375 16.31 25.44 -19.96
N THR B 376 17.31 25.53 -19.07
CA THR B 376 18.58 24.87 -19.25
C THR B 376 18.96 24.19 -17.94
N GLU B 377 20.12 23.54 -17.95
CA GLU B 377 20.70 22.93 -16.77
C GLU B 377 21.19 23.97 -15.74
N ASP B 378 21.12 25.26 -16.05
CA ASP B 378 21.47 26.33 -15.11
C ASP B 378 20.48 26.36 -13.96
N THR B 379 20.96 26.58 -12.75
CA THR B 379 20.12 26.51 -11.55
C THR B 379 20.04 27.84 -10.77
N THR B 380 20.32 28.95 -11.43
CA THR B 380 20.43 30.23 -10.74
C THR B 380 19.17 30.67 -10.01
N ILE B 381 17.99 30.35 -10.54
CA ILE B 381 16.77 30.86 -9.90
C ILE B 381 16.56 30.23 -8.53
N ALA B 382 17.12 29.05 -8.31
CA ALA B 382 17.15 28.47 -6.97
C ALA B 382 17.98 29.33 -6.02
N ASP B 383 19.19 29.70 -6.45
CA ASP B 383 19.99 30.60 -5.62
C ASP B 383 19.29 31.94 -5.41
N LEU B 384 18.56 32.43 -6.41
CA LEU B 384 17.92 33.73 -6.29
C LEU B 384 16.76 33.70 -5.30
N ALA B 385 15.97 32.62 -5.31
CA ALA B 385 14.87 32.53 -4.36
C ALA B 385 15.39 32.53 -2.92
N VAL B 386 16.50 31.87 -2.68
CA VAL B 386 17.10 31.84 -1.35
C VAL B 386 17.83 33.15 -1.06
N ALA B 387 18.61 33.67 -2.02
CA ALA B 387 19.27 34.95 -1.86
C ALA B 387 18.32 36.05 -1.37
N PHE B 388 17.10 36.10 -1.89
CA PHE B 388 16.15 37.13 -1.49
C PHE B 388 15.09 36.62 -0.51
N ASN B 389 15.24 35.42 0.01
CA ASN B 389 14.31 34.89 1.00
C ASN B 389 12.85 35.03 0.56
N THR B 390 12.57 34.72 -0.72
CA THR B 390 11.25 35.00 -1.25
C THR B 390 10.18 34.06 -0.67
N GLY B 391 10.56 32.85 -0.27
CA GLY B 391 9.61 31.91 0.26
C GLY B 391 8.77 31.15 -0.75
N GLN B 392 8.97 31.38 -2.04
CA GLN B 392 8.19 30.65 -3.05
C GLN B 392 8.98 30.56 -4.34
N ILE B 393 8.76 29.47 -5.07
CA ILE B 393 9.37 29.27 -6.38
C ILE B 393 8.42 28.44 -7.25
N LYS B 394 8.52 28.65 -8.55
CA LYS B 394 7.72 27.94 -9.53
C LYS B 394 8.74 27.44 -10.55
N THR B 395 9.11 26.15 -10.47
CA THR B 395 10.17 25.68 -11.36
C THR B 395 9.90 24.30 -11.94
N GLY B 396 8.66 23.86 -11.99
CA GLY B 396 8.26 22.77 -12.87
C GLY B 396 7.74 21.53 -12.14
N SER B 397 7.48 20.49 -12.91
CA SER B 397 6.96 19.25 -12.36
C SER B 397 8.13 18.45 -11.80
N LEU B 398 7.90 17.17 -11.52
CA LEU B 398 8.91 16.33 -10.90
C LEU B 398 9.56 15.37 -11.89
N SER B 399 9.64 15.76 -13.16
CA SER B 399 10.51 15.10 -14.14
C SER B 399 11.06 16.13 -15.10
N ARG B 400 12.14 15.74 -15.79
CA ARG B 400 12.98 16.54 -16.68
C ARG B 400 14.00 17.35 -15.89
N SER B 401 15.31 17.13 -16.13
CA SER B 401 16.33 17.68 -15.22
C SER B 401 16.49 19.18 -15.29
N GLU B 402 16.04 19.85 -16.36
CA GLU B 402 16.02 21.31 -16.34
C GLU B 402 15.03 21.85 -15.30
N ARG B 403 14.15 21.00 -14.82
CA ARG B 403 13.31 21.34 -13.67
C ARG B 403 13.94 20.78 -12.40
N ILE B 404 14.18 19.46 -12.39
CA ILE B 404 14.68 18.77 -11.20
C ILE B 404 15.98 19.40 -10.70
N ALA B 405 16.83 19.88 -11.62
CA ALA B 405 18.11 20.40 -11.18
C ALA B 405 17.94 21.59 -10.25
N LYS B 406 16.87 22.36 -10.43
CA LYS B 406 16.60 23.43 -9.50
C LYS B 406 16.25 22.89 -8.12
N TYR B 407 15.44 21.83 -8.07
CA TYR B 407 15.09 21.26 -6.76
C TYR B 407 16.32 20.64 -6.13
N ASN B 408 17.12 19.97 -6.95
CA ASN B 408 18.39 19.41 -6.48
C ASN B 408 19.30 20.50 -5.92
N ARG B 409 19.37 21.65 -6.61
CA ARG B 409 20.19 22.76 -6.12
C ARG B 409 19.59 23.33 -4.82
N LEU B 410 18.26 23.44 -4.74
CA LEU B 410 17.67 23.88 -3.49
C LEU B 410 18.02 22.94 -2.36
N MET B 411 18.01 21.64 -2.63
CA MET B 411 18.34 20.69 -1.57
C MET B 411 19.80 20.81 -1.18
N ALA B 412 20.69 21.07 -2.15
CA ALA B 412 22.09 21.27 -1.82
C ALA B 412 22.28 22.52 -0.97
N ILE B 413 21.55 23.59 -1.30
CA ILE B 413 21.64 24.82 -0.52
C ILE B 413 21.20 24.57 0.91
N GLU B 414 20.07 23.90 1.08
CA GLU B 414 19.53 23.64 2.42
C GLU B 414 20.49 22.79 3.24
N GLU B 415 21.06 21.76 2.63
CA GLU B 415 22.01 20.91 3.34
C GLU B 415 23.26 21.71 3.71
N GLU B 416 23.73 22.50 2.76
CA GLU B 416 24.91 23.33 2.98
C GLU B 416 24.70 24.29 4.14
N MET B 417 23.48 24.80 4.31
CA MET B 417 23.21 25.76 5.37
C MET B 417 23.06 25.13 6.75
N GLY B 418 22.86 23.83 6.83
CA GLY B 418 22.70 23.18 8.11
C GLY B 418 21.64 23.81 8.99
N PRO B 419 22.00 24.16 10.23
CA PRO B 419 21.00 24.73 11.17
C PRO B 419 20.51 26.10 10.79
N GLU B 420 21.15 26.76 9.82
CA GLU B 420 20.73 28.09 9.38
C GLU B 420 19.49 28.06 8.48
N ALA B 421 19.17 26.90 7.90
CA ALA B 421 18.10 26.81 6.91
C ALA B 421 16.72 26.90 7.56
N LEU B 422 15.79 27.57 6.86
CA LEU B 422 14.38 27.63 7.24
C LEU B 422 13.52 27.48 5.98
N PHE B 423 12.76 26.39 5.89
CA PHE B 423 11.72 26.22 4.88
C PHE B 423 10.52 27.04 5.30
N GLN B 424 10.11 28.00 4.48
CA GLN B 424 9.02 28.87 4.90
C GLN B 424 8.28 29.44 3.70
N ASP B 425 7.01 29.05 3.61
CA ASP B 425 6.09 29.56 2.61
C ASP B 425 5.79 31.05 2.83
N SER B 426 5.88 31.85 1.76
CA SER B 426 5.56 33.27 1.82
C SER B 426 4.14 33.60 1.37
N ASN B 427 3.36 32.61 0.94
CA ASN B 427 1.97 32.86 0.58
C ASN B 427 1.28 33.55 1.76
N PRO B 428 0.82 34.78 1.59
CA PRO B 428 0.23 35.49 2.75
C PRO B 428 -0.91 34.71 3.41
N PHE B 429 -1.51 33.75 2.71
CA PHE B 429 -2.65 32.98 3.21
C PHE B 429 -2.20 31.57 3.56
N SER B 430 -0.95 31.51 4.03
CA SER B 430 -0.32 30.34 4.63
C SER B 430 -1.04 30.05 5.93
N LYS B 431 -0.89 28.83 6.44
CA LYS B 431 -1.64 28.43 7.62
C LYS B 431 -0.74 27.87 8.70
N ASP C 11 25.77 -64.72 -3.36
CA ASP C 11 24.75 -63.80 -2.87
C ASP C 11 25.38 -62.90 -1.80
N VAL C 12 25.01 -61.64 -1.81
CA VAL C 12 25.60 -60.65 -0.91
C VAL C 12 24.67 -60.48 0.29
N VAL C 13 25.21 -60.68 1.49
CA VAL C 13 24.41 -60.72 2.71
C VAL C 13 24.96 -59.72 3.71
N ILE C 14 24.12 -59.39 4.69
CA ILE C 14 24.48 -58.49 5.78
C ILE C 14 25.48 -59.18 6.69
N SER C 15 26.62 -58.56 6.89
CA SER C 15 27.70 -59.07 7.72
C SER C 15 27.84 -58.32 9.04
N ASP C 16 27.72 -57.01 9.03
CA ASP C 16 27.84 -56.28 10.28
C ASP C 16 27.09 -54.98 10.13
N ILE C 17 26.73 -54.40 11.26
CA ILE C 17 26.14 -53.07 11.31
C ILE C 17 26.84 -52.25 12.40
N GLU C 18 27.33 -51.08 12.03
CA GLU C 18 27.94 -50.14 12.96
C GLU C 18 27.04 -48.93 13.14
N ALA C 19 27.05 -48.36 14.33
CA ALA C 19 26.33 -47.12 14.60
C ALA C 19 27.19 -46.23 15.49
N ARG C 20 27.08 -44.92 15.31
CA ARG C 20 27.82 -43.97 16.12
C ARG C 20 26.96 -42.72 16.34
N GLU C 21 27.30 -42.01 17.40
CA GLU C 21 26.57 -40.83 17.85
C GLU C 21 27.18 -39.60 17.20
N ILE C 22 26.36 -38.84 16.46
CA ILE C 22 26.82 -37.61 15.84
C ILE C 22 25.97 -36.48 16.38
N LEU C 23 26.22 -35.25 15.96
CA LEU C 23 25.31 -34.17 16.28
C LEU C 23 24.47 -33.79 15.07
N ASP C 24 23.20 -33.41 15.31
CA ASP C 24 22.35 -32.87 14.27
C ASP C 24 22.59 -31.37 14.13
N SER C 25 21.85 -30.73 13.21
CA SER C 25 22.02 -29.32 12.87
C SER C 25 21.60 -28.39 13.99
N ARG C 26 20.94 -28.90 15.00
CA ARG C 26 20.55 -28.11 16.15
C ARG C 26 21.47 -28.34 17.34
N GLY C 27 22.50 -29.18 17.17
CA GLY C 27 23.43 -29.44 18.26
C GLY C 27 23.01 -30.52 19.24
N TYR C 28 22.10 -31.39 18.83
CA TYR C 28 21.57 -32.49 19.62
C TYR C 28 22.03 -33.82 19.02
N PRO C 29 22.22 -34.84 19.86
CA PRO C 29 22.68 -36.13 19.35
C PRO C 29 21.72 -36.77 18.37
N THR C 30 22.27 -37.49 17.39
CA THR C 30 21.51 -38.47 16.64
C THR C 30 22.49 -39.57 16.25
N LEU C 31 22.05 -40.50 15.40
CA LEU C 31 22.95 -41.59 15.07
C LEU C 31 23.20 -41.66 13.56
N CYS C 32 24.35 -42.22 13.22
CA CYS C 32 24.65 -42.63 11.86
CA CYS C 32 24.65 -42.62 11.86
C CYS C 32 24.94 -44.12 11.91
N VAL C 33 24.46 -44.81 10.91
CA VAL C 33 24.50 -46.26 10.84
C VAL C 33 25.24 -46.68 9.57
N LYS C 34 26.10 -47.70 9.70
CA LYS C 34 26.82 -48.23 8.56
C LYS C 34 26.51 -49.72 8.43
N VAL C 35 25.93 -50.12 7.30
CA VAL C 35 25.61 -51.52 7.04
C VAL C 35 26.71 -52.09 6.15
N ILE C 36 27.26 -53.24 6.54
CA ILE C 36 28.42 -53.84 5.86
C ILE C 36 28.06 -55.24 5.40
N THR C 37 28.34 -55.52 4.11
CA THR C 37 28.04 -56.81 3.52
C THR C 37 29.27 -57.72 3.65
N ASN C 38 29.06 -59.01 3.31
CA ASN C 38 30.16 -59.98 3.31
C ASN C 38 31.17 -59.73 2.20
N THR C 39 30.81 -58.96 1.18
CA THR C 39 31.81 -58.64 0.17
C THR C 39 32.58 -57.38 0.51
N GLY C 40 32.28 -56.76 1.64
CA GLY C 40 32.96 -55.54 1.99
C GLY C 40 32.32 -54.27 1.46
N THR C 41 31.25 -54.38 0.69
CA THR C 41 30.46 -53.21 0.34
C THR C 41 29.72 -52.71 1.58
N PHE C 42 29.34 -51.44 1.54
CA PHE C 42 28.63 -50.87 2.67
C PHE C 42 27.82 -49.66 2.25
N GLY C 43 26.92 -49.29 3.13
CA GLY C 43 26.22 -48.03 3.04
C GLY C 43 26.11 -47.42 4.42
N GLU C 44 26.05 -46.10 4.43
CA GLU C 44 25.96 -45.31 5.65
C GLU C 44 24.83 -44.29 5.52
N ALA C 45 24.08 -44.08 6.60
CA ALA C 45 23.02 -43.07 6.65
C ALA C 45 22.95 -42.49 8.05
N CYS C 46 22.51 -41.24 8.14
CA CYS C 46 22.24 -40.60 9.41
C CYS C 46 20.76 -40.28 9.51
N VAL C 47 20.28 -40.11 10.74
CA VAL C 47 18.86 -40.06 11.06
C VAL C 47 18.54 -38.67 11.59
N PRO C 48 17.50 -38.02 11.10
CA PRO C 48 17.12 -36.72 11.66
C PRO C 48 16.36 -36.91 12.98
N SER C 49 16.03 -35.78 13.59
CA SER C 49 15.41 -35.76 14.91
C SER C 49 13.91 -36.02 14.75
N GLY C 50 13.33 -36.66 15.73
CA GLY C 50 11.92 -36.98 15.69
C GLY C 50 11.21 -36.63 16.98
N ALA C 51 10.35 -37.54 17.40
CA ALA C 51 9.68 -37.45 18.69
C ALA C 51 10.03 -38.68 19.52
N SER C 52 10.42 -38.44 20.77
CA SER C 52 10.67 -39.50 21.75
C SER C 52 9.45 -39.75 22.65
N THR C 53 8.40 -38.95 22.51
CA THR C 53 7.23 -39.07 23.36
C THR C 53 5.98 -38.88 22.51
N GLY C 54 4.87 -39.35 23.03
CA GLY C 54 3.58 -39.14 22.40
C GLY C 54 3.05 -40.39 21.74
N ILE C 55 1.80 -40.24 21.29
CA ILE C 55 1.03 -41.32 20.70
C ILE C 55 0.83 -41.13 19.22
N LYS C 56 1.43 -40.09 18.63
CA LYS C 56 1.19 -39.79 17.23
C LYS C 56 2.11 -40.59 16.30
N GLU C 57 3.42 -40.45 16.48
CA GLU C 57 4.34 -41.01 15.51
C GLU C 57 5.18 -42.14 16.11
N ALA C 58 5.90 -42.88 15.25
CA ALA C 58 6.92 -43.78 15.79
C ALA C 58 7.92 -42.98 16.62
N LEU C 59 8.38 -43.60 17.70
CA LEU C 59 9.19 -42.86 18.68
C LEU C 59 10.67 -43.20 18.67
N GLU C 60 11.53 -42.22 18.40
CA GLU C 60 12.97 -42.31 18.56
C GLU C 60 13.31 -42.54 20.02
N LEU C 61 14.36 -43.30 20.25
CA LEU C 61 14.78 -43.59 21.59
C LEU C 61 15.86 -42.61 22.02
N ARG C 62 15.64 -41.93 23.14
CA ARG C 62 16.65 -41.07 23.76
C ARG C 62 17.10 -41.71 25.08
N ASP C 63 18.33 -41.38 25.50
CA ASP C 63 18.91 -41.96 26.72
C ASP C 63 18.28 -41.38 27.99
N LYS C 64 17.86 -40.12 27.96
CA LYS C 64 17.19 -39.47 29.09
C LYS C 64 18.10 -39.25 30.30
N ASP C 65 19.42 -39.26 30.08
CA ASP C 65 20.39 -39.01 31.14
C ASP C 65 20.60 -37.50 31.26
N PRO C 66 20.16 -36.86 32.34
CA PRO C 66 20.26 -35.40 32.42
C PRO C 66 21.69 -34.87 32.44
N LYS C 67 22.67 -35.71 32.79
CA LYS C 67 24.07 -35.31 32.80
C LYS C 67 24.72 -35.36 31.40
N ARG C 68 24.01 -35.83 30.37
CA ARG C 68 24.59 -36.03 29.05
C ARG C 68 23.66 -35.46 27.99
N TYR C 69 24.06 -34.34 27.38
CA TYR C 69 23.30 -33.73 26.30
C TYR C 69 21.84 -33.46 26.74
N GLN C 70 21.66 -33.04 27.99
CA GLN C 70 20.33 -32.71 28.52
C GLN C 70 19.32 -33.83 28.22
N GLY C 71 19.75 -35.07 28.46
CA GLY C 71 18.91 -36.23 28.24
C GLY C 71 18.71 -36.68 26.81
N LYS C 72 19.37 -36.08 25.83
CA LYS C 72 19.09 -36.36 24.44
C LYS C 72 20.11 -37.28 23.77
N GLY C 73 21.01 -37.91 24.52
CA GLY C 73 21.94 -38.87 23.93
C GLY C 73 21.20 -40.01 23.25
N VAL C 74 21.90 -40.68 22.33
CA VAL C 74 21.33 -41.84 21.65
C VAL C 74 22.22 -43.08 21.77
N LEU C 75 22.93 -43.21 22.89
CA LEU C 75 23.77 -44.39 23.09
C LEU C 75 22.94 -45.67 23.15
N GLN C 76 21.72 -45.62 23.72
CA GLN C 76 20.90 -46.83 23.79
C GLN C 76 20.49 -47.28 22.40
N ALA C 77 20.09 -46.34 21.52
CA ALA C 77 19.72 -46.73 20.16
C ALA C 77 20.92 -47.34 19.42
N ILE C 78 22.09 -46.75 19.59
CA ILE C 78 23.32 -47.30 19.01
C ILE C 78 23.55 -48.71 19.51
N SER C 79 23.36 -48.95 20.81
CA SER C 79 23.48 -50.30 21.33
C SER C 79 22.45 -51.24 20.72
N ASN C 80 21.22 -50.75 20.57
CA ASN C 80 20.20 -51.57 19.95
C ASN C 80 20.58 -51.94 18.53
N VAL C 81 21.14 -50.99 17.77
CA VAL C 81 21.59 -51.34 16.42
C VAL C 81 22.60 -52.48 16.51
N GLU C 82 23.61 -52.32 17.36
CA GLU C 82 24.76 -53.22 17.35
C GLU C 82 24.49 -54.52 18.07
N LYS C 83 23.62 -54.53 19.08
CA LYS C 83 23.49 -55.71 19.91
C LYS C 83 22.23 -56.52 19.63
N VAL C 84 21.19 -55.87 19.11
CA VAL C 84 19.91 -56.51 18.82
C VAL C 84 19.72 -56.67 17.31
N LEU C 85 19.87 -55.59 16.54
CA LEU C 85 19.58 -55.69 15.12
C LEU C 85 20.66 -56.45 14.34
N VAL C 86 21.93 -56.37 14.76
CA VAL C 86 22.99 -57.09 14.04
C VAL C 86 22.69 -58.60 14.08
N PRO C 87 22.51 -59.24 15.25
CA PRO C 87 22.20 -60.68 15.21
C PRO C 87 20.92 -61.02 14.46
N ALA C 88 19.90 -60.16 14.48
CA ALA C 88 18.65 -60.50 13.80
C ALA C 88 18.74 -60.36 12.29
N LEU C 89 19.70 -59.60 11.77
CA LEU C 89 19.78 -59.36 10.34
C LEU C 89 20.95 -60.04 9.67
N GLN C 90 21.99 -60.46 10.40
CA GLN C 90 23.14 -60.96 9.66
C GLN C 90 22.78 -62.26 8.97
N GLY C 91 23.35 -62.43 7.78
CA GLY C 91 23.05 -63.55 6.94
C GLY C 91 21.95 -63.30 5.94
N PHE C 92 21.09 -62.30 6.17
CA PHE C 92 20.06 -61.97 5.22
C PHE C 92 20.61 -61.12 4.09
N SER C 93 19.97 -61.25 2.93
CA SER C 93 20.40 -60.59 1.70
C SER C 93 20.33 -59.07 1.83
N VAL C 94 21.38 -58.41 1.33
CA VAL C 94 21.40 -56.95 1.38
C VAL C 94 20.27 -56.35 0.53
N PHE C 95 19.70 -57.12 -0.40
CA PHE C 95 18.66 -56.67 -1.32
C PHE C 95 17.24 -56.86 -0.82
N ASP C 96 17.05 -57.66 0.23
CA ASP C 96 15.71 -57.98 0.72
C ASP C 96 15.28 -56.91 1.72
N GLN C 97 15.02 -55.73 1.16
CA GLN C 97 14.68 -54.55 1.94
C GLN C 97 13.43 -54.75 2.77
N ILE C 98 12.37 -55.30 2.15
CA ILE C 98 11.12 -55.52 2.85
C ILE C 98 11.32 -56.53 3.96
N THR C 99 12.09 -57.58 3.70
CA THR C 99 12.31 -58.60 4.72
C THR C 99 13.02 -58.02 5.93
N ALA C 100 14.10 -57.25 5.70
CA ALA C 100 14.85 -56.65 6.79
C ALA C 100 13.98 -55.69 7.60
N ASP C 101 13.18 -54.86 6.92
CA ASP C 101 12.32 -53.94 7.66
C ASP C 101 11.33 -54.70 8.52
N ALA C 102 10.75 -55.77 7.97
CA ALA C 102 9.84 -56.60 8.75
C ALA C 102 10.57 -57.28 9.92
N ILE C 103 11.80 -57.75 9.71
CA ILE C 103 12.54 -58.36 10.81
C ILE C 103 12.73 -57.34 11.94
N MET C 104 13.07 -56.09 11.59
CA MET C 104 13.30 -55.08 12.63
C MET C 104 12.00 -54.71 13.32
N ILE C 105 10.92 -54.59 12.56
CA ILE C 105 9.62 -54.30 13.16
C ILE C 105 9.26 -55.38 14.16
N ASP C 106 9.49 -56.64 13.78
CA ASP C 106 9.18 -57.74 14.68
C ASP C 106 10.12 -57.77 15.90
N ALA C 107 11.40 -57.45 15.71
CA ALA C 107 12.34 -57.47 16.82
C ALA C 107 11.96 -56.47 17.92
N ASP C 108 11.44 -55.31 17.53
CA ASP C 108 11.01 -54.29 18.49
C ASP C 108 9.69 -54.66 19.14
N GLY C 109 8.73 -55.16 18.37
CA GLY C 109 7.53 -55.72 18.96
C GLY C 109 6.48 -54.72 19.40
N THR C 110 6.70 -53.43 19.22
CA THR C 110 5.70 -52.44 19.57
C THR C 110 5.28 -51.71 18.29
N PRO C 111 4.04 -51.23 18.24
CA PRO C 111 3.56 -50.58 17.01
C PRO C 111 4.33 -49.32 16.68
N ASN C 112 4.76 -48.55 17.68
CA ASN C 112 5.47 -47.29 17.50
C ASN C 112 6.99 -47.42 17.62
N LYS C 113 7.52 -48.65 17.59
CA LYS C 113 8.96 -48.85 17.56
C LYS C 113 9.65 -48.23 18.77
N GLU C 114 8.94 -48.26 19.89
CA GLU C 114 9.35 -47.58 21.09
C GLU C 114 10.41 -48.33 21.87
N LYS C 115 10.54 -49.65 21.68
CA LYS C 115 11.49 -50.42 22.48
C LYS C 115 12.90 -50.23 21.96
N LEU C 116 13.12 -50.43 20.66
CA LEU C 116 14.44 -50.27 20.06
C LEU C 116 14.67 -48.86 19.56
N GLY C 117 13.61 -48.14 19.22
CA GLY C 117 13.75 -46.79 18.74
C GLY C 117 13.63 -46.69 17.25
N ALA C 118 12.72 -45.81 16.82
CA ALA C 118 12.53 -45.58 15.40
C ALA C 118 13.79 -45.03 14.78
N ASN C 119 14.61 -44.33 15.54
CA ASN C 119 15.86 -43.82 15.00
C ASN C 119 16.83 -44.97 14.73
N ALA C 120 16.90 -45.93 15.65
CA ALA C 120 17.74 -47.09 15.41
C ALA C 120 17.28 -47.87 14.18
N ILE C 121 15.96 -48.09 14.03
CA ILE C 121 15.46 -48.92 12.94
C ILE C 121 15.54 -48.18 11.61
N LEU C 122 15.21 -46.87 11.60
CA LEU C 122 15.33 -46.13 10.35
C LEU C 122 16.79 -46.08 9.87
N GLY C 123 17.73 -45.89 10.78
CA GLY C 123 19.13 -45.81 10.39
C GLY C 123 19.58 -47.06 9.67
N VAL C 124 19.25 -48.23 10.24
CA VAL C 124 19.58 -49.48 9.57
C VAL C 124 18.89 -49.55 8.22
N SER C 125 17.60 -49.22 8.19
CA SER C 125 16.80 -49.33 6.96
C SER C 125 17.43 -48.53 5.81
N LEU C 126 17.84 -47.30 6.10
CA LEU C 126 18.42 -46.46 5.07
C LEU C 126 19.80 -46.92 4.69
N ALA C 127 20.60 -47.30 5.69
CA ALA C 127 21.95 -47.75 5.41
C ALA C 127 21.94 -49.07 4.64
N LEU C 128 20.92 -49.92 4.88
CA LEU C 128 20.79 -51.17 4.13
C LEU C 128 20.55 -50.90 2.66
N ALA C 129 19.59 -50.02 2.36
CA ALA C 129 19.31 -49.65 0.97
C ALA C 129 20.53 -49.06 0.27
N LYS C 130 21.28 -48.20 0.97
CA LYS C 130 22.49 -47.65 0.38
C LYS C 130 23.53 -48.75 0.17
N ALA C 131 23.66 -49.66 1.14
CA ALA C 131 24.59 -50.76 0.96
C ALA C 131 24.21 -51.60 -0.26
N ALA C 132 22.91 -51.84 -0.48
CA ALA C 132 22.48 -52.61 -1.64
C ALA C 132 22.79 -51.86 -2.92
N ALA C 133 22.42 -50.58 -2.98
CA ALA C 133 22.67 -49.81 -4.19
C ALA C 133 24.17 -49.73 -4.49
N ASN C 134 24.98 -49.51 -3.44
CA ASN C 134 26.43 -49.48 -3.64
C ASN C 134 26.98 -50.82 -4.08
N THR C 135 26.42 -51.91 -3.57
CA THR C 135 26.83 -53.22 -4.07
C THR C 135 26.59 -53.36 -5.57
N LEU C 136 25.45 -52.87 -6.05
CA LEU C 136 25.14 -52.92 -7.47
C LEU C 136 25.80 -51.82 -8.25
N GLN C 137 26.43 -50.87 -7.57
CA GLN C 137 26.98 -49.70 -8.24
C GLN C 137 25.92 -49.00 -9.07
N ARG C 138 24.71 -48.89 -8.53
CA ARG C 138 23.58 -48.22 -9.15
C ARG C 138 23.14 -47.06 -8.26
N PRO C 139 22.63 -45.99 -8.86
CA PRO C 139 22.17 -44.87 -8.04
C PRO C 139 21.06 -45.32 -7.11
N LEU C 140 21.05 -44.76 -5.89
CA LEU C 140 20.08 -45.14 -4.88
C LEU C 140 18.63 -44.96 -5.35
N TYR C 141 18.33 -43.84 -6.02
CA TYR C 141 16.95 -43.57 -6.44
C TYR C 141 16.49 -44.58 -7.48
N ARG C 142 17.43 -45.14 -8.25
CA ARG C 142 17.11 -46.18 -9.21
C ARG C 142 16.96 -47.53 -8.53
N TYR C 143 17.80 -47.81 -7.54
CA TYR C 143 17.62 -49.04 -6.77
C TYR C 143 16.27 -49.04 -6.06
N LEU C 144 15.90 -47.93 -5.43
CA LEU C 144 14.67 -47.88 -4.67
C LEU C 144 13.44 -47.76 -5.57
N GLY C 145 13.53 -46.99 -6.64
CA GLY C 145 12.34 -46.68 -7.41
C GLY C 145 12.31 -47.38 -8.75
N GLY C 146 13.43 -48.00 -9.16
CA GLY C 146 13.46 -48.66 -10.44
C GLY C 146 13.79 -47.74 -11.59
N SER C 147 13.71 -48.34 -12.79
CA SER C 147 14.18 -47.75 -14.04
C SER C 147 13.49 -46.46 -14.39
N PHE C 148 12.28 -46.24 -13.90
CA PHE C 148 11.50 -45.07 -14.30
C PHE C 148 11.45 -43.99 -13.24
N SER C 149 12.30 -44.04 -12.23
CA SER C 149 12.50 -42.88 -11.36
CA SER C 149 12.49 -42.88 -11.37
C SER C 149 13.21 -41.79 -12.17
N HIS C 150 12.55 -40.67 -12.39
CA HIS C 150 13.19 -39.63 -13.20
C HIS C 150 12.68 -38.22 -12.93
N VAL C 151 11.68 -38.06 -12.06
CA VAL C 151 11.01 -36.79 -11.86
C VAL C 151 11.71 -36.03 -10.75
N LEU C 152 12.22 -34.86 -11.06
CA LEU C 152 12.76 -34.02 -9.99
C LEU C 152 11.63 -33.22 -9.34
N PRO C 153 11.64 -33.06 -8.03
CA PRO C 153 10.50 -32.41 -7.37
C PRO C 153 10.60 -30.90 -7.39
N CYS C 154 9.44 -30.28 -7.47
CA CYS C 154 9.33 -28.86 -7.24
C CYS C 154 9.40 -28.59 -5.74
N PRO C 155 10.35 -27.81 -5.27
CA PRO C 155 10.47 -27.59 -3.82
C PRO C 155 9.54 -26.50 -3.31
N MET C 156 9.11 -26.65 -2.07
CA MET C 156 8.51 -25.55 -1.34
C MET C 156 9.55 -25.11 -0.33
N MET C 157 9.97 -23.84 -0.46
CA MET C 157 11.15 -23.30 0.18
C MET C 157 10.78 -22.28 1.25
N ASN C 158 11.07 -22.65 2.48
CA ASN C 158 10.88 -21.76 3.61
C ASN C 158 11.66 -20.45 3.46
N LEU C 159 11.01 -19.34 3.77
CA LEU C 159 11.73 -18.08 3.85
C LEU C 159 11.42 -17.33 5.14
N ILE C 160 10.21 -17.44 5.63
CA ILE C 160 9.75 -16.68 6.79
C ILE C 160 9.04 -17.59 7.76
N ASN C 161 9.32 -17.40 9.05
CA ASN C 161 8.82 -18.27 10.10
C ASN C 161 8.03 -17.50 11.13
N GLY C 162 7.04 -18.18 11.67
CA GLY C 162 6.19 -17.64 12.69
C GLY C 162 5.69 -18.71 13.62
N GLY C 163 4.60 -18.37 14.31
CA GLY C 163 3.97 -19.30 15.23
C GLY C 163 4.92 -19.71 16.32
N MET C 164 4.94 -21.02 16.61
CA MET C 164 5.84 -21.55 17.62
C MET C 164 7.32 -21.47 17.19
N HIS C 165 7.60 -21.32 15.89
CA HIS C 165 8.97 -21.22 15.42
C HIS C 165 9.51 -19.78 15.41
N ALA C 166 8.96 -18.86 16.20
CA ALA C 166 9.41 -17.48 16.18
C ALA C 166 8.95 -16.80 17.46
N THR C 167 9.31 -15.54 17.61
CA THR C 167 8.82 -14.70 18.69
C THR C 167 8.25 -13.41 18.12
N ASN C 168 7.59 -13.51 16.99
CA ASN C 168 7.00 -12.38 16.29
C ASN C 168 5.49 -12.50 16.38
N GLY C 169 4.79 -11.68 15.60
CA GLY C 169 3.35 -11.68 15.62
C GLY C 169 2.68 -12.52 14.54
N LEU C 170 3.44 -13.46 13.94
CA LEU C 170 2.90 -14.33 12.89
C LEU C 170 2.23 -15.54 13.51
N GLN C 171 0.96 -15.74 13.16
CA GLN C 171 0.19 -16.90 13.62
C GLN C 171 0.63 -18.17 12.91
N PHE C 172 0.76 -18.12 11.57
CA PHE C 172 1.15 -19.30 10.81
C PHE C 172 2.64 -19.63 11.02
N GLN C 173 2.99 -20.89 10.82
CA GLN C 173 4.34 -21.30 11.19
C GLN C 173 5.38 -21.10 10.09
N GLU C 174 5.08 -21.37 8.83
CA GLU C 174 6.07 -21.21 7.78
C GLU C 174 5.43 -20.56 6.56
N PHE C 175 6.18 -19.66 5.93
CA PHE C 175 5.77 -19.05 4.67
C PHE C 175 6.81 -19.43 3.62
N MET C 176 6.36 -20.06 2.53
CA MET C 176 7.23 -20.71 1.56
C MET C 176 6.94 -20.19 0.16
N ILE C 177 7.93 -20.34 -0.72
CA ILE C 177 7.78 -20.08 -2.14
C ILE C 177 7.98 -21.38 -2.90
N ARG C 178 7.36 -21.44 -4.08
CA ARG C 178 7.52 -22.57 -4.99
C ARG C 178 7.91 -22.01 -6.34
N PRO C 179 9.09 -22.36 -6.87
CA PRO C 179 9.54 -21.86 -8.19
C PRO C 179 8.99 -22.71 -9.34
N ILE C 180 7.67 -22.59 -9.56
CA ILE C 180 6.93 -23.46 -10.46
C ILE C 180 7.23 -23.24 -11.93
N SER C 181 7.74 -22.09 -12.35
CA SER C 181 8.09 -21.90 -13.75
C SER C 181 9.51 -22.39 -14.10
N ALA C 182 10.25 -22.94 -13.15
CA ALA C 182 11.60 -23.37 -13.48
C ALA C 182 11.56 -24.45 -14.56
N PRO C 183 12.48 -24.41 -15.53
CA PRO C 183 12.59 -25.49 -16.52
C PRO C 183 13.33 -26.70 -16.01
N SER C 184 14.01 -26.58 -14.88
CA SER C 184 14.84 -27.64 -14.34
C SER C 184 14.93 -27.42 -12.85
N LEU C 185 15.34 -28.46 -12.12
CA LEU C 185 15.56 -28.34 -10.67
C LEU C 185 16.69 -27.35 -10.38
N LYS C 186 17.74 -27.41 -11.18
CA LYS C 186 18.88 -26.51 -10.99
C LYS C 186 18.43 -25.06 -11.09
N GLU C 187 17.54 -24.76 -12.03
CA GLU C 187 17.05 -23.40 -12.15
C GLU C 187 16.07 -23.06 -11.04
N ALA C 188 15.30 -24.05 -10.57
CA ALA C 188 14.45 -23.83 -9.41
C ALA C 188 15.25 -23.42 -8.17
N VAL C 189 16.40 -24.06 -7.97
CA VAL C 189 17.26 -23.73 -6.85
C VAL C 189 17.79 -22.31 -7.00
N ARG C 190 18.23 -21.95 -8.20
CA ARG C 190 18.70 -20.59 -8.43
C ARG C 190 17.61 -19.58 -8.17
N MET C 191 16.40 -19.87 -8.66
CA MET C 191 15.29 -18.96 -8.40
C MET C 191 15.09 -18.79 -6.90
N GLY C 192 15.05 -19.90 -6.16
CA GLY C 192 14.88 -19.81 -4.72
C GLY C 192 16.00 -19.03 -4.06
N ALA C 193 17.26 -19.29 -4.47
CA ALA C 193 18.41 -18.64 -3.86
C ALA C 193 18.40 -17.14 -4.13
N GLU C 194 17.97 -16.74 -5.32
CA GLU C 194 17.92 -15.33 -5.66
C GLU C 194 16.81 -14.60 -4.89
N VAL C 195 15.66 -15.25 -4.70
CA VAL C 195 14.61 -14.63 -3.89
C VAL C 195 15.07 -14.55 -2.43
N PHE C 196 15.69 -15.60 -1.92
CA PHE C 196 16.25 -15.57 -0.57
C PHE C 196 17.26 -14.44 -0.44
N ASN C 197 18.11 -14.27 -1.45
CA ASN C 197 19.11 -13.22 -1.37
C ASN C 197 18.47 -11.84 -1.37
N ALA C 198 17.44 -11.62 -2.21
CA ALA C 198 16.73 -10.34 -2.20
C ALA C 198 15.98 -10.15 -0.88
N LEU C 199 15.41 -11.22 -0.34
CA LEU C 199 14.73 -11.08 0.95
C LEU C 199 15.72 -10.70 2.06
N LYS C 200 16.89 -11.36 2.09
CA LYS C 200 17.88 -11.02 3.11
C LYS C 200 18.25 -9.55 3.06
N LYS C 201 18.43 -8.99 1.84
CA LYS C 201 18.87 -7.60 1.74
C LYS C 201 17.76 -6.65 2.12
N ILE C 202 16.51 -6.96 1.74
CA ILE C 202 15.38 -6.14 2.20
C ILE C 202 15.38 -6.08 3.73
N LEU C 203 15.53 -7.23 4.39
CA LEU C 203 15.56 -7.23 5.86
C LEU C 203 16.75 -6.44 6.40
N GLN C 204 17.92 -6.60 5.78
CA GLN C 204 19.06 -5.81 6.22
C GLN C 204 18.76 -4.32 6.10
N ASN C 205 18.25 -3.88 4.95
CA ASN C 205 18.03 -2.45 4.77
C ASN C 205 16.92 -1.94 5.69
N ARG C 206 15.94 -2.78 6.02
CA ARG C 206 14.92 -2.38 6.98
C ARG C 206 15.35 -2.59 8.42
N GLN C 207 16.58 -3.05 8.67
CA GLN C 207 17.08 -3.24 10.04
C GLN C 207 16.18 -4.19 10.84
N LEU C 208 15.70 -5.24 10.18
CA LEU C 208 14.96 -6.33 10.79
C LEU C 208 15.95 -7.47 11.00
N ALA C 209 15.63 -8.37 11.93
CA ALA C 209 16.61 -9.40 12.26
C ALA C 209 16.87 -10.29 11.05
N THR C 210 18.12 -10.64 10.85
CA THR C 210 18.52 -11.54 9.80
C THR C 210 19.13 -12.85 10.32
N GLY C 211 19.24 -13.04 11.62
CA GLY C 211 19.57 -14.37 12.11
C GLY C 211 18.54 -15.37 11.62
N VAL C 212 18.99 -16.61 11.36
CA VAL C 212 18.12 -17.62 10.78
C VAL C 212 17.72 -18.64 11.85
N GLY C 213 16.57 -19.26 11.64
CA GLY C 213 16.11 -20.34 12.49
C GLY C 213 16.57 -21.69 11.96
N ASP C 214 15.98 -22.73 12.52
CA ASP C 214 16.43 -24.09 12.26
C ASP C 214 16.50 -24.39 10.78
N GLU C 215 15.52 -23.91 10.01
CA GLU C 215 15.44 -24.22 8.58
C GLU C 215 16.24 -23.27 7.69
N GLY C 216 16.89 -22.26 8.25
CA GLY C 216 17.73 -21.38 7.44
C GLY C 216 17.01 -20.18 6.89
N GLY C 217 15.77 -19.95 7.28
CA GLY C 217 15.04 -18.76 6.93
C GLY C 217 14.98 -17.77 8.08
N PHE C 218 14.17 -16.75 7.87
CA PHE C 218 14.15 -15.58 8.74
C PHE C 218 12.87 -15.57 9.55
N ALA C 219 12.95 -14.94 10.72
CA ALA C 219 11.80 -14.76 11.62
C ALA C 219 11.74 -13.30 12.08
N PRO C 220 11.62 -12.36 11.15
CA PRO C 220 11.56 -10.95 11.53
C PRO C 220 10.27 -10.64 12.27
N ASN C 221 10.32 -9.52 13.01
CA ASN C 221 9.18 -9.15 13.84
C ASN C 221 8.15 -8.43 12.97
N LEU C 222 7.37 -9.22 12.25
CA LEU C 222 6.25 -8.72 11.47
C LEU C 222 4.98 -8.94 12.30
N ALA C 223 3.95 -8.15 12.00
CA ALA C 223 2.77 -8.05 12.84
C ALA C 223 1.65 -8.99 12.48
N SER C 224 1.63 -9.53 11.26
CA SER C 224 0.50 -10.32 10.79
C SER C 224 0.88 -11.23 9.62
N ASN C 225 0.09 -12.30 9.45
CA ASN C 225 0.28 -13.21 8.33
C ASN C 225 0.31 -12.49 6.99
N ALA C 226 -0.57 -11.50 6.82
CA ALA C 226 -0.65 -10.80 5.55
C ALA C 226 0.64 -10.04 5.25
N GLU C 227 1.24 -9.41 6.27
CA GLU C 227 2.50 -8.72 6.09
C GLU C 227 3.61 -9.68 5.66
N ALA C 228 3.59 -10.90 6.17
CA ALA C 228 4.58 -11.87 5.77
C ALA C 228 4.41 -12.21 4.29
N LEU C 229 3.17 -12.37 3.85
CA LEU C 229 2.93 -12.68 2.44
C LEU C 229 3.31 -11.49 1.56
N ASP C 230 3.00 -10.28 2.01
CA ASP C 230 3.41 -9.09 1.26
C ASP C 230 4.92 -9.05 1.09
N LEU C 231 5.65 -9.36 2.15
CA LEU C 231 7.11 -9.33 2.09
C LEU C 231 7.67 -10.35 1.09
N LEU C 232 7.09 -11.55 1.05
CA LEU C 232 7.54 -12.53 0.05
C LEU C 232 7.25 -12.03 -1.37
N LEU C 233 6.07 -11.42 -1.58
CA LEU C 233 5.81 -10.86 -2.89
C LEU C 233 6.84 -9.81 -3.26
N THR C 234 7.20 -8.96 -2.29
CA THR C 234 8.24 -7.95 -2.55
C THR C 234 9.57 -8.62 -2.86
N ALA C 235 9.94 -9.65 -2.09
CA ALA C 235 11.20 -10.34 -2.37
C ALA C 235 11.21 -10.95 -3.78
N ILE C 236 10.11 -11.60 -4.15
CA ILE C 236 10.02 -12.21 -5.47
C ILE C 236 10.24 -11.16 -6.58
N GLU C 237 9.52 -10.06 -6.51
CA GLU C 237 9.62 -9.03 -7.54
C GLU C 237 10.99 -8.39 -7.55
N THR C 238 11.54 -8.13 -6.36
CA THR C 238 12.86 -7.56 -6.26
C THR C 238 13.87 -8.47 -6.94
N ALA C 239 13.73 -9.80 -6.76
CA ALA C 239 14.63 -10.72 -7.45
C ALA C 239 14.36 -10.78 -8.95
N GLY C 240 13.28 -10.16 -9.41
CA GLY C 240 13.04 -10.04 -10.83
C GLY C 240 12.09 -11.04 -11.41
N PHE C 241 11.38 -11.78 -10.57
CA PHE C 241 10.43 -12.80 -10.99
C PHE C 241 9.02 -12.27 -10.79
N THR C 242 8.06 -12.91 -11.47
CA THR C 242 6.66 -12.49 -11.39
C THR C 242 5.88 -13.41 -10.46
N PRO C 243 5.27 -12.91 -9.40
CA PRO C 243 4.46 -13.80 -8.55
C PRO C 243 3.35 -14.45 -9.36
N ARG C 244 3.00 -15.67 -8.95
CA ARG C 244 1.98 -16.45 -9.62
C ARG C 244 2.48 -17.05 -10.94
N GLU C 245 3.06 -16.18 -11.80
CA GLU C 245 3.57 -16.64 -13.08
C GLU C 245 4.81 -17.51 -12.94
N ASP C 246 5.74 -17.10 -12.09
CA ASP C 246 7.01 -17.77 -11.86
C ASP C 246 7.10 -18.51 -10.54
N ILE C 247 6.60 -17.87 -9.49
CA ILE C 247 6.80 -18.29 -8.10
C ILE C 247 5.46 -18.11 -7.41
N SER C 248 4.98 -19.17 -6.77
CA SER C 248 3.77 -19.12 -5.97
C SER C 248 4.12 -19.21 -4.50
N LEU C 249 3.11 -19.00 -3.66
CA LEU C 249 3.29 -19.02 -2.21
C LEU C 249 2.65 -20.28 -1.63
N ALA C 250 3.21 -20.76 -0.52
CA ALA C 250 2.64 -21.90 0.19
C ALA C 250 2.77 -21.63 1.67
N LEU C 251 1.80 -22.14 2.44
CA LEU C 251 1.71 -21.94 3.88
C LEU C 251 1.85 -23.26 4.62
N ASP C 252 2.42 -23.19 5.84
CA ASP C 252 2.24 -24.22 6.87
C ASP C 252 1.63 -23.53 8.08
N CYS C 253 0.31 -23.68 8.25
CA CYS C 253 -0.35 -23.01 9.36
C CYS C 253 0.02 -23.64 10.69
N ALA C 254 0.30 -24.96 10.69
CA ALA C 254 0.47 -25.73 11.91
C ALA C 254 -0.66 -25.41 12.89
N ALA C 255 -1.89 -25.48 12.38
CA ALA C 255 -3.02 -24.93 13.12
C ALA C 255 -3.22 -25.61 14.47
N SER C 256 -2.79 -26.86 14.63
CA SER C 256 -2.93 -27.50 15.93
C SER C 256 -2.31 -26.63 17.01
N SER C 257 -1.26 -25.85 16.66
CA SER C 257 -0.56 -25.09 17.68
C SER C 257 -1.36 -23.90 18.20
N PHE C 258 -2.42 -23.46 17.52
CA PHE C 258 -3.23 -22.40 18.08
C PHE C 258 -4.69 -22.82 18.21
N TYR C 259 -4.93 -24.13 18.36
CA TYR C 259 -6.28 -24.69 18.50
C TYR C 259 -6.57 -24.99 19.96
N ASN C 260 -7.61 -24.37 20.51
CA ASN C 260 -8.11 -24.64 21.86
C ASN C 260 -9.07 -25.82 21.76
N THR C 261 -8.67 -26.98 22.29
CA THR C 261 -9.48 -28.18 22.08
C THR C 261 -10.80 -28.10 22.84
N GLN C 262 -10.83 -27.37 23.96
CA GLN C 262 -12.07 -27.22 24.71
C GLN C 262 -13.05 -26.29 23.99
N ASP C 263 -12.61 -25.09 23.61
CA ASP C 263 -13.51 -24.15 22.96
C ASP C 263 -13.74 -24.49 21.50
N LYS C 264 -12.86 -25.31 20.93
CA LYS C 264 -12.87 -25.62 19.51
C LYS C 264 -12.72 -24.33 18.68
N THR C 265 -11.71 -23.56 19.04
CA THR C 265 -11.45 -22.26 18.45
C THR C 265 -9.99 -22.18 18.03
N TYR C 266 -9.77 -21.47 16.93
CA TYR C 266 -8.45 -21.16 16.38
C TYR C 266 -8.20 -19.68 16.68
N ASP C 267 -7.46 -19.41 17.76
CA ASP C 267 -7.32 -18.04 18.29
C ASP C 267 -8.67 -17.34 18.34
N GLY C 268 -9.63 -18.03 18.96
CA GLY C 268 -10.96 -17.49 19.17
C GLY C 268 -11.97 -17.73 18.08
N LYS C 269 -11.57 -18.31 16.95
CA LYS C 269 -12.44 -18.42 15.79
C LYS C 269 -12.87 -19.85 15.55
N SER C 270 -14.13 -20.01 15.13
CA SER C 270 -14.65 -21.31 14.75
C SER C 270 -13.92 -21.86 13.53
N TYR C 271 -14.08 -23.15 13.29
CA TYR C 271 -13.41 -23.72 12.11
C TYR C 271 -13.99 -23.12 10.85
N ALA C 272 -15.27 -22.77 10.88
CA ALA C 272 -15.84 -22.11 9.72
C ALA C 272 -15.18 -20.76 9.48
N ASP C 273 -14.97 -19.96 10.53
CA ASP C 273 -14.31 -18.66 10.36
C ASP C 273 -12.89 -18.85 9.87
N GLN C 274 -12.19 -19.83 10.42
CA GLN C 274 -10.81 -20.07 10.02
C GLN C 274 -10.77 -20.43 8.55
N VAL C 275 -11.74 -21.23 8.07
CA VAL C 275 -11.77 -21.60 6.64
C VAL C 275 -11.99 -20.36 5.79
N GLY C 276 -12.91 -19.48 6.22
CA GLY C 276 -13.12 -18.23 5.51
C GLY C 276 -11.87 -17.36 5.44
N ILE C 277 -11.08 -17.35 6.52
CA ILE C 277 -9.80 -16.62 6.51
C ILE C 277 -8.86 -17.20 5.47
N LEU C 278 -8.70 -18.52 5.45
CA LEU C 278 -7.83 -19.15 4.47
C LEU C 278 -8.32 -18.89 3.06
N ALA C 279 -9.64 -19.02 2.83
CA ALA C 279 -10.20 -18.75 1.51
C ALA C 279 -9.98 -17.29 1.13
N GLU C 280 -10.08 -16.39 2.11
CA GLU C 280 -9.81 -14.99 1.82
C GLU C 280 -8.37 -14.78 1.41
N LEU C 281 -7.43 -15.36 2.16
CA LEU C 281 -6.02 -15.24 1.77
C LEU C 281 -5.77 -15.80 0.37
N CYS C 282 -6.45 -16.90 0.01
CA CYS C 282 -6.22 -17.53 -1.29
C CYS C 282 -6.79 -16.72 -2.44
N GLU C 283 -7.82 -15.92 -2.20
CA GLU C 283 -8.29 -15.02 -3.25
C GLU C 283 -7.29 -13.89 -3.49
N HIS C 284 -6.68 -13.36 -2.43
CA HIS C 284 -5.85 -12.17 -2.51
C HIS C 284 -4.42 -12.53 -2.91
N TYR C 285 -3.91 -13.63 -2.45
CA TYR C 285 -2.52 -13.97 -2.66
C TYR C 285 -2.38 -15.21 -3.53
N PRO C 286 -1.28 -15.34 -4.28
CA PRO C 286 -1.07 -16.54 -5.09
C PRO C 286 -0.55 -17.75 -4.29
N ILE C 287 -1.36 -18.17 -3.32
CA ILE C 287 -1.10 -19.35 -2.50
C ILE C 287 -1.66 -20.58 -3.21
N ASP C 288 -0.81 -21.57 -3.46
CA ASP C 288 -1.31 -22.78 -4.12
C ASP C 288 -1.16 -24.02 -3.26
N SER C 289 -0.83 -23.86 -1.98
CA SER C 289 -0.68 -25.01 -1.08
C SER C 289 -0.81 -24.53 0.36
N ILE C 290 -1.61 -25.25 1.15
CA ILE C 290 -1.80 -24.99 2.57
C ILE C 290 -1.61 -26.28 3.33
N GLU C 291 -0.69 -26.27 4.29
CA GLU C 291 -0.39 -27.44 5.14
C GLU C 291 -0.96 -27.18 6.52
N ASP C 292 -1.64 -28.20 7.07
CA ASP C 292 -2.21 -28.17 8.42
C ASP C 292 -2.98 -26.86 8.65
N GLY C 293 -3.87 -26.54 7.71
CA GLY C 293 -4.72 -25.38 7.87
C GLY C 293 -5.69 -25.49 9.03
N LEU C 294 -5.99 -26.71 9.45
CA LEU C 294 -6.81 -26.95 10.63
C LEU C 294 -6.13 -27.99 11.49
N ALA C 295 -6.62 -28.13 12.72
CA ALA C 295 -5.94 -28.92 13.73
C ALA C 295 -5.99 -30.42 13.39
N GLU C 296 -5.09 -31.18 14.01
CA GLU C 296 -4.81 -32.56 13.63
C GLU C 296 -5.99 -33.49 13.86
N GLU C 297 -6.95 -33.09 14.70
CA GLU C 297 -8.10 -33.90 15.03
C GLU C 297 -9.42 -33.22 14.69
N ASP C 298 -9.40 -32.01 14.10
CA ASP C 298 -10.63 -31.30 13.79
C ASP C 298 -11.15 -31.83 12.45
N PHE C 299 -11.82 -32.97 12.52
CA PHE C 299 -12.19 -33.64 11.30
C PHE C 299 -13.37 -32.96 10.60
N GLU C 300 -14.29 -32.31 11.36
CA GLU C 300 -15.32 -31.51 10.70
C GLU C 300 -14.72 -30.31 9.98
N GLY C 301 -13.78 -29.64 10.63
CA GLY C 301 -13.15 -28.50 9.99
C GLY C 301 -12.53 -28.88 8.68
N TRP C 302 -11.71 -29.93 8.70
CA TRP C 302 -11.01 -30.35 7.49
C TRP C 302 -11.99 -30.71 6.38
N LYS C 303 -13.14 -31.29 6.73
CA LYS C 303 -14.13 -31.58 5.69
C LYS C 303 -14.61 -30.29 5.04
N LEU C 304 -14.91 -29.27 5.86
CA LEU C 304 -15.33 -27.98 5.31
C LEU C 304 -14.20 -27.34 4.50
N LEU C 305 -12.99 -27.39 5.04
CA LEU C 305 -11.85 -26.88 4.31
C LEU C 305 -11.71 -27.58 2.96
N SER C 306 -11.85 -28.91 2.95
CA SER C 306 -11.69 -29.63 1.69
C SER C 306 -12.78 -29.25 0.70
N GLU C 307 -14.02 -29.12 1.16
CA GLU C 307 -15.11 -28.75 0.27
C GLU C 307 -14.97 -27.33 -0.27
N THR C 308 -14.38 -26.43 0.52
CA THR C 308 -14.29 -25.02 0.16
C THR C 308 -13.07 -24.72 -0.73
N LEU C 309 -11.93 -25.33 -0.41
CA LEU C 309 -10.68 -25.06 -1.10
C LEU C 309 -10.08 -26.27 -1.79
N GLY C 310 -10.61 -27.47 -1.58
CA GLY C 310 -10.00 -28.68 -2.11
C GLY C 310 -10.04 -28.83 -3.61
N ASP C 311 -10.79 -27.95 -4.29
CA ASP C 311 -10.87 -27.90 -5.73
C ASP C 311 -9.97 -26.82 -6.34
N ARG C 312 -9.25 -26.08 -5.50
CA ARG C 312 -8.53 -24.88 -5.92
C ARG C 312 -7.07 -24.89 -5.48
N VAL C 313 -6.80 -25.47 -4.33
CA VAL C 313 -5.50 -25.36 -3.70
C VAL C 313 -5.11 -26.72 -3.15
N GLN C 314 -3.79 -26.98 -3.14
CA GLN C 314 -3.28 -28.17 -2.48
C GLN C 314 -3.49 -28.03 -0.98
N LEU C 315 -3.96 -29.13 -0.35
CA LEU C 315 -4.18 -29.19 1.09
C LEU C 315 -3.36 -30.36 1.62
N VAL C 316 -2.31 -30.03 2.36
CA VAL C 316 -1.34 -31.00 2.87
C VAL C 316 -1.73 -31.35 4.30
N GLY C 317 -1.85 -32.65 4.58
CA GLY C 317 -1.89 -33.13 5.95
C GLY C 317 -0.48 -33.45 6.42
N ASP C 318 -0.03 -32.81 7.51
CA ASP C 318 1.22 -33.19 8.18
C ASP C 318 0.88 -33.85 9.52
N ASP C 319 0.55 -33.05 10.54
CA ASP C 319 0.03 -33.59 11.78
C ASP C 319 -1.28 -34.35 11.58
N LEU C 320 -2.00 -34.09 10.49
CA LEU C 320 -3.23 -34.82 10.22
C LEU C 320 -2.98 -36.30 9.97
N PHE C 321 -1.84 -36.64 9.36
CA PHE C 321 -1.53 -37.97 8.87
C PHE C 321 -0.30 -38.61 9.50
N VAL C 322 0.71 -37.81 9.86
CA VAL C 322 1.97 -38.23 10.48
C VAL C 322 2.55 -39.48 9.82
N THR C 323 2.56 -39.50 8.48
CA THR C 323 3.16 -40.57 7.68
C THR C 323 2.64 -41.96 8.09
N ASN C 324 1.39 -42.02 8.53
CA ASN C 324 0.80 -43.22 9.08
C ASN C 324 -0.29 -43.71 8.12
N SER C 325 -0.07 -44.92 7.57
CA SER C 325 -0.97 -45.47 6.56
C SER C 325 -2.40 -45.65 7.05
N ALA C 326 -2.61 -45.93 8.35
CA ALA C 326 -3.97 -46.05 8.83
C ALA C 326 -4.70 -44.70 8.82
N LEU C 327 -4.02 -43.64 9.30
CA LEU C 327 -4.60 -42.31 9.28
C LEU C 327 -4.76 -41.79 7.86
N ILE C 328 -3.81 -42.09 6.98
CA ILE C 328 -3.94 -41.67 5.60
C ILE C 328 -5.17 -42.29 4.97
N ALA C 329 -5.33 -43.61 5.15
CA ALA C 329 -6.46 -44.31 4.53
C ALA C 329 -7.79 -43.74 5.02
N GLU C 330 -7.90 -43.46 6.33
CA GLU C 330 -9.15 -42.95 6.89
C GLU C 330 -9.38 -41.48 6.51
N GLY C 331 -8.31 -40.68 6.40
CA GLY C 331 -8.48 -39.32 5.90
C GLY C 331 -9.02 -39.31 4.49
N ILE C 332 -8.43 -40.14 3.63
CA ILE C 332 -8.83 -40.28 2.24
C ILE C 332 -10.26 -40.79 2.14
N ALA C 333 -10.64 -41.73 3.01
CA ALA C 333 -12.00 -42.24 3.02
C ALA C 333 -13.01 -41.16 3.35
N GLN C 334 -12.62 -40.23 4.22
CA GLN C 334 -13.50 -39.14 4.61
C GLN C 334 -13.38 -37.93 3.69
N GLY C 335 -12.49 -37.95 2.70
CA GLY C 335 -12.37 -36.84 1.78
C GLY C 335 -11.62 -35.65 2.34
N LEU C 336 -10.61 -35.88 3.15
CA LEU C 336 -9.88 -34.80 3.78
C LEU C 336 -8.53 -34.64 3.09
N ALA C 337 -8.24 -33.42 2.65
CA ALA C 337 -6.94 -33.06 2.13
C ALA C 337 -6.77 -33.63 0.73
N ASN C 338 -5.68 -33.28 0.07
CA ASN C 338 -5.39 -33.85 -1.24
C ASN C 338 -3.90 -34.10 -1.42
N ALA C 339 -3.11 -34.03 -0.35
CA ALA C 339 -1.68 -34.30 -0.36
C ALA C 339 -1.22 -34.68 1.04
N VAL C 340 -0.13 -35.43 1.10
CA VAL C 340 0.36 -36.00 2.33
C VAL C 340 1.83 -35.64 2.46
N LEU C 341 2.21 -35.10 3.61
CA LEU C 341 3.63 -34.95 3.93
C LEU C 341 4.21 -36.29 4.34
N ILE C 342 5.43 -36.56 3.88
CA ILE C 342 6.06 -37.84 4.13
C ILE C 342 7.35 -37.59 4.91
N LYS C 343 7.35 -37.95 6.19
CA LYS C 343 8.55 -37.87 7.04
C LYS C 343 9.01 -39.31 7.37
N PRO C 344 10.04 -39.84 6.70
CA PRO C 344 10.36 -41.27 6.89
C PRO C 344 10.60 -41.67 8.33
N ASN C 345 11.21 -40.81 9.13
CA ASN C 345 11.50 -41.18 10.50
C ASN C 345 10.26 -41.08 11.39
N GLN C 346 9.15 -40.56 10.87
CA GLN C 346 7.88 -40.64 11.60
C GLN C 346 7.27 -42.04 11.56
N ILE C 347 7.63 -42.87 10.60
CA ILE C 347 7.10 -44.23 10.59
C ILE C 347 8.20 -45.26 10.87
N GLY C 348 9.41 -45.06 10.36
CA GLY C 348 10.58 -45.73 10.89
C GLY C 348 11.24 -46.75 9.99
N THR C 349 10.63 -47.15 8.86
CA THR C 349 11.32 -48.00 7.90
C THR C 349 11.08 -47.44 6.50
N LEU C 350 11.98 -47.77 5.56
CA LEU C 350 11.75 -47.41 4.17
C LEU C 350 10.55 -48.14 3.60
N THR C 351 10.35 -49.40 4.02
CA THR C 351 9.25 -50.19 3.50
C THR C 351 7.91 -49.54 3.81
N GLU C 352 7.70 -49.16 5.07
CA GLU C 352 6.46 -48.48 5.44
C GLU C 352 6.39 -47.08 4.83
N THR C 353 7.53 -46.42 4.63
CA THR C 353 7.51 -45.14 3.95
C THR C 353 6.98 -45.29 2.52
N ALA C 354 7.48 -46.30 1.82
CA ALA C 354 7.03 -46.54 0.45
C ALA C 354 5.54 -46.90 0.44
N GLU C 355 5.09 -47.63 1.44
CA GLU C 355 3.69 -48.06 1.42
C GLU C 355 2.78 -46.87 1.70
N ALA C 356 3.20 -45.97 2.61
CA ALA C 356 2.43 -44.74 2.77
C ALA C 356 2.36 -43.96 1.47
N ILE C 357 3.49 -43.85 0.75
CA ILE C 357 3.47 -43.13 -0.52
C ILE C 357 2.55 -43.80 -1.52
N ARG C 358 2.67 -45.13 -1.64
CA ARG C 358 1.85 -45.86 -2.59
C ARG C 358 0.37 -45.72 -2.26
N LEU C 359 -0.01 -45.91 -1.00
CA LEU C 359 -1.42 -45.90 -0.60
C LEU C 359 -1.99 -44.50 -0.82
N ALA C 360 -1.22 -43.44 -0.61
CA ALA C 360 -1.69 -42.09 -0.91
C ALA C 360 -1.83 -41.85 -2.41
N THR C 361 -0.85 -42.32 -3.20
CA THR C 361 -0.77 -41.94 -4.61
C THR C 361 -1.88 -42.58 -5.44
N ILE C 362 -2.23 -43.83 -5.15
CA ILE C 362 -3.27 -44.49 -5.94
C ILE C 362 -4.65 -43.95 -5.61
N GLN C 363 -4.80 -43.21 -4.52
CA GLN C 363 -6.06 -42.53 -4.20
C GLN C 363 -6.06 -41.09 -4.71
N GLY C 364 -5.09 -40.73 -5.55
CA GLY C 364 -5.07 -39.40 -6.12
C GLY C 364 -4.45 -38.31 -5.28
N TYR C 365 -3.88 -38.63 -4.12
CA TYR C 365 -3.18 -37.62 -3.32
C TYR C 365 -1.75 -37.46 -3.78
N ALA C 366 -1.27 -36.21 -3.80
CA ALA C 366 0.16 -35.94 -4.01
C ALA C 366 0.94 -36.27 -2.73
N THR C 367 2.24 -36.56 -2.88
CA THR C 367 3.07 -36.75 -1.70
C THR C 367 4.29 -35.85 -1.76
N ILE C 368 4.74 -35.42 -0.58
CA ILE C 368 5.78 -34.42 -0.43
C ILE C 368 6.78 -34.95 0.58
N LEU C 369 7.98 -35.30 0.11
CA LEU C 369 9.04 -35.67 1.03
C LEU C 369 9.44 -34.44 1.84
N SER C 370 9.70 -34.65 3.14
CA SER C 370 9.95 -33.59 4.08
C SER C 370 11.17 -33.83 4.96
N HIS C 371 11.89 -32.74 5.23
CA HIS C 371 12.90 -32.71 6.26
C HIS C 371 12.25 -32.64 7.64
N ARG C 372 13.10 -32.70 8.67
CA ARG C 372 12.75 -32.46 10.07
C ARG C 372 13.53 -31.24 10.56
N SER C 373 13.11 -30.71 11.70
CA SER C 373 13.76 -29.51 12.21
C SER C 373 15.21 -29.77 12.61
N GLY C 374 15.51 -30.94 13.15
CA GLY C 374 16.86 -31.37 13.40
C GLY C 374 17.34 -32.26 12.27
N GLU C 375 18.11 -31.71 11.33
CA GLU C 375 18.55 -32.48 10.18
C GLU C 375 20.04 -32.82 10.31
N THR C 376 20.56 -33.52 9.32
CA THR C 376 21.98 -33.83 9.27
C THR C 376 22.45 -33.61 7.83
N GLU C 377 23.74 -33.85 7.62
CA GLU C 377 24.35 -33.78 6.30
C GLU C 377 23.88 -34.90 5.36
N ASP C 378 23.09 -35.85 5.86
CA ASP C 378 22.50 -36.92 5.04
C ASP C 378 21.49 -36.33 4.05
N THR C 379 21.46 -36.86 2.84
CA THR C 379 20.62 -36.33 1.78
C THR C 379 19.62 -37.33 1.24
N THR C 380 19.29 -38.37 2.02
CA THR C 380 18.47 -39.45 1.49
C THR C 380 17.10 -38.99 1.00
N ILE C 381 16.50 -37.97 1.66
CA ILE C 381 15.13 -37.61 1.25
C ILE C 381 15.13 -37.06 -0.18
N ALA C 382 16.25 -36.49 -0.64
CA ALA C 382 16.34 -36.12 -2.04
C ALA C 382 16.21 -37.34 -2.94
N ASP C 383 16.96 -38.42 -2.64
CA ASP C 383 16.85 -39.63 -3.43
C ASP C 383 15.44 -40.21 -3.34
N LEU C 384 14.82 -40.13 -2.16
CA LEU C 384 13.50 -40.74 -2.02
C LEU C 384 12.48 -40.01 -2.86
N ALA C 385 12.56 -38.68 -2.93
CA ALA C 385 11.60 -37.93 -3.73
C ALA C 385 11.69 -38.31 -5.20
N VAL C 386 12.90 -38.54 -5.70
CA VAL C 386 13.07 -38.93 -7.10
C VAL C 386 12.71 -40.40 -7.29
N ALA C 387 13.17 -41.26 -6.36
CA ALA C 387 12.92 -42.68 -6.44
C ALA C 387 11.45 -42.95 -6.69
N PHE C 388 10.60 -42.19 -6.02
CA PHE C 388 9.16 -42.35 -6.06
C PHE C 388 8.48 -41.32 -6.93
N ASN C 389 9.23 -40.52 -7.67
CA ASN C 389 8.61 -39.55 -8.56
C ASN C 389 7.55 -38.70 -7.85
N THR C 390 7.85 -38.24 -6.64
CA THR C 390 6.81 -37.59 -5.86
C THR C 390 6.45 -36.23 -6.45
N GLY C 391 7.41 -35.56 -7.07
CA GLY C 391 7.15 -34.28 -7.68
C GLY C 391 7.18 -33.10 -6.73
N GLN C 392 7.39 -33.34 -5.44
CA GLN C 392 7.45 -32.26 -4.47
C GLN C 392 8.36 -32.66 -3.31
N ILE C 393 9.01 -31.67 -2.74
CA ILE C 393 9.86 -31.87 -1.57
C ILE C 393 9.80 -30.60 -0.74
N LYS C 394 9.96 -30.76 0.55
CA LYS C 394 9.99 -29.66 1.50
C LYS C 394 11.25 -29.90 2.33
N THR C 395 12.30 -29.17 2.03
CA THR C 395 13.56 -29.47 2.70
C THR C 395 14.28 -28.18 3.12
N GLY C 396 13.57 -27.07 3.28
CA GLY C 396 14.11 -25.96 4.04
C GLY C 396 14.37 -24.72 3.20
N SER C 397 15.03 -23.76 3.83
CA SER C 397 15.33 -22.49 3.20
C SER C 397 16.62 -22.63 2.38
N LEU C 398 17.20 -21.49 1.97
CA LEU C 398 18.39 -21.45 1.11
C LEU C 398 19.68 -21.05 1.88
N SER C 399 19.77 -21.39 3.16
CA SER C 399 21.03 -21.34 3.89
C SER C 399 21.05 -22.50 4.87
N ARG C 400 22.25 -22.80 5.38
CA ARG C 400 22.53 -23.91 6.27
C ARG C 400 22.65 -25.23 5.49
N SER C 401 23.80 -25.90 5.58
CA SER C 401 24.06 -26.99 4.65
C SER C 401 23.25 -28.25 4.92
N GLU C 402 22.70 -28.45 6.12
CA GLU C 402 21.77 -29.55 6.28
C GLU C 402 20.51 -29.35 5.45
N ARG C 403 20.23 -28.12 5.00
CA ARG C 403 19.16 -27.89 4.02
C ARG C 403 19.71 -27.90 2.59
N ILE C 404 20.72 -27.07 2.34
CA ILE C 404 21.32 -26.93 1.01
C ILE C 404 21.81 -28.28 0.47
N ALA C 405 22.34 -29.15 1.32
CA ALA C 405 22.91 -30.39 0.81
C ALA C 405 21.87 -31.23 0.10
N LYS C 406 20.59 -31.13 0.51
CA LYS C 406 19.49 -31.77 -0.22
C LYS C 406 19.28 -31.13 -1.59
N TYR C 407 19.34 -29.80 -1.69
CA TYR C 407 19.22 -29.20 -3.01
C TYR C 407 20.43 -29.57 -3.88
N ASN C 408 21.64 -29.60 -3.29
CA ASN C 408 22.82 -30.02 -4.04
C ASN C 408 22.68 -31.46 -4.54
N ARG C 409 22.16 -32.36 -3.71
CA ARG C 409 21.98 -33.74 -4.13
C ARG C 409 20.96 -33.84 -5.26
N LEU C 410 19.84 -33.10 -5.17
CA LEU C 410 18.88 -33.11 -6.26
C LEU C 410 19.52 -32.62 -7.57
N MET C 411 20.38 -31.60 -7.47
CA MET C 411 21.06 -31.13 -8.68
C MET C 411 22.01 -32.20 -9.25
N ALA C 412 22.74 -32.94 -8.38
CA ALA C 412 23.59 -34.04 -8.86
C ALA C 412 22.75 -35.13 -9.52
N ILE C 413 21.60 -35.46 -8.93
CA ILE C 413 20.72 -36.45 -9.52
C ILE C 413 20.26 -35.99 -10.90
N GLU C 414 19.86 -34.74 -11.01
CA GLU C 414 19.36 -34.23 -12.28
C GLU C 414 20.45 -34.31 -13.35
N GLU C 415 21.68 -33.90 -13.01
CA GLU C 415 22.79 -33.96 -13.97
C GLU C 415 23.11 -35.40 -14.36
N GLU C 416 23.20 -36.28 -13.37
CA GLU C 416 23.50 -37.69 -13.63
C GLU C 416 22.48 -38.32 -14.59
N MET C 417 21.19 -37.96 -14.48
CA MET C 417 20.15 -38.52 -15.32
C MET C 417 20.15 -37.91 -16.74
N GLY C 418 20.85 -36.80 -16.95
CA GLY C 418 20.94 -36.20 -18.27
C GLY C 418 19.59 -36.05 -18.94
N PRO C 419 19.45 -36.62 -20.14
CA PRO C 419 18.19 -36.44 -20.88
C PRO C 419 17.02 -37.14 -20.24
N GLU C 420 17.23 -38.02 -19.28
CA GLU C 420 16.09 -38.71 -18.67
C GLU C 420 15.37 -37.85 -17.65
N ALA C 421 15.98 -36.75 -17.22
CA ALA C 421 15.43 -35.97 -16.11
C ALA C 421 14.22 -35.13 -16.53
N LEU C 422 13.26 -35.01 -15.62
CA LEU C 422 12.10 -34.16 -15.83
C LEU C 422 11.71 -33.48 -14.53
N PHE C 423 11.83 -32.16 -14.50
CA PHE C 423 11.32 -31.36 -13.40
C PHE C 423 9.84 -31.17 -13.60
N GLN C 424 9.06 -31.62 -12.64
CA GLN C 424 7.60 -31.60 -12.76
C GLN C 424 6.92 -31.52 -11.40
N ASP C 425 6.21 -30.41 -11.18
CA ASP C 425 5.41 -30.20 -9.98
C ASP C 425 4.24 -31.17 -9.99
N SER C 426 4.01 -31.84 -8.87
CA SER C 426 2.87 -32.73 -8.72
C SER C 426 1.70 -32.09 -7.98
N ASN C 427 1.81 -30.82 -7.60
CA ASN C 427 0.67 -30.13 -7.02
C ASN C 427 -0.50 -30.25 -7.98
N PRO C 428 -1.60 -30.90 -7.59
CA PRO C 428 -2.72 -31.11 -8.51
C PRO C 428 -3.31 -29.85 -9.16
N PHE C 429 -3.04 -28.67 -8.60
CA PHE C 429 -3.55 -27.40 -9.09
C PHE C 429 -2.39 -26.63 -9.68
N SER C 430 -1.62 -27.34 -10.52
CA SER C 430 -0.25 -26.95 -10.87
C SER C 430 -0.22 -25.58 -11.54
N LYS C 431 -1.24 -25.26 -12.34
CA LYS C 431 -1.41 -23.97 -13.01
C LYS C 431 -0.53 -23.97 -14.25
N ALA C 432 -0.65 -25.02 -15.05
CA ALA C 432 0.23 -25.28 -16.19
C ALA C 432 1.50 -25.98 -15.66
N ASP D 11 50.31 -48.90 -12.04
CA ASP D 11 50.28 -47.50 -11.66
C ASP D 11 48.92 -46.85 -12.01
N VAL D 12 48.41 -46.08 -11.04
CA VAL D 12 47.07 -45.52 -11.08
C VAL D 12 47.22 -44.05 -11.47
N VAL D 13 46.58 -43.63 -12.54
CA VAL D 13 46.79 -42.29 -13.04
C VAL D 13 45.45 -41.55 -13.14
N ILE D 14 45.57 -40.22 -13.22
CA ILE D 14 44.40 -39.36 -13.38
C ILE D 14 43.83 -39.56 -14.77
N SER D 15 42.56 -39.94 -14.84
CA SER D 15 41.91 -40.18 -16.12
C SER D 15 40.93 -39.09 -16.53
N ASP D 16 40.15 -38.57 -15.60
CA ASP D 16 39.19 -37.52 -15.87
C ASP D 16 38.97 -36.70 -14.59
N ILE D 17 38.50 -35.46 -14.77
CA ILE D 17 38.10 -34.62 -13.66
C ILE D 17 36.77 -33.97 -14.03
N GLU D 18 35.74 -34.19 -13.21
CA GLU D 18 34.44 -33.58 -13.36
C GLU D 18 34.27 -32.53 -12.27
N ALA D 19 33.52 -31.48 -12.59
CA ALA D 19 33.25 -30.39 -11.67
C ALA D 19 31.80 -29.98 -11.87
N ARG D 20 31.16 -29.52 -10.79
CA ARG D 20 29.79 -29.06 -10.87
C ARG D 20 29.55 -27.93 -9.87
N GLU D 21 28.50 -27.16 -10.14
CA GLU D 21 28.11 -26.01 -9.34
C GLU D 21 27.07 -26.42 -8.30
N ILE D 22 27.39 -26.19 -7.04
CA ILE D 22 26.49 -26.42 -5.93
C ILE D 22 26.27 -25.10 -5.22
N LEU D 23 25.49 -25.10 -4.13
CA LEU D 23 25.37 -23.93 -3.24
C LEU D 23 26.14 -24.15 -1.93
N ASP D 24 26.73 -23.09 -1.41
CA ASP D 24 27.38 -23.13 -0.11
C ASP D 24 26.37 -22.85 0.99
N SER D 25 26.86 -22.81 2.24
CA SER D 25 25.97 -22.71 3.39
C SER D 25 25.26 -21.37 3.48
N ARG D 26 25.60 -20.41 2.64
CA ARG D 26 24.98 -19.11 2.71
C ARG D 26 24.03 -18.90 1.55
N GLY D 27 23.93 -19.88 0.66
CA GLY D 27 23.05 -19.78 -0.49
C GLY D 27 23.73 -19.26 -1.74
N TYR D 28 25.10 -19.30 -1.79
CA TYR D 28 25.79 -18.80 -2.96
C TYR D 28 26.50 -19.93 -3.69
N PRO D 29 26.71 -19.80 -4.98
CA PRO D 29 27.37 -20.89 -5.72
C PRO D 29 28.79 -21.16 -5.23
N THR D 30 29.16 -22.43 -5.29
CA THR D 30 30.56 -22.83 -5.25
C THR D 30 30.69 -24.11 -6.09
N LEU D 31 31.85 -24.76 -6.06
CA LEU D 31 32.03 -25.92 -6.91
C LEU D 31 32.45 -27.17 -6.13
N CYS D 32 32.05 -28.32 -6.65
CA CYS D 32 32.52 -29.63 -6.21
CA CYS D 32 32.57 -29.60 -6.21
C CYS D 32 33.25 -30.28 -7.39
N VAL D 33 34.31 -31.00 -7.08
CA VAL D 33 35.19 -31.59 -8.06
C VAL D 33 35.30 -33.06 -7.76
N LYS D 34 35.29 -33.87 -8.81
CA LYS D 34 35.49 -35.30 -8.72
C LYS D 34 36.67 -35.69 -9.62
N VAL D 35 37.70 -36.27 -9.01
CA VAL D 35 38.85 -36.80 -9.73
C VAL D 35 38.65 -38.29 -9.90
N ILE D 36 38.86 -38.79 -11.12
CA ILE D 36 38.59 -40.18 -11.50
C ILE D 36 39.87 -40.81 -12.06
N THR D 37 40.22 -41.98 -11.59
CA THR D 37 41.43 -42.64 -12.06
C THR D 37 41.14 -43.62 -13.19
N ASN D 38 42.23 -44.12 -13.80
CA ASN D 38 42.07 -45.11 -14.85
C ASN D 38 41.52 -46.43 -14.34
N THR D 39 41.55 -46.66 -13.03
CA THR D 39 40.95 -47.86 -12.46
C THR D 39 39.51 -47.64 -12.00
N GLY D 40 38.95 -46.42 -12.12
CA GLY D 40 37.58 -46.14 -11.72
C GLY D 40 37.38 -45.69 -10.28
N THR D 41 38.43 -45.70 -9.47
CA THR D 41 38.40 -45.05 -8.17
C THR D 41 38.30 -43.54 -8.37
N PHE D 42 37.79 -42.86 -7.37
CA PHE D 42 37.60 -41.43 -7.46
C PHE D 42 37.56 -40.80 -6.07
N GLY D 43 37.70 -39.49 -6.05
CA GLY D 43 37.47 -38.72 -4.86
C GLY D 43 36.77 -37.44 -5.24
N GLU D 44 36.00 -36.90 -4.31
CA GLU D 44 35.19 -35.71 -4.51
C GLU D 44 35.42 -34.73 -3.37
N ALA D 45 35.51 -33.46 -3.71
CA ALA D 45 35.67 -32.44 -2.70
C ALA D 45 34.98 -31.18 -3.18
N CYS D 46 34.46 -30.43 -2.22
CA CYS D 46 33.80 -29.16 -2.48
C CYS D 46 34.60 -28.09 -1.79
N VAL D 47 34.47 -26.87 -2.29
CA VAL D 47 35.36 -25.78 -1.96
C VAL D 47 34.53 -24.71 -1.24
N PRO D 48 35.00 -24.18 -0.13
CA PRO D 48 34.25 -23.10 0.53
C PRO D 48 34.47 -21.77 -0.18
N SER D 49 33.84 -20.72 0.35
CA SER D 49 33.86 -19.41 -0.25
C SER D 49 35.15 -18.69 0.14
N GLY D 50 35.69 -17.92 -0.77
CA GLY D 50 36.92 -17.20 -0.53
C GLY D 50 36.81 -15.75 -0.94
N ALA D 51 37.95 -15.18 -1.30
CA ALA D 51 38.02 -13.80 -1.78
C ALA D 51 38.19 -13.81 -3.28
N SER D 52 37.43 -12.96 -3.96
CA SER D 52 37.56 -12.77 -5.39
C SER D 52 38.32 -11.50 -5.75
N THR D 53 38.67 -10.68 -4.75
CA THR D 53 39.21 -9.35 -4.97
C THR D 53 40.38 -9.16 -4.03
N GLY D 54 41.15 -8.08 -4.23
CA GLY D 54 42.24 -7.76 -3.35
C GLY D 54 43.54 -8.42 -3.78
N ILE D 55 44.58 -8.13 -3.00
CA ILE D 55 45.95 -8.48 -3.38
C ILE D 55 46.66 -9.28 -2.29
N LYS D 56 45.92 -9.76 -1.29
CA LYS D 56 46.54 -10.50 -0.20
C LYS D 56 46.44 -12.01 -0.34
N GLU D 57 45.31 -12.53 -0.81
CA GLU D 57 45.03 -13.96 -0.80
C GLU D 57 45.00 -14.51 -2.21
N ALA D 58 45.05 -15.84 -2.32
CA ALA D 58 44.70 -16.47 -3.60
C ALA D 58 43.24 -16.16 -3.89
N LEU D 59 42.91 -15.93 -5.17
CA LEU D 59 41.59 -15.44 -5.59
C LEU D 59 40.77 -16.57 -6.23
N GLU D 60 39.60 -16.83 -5.68
CA GLU D 60 38.59 -17.63 -6.35
C GLU D 60 38.09 -16.88 -7.58
N LEU D 61 37.70 -17.62 -8.61
CA LEU D 61 37.15 -17.07 -9.85
C LEU D 61 35.63 -17.10 -9.82
N ARG D 62 35.01 -15.95 -10.01
CA ARG D 62 33.58 -15.84 -10.14
C ARG D 62 33.25 -15.45 -11.58
N ASP D 63 32.08 -15.90 -12.05
CA ASP D 63 31.71 -15.60 -13.42
C ASP D 63 31.40 -14.14 -13.62
N LYS D 64 30.85 -13.50 -12.58
CA LYS D 64 30.50 -12.08 -12.63
C LYS D 64 29.40 -11.77 -13.63
N ASP D 65 28.63 -12.76 -14.07
CA ASP D 65 27.50 -12.59 -14.97
C ASP D 65 26.34 -12.07 -14.12
N PRO D 66 25.95 -10.80 -14.24
CA PRO D 66 24.92 -10.27 -13.31
C PRO D 66 23.58 -10.96 -13.45
N LYS D 67 23.34 -11.64 -14.58
CA LYS D 67 22.06 -12.27 -14.87
C LYS D 67 21.84 -13.55 -14.09
N ARG D 68 22.85 -13.97 -13.34
CA ARG D 68 22.88 -15.28 -12.71
C ARG D 68 23.53 -15.17 -11.34
N TYR D 69 22.76 -15.35 -10.27
CA TYR D 69 23.33 -15.36 -8.92
C TYR D 69 24.14 -14.10 -8.61
N GLN D 70 23.76 -12.95 -9.14
CA GLN D 70 24.46 -11.68 -8.89
CA GLN D 70 24.45 -11.70 -8.85
C GLN D 70 25.94 -11.80 -9.22
N GLY D 71 26.25 -12.56 -10.27
CA GLY D 71 27.60 -12.69 -10.76
C GLY D 71 28.47 -13.68 -10.01
N LYS D 72 27.88 -14.47 -9.10
CA LYS D 72 28.66 -15.34 -8.25
C LYS D 72 28.70 -16.79 -8.75
N GLY D 73 28.21 -17.05 -9.96
CA GLY D 73 28.38 -18.38 -10.56
C GLY D 73 29.84 -18.78 -10.67
N VAL D 74 30.08 -20.09 -10.74
CA VAL D 74 31.46 -20.58 -10.87
C VAL D 74 31.53 -21.51 -12.07
N LEU D 75 30.72 -21.23 -13.08
CA LEU D 75 30.75 -22.02 -14.31
C LEU D 75 32.07 -21.86 -15.06
N GLN D 76 32.66 -20.67 -15.00
CA GLN D 76 33.96 -20.50 -15.66
C GLN D 76 35.04 -21.33 -14.96
N ALA D 77 35.04 -21.34 -13.63
CA ALA D 77 35.96 -22.19 -12.89
C ALA D 77 35.74 -23.66 -13.26
N ILE D 78 34.46 -24.07 -13.32
CA ILE D 78 34.16 -25.44 -13.72
C ILE D 78 34.71 -25.73 -15.10
N SER D 79 34.51 -24.81 -16.04
CA SER D 79 35.07 -24.97 -17.36
C SER D 79 36.60 -25.06 -17.33
N ASN D 80 37.26 -24.27 -16.47
CA ASN D 80 38.71 -24.35 -16.36
C ASN D 80 39.17 -25.71 -15.84
N VAL D 81 38.47 -26.26 -14.84
CA VAL D 81 38.79 -27.63 -14.41
C VAL D 81 38.66 -28.57 -15.60
N GLU D 82 37.55 -28.50 -16.32
CA GLU D 82 37.27 -29.54 -17.32
C GLU D 82 38.11 -29.36 -18.57
N LYS D 83 38.47 -28.13 -18.94
CA LYS D 83 39.15 -27.88 -20.21
C LYS D 83 40.64 -27.54 -20.09
N VAL D 84 41.10 -27.05 -18.96
CA VAL D 84 42.51 -26.71 -18.78
C VAL D 84 43.19 -27.72 -17.88
N LEU D 85 42.60 -27.99 -16.72
CA LEU D 85 43.29 -28.84 -15.76
C LEU D 85 43.28 -30.32 -16.14
N VAL D 86 42.21 -30.80 -16.77
CA VAL D 86 42.12 -32.20 -17.16
C VAL D 86 43.27 -32.53 -18.13
N PRO D 87 43.41 -31.85 -19.27
CA PRO D 87 44.54 -32.20 -20.16
C PRO D 87 45.91 -32.04 -19.50
N ALA D 88 46.09 -31.08 -18.59
CA ALA D 88 47.39 -30.90 -17.96
C ALA D 88 47.70 -32.02 -16.98
N LEU D 89 46.68 -32.65 -16.41
CA LEU D 89 46.87 -33.64 -15.36
C LEU D 89 46.66 -35.08 -15.83
N GLN D 90 46.07 -35.29 -17.00
CA GLN D 90 45.81 -36.66 -17.39
C GLN D 90 47.12 -37.42 -17.53
N GLY D 91 47.12 -38.69 -17.15
CA GLY D 91 48.31 -39.50 -17.24
C GLY D 91 49.22 -39.42 -16.04
N PHE D 92 49.10 -38.38 -15.22
CA PHE D 92 49.95 -38.24 -14.02
C PHE D 92 49.45 -39.14 -12.90
N SER D 93 50.40 -39.59 -12.09
CA SER D 93 50.07 -40.50 -11.01
C SER D 93 49.13 -39.84 -10.02
N VAL D 94 48.11 -40.58 -9.61
CA VAL D 94 47.16 -40.04 -8.64
C VAL D 94 47.85 -39.77 -7.30
N PHE D 95 48.99 -40.42 -7.06
CA PHE D 95 49.69 -40.27 -5.80
C PHE D 95 50.68 -39.11 -5.79
N ASP D 96 50.97 -38.50 -6.93
CA ASP D 96 52.00 -37.44 -6.96
C ASP D 96 51.34 -36.08 -6.72
N GLN D 97 50.96 -35.87 -5.44
CA GLN D 97 50.19 -34.69 -5.04
C GLN D 97 50.92 -33.40 -5.34
N ILE D 98 52.21 -33.34 -4.94
CA ILE D 98 53.02 -32.14 -5.11
C ILE D 98 53.20 -31.86 -6.60
N THR D 99 53.43 -32.90 -7.40
CA THR D 99 53.59 -32.72 -8.86
C THR D 99 52.31 -32.14 -9.47
N ALA D 100 51.15 -32.66 -9.09
CA ALA D 100 49.89 -32.15 -9.64
C ALA D 100 49.62 -30.72 -9.19
N ASP D 101 49.85 -30.43 -7.92
CA ASP D 101 49.64 -29.06 -7.46
C ASP D 101 50.57 -28.11 -8.20
N ALA D 102 51.82 -28.52 -8.42
CA ALA D 102 52.74 -27.67 -9.18
C ALA D 102 52.26 -27.47 -10.61
N ILE D 103 51.76 -28.52 -11.27
CA ILE D 103 51.24 -28.39 -12.62
C ILE D 103 50.08 -27.40 -12.68
N MET D 104 49.17 -27.46 -11.71
CA MET D 104 48.06 -26.52 -11.72
C MET D 104 48.57 -25.11 -11.49
N ILE D 105 49.51 -24.94 -10.57
CA ILE D 105 50.07 -23.63 -10.31
C ILE D 105 50.71 -23.07 -11.57
N ASP D 106 51.50 -23.89 -12.27
CA ASP D 106 52.14 -23.42 -13.50
CA ASP D 106 52.13 -23.38 -13.47
C ASP D 106 51.11 -23.18 -14.59
N ALA D 107 50.08 -24.05 -14.67
CA ALA D 107 49.07 -23.87 -15.71
C ALA D 107 48.34 -22.55 -15.54
N ASP D 108 48.12 -22.12 -14.30
CA ASP D 108 47.50 -20.84 -14.03
C ASP D 108 48.46 -19.68 -14.28
N GLY D 109 49.70 -19.78 -13.80
CA GLY D 109 50.73 -18.82 -14.15
C GLY D 109 50.74 -17.51 -13.38
N THR D 110 49.79 -17.30 -12.46
CA THR D 110 49.79 -16.05 -11.72
C THR D 110 50.04 -16.32 -10.23
N PRO D 111 50.57 -15.33 -9.53
CA PRO D 111 50.88 -15.54 -8.11
C PRO D 111 49.66 -15.84 -7.25
N ASN D 112 48.52 -15.22 -7.55
CA ASN D 112 47.31 -15.39 -6.74
C ASN D 112 46.27 -16.32 -7.39
N LYS D 113 46.67 -17.11 -8.41
CA LYS D 113 45.76 -18.10 -9.00
C LYS D 113 44.49 -17.44 -9.56
N GLU D 114 44.59 -16.19 -10.01
CA GLU D 114 43.40 -15.47 -10.40
C GLU D 114 42.93 -15.81 -11.81
N LYS D 115 43.77 -16.43 -12.66
CA LYS D 115 43.35 -16.73 -14.03
C LYS D 115 42.42 -17.93 -14.09
N LEU D 116 42.86 -19.06 -13.56
CA LEU D 116 42.01 -20.25 -13.53
C LEU D 116 41.11 -20.29 -12.31
N GLY D 117 41.49 -19.63 -11.22
CA GLY D 117 40.70 -19.59 -10.00
C GLY D 117 41.24 -20.50 -8.92
N ALA D 118 41.46 -19.93 -7.73
CA ALA D 118 41.95 -20.72 -6.62
C ALA D 118 40.93 -21.78 -6.22
N ASN D 119 39.65 -21.50 -6.49
CA ASN D 119 38.60 -22.47 -6.21
C ASN D 119 38.66 -23.66 -7.15
N ALA D 120 38.96 -23.41 -8.43
CA ALA D 120 39.18 -24.52 -9.36
C ALA D 120 40.37 -25.37 -8.94
N ILE D 121 41.47 -24.71 -8.58
CA ILE D 121 42.70 -25.44 -8.29
C ILE D 121 42.58 -26.20 -6.97
N LEU D 122 42.04 -25.53 -5.93
CA LEU D 122 41.90 -26.22 -4.66
C LEU D 122 40.93 -27.39 -4.76
N GLY D 123 39.84 -27.22 -5.49
CA GLY D 123 38.90 -28.34 -5.67
C GLY D 123 39.59 -29.58 -6.24
N VAL D 124 40.38 -29.40 -7.29
CA VAL D 124 41.13 -30.53 -7.84
C VAL D 124 42.13 -31.05 -6.81
N SER D 125 42.82 -30.15 -6.13
CA SER D 125 43.86 -30.59 -5.19
C SER D 125 43.26 -31.51 -4.14
N LEU D 126 42.08 -31.11 -3.60
CA LEU D 126 41.47 -31.90 -2.54
C LEU D 126 40.92 -33.21 -3.09
N ALA D 127 40.27 -33.18 -4.24
CA ALA D 127 39.66 -34.40 -4.74
C ALA D 127 40.72 -35.42 -5.14
N LEU D 128 41.84 -34.95 -5.65
CA LEU D 128 42.95 -35.83 -6.01
C LEU D 128 43.48 -36.59 -4.80
N ALA D 129 43.71 -35.87 -3.70
CA ALA D 129 44.17 -36.51 -2.47
C ALA D 129 43.17 -37.55 -2.02
N LYS D 130 41.89 -37.23 -2.12
CA LYS D 130 40.86 -38.20 -1.74
C LYS D 130 40.85 -39.37 -2.70
N ALA D 131 41.01 -39.10 -3.99
CA ALA D 131 41.06 -40.21 -4.96
C ALA D 131 42.21 -41.15 -4.62
N ALA D 132 43.36 -40.58 -4.26
CA ALA D 132 44.53 -41.36 -3.91
C ALA D 132 44.27 -42.21 -2.67
N ALA D 133 43.70 -41.58 -1.64
CA ALA D 133 43.43 -42.29 -0.39
C ALA D 133 42.43 -43.42 -0.61
N ASN D 134 41.37 -43.14 -1.38
CA ASN D 134 40.37 -44.14 -1.72
C ASN D 134 40.98 -45.26 -2.55
N THR D 135 41.90 -44.93 -3.45
CA THR D 135 42.60 -45.94 -4.23
C THR D 135 43.36 -46.89 -3.32
N LEU D 136 44.04 -46.37 -2.31
CA LEU D 136 44.71 -47.24 -1.35
C LEU D 136 43.76 -47.80 -0.29
N GLN D 137 42.51 -47.35 -0.27
CA GLN D 137 41.61 -47.67 0.83
C GLN D 137 42.25 -47.33 2.17
N ARG D 138 42.86 -46.14 2.24
CA ARG D 138 43.45 -45.62 3.46
C ARG D 138 42.72 -44.36 3.88
N PRO D 139 42.59 -44.12 5.17
CA PRO D 139 41.96 -42.89 5.62
C PRO D 139 42.73 -41.69 5.10
N LEU D 140 42.00 -40.63 4.74
CA LEU D 140 42.62 -39.45 4.16
C LEU D 140 43.71 -38.85 5.06
N TYR D 141 43.46 -38.76 6.37
CA TYR D 141 44.45 -38.13 7.25
C TYR D 141 45.73 -38.95 7.35
N ARG D 142 45.64 -40.28 7.19
CA ARG D 142 46.84 -41.10 7.18
C ARG D 142 47.59 -41.00 5.85
N TYR D 143 46.87 -40.91 4.72
CA TYR D 143 47.50 -40.70 3.42
C TYR D 143 48.21 -39.36 3.39
N LEU D 144 47.56 -38.31 3.88
CA LEU D 144 48.16 -36.97 3.84
C LEU D 144 49.26 -36.80 4.90
N GLY D 145 49.06 -37.37 6.07
CA GLY D 145 49.95 -37.08 7.18
C GLY D 145 50.87 -38.21 7.57
N GLY D 146 50.71 -39.39 6.97
CA GLY D 146 51.53 -40.54 7.31
C GLY D 146 50.99 -41.25 8.54
N SER D 147 51.66 -42.34 8.87
CA SER D 147 51.21 -43.29 9.86
C SER D 147 51.26 -42.76 11.29
N PHE D 148 51.74 -41.54 11.53
CA PHE D 148 51.80 -40.96 12.86
C PHE D 148 50.88 -39.75 13.00
N SER D 149 50.04 -39.53 12.02
CA SER D 149 48.86 -38.69 12.14
C SER D 149 48.00 -39.27 13.26
N HIS D 150 47.88 -38.58 14.41
CA HIS D 150 47.03 -39.13 15.45
C HIS D 150 46.44 -38.16 16.49
N VAL D 151 46.77 -36.88 16.39
CA VAL D 151 46.35 -35.89 17.39
C VAL D 151 45.02 -35.31 16.97
N LEU D 152 44.03 -35.43 17.84
CA LEU D 152 42.77 -34.71 17.63
C LEU D 152 42.90 -33.28 18.16
N PRO D 153 42.37 -32.29 17.46
CA PRO D 153 42.58 -30.90 17.87
C PRO D 153 41.58 -30.45 18.91
N CYS D 154 42.05 -29.58 19.77
CA CYS D 154 41.17 -28.84 20.67
C CYS D 154 40.45 -27.75 19.87
N PRO D 155 39.13 -27.74 19.83
CA PRO D 155 38.44 -26.72 19.05
C PRO D 155 38.30 -25.40 19.81
N MET D 156 38.27 -24.32 19.04
CA MET D 156 37.76 -23.04 19.52
C MET D 156 36.40 -22.81 18.88
N MET D 157 35.39 -22.74 19.71
CA MET D 157 34.00 -22.85 19.28
C MET D 157 33.30 -21.51 19.43
N ASN D 158 32.90 -20.96 18.30
CA ASN D 158 32.12 -19.74 18.28
C ASN D 158 30.84 -19.91 19.08
N LEU D 159 30.54 -18.87 19.89
CA LEU D 159 29.22 -18.81 20.54
C LEU D 159 28.54 -17.47 20.39
N ILE D 160 29.30 -16.39 20.43
CA ILE D 160 28.71 -15.07 20.42
C ILE D 160 29.46 -14.24 19.40
N ASN D 161 28.72 -13.46 18.63
CA ASN D 161 29.26 -12.67 17.54
C ASN D 161 29.03 -11.19 17.78
N GLY D 162 29.95 -10.42 17.25
CA GLY D 162 29.85 -8.99 17.34
C GLY D 162 30.50 -8.31 16.18
N GLY D 163 30.87 -7.04 16.38
CA GLY D 163 31.54 -6.25 15.37
C GLY D 163 30.75 -6.19 14.08
N MET D 164 31.46 -6.41 12.97
CA MET D 164 30.84 -6.41 11.66
C MET D 164 29.92 -7.60 11.44
N HIS D 165 30.04 -8.66 12.25
CA HIS D 165 29.18 -9.83 12.17
C HIS D 165 27.95 -9.71 13.09
N ALA D 166 27.54 -8.49 13.45
CA ALA D 166 26.38 -8.32 14.32
C ALA D 166 25.88 -6.88 14.22
N THR D 167 24.79 -6.61 14.93
CA THR D 167 24.24 -5.28 15.09
C THR D 167 24.05 -4.96 16.57
N ASN D 168 24.99 -5.37 17.40
CA ASN D 168 24.99 -5.16 18.83
C ASN D 168 26.08 -4.14 19.18
N GLY D 169 26.38 -4.02 20.47
CA GLY D 169 27.41 -3.11 20.94
C GLY D 169 28.77 -3.74 21.15
N LEU D 170 29.02 -4.92 20.57
CA LEU D 170 30.30 -5.60 20.74
C LEU D 170 31.33 -5.09 19.72
N GLN D 171 32.45 -4.62 20.21
CA GLN D 171 33.53 -4.22 19.32
C GLN D 171 34.19 -5.46 18.67
N PHE D 172 34.50 -6.46 19.48
CA PHE D 172 35.15 -7.65 18.94
C PHE D 172 34.16 -8.48 18.12
N GLN D 173 34.72 -9.29 17.22
CA GLN D 173 33.92 -10.02 16.25
C GLN D 173 33.46 -11.39 16.73
N GLU D 174 34.31 -12.16 17.42
CA GLU D 174 33.90 -13.48 17.87
C GLU D 174 34.35 -13.76 19.29
N PHE D 175 33.48 -14.41 20.04
CA PHE D 175 33.75 -14.88 21.39
C PHE D 175 33.58 -16.40 21.40
N MET D 176 34.63 -17.10 21.82
CA MET D 176 34.73 -18.55 21.65
C MET D 176 35.00 -19.21 22.99
N ILE D 177 34.64 -20.48 23.08
CA ILE D 177 35.06 -21.31 24.20
C ILE D 177 36.03 -22.40 23.69
N ARG D 178 36.89 -22.87 24.58
CA ARG D 178 37.79 -23.98 24.25
C ARG D 178 37.63 -25.02 25.35
N PRO D 179 37.16 -26.25 25.04
CA PRO D 179 36.96 -27.29 26.08
C PRO D 179 38.26 -28.02 26.39
N ILE D 180 39.16 -27.32 27.09
CA ILE D 180 40.52 -27.79 27.30
C ILE D 180 40.63 -29.01 28.22
N SER D 181 39.68 -29.27 29.09
CA SER D 181 39.81 -30.44 29.95
C SER D 181 39.24 -31.71 29.34
N ALA D 182 38.75 -31.65 28.10
CA ALA D 182 38.16 -32.85 27.52
C ALA D 182 39.21 -33.97 27.45
N PRO D 183 38.84 -35.20 27.79
CA PRO D 183 39.78 -36.31 27.60
C PRO D 183 39.80 -36.81 26.18
N SER D 184 38.86 -36.37 25.35
CA SER D 184 38.73 -36.87 23.99
C SER D 184 38.04 -35.80 23.18
N LEU D 185 38.15 -35.92 21.86
CA LEU D 185 37.44 -34.99 21.01
C LEU D 185 35.93 -35.14 21.17
N LYS D 186 35.43 -36.38 21.23
CA LYS D 186 33.97 -36.50 21.33
C LYS D 186 33.45 -35.88 22.62
N GLU D 187 34.20 -35.96 23.72
CA GLU D 187 33.80 -35.26 24.94
C GLU D 187 33.95 -33.76 24.79
N ALA D 188 34.95 -33.29 24.03
CA ALA D 188 35.03 -31.86 23.76
C ALA D 188 33.78 -31.38 23.04
N VAL D 189 33.29 -32.18 22.08
CA VAL D 189 32.09 -31.81 21.34
C VAL D 189 30.89 -31.71 22.28
N ARG D 190 30.73 -32.71 23.17
CA ARG D 190 29.62 -32.66 24.13
C ARG D 190 29.70 -31.42 25.02
N MET D 191 30.90 -31.09 25.52
CA MET D 191 31.04 -29.91 26.36
C MET D 191 30.58 -28.66 25.60
N GLY D 192 31.07 -28.51 24.37
CA GLY D 192 30.68 -27.36 23.57
C GLY D 192 29.19 -27.30 23.35
N ALA D 193 28.57 -28.45 23.03
CA ALA D 193 27.14 -28.51 22.76
C ALA D 193 26.31 -28.19 24.00
N GLU D 194 26.75 -28.63 25.18
CA GLU D 194 26.01 -28.35 26.41
C GLU D 194 26.10 -26.88 26.79
N VAL D 195 27.26 -26.25 26.59
CA VAL D 195 27.39 -24.82 26.87
C VAL D 195 26.55 -24.02 25.89
N PHE D 196 26.61 -24.40 24.60
CA PHE D 196 25.78 -23.77 23.58
C PHE D 196 24.30 -23.83 23.94
N ASN D 197 23.85 -24.99 24.39
CA ASN D 197 22.44 -25.18 24.73
C ASN D 197 22.06 -24.37 25.97
N ALA D 198 22.95 -24.33 26.97
CA ALA D 198 22.67 -23.50 28.13
C ALA D 198 22.58 -22.03 27.71
N LEU D 199 23.46 -21.61 26.81
CA LEU D 199 23.45 -20.23 26.32
C LEU D 199 22.15 -19.94 25.57
N LYS D 200 21.73 -20.87 24.72
CA LYS D 200 20.47 -20.68 24.01
C LYS D 200 19.30 -20.52 24.97
N LYS D 201 19.23 -21.34 26.02
CA LYS D 201 18.11 -21.23 26.95
C LYS D 201 18.22 -19.93 27.76
N ILE D 202 19.44 -19.53 28.13
CA ILE D 202 19.61 -18.24 28.79
C ILE D 202 19.08 -17.12 27.90
N LEU D 203 19.50 -17.12 26.63
CA LEU D 203 19.04 -16.09 25.71
C LEU D 203 17.53 -16.12 25.58
N GLN D 204 16.94 -17.32 25.48
CA GLN D 204 15.50 -17.44 25.37
C GLN D 204 14.81 -16.83 26.59
N ASN D 205 15.28 -17.18 27.78
CA ASN D 205 14.64 -16.72 29.01
C ASN D 205 14.83 -15.22 29.24
N ARG D 206 15.94 -14.65 28.79
CA ARG D 206 16.17 -13.21 28.89
C ARG D 206 15.53 -12.42 27.75
N GLN D 207 14.80 -13.10 26.87
CA GLN D 207 14.16 -12.45 25.74
C GLN D 207 15.18 -11.83 24.78
N LEU D 208 16.34 -12.43 24.63
CA LEU D 208 17.31 -11.95 23.65
C LEU D 208 17.20 -12.78 22.38
N ALA D 209 17.68 -12.20 21.29
CA ALA D 209 17.56 -12.86 19.99
C ALA D 209 18.32 -14.19 19.97
N THR D 210 17.68 -15.22 19.37
CA THR D 210 18.27 -16.55 19.23
C THR D 210 18.44 -17.03 17.80
N GLY D 211 18.08 -16.25 16.79
CA GLY D 211 18.49 -16.57 15.44
C GLY D 211 20.00 -16.65 15.36
N VAL D 212 20.52 -17.52 14.45
CA VAL D 212 21.97 -17.74 14.40
C VAL D 212 22.57 -17.11 13.16
N GLY D 213 23.86 -16.81 13.27
CA GLY D 213 24.64 -16.29 12.16
C GLY D 213 25.28 -17.40 11.34
N ASP D 214 26.19 -16.98 10.46
CA ASP D 214 26.81 -17.89 9.52
C ASP D 214 27.51 -19.05 10.23
N GLU D 215 28.15 -18.76 11.37
CA GLU D 215 28.86 -19.79 12.11
C GLU D 215 27.97 -20.61 13.02
N GLY D 216 26.68 -20.28 13.15
CA GLY D 216 25.76 -21.06 13.94
C GLY D 216 25.65 -20.66 15.37
N GLY D 217 26.30 -19.57 15.76
CA GLY D 217 26.20 -19.01 17.08
C GLY D 217 25.27 -17.81 17.10
N PHE D 218 25.31 -17.10 18.23
CA PHE D 218 24.34 -16.06 18.52
C PHE D 218 24.96 -14.67 18.43
N ALA D 219 24.09 -13.68 18.18
CA ALA D 219 24.47 -12.25 18.17
C ALA D 219 23.45 -11.41 18.95
N PRO D 220 23.26 -11.71 20.23
CA PRO D 220 22.29 -10.95 21.01
C PRO D 220 22.74 -9.50 21.23
N ASN D 221 21.76 -8.66 21.58
CA ASN D 221 22.01 -7.23 21.77
C ASN D 221 22.66 -6.99 23.12
N LEU D 222 23.96 -7.21 23.20
CA LEU D 222 24.77 -6.92 24.37
C LEU D 222 25.54 -5.64 24.14
N ALA D 223 25.92 -4.98 25.25
CA ALA D 223 26.47 -3.63 25.19
C ALA D 223 27.99 -3.54 25.12
N SER D 224 28.73 -4.58 25.52
CA SER D 224 30.19 -4.41 25.56
C SER D 224 30.86 -5.78 25.53
N ASN D 225 32.14 -5.79 25.09
CA ASN D 225 32.89 -7.05 25.06
C ASN D 225 32.82 -7.77 26.41
N ALA D 226 32.92 -7.01 27.50
CA ALA D 226 32.92 -7.63 28.82
C ALA D 226 31.59 -8.30 29.12
N GLU D 227 30.48 -7.68 28.70
CA GLU D 227 29.18 -8.28 28.93
C GLU D 227 29.07 -9.62 28.22
N ALA D 228 29.66 -9.72 27.02
CA ALA D 228 29.68 -10.99 26.31
C ALA D 228 30.55 -12.01 27.01
N LEU D 229 31.72 -11.60 27.51
CA LEU D 229 32.55 -12.55 28.25
C LEU D 229 31.84 -13.02 29.50
N ASP D 230 31.13 -12.12 30.19
CA ASP D 230 30.37 -12.52 31.38
C ASP D 230 29.31 -13.54 31.04
N LEU D 231 28.62 -13.32 29.93
CA LEU D 231 27.56 -14.24 29.51
C LEU D 231 28.13 -15.63 29.24
N LEU D 232 29.30 -15.72 28.58
CA LEU D 232 29.90 -17.03 28.35
C LEU D 232 30.27 -17.72 29.65
N LEU D 233 30.82 -16.96 30.61
CA LEU D 233 31.11 -17.55 31.91
C LEU D 233 29.84 -18.10 32.56
N THR D 234 28.74 -17.35 32.49
CA THR D 234 27.45 -17.83 33.00
C THR D 234 26.99 -19.09 32.27
N ALA D 235 27.11 -19.14 30.94
CA ALA D 235 26.71 -20.33 30.20
C ALA D 235 27.55 -21.55 30.58
N ILE D 236 28.87 -21.35 30.73
CA ILE D 236 29.77 -22.44 31.13
C ILE D 236 29.33 -23.04 32.49
N GLU D 237 29.14 -22.19 33.49
CA GLU D 237 28.75 -22.66 34.82
C GLU D 237 27.37 -23.27 34.80
N THR D 238 26.45 -22.64 34.06
CA THR D 238 25.10 -23.16 33.98
C THR D 238 25.11 -24.58 33.42
N ALA D 239 25.98 -24.86 32.46
CA ALA D 239 26.10 -26.22 31.91
C ALA D 239 26.80 -27.19 32.86
N GLY D 240 27.37 -26.71 33.94
CA GLY D 240 27.95 -27.59 34.93
C GLY D 240 29.45 -27.68 34.88
N PHE D 241 30.11 -26.82 34.12
CA PHE D 241 31.56 -26.84 33.96
C PHE D 241 32.20 -25.65 34.66
N THR D 242 33.49 -25.77 34.94
CA THR D 242 34.18 -24.73 35.67
C THR D 242 35.03 -23.90 34.72
N PRO D 243 34.83 -22.58 34.63
CA PRO D 243 35.68 -21.77 33.74
C PRO D 243 37.13 -21.88 34.20
N ARG D 244 38.04 -21.76 33.24
CA ARG D 244 39.49 -21.90 33.46
C ARG D 244 39.93 -23.36 33.61
N GLU D 245 39.28 -24.13 34.50
CA GLU D 245 39.69 -25.51 34.71
C GLU D 245 39.25 -26.43 33.58
N ASP D 246 38.00 -26.25 33.12
CA ASP D 246 37.37 -27.07 32.10
C ASP D 246 37.30 -26.42 30.73
N ILE D 247 36.94 -25.13 30.71
CA ILE D 247 36.62 -24.37 29.51
C ILE D 247 37.25 -23.00 29.67
N SER D 248 38.02 -22.59 28.67
CA SER D 248 38.65 -21.29 28.62
C SER D 248 37.98 -20.47 27.54
N LEU D 249 38.37 -19.21 27.43
CA LEU D 249 37.78 -18.30 26.47
C LEU D 249 38.80 -17.91 25.41
N ALA D 250 38.30 -17.65 24.21
CA ALA D 250 39.12 -17.18 23.11
C ALA D 250 38.38 -16.07 22.38
N LEU D 251 39.12 -15.09 21.88
CA LEU D 251 38.61 -13.91 21.18
C LEU D 251 39.11 -13.88 19.74
N ASP D 252 38.27 -13.36 18.83
CA ASP D 252 38.72 -12.89 17.51
C ASP D 252 38.30 -11.41 17.42
N CYS D 253 39.24 -10.51 17.68
CA CYS D 253 38.90 -9.10 17.73
C CYS D 253 38.60 -8.53 16.35
N ALA D 254 39.23 -9.10 15.31
CA ALA D 254 39.23 -8.59 13.94
C ALA D 254 39.48 -7.08 13.97
N ALA D 255 40.55 -6.71 14.67
CA ALA D 255 40.79 -5.33 15.03
C ALA D 255 40.98 -4.42 13.82
N SER D 256 41.39 -4.94 12.67
CA SER D 256 41.47 -4.09 11.50
C SER D 256 40.14 -3.41 11.22
N SER D 257 39.04 -4.06 11.59
CA SER D 257 37.72 -3.53 11.24
C SER D 257 37.37 -2.28 12.02
N PHE D 258 38.04 -2.00 13.16
CA PHE D 258 37.81 -0.75 13.88
C PHE D 258 39.12 0.07 14.03
N TYR D 259 40.06 -0.10 13.09
CA TYR D 259 41.33 0.63 13.09
C TYR D 259 41.30 1.70 12.03
N ASN D 260 41.43 2.93 12.47
CA ASN D 260 41.56 4.07 11.58
C ASN D 260 43.02 4.24 11.19
N THR D 261 43.33 3.97 9.92
CA THR D 261 44.71 4.01 9.47
C THR D 261 45.29 5.42 9.47
N GLN D 262 44.47 6.43 9.25
CA GLN D 262 44.99 7.79 9.23
C GLN D 262 45.35 8.29 10.63
N ASP D 263 44.42 8.19 11.58
CA ASP D 263 44.64 8.62 12.96
C ASP D 263 45.42 7.60 13.79
N LYS D 264 45.57 6.37 13.29
CA LYS D 264 46.22 5.28 14.03
C LYS D 264 45.56 5.03 15.39
N THR D 265 44.24 4.85 15.36
CA THR D 265 43.43 4.64 16.55
C THR D 265 42.47 3.50 16.36
N TYR D 266 42.24 2.78 17.45
CA TYR D 266 41.25 1.70 17.50
C TYR D 266 40.05 2.28 18.27
N ASP D 267 39.04 2.73 17.54
CA ASP D 267 37.92 3.47 18.13
C ASP D 267 38.44 4.53 19.11
N GLY D 268 39.38 5.33 18.62
CA GLY D 268 39.96 6.41 19.38
C GLY D 268 41.18 6.05 20.20
N LYS D 269 41.51 4.78 20.33
CA LYS D 269 42.54 4.39 21.28
C LYS D 269 43.84 4.11 20.55
N SER D 270 44.96 4.53 21.17
CA SER D 270 46.26 4.16 20.63
C SER D 270 46.44 2.66 20.72
N TYR D 271 47.42 2.15 19.98
CA TYR D 271 47.67 0.72 20.03
C TYR D 271 48.18 0.32 21.41
N ALA D 272 48.90 1.21 22.09
CA ALA D 272 49.29 0.93 23.47
C ALA D 272 48.06 0.85 24.37
N ASP D 273 47.09 1.74 24.15
CA ASP D 273 45.83 1.66 24.89
C ASP D 273 45.12 0.36 24.59
N GLN D 274 45.05 -0.02 23.31
CA GLN D 274 44.38 -1.25 22.92
C GLN D 274 45.07 -2.46 23.55
N VAL D 275 46.40 -2.47 23.56
CA VAL D 275 47.12 -3.57 24.22
C VAL D 275 46.79 -3.58 25.71
N GLY D 276 46.73 -2.39 26.32
CA GLY D 276 46.36 -2.33 27.72
C GLY D 276 44.97 -2.89 27.97
N ILE D 277 44.04 -2.65 27.04
CA ILE D 277 42.68 -3.17 27.18
C ILE D 277 42.67 -4.69 27.18
N LEU D 278 43.38 -5.28 26.23
CA LEU D 278 43.44 -6.73 26.13
C LEU D 278 44.11 -7.33 27.35
N ALA D 279 45.19 -6.70 27.84
CA ALA D 279 45.88 -7.24 29.01
C ALA D 279 44.93 -7.25 30.20
N GLU D 280 44.11 -6.20 30.32
CA GLU D 280 43.16 -6.17 31.43
C GLU D 280 42.14 -7.29 31.31
N LEU D 281 41.60 -7.51 30.11
CA LEU D 281 40.66 -8.61 29.90
C LEU D 281 41.29 -9.94 30.27
N CYS D 282 42.55 -10.15 29.89
CA CYS D 282 43.24 -11.40 30.15
C CYS D 282 43.61 -11.56 31.63
N GLU D 283 43.71 -10.46 32.38
CA GLU D 283 43.90 -10.57 33.83
C GLU D 283 42.59 -10.97 34.53
N HIS D 284 41.44 -10.45 34.06
CA HIS D 284 40.19 -10.71 34.76
CA HIS D 284 40.14 -10.66 34.70
C HIS D 284 39.39 -11.87 34.16
N TYR D 285 39.66 -12.29 32.93
CA TYR D 285 38.95 -13.40 32.32
C TYR D 285 39.92 -14.50 31.91
N PRO D 286 39.47 -15.76 31.93
CA PRO D 286 40.32 -16.90 31.51
C PRO D 286 40.40 -17.01 29.98
N ILE D 287 40.90 -15.95 29.36
CA ILE D 287 41.14 -15.89 27.93
C ILE D 287 42.52 -16.49 27.69
N ASP D 288 42.61 -17.53 26.83
CA ASP D 288 43.93 -18.06 26.51
C ASP D 288 44.31 -17.88 25.04
N SER D 289 43.54 -17.11 24.28
CA SER D 289 43.82 -16.96 22.87
C SER D 289 43.14 -15.70 22.35
N ILE D 290 43.90 -14.92 21.61
CA ILE D 290 43.40 -13.68 21.01
C ILE D 290 43.83 -13.73 19.56
N GLU D 291 42.87 -13.60 18.66
CA GLU D 291 43.14 -13.58 17.23
C GLU D 291 42.95 -12.16 16.72
N ASP D 292 43.93 -11.71 15.93
CA ASP D 292 43.90 -10.39 15.32
C ASP D 292 43.52 -9.31 16.36
N GLY D 293 44.23 -9.30 17.49
CA GLY D 293 44.01 -8.28 18.52
C GLY D 293 44.39 -6.87 18.07
N LEU D 294 45.28 -6.75 17.10
CA LEU D 294 45.62 -5.50 16.47
C LEU D 294 45.52 -5.67 14.96
N ALA D 295 45.55 -4.54 14.24
CA ALA D 295 45.25 -4.51 12.81
C ALA D 295 46.35 -5.17 11.96
N GLU D 296 45.97 -5.54 10.74
CA GLU D 296 46.78 -6.40 9.88
C GLU D 296 48.12 -5.79 9.45
N GLU D 297 48.26 -4.47 9.52
CA GLU D 297 49.48 -3.79 9.14
C GLU D 297 50.07 -2.97 10.29
N ASP D 298 49.50 -3.04 11.49
CA ASP D 298 50.00 -2.28 12.64
C ASP D 298 51.14 -3.06 13.29
N PHE D 299 52.32 -2.91 12.70
CA PHE D 299 53.45 -3.75 13.10
C PHE D 299 54.02 -3.27 14.44
N GLU D 300 53.96 -1.97 14.72
CA GLU D 300 54.36 -1.49 16.04
C GLU D 300 53.41 -1.99 17.13
N GLY D 301 52.11 -1.95 16.88
CA GLY D 301 51.17 -2.51 17.84
C GLY D 301 51.43 -3.98 18.11
N TRP D 302 51.58 -4.77 17.03
CA TRP D 302 51.79 -6.20 17.19
C TRP D 302 53.06 -6.49 17.96
N LYS D 303 54.12 -5.72 17.72
CA LYS D 303 55.33 -5.96 18.48
C LYS D 303 55.07 -5.73 19.97
N LEU D 304 54.37 -4.64 20.31
CA LEU D 304 54.03 -4.39 21.70
C LEU D 304 53.12 -5.47 22.29
N LEU D 305 52.09 -5.89 21.53
CA LEU D 305 51.20 -6.96 21.99
C LEU D 305 51.98 -8.25 22.25
N SER D 306 52.93 -8.59 21.36
CA SER D 306 53.73 -9.80 21.55
C SER D 306 54.62 -9.68 22.79
N GLU D 307 55.20 -8.50 22.99
CA GLU D 307 56.04 -8.26 24.17
C GLU D 307 55.24 -8.32 25.48
N THR D 308 53.99 -7.89 25.44
CA THR D 308 53.17 -7.75 26.64
C THR D 308 52.45 -9.05 27.00
N LEU D 309 51.81 -9.68 26.02
CA LEU D 309 50.98 -10.84 26.27
C LEU D 309 51.54 -12.10 25.63
N GLY D 310 52.62 -11.99 24.85
CA GLY D 310 53.14 -13.12 24.11
C GLY D 310 53.72 -14.22 24.97
N ASP D 311 53.89 -13.94 26.26
CA ASP D 311 54.35 -14.91 27.24
C ASP D 311 53.22 -15.56 28.03
N ARG D 312 51.97 -15.20 27.74
CA ARG D 312 50.85 -15.59 28.59
C ARG D 312 49.71 -16.22 27.83
N VAL D 313 49.48 -15.77 26.59
CA VAL D 313 48.31 -16.17 25.83
C VAL D 313 48.72 -16.40 24.38
N GLN D 314 47.96 -17.27 23.73
CA GLN D 314 48.13 -17.49 22.31
C GLN D 314 47.73 -16.21 21.59
N LEU D 315 48.54 -15.80 20.63
CA LEU D 315 48.24 -14.63 19.79
C LEU D 315 48.22 -15.16 18.36
N VAL D 316 47.05 -15.18 17.74
CA VAL D 316 46.82 -15.78 16.43
C VAL D 316 46.85 -14.67 15.40
N GLY D 317 47.63 -14.84 14.33
CA GLY D 317 47.48 -14.04 13.14
C GLY D 317 46.49 -14.68 12.15
N ASP D 318 45.44 -13.93 11.81
CA ASP D 318 44.52 -14.34 10.73
C ASP D 318 44.72 -13.40 9.53
N ASP D 319 44.18 -12.18 9.60
CA ASP D 319 44.46 -11.19 8.56
C ASP D 319 45.95 -10.83 8.51
N LEU D 320 46.68 -11.06 9.62
CA LEU D 320 48.10 -10.74 9.67
C LEU D 320 48.91 -11.58 8.68
N PHE D 321 48.46 -12.80 8.42
CA PHE D 321 49.19 -13.80 7.66
C PHE D 321 48.49 -14.33 6.40
N VAL D 322 47.14 -14.42 6.39
CA VAL D 322 46.31 -14.95 5.30
C VAL D 322 46.89 -16.24 4.69
N THR D 323 47.31 -17.17 5.56
CA THR D 323 47.83 -18.50 5.16
C THR D 323 48.95 -18.37 4.11
N ASN D 324 49.74 -17.30 4.19
CA ASN D 324 50.74 -16.95 3.19
C ASN D 324 52.14 -17.12 3.80
N SER D 325 52.92 -18.07 3.25
CA SER D 325 54.21 -18.44 3.83
C SER D 325 55.20 -17.27 3.88
N ALA D 326 55.17 -16.40 2.87
CA ALA D 326 56.06 -15.25 2.89
C ALA D 326 55.65 -14.27 3.98
N LEU D 327 54.34 -14.05 4.16
CA LEU D 327 53.91 -13.21 5.28
C LEU D 327 54.22 -13.87 6.62
N ILE D 328 53.97 -15.18 6.73
CA ILE D 328 54.23 -15.89 7.98
C ILE D 328 55.71 -15.80 8.31
N ALA D 329 56.58 -15.99 7.32
CA ALA D 329 58.01 -15.96 7.56
C ALA D 329 58.47 -14.58 8.06
N GLU D 330 57.94 -13.50 7.46
CA GLU D 330 58.40 -12.18 7.88
C GLU D 330 57.86 -11.82 9.27
N GLY D 331 56.63 -12.21 9.59
CA GLY D 331 56.13 -12.00 10.94
C GLY D 331 56.94 -12.76 11.97
N ILE D 332 57.29 -14.01 11.64
CA ILE D 332 58.09 -14.82 12.57
C ILE D 332 59.46 -14.17 12.80
N ALA D 333 60.07 -13.63 11.73
CA ALA D 333 61.37 -12.96 11.84
C ALA D 333 61.31 -11.70 12.71
N GLN D 334 60.17 -11.00 12.69
CA GLN D 334 59.98 -9.80 13.52
C GLN D 334 59.41 -10.15 14.91
N GLY D 335 59.11 -11.42 15.17
CA GLY D 335 58.59 -11.86 16.46
C GLY D 335 57.13 -11.57 16.77
N LEU D 336 56.27 -11.65 15.76
CA LEU D 336 54.89 -11.26 15.92
C LEU D 336 54.02 -12.50 16.04
N ALA D 337 53.20 -12.55 17.08
CA ALA D 337 52.21 -13.61 17.23
C ALA D 337 52.85 -14.94 17.59
N ASN D 338 52.06 -15.94 17.91
CA ASN D 338 52.65 -17.24 18.18
C ASN D 338 51.80 -18.37 17.61
N ALA D 339 50.83 -18.03 16.77
CA ALA D 339 50.00 -19.03 16.13
C ALA D 339 49.44 -18.43 14.85
N VAL D 340 49.14 -19.31 13.91
CA VAL D 340 48.74 -18.98 12.55
C VAL D 340 47.42 -19.71 12.25
N LEU D 341 46.45 -19.00 11.75
CA LEU D 341 45.26 -19.61 11.18
C LEU D 341 45.56 -20.16 9.79
N ILE D 342 45.03 -21.35 9.46
CA ILE D 342 45.30 -22.00 8.18
C ILE D 342 43.96 -22.19 7.48
N LYS D 343 43.74 -21.41 6.42
CA LYS D 343 42.52 -21.50 5.60
C LYS D 343 42.97 -22.00 4.24
N PRO D 344 42.80 -23.27 3.93
CA PRO D 344 43.46 -23.82 2.73
C PRO D 344 43.13 -23.09 1.45
N ASN D 345 41.91 -22.56 1.31
CA ASN D 345 41.52 -21.92 0.05
C ASN D 345 42.05 -20.50 -0.09
N GLN D 346 42.68 -19.93 0.96
CA GLN D 346 43.43 -18.68 0.83
C GLN D 346 44.74 -18.86 0.11
N ILE D 347 45.26 -20.06 0.07
CA ILE D 347 46.49 -20.35 -0.64
C ILE D 347 46.24 -21.21 -1.87
N GLY D 348 45.37 -22.22 -1.77
CA GLY D 348 44.78 -22.77 -2.98
C GLY D 348 45.22 -24.17 -3.39
N THR D 349 46.23 -24.75 -2.75
CA THR D 349 46.60 -26.15 -3.01
C THR D 349 46.88 -26.83 -1.68
N LEU D 350 46.77 -28.15 -1.66
CA LEU D 350 47.14 -28.85 -0.44
C LEU D 350 48.63 -28.75 -0.18
N THR D 351 49.43 -28.78 -1.26
CA THR D 351 50.88 -28.74 -1.13
C THR D 351 51.33 -27.46 -0.45
N GLU D 352 50.80 -26.32 -0.88
CA GLU D 352 51.14 -25.05 -0.26
C GLU D 352 50.55 -24.92 1.13
N THR D 353 49.40 -25.54 1.37
CA THR D 353 48.82 -25.54 2.72
C THR D 353 49.73 -26.30 3.65
N ALA D 354 50.20 -27.45 3.20
CA ALA D 354 51.08 -28.27 4.04
C ALA D 354 52.39 -27.54 4.30
N GLU D 355 52.89 -26.81 3.31
CA GLU D 355 54.16 -26.08 3.48
C GLU D 355 54.00 -24.87 4.41
N ALA D 356 52.85 -24.20 4.37
CA ALA D 356 52.58 -23.15 5.35
C ALA D 356 52.58 -23.70 6.77
N ILE D 357 51.94 -24.85 6.97
CA ILE D 357 51.93 -25.47 8.30
C ILE D 357 53.33 -25.84 8.72
N ARG D 358 54.09 -26.50 7.83
CA ARG D 358 55.43 -26.98 8.19
C ARG D 358 56.36 -25.82 8.57
N LEU D 359 56.33 -24.75 7.77
CA LEU D 359 57.24 -23.62 7.97
C LEU D 359 56.87 -22.87 9.25
N ALA D 360 55.58 -22.75 9.57
CA ALA D 360 55.18 -22.12 10.83
C ALA D 360 55.60 -22.98 12.02
N THR D 361 55.39 -24.29 11.93
CA THR D 361 55.58 -25.20 13.03
C THR D 361 57.05 -25.34 13.41
N ILE D 362 57.95 -25.38 12.42
CA ILE D 362 59.35 -25.55 12.76
C ILE D 362 59.93 -24.30 13.40
N GLN D 363 59.24 -23.18 13.29
CA GLN D 363 59.60 -21.96 14.01
C GLN D 363 58.82 -21.79 15.33
N GLY D 364 58.15 -22.83 15.81
CA GLY D 364 57.51 -22.77 17.11
C GLY D 364 56.12 -22.16 17.16
N TYR D 365 55.51 -21.86 16.03
CA TYR D 365 54.14 -21.38 15.98
C TYR D 365 53.17 -22.54 15.97
N ALA D 366 52.09 -22.40 16.71
CA ALA D 366 50.97 -23.31 16.55
C ALA D 366 50.18 -22.95 15.28
N THR D 367 49.52 -23.94 14.72
CA THR D 367 48.66 -23.72 13.56
C THR D 367 47.25 -24.25 13.83
N ILE D 368 46.28 -23.56 13.26
CA ILE D 368 44.86 -23.76 13.55
C ILE D 368 44.15 -23.86 12.22
N LEU D 369 43.66 -25.04 11.88
CA LEU D 369 42.83 -25.15 10.69
C LEU D 369 41.53 -24.38 10.91
N SER D 370 41.07 -23.72 9.86
CA SER D 370 39.92 -22.84 9.96
C SER D 370 38.91 -23.06 8.84
N HIS D 371 37.63 -22.99 9.22
CA HIS D 371 36.55 -22.90 8.25
C HIS D 371 36.53 -21.52 7.61
N ARG D 372 35.60 -21.35 6.65
CA ARG D 372 35.27 -20.06 6.07
C ARG D 372 33.81 -19.73 6.37
N SER D 373 33.44 -18.47 6.19
CA SER D 373 32.05 -18.09 6.45
C SER D 373 31.10 -18.81 5.51
N GLY D 374 31.49 -18.97 4.25
CA GLY D 374 30.72 -19.76 3.30
C GLY D 374 31.28 -21.17 3.23
N GLU D 375 30.67 -22.12 3.93
CA GLU D 375 31.11 -23.51 3.99
C GLU D 375 30.20 -24.44 3.18
N THR D 376 30.59 -25.70 3.18
CA THR D 376 29.84 -26.77 2.52
C THR D 376 29.79 -27.98 3.45
N GLU D 377 29.10 -29.02 2.99
CA GLU D 377 29.07 -30.30 3.65
C GLU D 377 30.43 -31.02 3.57
N ASP D 378 31.41 -30.48 2.85
CA ASP D 378 32.76 -31.07 2.82
C ASP D 378 33.44 -30.93 4.17
N THR D 379 34.15 -31.98 4.61
CA THR D 379 34.78 -31.99 5.95
C THR D 379 36.30 -32.13 5.90
N THR D 380 36.92 -31.81 4.75
CA THR D 380 38.37 -32.02 4.58
C THR D 380 39.23 -31.35 5.64
N ILE D 381 38.81 -30.19 6.18
CA ILE D 381 39.68 -29.52 7.12
C ILE D 381 39.81 -30.31 8.41
N ALA D 382 38.84 -31.17 8.72
CA ALA D 382 38.99 -32.08 9.85
C ALA D 382 40.11 -33.07 9.60
N ASP D 383 40.10 -33.72 8.45
CA ASP D 383 41.20 -34.62 8.11
C ASP D 383 42.53 -33.88 8.10
N LEU D 384 42.53 -32.63 7.65
CA LEU D 384 43.80 -31.91 7.60
C LEU D 384 44.33 -31.62 9.00
N ALA D 385 43.46 -31.26 9.95
CA ALA D 385 43.93 -30.97 11.31
C ALA D 385 44.57 -32.20 11.94
N VAL D 386 44.00 -33.36 11.68
CA VAL D 386 44.57 -34.59 12.21
C VAL D 386 45.81 -34.99 11.41
N ALA D 387 45.74 -34.89 10.08
CA ALA D 387 46.85 -35.29 9.24
C ALA D 387 48.17 -34.65 9.68
N PHE D 388 48.13 -33.37 10.04
CA PHE D 388 49.29 -32.59 10.41
C PHE D 388 49.42 -32.40 11.91
N ASN D 389 48.61 -33.11 12.69
CA ASN D 389 48.69 -33.07 14.15
C ASN D 389 48.69 -31.64 14.71
N THR D 390 47.84 -30.77 14.17
CA THR D 390 47.91 -29.35 14.54
C THR D 390 47.47 -29.08 15.98
N GLY D 391 46.61 -29.92 16.54
CA GLY D 391 46.20 -29.72 17.92
C GLY D 391 45.13 -28.66 18.15
N GLN D 392 44.70 -27.96 17.09
CA GLN D 392 43.69 -26.93 17.21
C GLN D 392 42.90 -26.83 15.92
N ILE D 393 41.63 -26.48 16.04
CA ILE D 393 40.80 -26.27 14.86
C ILE D 393 39.79 -25.19 15.21
N LYS D 394 39.34 -24.46 14.17
CA LYS D 394 38.34 -23.42 14.32
C LYS D 394 37.28 -23.66 13.23
N THR D 395 36.15 -24.27 13.60
CA THR D 395 35.19 -24.66 12.58
C THR D 395 33.75 -24.39 13.01
N GLY D 396 33.54 -23.50 13.95
CA GLY D 396 32.23 -22.90 14.10
C GLY D 396 31.56 -23.21 15.41
N SER D 397 30.31 -22.80 15.49
CA SER D 397 29.49 -23.00 16.66
C SER D 397 28.91 -24.43 16.64
N LEU D 398 27.95 -24.70 17.53
CA LEU D 398 27.37 -26.02 17.67
C LEU D 398 25.97 -26.10 17.05
N SER D 399 25.74 -25.35 15.98
CA SER D 399 24.52 -25.53 15.19
C SER D 399 24.90 -25.26 13.75
N ARG D 400 24.05 -25.73 12.82
CA ARG D 400 24.29 -25.66 11.37
C ARG D 400 25.28 -26.74 10.92
N SER D 401 24.85 -27.63 10.01
CA SER D 401 25.61 -28.84 9.71
C SER D 401 26.87 -28.61 8.88
N GLU D 402 27.01 -27.48 8.16
CA GLU D 402 28.32 -27.20 7.57
C GLU D 402 29.40 -26.94 8.63
N ARG D 403 28.98 -26.63 9.87
CA ARG D 403 29.93 -26.61 10.97
C ARG D 403 29.92 -27.95 11.70
N ILE D 404 28.73 -28.38 12.14
CA ILE D 404 28.63 -29.64 12.88
C ILE D 404 29.29 -30.78 12.10
N ALA D 405 29.16 -30.79 10.77
CA ALA D 405 29.72 -31.93 10.02
C ALA D 405 31.22 -32.10 10.21
N LYS D 406 31.95 -31.00 10.44
CA LYS D 406 33.37 -31.12 10.75
C LYS D 406 33.59 -31.80 12.11
N TYR D 407 32.77 -31.48 13.10
CA TYR D 407 32.91 -32.14 14.39
C TYR D 407 32.54 -33.61 14.31
N ASN D 408 31.51 -33.93 13.52
CA ASN D 408 31.12 -35.32 13.30
C ASN D 408 32.26 -36.10 12.66
N ARG D 409 32.95 -35.47 11.69
CA ARG D 409 34.06 -36.12 11.03
C ARG D 409 35.22 -36.32 11.99
N LEU D 410 35.52 -35.31 12.82
CA LEU D 410 36.55 -35.49 13.83
C LEU D 410 36.21 -36.64 14.76
N MET D 411 34.93 -36.78 15.14
CA MET D 411 34.58 -37.88 16.02
C MET D 411 34.75 -39.21 15.32
N ALA D 412 34.41 -39.29 14.01
CA ALA D 412 34.64 -40.52 13.25
C ALA D 412 36.12 -40.87 13.16
N ILE D 413 36.97 -39.88 12.92
CA ILE D 413 38.41 -40.10 12.90
C ILE D 413 38.90 -40.66 14.24
N GLU D 414 38.48 -40.04 15.33
CA GLU D 414 38.92 -40.48 16.66
C GLU D 414 38.50 -41.90 16.94
N GLU D 415 37.26 -42.24 16.63
CA GLU D 415 36.78 -43.61 16.81
C GLU D 415 37.55 -44.58 15.92
N GLU D 416 37.75 -44.20 14.65
CA GLU D 416 38.47 -45.04 13.70
C GLU D 416 39.88 -45.37 14.21
N MET D 417 40.52 -44.42 14.88
CA MET D 417 41.87 -44.63 15.37
C MET D 417 41.95 -45.48 16.62
N GLY D 418 40.84 -45.71 17.33
CA GLY D 418 40.86 -46.50 18.54
C GLY D 418 41.92 -46.05 19.52
N PRO D 419 42.81 -46.97 19.91
CA PRO D 419 43.83 -46.62 20.92
C PRO D 419 44.89 -45.65 20.42
N GLU D 420 45.02 -45.40 19.11
CA GLU D 420 46.06 -44.51 18.60
C GLU D 420 45.67 -43.04 18.75
N ALA D 421 44.42 -42.78 19.06
CA ALA D 421 43.91 -41.42 19.08
C ALA D 421 44.42 -40.70 20.31
N LEU D 422 44.75 -39.41 20.15
CA LEU D 422 45.15 -38.56 21.28
C LEU D 422 44.54 -37.18 21.08
N PHE D 423 43.68 -36.78 22.01
CA PHE D 423 43.19 -35.41 22.07
C PHE D 423 44.22 -34.55 22.77
N GLN D 424 44.70 -33.49 22.12
CA GLN D 424 45.75 -32.68 22.73
C GLN D 424 45.75 -31.25 22.19
N ASP D 425 45.48 -30.29 23.07
CA ASP D 425 45.56 -28.87 22.72
C ASP D 425 47.00 -28.45 22.40
N SER D 426 47.17 -27.72 21.29
CA SER D 426 48.49 -27.23 20.90
C SER D 426 48.76 -25.80 21.32
N ASN D 427 47.81 -25.14 21.99
CA ASN D 427 48.00 -23.80 22.48
C ASN D 427 49.31 -23.73 23.26
N PRO D 428 50.28 -22.88 22.85
CA PRO D 428 51.56 -22.82 23.56
C PRO D 428 51.43 -22.65 25.07
N PHE D 429 50.30 -22.12 25.54
CA PHE D 429 50.09 -21.90 26.96
C PHE D 429 49.00 -22.76 27.56
N SER D 430 48.82 -23.97 27.01
CA SER D 430 47.85 -24.93 27.55
C SER D 430 48.29 -25.32 28.95
N LYS D 431 47.36 -25.27 29.91
CA LYS D 431 47.69 -25.55 31.32
C LYS D 431 47.47 -27.03 31.62
N ALA D 432 48.15 -27.85 30.81
CA ALA D 432 47.94 -29.27 30.81
C ALA D 432 49.30 -29.98 30.90
N ASP E 11 -27.87 41.34 41.78
CA ASP E 11 -27.84 40.38 40.70
C ASP E 11 -26.38 40.23 40.22
N VAL E 12 -25.97 38.99 40.13
CA VAL E 12 -24.58 38.62 39.91
C VAL E 12 -24.37 38.35 38.43
N VAL E 13 -23.36 38.98 37.84
CA VAL E 13 -23.13 38.91 36.41
C VAL E 13 -21.72 38.43 36.09
N ILE E 14 -21.56 37.96 34.85
CA ILE E 14 -20.26 37.49 34.37
C ILE E 14 -19.34 38.69 34.20
N SER E 15 -18.20 38.64 34.84
CA SER E 15 -17.24 39.73 34.77
C SER E 15 -16.03 39.43 33.91
N ASP E 16 -15.45 38.25 34.04
CA ASP E 16 -14.28 37.90 33.22
C ASP E 16 -14.21 36.40 33.04
N ILE E 17 -13.48 35.97 32.01
CA ILE E 17 -13.23 34.54 31.80
C ILE E 17 -11.75 34.34 31.48
N GLU E 18 -11.12 33.43 32.23
CA GLU E 18 -9.74 33.05 32.00
C GLU E 18 -9.70 31.61 31.55
N ALA E 19 -8.72 31.28 30.71
CA ALA E 19 -8.50 29.94 30.22
C ALA E 19 -7.00 29.67 30.16
N ARG E 20 -6.64 28.42 30.39
CA ARG E 20 -5.26 28.00 30.35
C ARG E 20 -5.19 26.59 29.78
N GLU E 21 -4.01 26.27 29.29
CA GLU E 21 -3.70 25.01 28.65
C GLU E 21 -3.15 24.05 29.70
N ILE E 22 -3.79 22.90 29.83
CA ILE E 22 -3.31 21.86 30.73
C ILE E 22 -3.06 20.61 29.90
N LEU E 23 -2.62 19.52 30.54
CA LEU E 23 -2.60 18.23 29.86
C LEU E 23 -3.74 17.35 30.36
N ASP E 24 -4.28 16.55 29.45
CA ASP E 24 -5.25 15.52 29.81
C ASP E 24 -4.51 14.25 30.24
N SER E 25 -5.28 13.23 30.58
CA SER E 25 -4.73 12.02 31.19
C SER E 25 -3.94 11.17 30.22
N ARG E 26 -3.94 11.49 28.94
CA ARG E 26 -3.13 10.81 27.95
C ARG E 26 -1.88 11.60 27.56
N GLY E 27 -1.73 12.81 28.08
CA GLY E 27 -0.56 13.62 27.81
C GLY E 27 -0.74 14.61 26.68
N TYR E 28 -1.97 14.90 26.31
CA TYR E 28 -2.23 15.83 25.22
C TYR E 28 -2.91 17.07 25.77
N PRO E 29 -2.68 18.23 25.14
CA PRO E 29 -3.28 19.47 25.64
C PRO E 29 -4.80 19.43 25.70
N THR E 30 -5.34 20.10 26.71
CA THR E 30 -6.72 20.56 26.71
C THR E 30 -6.76 21.85 27.52
N LEU E 31 -7.95 22.37 27.77
CA LEU E 31 -8.07 23.63 28.47
C LEU E 31 -8.94 23.51 29.70
N CYS E 32 -8.60 24.35 30.68
CA CYS E 32 -9.43 24.61 31.84
CA CYS E 32 -9.44 24.60 31.84
C CYS E 32 -9.85 26.06 31.79
N VAL E 33 -11.05 26.31 32.25
CA VAL E 33 -11.67 27.61 32.10
C VAL E 33 -12.16 28.05 33.46
N LYS E 34 -11.95 29.31 33.77
CA LYS E 34 -12.43 29.91 35.01
C LYS E 34 -13.33 31.11 34.68
N VAL E 35 -14.58 31.03 35.12
CA VAL E 35 -15.54 32.11 34.95
C VAL E 35 -15.60 32.86 36.26
N ILE E 36 -15.46 34.18 36.20
CA ILE E 36 -15.36 35.04 37.38
C ILE E 36 -16.50 36.06 37.35
N THR E 37 -17.19 36.20 38.49
CA THR E 37 -18.30 37.12 38.57
C THR E 37 -17.87 38.49 39.07
N ASN E 38 -18.82 39.45 38.98
CA ASN E 38 -18.54 40.80 39.46
C ASN E 38 -18.44 40.88 40.97
N THR E 39 -18.88 39.86 41.70
CA THR E 39 -18.63 39.82 43.14
C THR E 39 -17.32 39.09 43.47
N GLY E 40 -16.62 38.56 42.48
CA GLY E 40 -15.41 37.81 42.77
C GLY E 40 -15.60 36.33 43.04
N THR E 41 -16.81 35.82 43.04
CA THR E 41 -16.99 34.37 43.02
C THR E 41 -16.55 33.83 41.68
N PHE E 42 -16.26 32.54 41.62
CA PHE E 42 -15.81 31.94 40.37
C PHE E 42 -16.11 30.45 40.33
N GLY E 43 -16.01 29.89 39.12
CA GLY E 43 -16.02 28.46 38.93
C GLY E 43 -14.99 28.08 37.87
N GLU E 44 -14.44 26.88 38.02
CA GLU E 44 -13.42 26.40 37.09
C GLU E 44 -13.78 25.00 36.63
N ALA E 45 -13.61 24.73 35.34
CA ALA E 45 -13.88 23.41 34.79
C ALA E 45 -12.89 23.13 33.67
N CYS E 46 -12.56 21.85 33.50
CA CYS E 46 -11.67 21.41 32.43
C CYS E 46 -12.42 20.50 31.48
N VAL E 47 -11.91 20.41 30.26
CA VAL E 47 -12.64 19.85 29.12
C VAL E 47 -11.96 18.56 28.70
N PRO E 48 -12.70 17.47 28.50
CA PRO E 48 -12.09 16.23 28.01
C PRO E 48 -11.88 16.27 26.49
N SER E 49 -11.28 15.21 25.96
CA SER E 49 -10.84 15.17 24.57
C SER E 49 -11.93 14.66 23.66
N GLY E 50 -12.08 15.33 22.50
CA GLY E 50 -13.12 15.00 21.52
C GLY E 50 -12.64 14.75 20.09
N ILE E 55 -16.91 13.51 12.00
CA ILE E 55 -17.86 14.23 11.17
C ILE E 55 -18.96 14.78 12.08
N LYS E 56 -19.58 13.87 12.87
CA LYS E 56 -20.87 14.14 13.52
C LYS E 56 -20.73 14.91 14.83
N GLU E 57 -19.67 14.68 15.61
CA GLU E 57 -19.64 15.37 16.89
C GLU E 57 -19.42 16.88 16.71
N ALA E 58 -19.74 17.63 17.76
CA ALA E 58 -19.24 19.00 17.85
C ALA E 58 -17.71 18.95 17.82
N LEU E 59 -17.09 19.97 17.24
CA LEU E 59 -15.66 19.89 16.94
C LEU E 59 -14.81 20.66 17.96
N GLU E 60 -13.89 19.96 18.61
CA GLU E 60 -12.87 20.64 19.39
C GLU E 60 -11.86 21.30 18.45
N LEU E 61 -11.41 22.48 18.84
CA LEU E 61 -10.43 23.24 18.07
C LEU E 61 -9.03 22.93 18.60
N ARG E 62 -8.16 22.47 17.71
CA ARG E 62 -6.73 22.28 17.97
C ARG E 62 -5.93 23.26 17.14
N ASP E 63 -4.74 23.63 17.63
CA ASP E 63 -3.95 24.68 16.97
C ASP E 63 -3.34 24.22 15.65
N LYS E 64 -2.97 22.94 15.54
CA LYS E 64 -2.36 22.40 14.34
C LYS E 64 -0.96 22.96 14.08
N ASP E 65 -0.29 23.47 15.09
CA ASP E 65 1.08 23.94 14.97
C ASP E 65 2.02 22.75 15.11
N PRO E 66 2.71 22.35 14.03
CA PRO E 66 3.56 21.15 14.11
C PRO E 66 4.71 21.27 15.07
N LYS E 67 5.12 22.48 15.45
CA LYS E 67 6.26 22.67 16.34
C LYS E 67 5.88 22.51 17.81
N ARG E 68 4.60 22.29 18.10
CA ARG E 68 4.08 22.30 19.46
C ARG E 68 3.10 21.14 19.61
N TYR E 69 3.46 20.15 20.42
CA TYR E 69 2.57 19.05 20.76
C TYR E 69 2.03 18.33 19.52
N GLN E 70 2.84 18.24 18.47
CA GLN E 70 2.45 17.56 17.25
C GLN E 70 1.14 18.10 16.71
N GLY E 71 0.99 19.41 16.81
CA GLY E 71 -0.22 20.03 16.34
C GLY E 71 -1.40 19.96 17.27
N LYS E 72 -1.23 19.48 18.50
CA LYS E 72 -2.39 19.26 19.36
C LYS E 72 -2.55 20.31 20.46
N GLY E 73 -1.88 21.46 20.36
CA GLY E 73 -2.13 22.55 21.28
C GLY E 73 -3.54 23.10 21.16
N VAL E 74 -3.99 23.80 22.22
CA VAL E 74 -5.31 24.44 22.19
C VAL E 74 -5.23 25.92 22.54
N LEU E 75 -4.13 26.58 22.16
CA LEU E 75 -3.99 28.00 22.41
C LEU E 75 -5.02 28.82 21.63
N GLN E 76 -5.46 28.33 20.48
CA GLN E 76 -6.45 29.10 19.72
C GLN E 76 -7.81 29.04 20.41
N ALA E 77 -8.15 27.90 20.98
CA ALA E 77 -9.43 27.82 21.70
C ALA E 77 -9.40 28.73 22.92
N ILE E 78 -8.30 28.71 23.66
CA ILE E 78 -8.10 29.61 24.79
C ILE E 78 -8.28 31.06 24.35
N SER E 79 -7.64 31.42 23.23
CA SER E 79 -7.76 32.78 22.71
C SER E 79 -9.21 33.12 22.38
N ASN E 80 -9.98 32.18 21.83
CA ASN E 80 -11.39 32.42 21.56
C ASN E 80 -12.19 32.65 22.84
N VAL E 81 -11.89 31.89 23.90
CA VAL E 81 -12.55 32.16 25.18
C VAL E 81 -12.34 33.61 25.56
N GLU E 82 -11.08 34.05 25.51
CA GLU E 82 -10.66 35.32 26.05
C GLU E 82 -11.02 36.49 25.13
N LYS E 83 -11.02 36.27 23.81
CA LYS E 83 -11.21 37.38 22.89
C LYS E 83 -12.61 37.45 22.29
N VAL E 84 -13.32 36.33 22.22
CA VAL E 84 -14.65 36.29 21.63
C VAL E 84 -15.74 36.09 22.69
N LEU E 85 -15.60 35.05 23.51
CA LEU E 85 -16.68 34.72 24.44
C LEU E 85 -16.75 35.72 25.60
N VAL E 86 -15.62 36.24 26.05
CA VAL E 86 -15.62 37.18 27.16
C VAL E 86 -16.43 38.42 26.79
N PRO E 87 -16.11 39.14 25.72
CA PRO E 87 -16.95 40.31 25.38
C PRO E 87 -18.40 39.94 25.12
N ALA E 88 -18.68 38.74 24.59
CA ALA E 88 -20.06 38.39 24.28
C ALA E 88 -20.89 38.08 25.52
N LEU E 89 -20.25 37.66 26.61
CA LEU E 89 -20.98 37.21 27.79
C LEU E 89 -20.90 38.16 28.98
N GLN E 90 -19.94 39.08 29.03
CA GLN E 90 -19.83 39.87 30.24
C GLN E 90 -21.05 40.78 30.39
N GLY E 91 -21.43 40.97 31.64
CA GLY E 91 -22.62 41.71 31.98
C GLY E 91 -23.85 40.84 32.09
N PHE E 92 -23.88 39.66 31.47
CA PHE E 92 -25.04 38.78 31.59
C PHE E 92 -25.02 38.03 32.91
N SER E 93 -26.20 37.66 33.36
CA SER E 93 -26.34 37.01 34.65
C SER E 93 -25.60 35.68 34.73
N VAL E 94 -24.96 35.43 35.87
CA VAL E 94 -24.28 34.15 36.08
C VAL E 94 -25.28 32.98 36.14
N PHE E 95 -26.55 33.26 36.42
CA PHE E 95 -27.55 32.22 36.57
C PHE E 95 -28.30 31.90 35.29
N ASP E 96 -28.17 32.71 34.23
CA ASP E 96 -28.94 32.47 33.00
C ASP E 96 -28.14 31.54 32.08
N GLN E 97 -28.11 30.26 32.50
CA GLN E 97 -27.31 29.25 31.82
C GLN E 97 -27.78 29.05 30.38
N ILE E 98 -29.09 28.95 30.18
CA ILE E 98 -29.59 28.72 28.83
C ILE E 98 -29.26 29.91 27.94
N THR E 99 -29.43 31.12 28.47
CA THR E 99 -29.14 32.33 27.70
C THR E 99 -27.67 32.41 27.32
N ALA E 100 -26.78 32.13 28.28
CA ALA E 100 -25.34 32.18 28.04
C ALA E 100 -24.93 31.16 26.99
N ASP E 101 -25.46 29.93 27.10
CA ASP E 101 -25.13 28.90 26.12
C ASP E 101 -25.63 29.29 24.74
N ALA E 102 -26.84 29.87 24.66
CA ALA E 102 -27.34 30.34 23.37
C ALA E 102 -26.46 31.47 22.81
N ILE E 103 -25.98 32.36 23.67
CA ILE E 103 -25.11 33.45 23.20
C ILE E 103 -23.85 32.89 22.56
N MET E 104 -23.26 31.85 23.16
CA MET E 104 -22.06 31.24 22.63
C MET E 104 -22.35 30.45 21.35
N ILE E 105 -23.45 29.70 21.32
CA ILE E 105 -23.82 28.98 20.10
C ILE E 105 -23.93 29.95 18.93
N ASP E 106 -24.52 31.12 19.17
CA ASP E 106 -24.71 32.11 18.11
C ASP E 106 -23.39 32.82 17.78
N ALA E 107 -22.56 33.09 18.79
CA ALA E 107 -21.29 33.74 18.53
C ALA E 107 -20.43 32.88 17.61
N ASP E 108 -20.53 31.56 17.74
CA ASP E 108 -19.80 30.68 16.84
C ASP E 108 -20.46 30.59 15.45
N GLY E 109 -21.78 30.49 15.42
CA GLY E 109 -22.49 30.61 14.16
C GLY E 109 -22.50 29.38 13.31
N THR E 110 -21.85 28.29 13.72
CA THR E 110 -21.86 27.06 12.96
C THR E 110 -22.52 25.93 13.74
N PRO E 111 -23.10 24.96 13.03
CA PRO E 111 -23.82 23.88 13.69
C PRO E 111 -22.96 23.00 14.59
N ASN E 112 -21.72 22.71 14.20
CA ASN E 112 -20.85 21.81 14.93
C ASN E 112 -19.80 22.54 15.77
N LYS E 113 -19.97 23.84 15.98
CA LYS E 113 -19.09 24.66 16.83
C LYS E 113 -17.65 24.70 16.31
N GLU E 114 -17.47 24.67 14.99
CA GLU E 114 -16.15 24.56 14.41
C GLU E 114 -15.39 25.88 14.34
N LYS E 115 -16.06 27.03 14.46
CA LYS E 115 -15.30 28.27 14.40
C LYS E 115 -14.56 28.55 15.68
N LEU E 116 -15.27 28.56 16.81
CA LEU E 116 -14.66 28.89 18.09
C LEU E 116 -14.14 27.69 18.83
N GLY E 117 -14.67 26.49 18.54
CA GLY E 117 -14.26 25.28 19.22
C GLY E 117 -15.26 24.85 20.27
N ALA E 118 -15.74 23.60 20.19
CA ALA E 118 -16.64 23.07 21.21
C ALA E 118 -15.92 22.95 22.56
N ASN E 119 -14.59 22.79 22.53
CA ASN E 119 -13.84 22.78 23.77
C ASN E 119 -13.86 24.15 24.43
N ALA E 120 -13.73 25.22 23.63
CA ALA E 120 -13.84 26.56 24.21
C ALA E 120 -15.22 26.79 24.81
N ILE E 121 -16.25 26.45 24.06
CA ILE E 121 -17.62 26.75 24.50
C ILE E 121 -18.03 25.86 25.67
N LEU E 122 -17.66 24.57 25.63
CA LEU E 122 -17.98 23.71 26.76
C LEU E 122 -17.25 24.16 28.02
N GLY E 123 -16.00 24.56 27.87
CA GLY E 123 -15.24 25.02 29.03
C GLY E 123 -15.94 26.16 29.74
N VAL E 124 -16.37 27.17 28.97
CA VAL E 124 -17.13 28.28 29.56
C VAL E 124 -18.44 27.77 30.14
N SER E 125 -19.15 26.92 29.39
CA SER E 125 -20.48 26.47 29.82
C SER E 125 -20.42 25.79 31.19
N LEU E 126 -19.44 24.92 31.40
CA LEU E 126 -19.33 24.21 32.68
C LEU E 126 -18.86 25.14 33.78
N ALA E 127 -17.89 25.99 33.45
CA ALA E 127 -17.34 26.87 34.47
C ALA E 127 -18.38 27.86 34.95
N LEU E 128 -19.27 28.29 34.05
CA LEU E 128 -20.35 29.22 34.40
C LEU E 128 -21.31 28.59 35.39
N ALA E 129 -21.71 27.34 35.14
CA ALA E 129 -22.57 26.66 36.08
C ALA E 129 -21.91 26.58 37.45
N LYS E 130 -20.62 26.29 37.49
CA LYS E 130 -19.93 26.22 38.77
C LYS E 130 -19.84 27.59 39.43
N ALA E 131 -19.56 28.63 38.65
CA ALA E 131 -19.53 29.97 39.21
C ALA E 131 -20.87 30.29 39.87
N ALA E 132 -21.97 29.94 39.22
CA ALA E 132 -23.29 30.22 39.79
C ALA E 132 -23.53 29.41 41.06
N ALA E 133 -23.23 28.11 41.02
CA ALA E 133 -23.46 27.27 42.20
C ALA E 133 -22.64 27.78 43.37
N ASN E 134 -21.37 28.09 43.10
CA ASN E 134 -20.50 28.65 44.12
C ASN E 134 -20.99 30.01 44.58
N THR E 135 -21.58 30.81 43.67
CA THR E 135 -22.19 32.08 44.09
C THR E 135 -23.30 31.86 45.12
N LEU E 136 -24.14 30.84 44.91
CA LEU E 136 -25.22 30.50 45.85
C LEU E 136 -24.74 29.64 47.01
N GLN E 137 -23.50 29.15 46.98
CA GLN E 137 -23.02 28.16 47.93
C GLN E 137 -23.91 26.93 47.96
N ARG E 138 -24.31 26.48 46.78
CA ARG E 138 -25.12 25.30 46.61
C ARG E 138 -24.32 24.25 45.86
N PRO E 139 -24.52 22.98 46.18
CA PRO E 139 -23.87 21.93 45.39
C PRO E 139 -24.31 22.02 43.94
N LEU E 140 -23.36 21.77 43.05
CA LEU E 140 -23.61 21.88 41.62
C LEU E 140 -24.79 21.01 41.18
N TYR E 141 -24.86 19.78 41.68
CA TYR E 141 -25.92 18.89 41.25
C TYR E 141 -27.27 19.44 41.66
N ARG E 142 -27.32 20.19 42.77
CA ARG E 142 -28.58 20.80 43.21
C ARG E 142 -28.91 22.05 42.41
N TYR E 143 -27.90 22.88 42.10
CA TYR E 143 -28.13 24.02 41.23
C TYR E 143 -28.59 23.55 39.85
N LEU E 144 -27.91 22.55 39.29
CA LEU E 144 -28.23 22.12 37.93
C LEU E 144 -29.52 21.31 37.88
N GLY E 145 -29.75 20.48 38.89
CA GLY E 145 -30.84 19.52 38.84
C GLY E 145 -32.02 19.87 39.72
N GLY E 146 -31.89 20.88 40.57
CA GLY E 146 -32.95 21.23 41.49
C GLY E 146 -32.93 20.39 42.75
N SER E 147 -33.91 20.69 43.62
CA SER E 147 -33.93 20.17 44.98
CA SER E 147 -33.90 20.16 44.98
C SER E 147 -34.10 18.65 45.03
N PHE E 148 -34.58 18.03 43.95
CA PHE E 148 -34.84 16.58 43.97
C PHE E 148 -33.79 15.76 43.23
N SER E 149 -32.65 16.35 42.91
CA SER E 149 -31.51 15.55 42.47
CA SER E 149 -31.51 15.55 42.47
C SER E 149 -30.99 14.74 43.65
N HIS E 150 -31.04 13.41 43.53
CA HIS E 150 -30.69 12.61 44.70
C HIS E 150 -30.32 11.18 44.38
N VAL E 151 -30.39 10.78 43.11
CA VAL E 151 -30.14 9.39 42.70
C VAL E 151 -28.65 9.20 42.37
N LEU E 152 -28.00 8.29 43.07
CA LEU E 152 -26.64 7.96 42.70
C LEU E 152 -26.68 6.92 41.58
N PRO E 153 -25.77 7.02 40.62
CA PRO E 153 -25.82 6.12 39.46
C PRO E 153 -25.17 4.77 39.71
N CYS E 154 -25.77 3.74 39.10
CA CYS E 154 -25.12 2.44 39.03
C CYS E 154 -24.06 2.49 37.93
N PRO E 155 -22.80 2.28 38.24
CA PRO E 155 -21.74 2.37 37.24
C PRO E 155 -21.56 1.12 36.40
N MET E 156 -21.13 1.34 35.16
CA MET E 156 -20.56 0.28 34.35
C MET E 156 -19.05 0.51 34.27
N MET E 157 -18.29 -0.46 34.77
CA MET E 157 -16.88 -0.29 35.09
C MET E 157 -16.03 -1.11 34.12
N ASN E 158 -15.22 -0.41 33.33
CA ASN E 158 -14.30 -1.08 32.43
C ASN E 158 -13.38 -2.03 33.19
N LEU E 159 -13.22 -3.24 32.65
CA LEU E 159 -12.18 -4.11 33.18
C LEU E 159 -11.27 -4.66 32.09
N ILE E 160 -11.79 -4.96 30.91
CA ILE E 160 -10.97 -5.57 29.86
C ILE E 160 -11.25 -4.87 28.54
N ASN E 161 -10.19 -4.61 27.78
CA ASN E 161 -10.29 -3.86 26.54
C ASN E 161 -9.93 -4.71 25.35
N GLY E 162 -10.55 -4.37 24.21
CA GLY E 162 -10.29 -5.06 22.96
C GLY E 162 -10.45 -4.18 21.74
N GLY E 163 -10.66 -4.82 20.58
CA GLY E 163 -10.88 -4.09 19.36
C GLY E 163 -9.76 -3.10 19.08
N MET E 164 -10.16 -1.90 18.71
CA MET E 164 -9.19 -0.85 18.42
C MET E 164 -8.42 -0.41 19.65
N HIS E 165 -8.92 -0.68 20.86
CA HIS E 165 -8.25 -0.28 22.09
C HIS E 165 -7.30 -1.33 22.67
N ALA E 166 -6.82 -2.28 21.85
CA ALA E 166 -5.95 -3.33 22.37
C ALA E 166 -5.18 -3.95 21.21
N THR E 167 -4.33 -4.91 21.54
CA THR E 167 -3.60 -5.71 20.57
C THR E 167 -3.86 -7.19 20.80
N ASN E 168 -5.10 -7.52 21.08
CA ASN E 168 -5.48 -8.91 21.35
C ASN E 168 -6.44 -9.42 20.27
N GLY E 169 -7.04 -10.57 20.54
CA GLY E 169 -8.00 -11.13 19.62
C GLY E 169 -9.44 -10.79 19.95
N LEU E 170 -9.69 -9.73 20.73
CA LEU E 170 -11.06 -9.36 21.11
C LEU E 170 -11.67 -8.44 20.05
N GLN E 171 -12.81 -8.86 19.50
CA GLN E 171 -13.51 -8.03 18.53
C GLN E 171 -14.15 -6.84 19.22
N PHE E 172 -14.85 -7.08 20.32
CA PHE E 172 -15.52 -6.01 21.05
C PHE E 172 -14.50 -5.11 21.74
N GLN E 173 -14.90 -3.90 21.99
CA GLN E 173 -13.95 -2.91 22.48
C GLN E 173 -13.85 -2.90 24.00
N GLU E 174 -14.95 -3.02 24.73
CA GLU E 174 -14.89 -2.94 26.18
C GLU E 174 -15.78 -3.96 26.85
N PHE E 175 -15.27 -4.58 27.90
CA PHE E 175 -16.03 -5.53 28.71
C PHE E 175 -16.09 -4.95 30.11
N MET E 176 -17.29 -4.79 30.63
CA MET E 176 -17.53 -4.05 31.84
C MET E 176 -18.31 -4.91 32.80
N ILE E 177 -18.19 -4.55 34.07
CA ILE E 177 -19.04 -5.11 35.12
C ILE E 177 -19.93 -4.01 35.66
N ARG E 178 -21.08 -4.42 36.20
CA ARG E 178 -22.04 -3.52 36.82
C ARG E 178 -22.41 -4.08 38.19
N PRO E 179 -22.10 -3.35 39.32
CA PRO E 179 -22.43 -3.84 40.70
C PRO E 179 -23.87 -3.56 41.13
N ILE E 180 -24.79 -4.30 40.52
CA ILE E 180 -26.22 -4.05 40.62
C ILE E 180 -26.80 -4.37 42.00
N SER E 181 -26.16 -5.21 42.81
CA SER E 181 -26.69 -5.49 44.14
C SER E 181 -26.18 -4.54 45.22
N ALA E 182 -25.39 -3.54 44.85
CA ALA E 182 -24.86 -2.61 45.86
C ALA E 182 -25.99 -1.86 46.54
N PRO E 183 -25.96 -1.67 47.86
CA PRO E 183 -26.96 -0.81 48.52
C PRO E 183 -26.67 0.68 48.44
N SER E 184 -25.50 1.06 47.98
CA SER E 184 -25.03 2.43 47.95
C SER E 184 -23.98 2.53 46.85
N LEU E 185 -23.71 3.78 46.42
CA LEU E 185 -22.62 3.99 45.46
C LEU E 185 -21.29 3.58 46.08
N LYS E 186 -21.10 3.90 47.35
CA LYS E 186 -19.87 3.56 48.06
C LYS E 186 -19.61 2.06 48.06
N GLU E 187 -20.65 1.26 48.23
CA GLU E 187 -20.51 -0.18 48.17
C GLU E 187 -20.33 -0.65 46.74
N ALA E 188 -20.96 0.05 45.79
CA ALA E 188 -20.70 -0.30 44.40
C ALA E 188 -19.22 -0.11 44.06
N VAL E 189 -18.61 1.00 44.51
CA VAL E 189 -17.20 1.27 44.23
C VAL E 189 -16.33 0.18 44.83
N ARG E 190 -16.60 -0.19 46.08
CA ARG E 190 -15.82 -1.25 46.72
C ARG E 190 -15.95 -2.57 45.95
N MET E 191 -17.17 -2.93 45.53
CA MET E 191 -17.37 -4.17 44.76
C MET E 191 -16.55 -4.16 43.48
N GLY E 192 -16.62 -3.08 42.72
CA GLY E 192 -15.79 -2.96 41.53
C GLY E 192 -14.30 -3.06 41.85
N ALA E 193 -13.86 -2.40 42.91
CA ALA E 193 -12.45 -2.39 43.28
C ALA E 193 -11.95 -3.79 43.65
N GLU E 194 -12.78 -4.56 44.36
CA GLU E 194 -12.37 -5.90 44.76
C GLU E 194 -12.33 -6.85 43.56
N VAL E 195 -13.28 -6.69 42.63
CA VAL E 195 -13.24 -7.50 41.40
C VAL E 195 -12.05 -7.10 40.55
N PHE E 196 -11.83 -5.80 40.43
CA PHE E 196 -10.63 -5.33 39.75
C PHE E 196 -9.39 -5.96 40.38
N ASN E 197 -9.33 -5.98 41.72
CA ASN E 197 -8.18 -6.52 42.41
C ASN E 197 -8.02 -8.02 42.13
N ALA E 198 -9.11 -8.78 42.18
CA ALA E 198 -9.01 -10.21 41.88
C ALA E 198 -8.53 -10.44 40.46
N LEU E 199 -8.98 -9.60 39.51
CA LEU E 199 -8.60 -9.73 38.11
C LEU E 199 -7.12 -9.47 37.92
N LYS E 200 -6.61 -8.40 38.55
CA LYS E 200 -5.18 -8.11 38.48
C LYS E 200 -4.36 -9.30 38.97
N LYS E 201 -4.78 -9.96 40.07
CA LYS E 201 -3.99 -11.07 40.60
C LYS E 201 -4.04 -12.28 39.67
N ILE E 202 -5.21 -12.53 39.04
CA ILE E 202 -5.30 -13.61 38.05
C ILE E 202 -4.38 -13.34 36.88
N LEU E 203 -4.39 -12.12 36.35
CA LEU E 203 -3.47 -11.78 35.26
C LEU E 203 -2.01 -11.94 35.69
N GLN E 204 -1.67 -11.50 36.90
CA GLN E 204 -0.31 -11.72 37.39
C GLN E 204 0.04 -13.22 37.43
N ASN E 205 -0.84 -14.04 37.98
CA ASN E 205 -0.51 -15.47 38.15
C ASN E 205 -0.48 -16.21 36.82
N ARG E 206 -1.26 -15.79 35.84
CA ARG E 206 -1.16 -16.34 34.49
C ARG E 206 -0.05 -15.69 33.69
N GLN E 207 0.72 -14.79 34.29
CA GLN E 207 1.81 -14.12 33.59
C GLN E 207 1.29 -13.34 32.39
N LEU E 208 0.11 -12.77 32.53
CA LEU E 208 -0.45 -11.92 31.49
C LEU E 208 -0.19 -10.46 31.81
N ALA E 209 -0.30 -9.63 30.77
CA ALA E 209 0.01 -8.21 30.91
C ALA E 209 -0.95 -7.52 31.89
N THR E 210 -0.39 -6.68 32.76
CA THR E 210 -1.17 -5.93 33.73
C THR E 210 -1.03 -4.42 33.58
N GLY E 211 -0.26 -3.95 32.60
CA GLY E 211 -0.32 -2.55 32.24
C GLY E 211 -1.72 -2.16 31.83
N VAL E 212 -2.09 -0.90 32.10
CA VAL E 212 -3.45 -0.46 31.84
C VAL E 212 -3.50 0.48 30.66
N GLY E 213 -4.67 0.51 30.02
CA GLY E 213 -4.97 1.42 28.94
C GLY E 213 -5.54 2.73 29.46
N ASP E 214 -6.14 3.49 28.56
CA ASP E 214 -6.57 4.85 28.89
C ASP E 214 -7.55 4.89 30.06
N GLU E 215 -8.46 3.90 30.13
CA GLU E 215 -9.53 3.83 31.11
C GLU E 215 -9.10 3.17 32.42
N GLY E 216 -7.86 2.66 32.50
CA GLY E 216 -7.35 2.11 33.74
C GLY E 216 -7.60 0.63 33.93
N GLY E 217 -8.14 -0.05 32.90
CA GLY E 217 -8.30 -1.48 32.92
C GLY E 217 -7.25 -2.19 32.08
N PHE E 218 -7.48 -3.47 31.84
CA PHE E 218 -6.45 -4.33 31.27
C PHE E 218 -6.75 -4.68 29.83
N ALA E 219 -5.69 -4.96 29.08
CA ALA E 219 -5.82 -5.39 27.69
C ALA E 219 -4.92 -6.60 27.47
N PRO E 220 -5.11 -7.66 28.25
CA PRO E 220 -4.31 -8.88 28.08
C PRO E 220 -4.59 -9.57 26.75
N ASN E 221 -3.66 -10.44 26.37
CA ASN E 221 -3.75 -11.15 25.10
C ASN E 221 -4.69 -12.34 25.22
N LEU E 222 -5.99 -12.05 25.15
CA LEU E 222 -7.07 -13.03 25.13
C LEU E 222 -7.53 -13.26 23.69
N ALA E 223 -8.13 -14.44 23.45
CA ALA E 223 -8.36 -14.91 22.10
C ALA E 223 -9.72 -14.57 21.52
N SER E 224 -10.73 -14.29 22.35
CA SER E 224 -12.10 -14.20 21.87
C SER E 224 -12.94 -13.42 22.87
N ASN E 225 -14.04 -12.87 22.36
CA ASN E 225 -15.01 -12.19 23.23
C ASN E 225 -15.42 -13.09 24.39
N ALA E 226 -15.63 -14.39 24.11
CA ALA E 226 -16.05 -15.33 25.14
C ALA E 226 -14.98 -15.52 26.22
N GLU E 227 -13.69 -15.55 25.85
CA GLU E 227 -12.65 -15.65 26.88
C GLU E 227 -12.65 -14.42 27.80
N ALA E 228 -12.91 -13.22 27.26
CA ALA E 228 -12.98 -12.06 28.11
C ALA E 228 -14.16 -12.16 29.07
N LEU E 229 -15.32 -12.56 28.55
CA LEU E 229 -16.49 -12.70 29.41
C LEU E 229 -16.24 -13.77 30.46
N ASP E 230 -15.60 -14.88 30.07
CA ASP E 230 -15.27 -15.96 30.99
C ASP E 230 -14.31 -15.49 32.09
N LEU E 231 -13.30 -14.71 31.70
CA LEU E 231 -12.34 -14.22 32.68
C LEU E 231 -13.02 -13.28 33.67
N LEU E 232 -13.95 -12.46 33.20
CA LEU E 232 -14.68 -11.59 34.14
C LEU E 232 -15.52 -12.40 35.14
N LEU E 233 -16.14 -13.50 34.69
CA LEU E 233 -16.87 -14.36 35.63
C LEU E 233 -15.92 -14.93 36.69
N THR E 234 -14.75 -15.36 36.29
CA THR E 234 -13.81 -15.87 37.28
C THR E 234 -13.39 -14.81 38.27
N ALA E 235 -13.10 -13.61 37.80
CA ALA E 235 -12.72 -12.55 38.73
C ALA E 235 -13.87 -12.23 39.69
N ILE E 236 -15.11 -12.14 39.18
CA ILE E 236 -16.25 -11.87 40.05
C ILE E 236 -16.36 -12.92 41.16
N GLU E 237 -16.30 -14.19 40.77
CA GLU E 237 -16.40 -15.28 41.74
C GLU E 237 -15.21 -15.32 42.68
N THR E 238 -14.00 -15.06 42.15
CA THR E 238 -12.81 -15.05 43.00
C THR E 238 -12.91 -13.97 44.07
N ALA E 239 -13.49 -12.83 43.72
CA ALA E 239 -13.66 -11.74 44.68
C ALA E 239 -14.78 -12.02 45.69
N GLY E 240 -15.54 -13.08 45.53
CA GLY E 240 -16.56 -13.46 46.49
C GLY E 240 -17.98 -13.11 46.12
N PHE E 241 -18.22 -12.67 44.90
CA PHE E 241 -19.55 -12.26 44.44
C PHE E 241 -20.13 -13.26 43.46
N THR E 242 -21.45 -13.17 43.29
CA THR E 242 -22.18 -14.06 42.41
C THR E 242 -22.56 -13.34 41.12
N PRO E 243 -22.16 -13.84 39.96
CA PRO E 243 -22.59 -13.23 38.70
C PRO E 243 -24.09 -13.27 38.58
N ARG E 244 -24.66 -12.23 37.96
CA ARG E 244 -26.09 -12.05 37.76
C ARG E 244 -26.82 -11.55 39.01
N GLU E 245 -26.56 -12.12 40.19
CA GLU E 245 -27.20 -11.62 41.39
C GLU E 245 -26.51 -10.37 41.95
N ASP E 246 -25.17 -10.39 42.02
CA ASP E 246 -24.42 -9.25 42.57
C ASP E 246 -23.86 -8.36 41.48
N ILE E 247 -23.38 -8.95 40.39
CA ILE E 247 -22.65 -8.23 39.37
C ILE E 247 -23.04 -8.79 38.02
N SER E 248 -23.43 -7.90 37.11
CA SER E 248 -23.73 -8.24 35.73
C SER E 248 -22.61 -7.76 34.81
N LEU E 249 -22.72 -8.15 33.55
CA LEU E 249 -21.74 -7.80 32.53
C LEU E 249 -22.36 -6.82 31.55
N ALA E 250 -21.52 -5.93 31.03
CA ALA E 250 -21.94 -5.01 29.98
C ALA E 250 -20.86 -4.92 28.90
N LEU E 251 -21.30 -4.76 27.64
CA LEU E 251 -20.42 -4.73 26.49
C LEU E 251 -20.46 -3.35 25.82
N ASP E 252 -19.32 -2.95 25.22
CA ASP E 252 -19.24 -1.91 24.18
C ASP E 252 -18.59 -2.57 22.96
N CYS E 253 -19.43 -2.95 21.98
CA CYS E 253 -18.89 -3.63 20.81
C CYS E 253 -18.11 -2.68 19.92
N ALA E 254 -18.49 -1.39 19.92
CA ALA E 254 -17.96 -0.42 18.99
C ALA E 254 -18.03 -0.99 17.58
N ALA E 255 -19.21 -1.47 17.24
CA ALA E 255 -19.37 -2.28 16.03
C ALA E 255 -18.98 -1.53 14.76
N SER E 256 -18.98 -0.19 14.77
CA SER E 256 -18.45 0.56 13.61
C SER E 256 -17.00 0.20 13.31
N SER E 257 -16.22 -0.20 14.33
CA SER E 257 -14.80 -0.45 14.13
C SER E 257 -14.52 -1.67 13.26
N PHE E 258 -15.48 -2.57 13.13
CA PHE E 258 -15.30 -3.75 12.29
C PHE E 258 -16.45 -3.94 11.31
N TYR E 259 -17.09 -2.83 10.90
CA TYR E 259 -18.17 -2.85 9.92
C TYR E 259 -17.68 -2.38 8.57
N ASN E 260 -17.75 -3.26 7.57
CA ASN E 260 -17.44 -2.88 6.21
C ASN E 260 -18.69 -2.29 5.57
N THR E 261 -18.66 -0.97 5.35
CA THR E 261 -19.84 -0.27 4.83
C THR E 261 -20.16 -0.67 3.38
N GLN E 262 -19.15 -1.08 2.61
CA GLN E 262 -19.38 -1.52 1.24
C GLN E 262 -20.07 -2.89 1.21
N ASP E 263 -19.52 -3.88 1.92
CA ASP E 263 -20.09 -5.22 1.95
C ASP E 263 -21.28 -5.35 2.89
N LYS E 264 -21.45 -4.40 3.80
CA LYS E 264 -22.45 -4.51 4.86
C LYS E 264 -22.22 -5.79 5.68
N THR E 265 -20.96 -5.97 6.09
CA THR E 265 -20.52 -7.15 6.82
C THR E 265 -19.75 -6.73 8.06
N TYR E 266 -19.98 -7.47 9.13
CA TYR E 266 -19.33 -7.27 10.43
C TYR E 266 -18.31 -8.40 10.54
N ASP E 267 -17.05 -8.07 10.25
CA ASP E 267 -15.98 -9.06 10.06
C ASP E 267 -16.52 -10.24 9.27
N GLY E 268 -17.14 -9.92 8.14
CA GLY E 268 -17.62 -10.91 7.22
C GLY E 268 -19.03 -11.41 7.41
N LYS E 269 -19.69 -11.03 8.50
CA LYS E 269 -21.02 -11.55 8.82
C LYS E 269 -22.09 -10.48 8.63
N SER E 270 -23.26 -10.91 8.17
CA SER E 270 -24.37 -9.99 7.99
C SER E 270 -24.81 -9.46 9.35
N TYR E 271 -25.60 -8.39 9.31
CA TYR E 271 -26.10 -7.83 10.56
C TYR E 271 -27.05 -8.80 11.22
N ALA E 272 -27.73 -9.60 10.42
CA ALA E 272 -28.58 -10.65 10.96
C ALA E 272 -27.74 -11.65 11.73
N ASP E 273 -26.62 -12.08 11.14
CA ASP E 273 -25.70 -12.94 11.86
C ASP E 273 -25.18 -12.24 13.12
N GLN E 274 -24.79 -10.97 12.99
CA GLN E 274 -24.22 -10.26 14.13
C GLN E 274 -25.22 -10.16 15.28
N VAL E 275 -26.50 -9.97 14.97
CA VAL E 275 -27.50 -9.98 16.01
C VAL E 275 -27.61 -11.36 16.66
N GLY E 276 -27.58 -12.41 15.83
CA GLY E 276 -27.60 -13.76 16.38
C GLY E 276 -26.43 -14.02 17.31
N ILE E 277 -25.26 -13.49 16.97
CA ILE E 277 -24.09 -13.61 17.84
C ILE E 277 -24.37 -12.98 19.20
N LEU E 278 -24.87 -11.73 19.21
CA LEU E 278 -25.18 -11.03 20.44
C LEU E 278 -26.26 -11.74 21.26
N ALA E 279 -27.30 -12.23 20.59
CA ALA E 279 -28.37 -12.93 21.32
C ALA E 279 -27.84 -14.18 21.99
N GLU E 280 -26.94 -14.92 21.31
CA GLU E 280 -26.32 -16.10 21.89
C GLU E 280 -25.47 -15.75 23.11
N LEU E 281 -24.68 -14.66 23.02
CA LEU E 281 -23.88 -14.25 24.16
C LEU E 281 -24.75 -13.93 25.37
N CYS E 282 -25.90 -13.30 25.14
CA CYS E 282 -26.77 -12.91 26.22
C CYS E 282 -27.51 -14.11 26.83
N GLU E 283 -27.71 -15.19 26.06
CA GLU E 283 -28.31 -16.40 26.64
C GLU E 283 -27.34 -17.08 27.59
N HIS E 284 -26.04 -17.04 27.28
CA HIS E 284 -25.06 -17.80 28.03
CA HIS E 284 -25.00 -17.78 27.99
C HIS E 284 -24.31 -16.96 29.07
N TYR E 285 -24.38 -15.64 29.00
CA TYR E 285 -23.71 -14.81 29.98
C TYR E 285 -24.67 -13.83 30.61
N PRO E 286 -24.41 -13.41 31.87
CA PRO E 286 -25.24 -12.38 32.54
C PRO E 286 -24.91 -10.97 32.04
N ILE E 287 -25.07 -10.78 30.74
CA ILE E 287 -24.92 -9.49 30.07
C ILE E 287 -26.26 -8.78 30.13
N ASP E 288 -26.31 -7.57 30.72
CA ASP E 288 -27.56 -6.83 30.74
C ASP E 288 -27.48 -5.49 30.00
N SER E 289 -26.41 -5.24 29.23
CA SER E 289 -26.28 -3.99 28.50
C SER E 289 -25.29 -4.17 27.36
N ILE E 290 -25.68 -3.72 26.17
CA ILE E 290 -24.83 -3.76 24.97
C ILE E 290 -24.85 -2.38 24.33
N GLU E 291 -23.66 -1.80 24.15
CA GLU E 291 -23.48 -0.49 23.54
C GLU E 291 -22.92 -0.67 22.12
N ASP E 292 -23.51 0.08 21.17
CA ASP E 292 -23.08 0.09 19.76
C ASP E 292 -22.85 -1.33 19.25
N GLY E 293 -23.87 -2.18 19.47
CA GLY E 293 -23.80 -3.55 19.00
C GLY E 293 -23.78 -3.67 17.49
N LEU E 294 -24.30 -2.66 16.79
CA LEU E 294 -24.25 -2.55 15.34
C LEU E 294 -23.73 -1.16 14.98
N ALA E 295 -23.43 -0.96 13.70
CA ALA E 295 -22.72 0.22 13.20
C ALA E 295 -23.59 1.48 13.29
N GLU E 296 -22.94 2.65 13.27
CA GLU E 296 -23.66 3.86 13.65
C GLU E 296 -24.80 4.23 12.69
N GLU E 297 -24.76 3.73 11.45
CA GLU E 297 -25.78 4.04 10.46
C GLU E 297 -26.47 2.78 9.91
N ASP E 298 -26.19 1.61 10.48
CA ASP E 298 -26.85 0.38 10.05
C ASP E 298 -28.23 0.33 10.70
N PHE E 299 -29.17 1.06 10.12
CA PHE E 299 -30.47 1.22 10.75
C PHE E 299 -31.33 -0.04 10.68
N GLU E 300 -31.20 -0.88 9.64
CA GLU E 300 -31.92 -2.16 9.65
C GLU E 300 -31.34 -3.10 10.69
N GLY E 301 -30.01 -3.14 10.81
CA GLY E 301 -29.41 -3.94 11.86
C GLY E 301 -29.92 -3.53 13.23
N TRP E 302 -29.86 -2.24 13.53
CA TRP E 302 -30.34 -1.76 14.83
C TRP E 302 -31.82 -2.08 15.00
N LYS E 303 -32.62 -2.00 13.93
CA LYS E 303 -34.03 -2.34 14.04
C LYS E 303 -34.19 -3.80 14.46
N LEU E 304 -33.47 -4.71 13.80
CA LEU E 304 -33.52 -6.11 14.18
C LEU E 304 -33.00 -6.34 15.59
N LEU E 305 -31.86 -5.72 15.91
CA LEU E 305 -31.32 -5.85 17.26
C LEU E 305 -32.35 -5.41 18.28
N SER E 306 -33.06 -4.33 18.00
CA SER E 306 -34.05 -3.85 18.96
C SER E 306 -35.18 -4.84 19.12
N GLU E 307 -35.63 -5.43 18.00
CA GLU E 307 -36.72 -6.41 18.07
C GLU E 307 -36.29 -7.69 18.77
N THR E 308 -35.01 -8.04 18.66
CA THR E 308 -34.52 -9.32 19.14
C THR E 308 -34.15 -9.28 20.62
N LEU E 309 -33.46 -8.22 21.04
CA LEU E 309 -32.98 -8.07 22.40
C LEU E 309 -33.56 -6.86 23.14
N GLY E 310 -34.31 -5.99 22.47
CA GLY E 310 -34.80 -4.79 23.11
C GLY E 310 -35.76 -5.02 24.25
N ASP E 311 -36.23 -6.26 24.40
CA ASP E 311 -37.07 -6.71 25.49
C ASP E 311 -36.29 -7.41 26.58
N ARG E 312 -34.99 -7.60 26.46
CA ARG E 312 -34.26 -8.42 27.46
C ARG E 312 -33.06 -7.70 28.03
N VAL E 313 -32.46 -6.77 27.29
CA VAL E 313 -31.21 -6.14 27.68
C VAL E 313 -31.25 -4.67 27.32
N GLN E 314 -30.48 -3.86 28.04
CA GLN E 314 -30.27 -2.48 27.63
C GLN E 314 -29.44 -2.41 26.35
N LEU E 315 -29.89 -1.56 25.41
CA LEU E 315 -29.22 -1.31 24.15
C LEU E 315 -28.85 0.16 24.11
N VAL E 316 -27.55 0.45 24.18
CA VAL E 316 -27.04 1.81 24.27
C VAL E 316 -26.55 2.26 22.91
N GLY E 317 -27.05 3.40 22.46
CA GLY E 317 -26.44 4.10 21.35
C GLY E 317 -25.41 5.11 21.84
N ASP E 318 -24.16 4.99 21.37
CA ASP E 318 -23.14 6.02 21.54
C ASP E 318 -22.83 6.68 20.20
N ASP E 319 -22.10 5.98 19.32
CA ASP E 319 -21.92 6.46 17.94
C ASP E 319 -23.26 6.59 17.20
N LEU E 320 -24.32 5.90 17.67
CA LEU E 320 -25.65 6.01 17.06
C LEU E 320 -26.26 7.38 17.28
N PHE E 321 -25.93 8.02 18.41
CA PHE E 321 -26.58 9.26 18.84
C PHE E 321 -25.66 10.48 18.97
N VAL E 322 -24.38 10.31 19.34
CA VAL E 322 -23.41 11.39 19.63
C VAL E 322 -24.03 12.56 20.43
N THR E 323 -24.80 12.23 21.47
CA THR E 323 -25.32 13.22 22.41
C THR E 323 -26.04 14.35 21.69
N ASN E 324 -26.67 14.02 20.56
CA ASN E 324 -27.24 15.01 19.66
C ASN E 324 -28.76 14.87 19.66
N SER E 325 -29.45 15.91 20.13
CA SER E 325 -30.91 15.84 20.28
C SER E 325 -31.60 15.51 18.95
N ALA E 326 -31.03 15.95 17.83
CA ALA E 326 -31.63 15.64 16.54
C ALA E 326 -31.52 14.15 16.19
N LEU E 327 -30.35 13.54 16.41
CA LEU E 327 -30.17 12.11 16.15
C LEU E 327 -30.99 11.26 17.12
N ILE E 328 -31.08 11.68 18.37
CA ILE E 328 -31.85 10.94 19.37
C ILE E 328 -33.32 10.89 18.97
N ALA E 329 -33.89 12.03 18.56
CA ALA E 329 -35.30 12.05 18.14
C ALA E 329 -35.53 11.16 16.92
N GLU E 330 -34.60 11.17 15.96
CA GLU E 330 -34.76 10.31 14.80
C GLU E 330 -34.58 8.84 15.18
N GLY E 331 -33.59 8.54 16.03
CA GLY E 331 -33.43 7.17 16.48
C GLY E 331 -34.64 6.66 17.24
N ILE E 332 -35.17 7.49 18.14
CA ILE E 332 -36.36 7.10 18.91
C ILE E 332 -37.55 6.93 17.99
N ALA E 333 -37.65 7.79 16.96
CA ALA E 333 -38.74 7.68 16.00
C ALA E 333 -38.73 6.34 15.29
N GLN E 334 -37.54 5.81 15.00
CA GLN E 334 -37.38 4.55 14.28
C GLN E 334 -37.39 3.33 15.18
N GLY E 335 -37.53 3.51 16.50
CA GLY E 335 -37.58 2.39 17.40
C GLY E 335 -36.24 1.75 17.68
N LEU E 336 -35.17 2.55 17.72
CA LEU E 336 -33.81 2.04 17.82
C LEU E 336 -33.29 2.27 19.22
N ALA E 337 -32.77 1.19 19.83
CA ALA E 337 -32.06 1.27 21.11
C ALA E 337 -33.07 1.54 22.23
N ASN E 338 -32.59 1.55 23.46
CA ASN E 338 -33.44 1.92 24.58
C ASN E 338 -32.64 2.71 25.61
N ALA E 339 -31.43 3.15 25.30
CA ALA E 339 -30.62 3.97 26.21
C ALA E 339 -29.65 4.81 25.38
N VAL E 340 -29.23 5.94 25.97
CA VAL E 340 -28.41 6.95 25.29
C VAL E 340 -27.22 7.28 26.19
N LEU E 341 -26.02 7.19 25.61
CA LEU E 341 -24.81 7.70 26.23
C LEU E 341 -24.73 9.21 26.12
N ILE E 342 -24.28 9.86 27.18
CA ILE E 342 -24.25 11.31 27.23
C ILE E 342 -22.81 11.74 27.45
N LYS E 343 -22.21 12.32 26.42
CA LYS E 343 -20.86 12.85 26.45
C LYS E 343 -20.96 14.37 26.23
N PRO E 344 -20.90 15.17 27.30
CA PRO E 344 -21.17 16.60 27.13
C PRO E 344 -20.33 17.29 26.08
N ASN E 345 -19.05 16.95 25.95
CA ASN E 345 -18.26 17.66 24.95
C ASN E 345 -18.53 17.17 23.53
N GLN E 346 -19.35 16.11 23.35
CA GLN E 346 -19.74 15.75 21.99
C GLN E 346 -20.74 16.74 21.43
N ILE E 347 -21.41 17.49 22.29
CA ILE E 347 -22.40 18.45 21.84
C ILE E 347 -21.98 19.88 22.16
N GLY E 348 -21.41 20.12 23.34
CA GLY E 348 -20.61 21.33 23.54
C GLY E 348 -21.18 22.37 24.49
N THR E 349 -22.43 22.25 24.94
CA THR E 349 -22.91 23.13 26.01
C THR E 349 -23.66 22.23 27.00
N LEU E 350 -23.79 22.73 28.23
CA LEU E 350 -24.61 22.03 29.21
C LEU E 350 -26.07 22.07 28.82
N THR E 351 -26.53 23.20 28.27
CA THR E 351 -27.94 23.36 27.90
C THR E 351 -28.33 22.28 26.90
N GLU E 352 -27.50 22.05 25.88
CA GLU E 352 -27.79 21.01 24.90
C GLU E 352 -27.62 19.63 25.50
N THR E 353 -26.69 19.48 26.45
CA THR E 353 -26.55 18.22 27.17
C THR E 353 -27.82 17.90 27.96
N ALA E 354 -28.35 18.90 28.67
CA ALA E 354 -29.57 18.70 29.45
C ALA E 354 -30.76 18.39 28.56
N GLU E 355 -30.84 19.06 27.40
CA GLU E 355 -31.96 18.80 26.50
C GLU E 355 -31.86 17.42 25.84
N ALA E 356 -30.65 16.94 25.55
CA ALA E 356 -30.49 15.56 25.08
C ALA E 356 -31.00 14.57 26.12
N ILE E 357 -30.64 14.78 27.39
CA ILE E 357 -31.09 13.89 28.46
C ILE E 357 -32.62 13.93 28.58
N ARG E 358 -33.21 15.13 28.56
CA ARG E 358 -34.65 15.23 28.74
C ARG E 358 -35.38 14.52 27.61
N LEU E 359 -34.96 14.76 26.37
CA LEU E 359 -35.69 14.21 25.23
C LEU E 359 -35.59 12.69 25.18
N ALA E 360 -34.46 12.13 25.62
CA ALA E 360 -34.41 10.68 25.72
C ALA E 360 -35.30 10.18 26.86
N THR E 361 -35.21 10.84 28.02
CA THR E 361 -35.82 10.32 29.24
C THR E 361 -37.33 10.32 29.14
N ILE E 362 -37.91 11.37 28.54
CA ILE E 362 -39.36 11.47 28.49
C ILE E 362 -39.96 10.44 27.53
N GLN E 363 -39.15 9.83 26.68
CA GLN E 363 -39.57 8.73 25.83
C GLN E 363 -39.32 7.37 26.46
N GLY E 364 -38.95 7.32 27.73
CA GLY E 364 -38.65 6.05 28.34
C GLY E 364 -37.25 5.53 28.15
N TYR E 365 -36.33 6.30 27.52
CA TYR E 365 -34.94 5.85 27.38
C TYR E 365 -34.09 6.16 28.62
N ALA E 366 -33.24 5.22 29.01
CA ALA E 366 -32.25 5.57 30.01
C ALA E 366 -31.08 6.38 29.43
N THR E 367 -30.45 7.16 30.27
CA THR E 367 -29.26 7.92 29.88
C THR E 367 -28.12 7.61 30.85
N ILE E 368 -26.90 7.60 30.31
CA ILE E 368 -25.69 7.16 30.99
C ILE E 368 -24.64 8.26 30.75
N LEU E 369 -24.26 8.96 31.80
CA LEU E 369 -23.18 9.94 31.66
C LEU E 369 -21.88 9.20 31.39
N SER E 370 -21.04 9.78 30.55
CA SER E 370 -19.83 9.12 30.11
C SER E 370 -18.59 10.02 30.13
N HIS E 371 -17.47 9.41 30.54
CA HIS E 371 -16.15 9.97 30.37
C HIS E 371 -15.75 9.93 28.88
N ARG E 372 -14.59 10.49 28.59
CA ARG E 372 -13.89 10.33 27.31
C ARG E 372 -12.57 9.62 27.59
N SER E 373 -11.90 9.19 26.51
CA SER E 373 -10.60 8.52 26.64
C SER E 373 -9.57 9.44 27.25
N GLY E 374 -9.58 10.70 26.83
CA GLY E 374 -8.74 11.72 27.39
C GLY E 374 -9.53 12.48 28.43
N GLU E 375 -9.37 12.14 29.70
CA GLU E 375 -10.09 12.79 30.77
C GLU E 375 -9.11 13.73 31.48
N THR E 376 -9.61 14.42 32.48
CA THR E 376 -8.79 15.27 33.33
C THR E 376 -9.25 15.02 34.76
N GLU E 377 -8.61 15.70 35.70
CA GLU E 377 -9.00 15.67 37.11
C GLU E 377 -10.37 16.30 37.39
N ASP E 378 -11.02 16.90 36.39
CA ASP E 378 -12.38 17.44 36.53
C ASP E 378 -13.39 16.33 36.78
N THR E 379 -14.37 16.57 37.66
CA THR E 379 -15.33 15.53 38.00
C THR E 379 -16.76 15.92 37.68
N THR E 380 -16.95 16.88 36.77
CA THR E 380 -18.28 17.39 36.52
C THR E 380 -19.29 16.31 36.13
N ILE E 381 -18.86 15.25 35.43
CA ILE E 381 -19.85 14.28 34.96
C ILE E 381 -20.47 13.50 36.12
N ALA E 382 -19.76 13.41 37.25
CA ALA E 382 -20.36 12.85 38.46
C ALA E 382 -21.51 13.73 38.95
N ASP E 383 -21.27 15.04 39.04
CA ASP E 383 -22.36 15.94 39.41
C ASP E 383 -23.50 15.91 38.41
N LEU E 384 -23.20 15.75 37.11
CA LEU E 384 -24.30 15.75 36.13
C LEU E 384 -25.17 14.50 36.25
N ALA E 385 -24.54 13.35 36.51
CA ALA E 385 -25.29 12.11 36.68
C ALA E 385 -26.27 12.23 37.84
N VAL E 386 -25.85 12.91 38.91
CA VAL E 386 -26.73 13.08 40.06
C VAL E 386 -27.77 14.15 39.79
N ALA E 387 -27.34 15.26 39.17
CA ALA E 387 -28.25 16.36 38.87
C ALA E 387 -29.51 15.89 38.13
N PHE E 388 -29.35 15.01 37.14
CA PHE E 388 -30.42 14.55 36.28
C PHE E 388 -30.93 13.18 36.69
N ASN E 389 -30.51 12.69 37.86
CA ASN E 389 -30.98 11.42 38.39
C ASN E 389 -30.90 10.32 37.32
N THR E 390 -29.75 10.26 36.60
CA THR E 390 -29.71 9.38 35.43
C THR E 390 -29.73 7.91 35.80
N GLY E 391 -29.20 7.55 36.97
CA GLY E 391 -29.14 6.17 37.41
C GLY E 391 -28.00 5.35 36.83
N GLN E 392 -27.19 5.94 35.94
CA GLN E 392 -26.10 5.19 35.34
C GLN E 392 -24.97 6.12 34.93
N ILE E 393 -23.74 5.61 35.00
CA ILE E 393 -22.57 6.36 34.60
C ILE E 393 -21.56 5.37 34.09
N LYS E 394 -20.73 5.83 33.16
CA LYS E 394 -19.62 5.06 32.59
C LYS E 394 -18.38 5.94 32.70
N THR E 395 -17.53 5.67 33.68
CA THR E 395 -16.40 6.57 33.91
C THR E 395 -15.10 5.83 34.24
N GLY E 396 -14.99 4.58 33.84
CA GLY E 396 -13.70 3.94 33.76
C GLY E 396 -13.55 2.76 34.69
N SER E 397 -12.34 2.27 34.73
CA SER E 397 -11.94 1.13 35.54
C SER E 397 -11.64 1.61 36.95
N LEU E 398 -11.03 0.76 37.75
CA LEU E 398 -10.75 1.07 39.15
C LEU E 398 -9.27 1.42 39.36
N SER E 399 -8.63 1.99 38.34
CA SER E 399 -7.35 2.66 38.54
C SER E 399 -7.28 3.85 37.59
N ARG E 400 -6.33 4.73 37.89
CA ARG E 400 -6.06 6.00 37.21
C ARG E 400 -7.02 7.05 37.74
N SER E 401 -6.46 8.12 38.32
CA SER E 401 -7.29 9.04 39.10
C SER E 401 -8.19 9.91 38.25
N GLU E 402 -7.93 10.08 36.95
CA GLU E 402 -8.92 10.77 36.13
C GLU E 402 -10.22 9.98 36.01
N ARG E 403 -10.19 8.70 36.37
CA ARG E 403 -11.38 7.87 36.50
C ARG E 403 -11.85 7.81 37.95
N ILE E 404 -10.94 7.44 38.86
CA ILE E 404 -11.28 7.29 40.27
C ILE E 404 -11.88 8.56 40.85
N ALA E 405 -11.39 9.74 40.41
CA ALA E 405 -11.89 10.99 40.97
C ALA E 405 -13.38 11.15 40.77
N LYS E 406 -13.92 10.62 39.68
CA LYS E 406 -15.38 10.66 39.51
C LYS E 406 -16.06 9.77 40.56
N TYR E 407 -15.49 8.61 40.86
CA TYR E 407 -16.07 7.77 41.89
C TYR E 407 -15.90 8.41 43.26
N ASN E 408 -14.75 9.04 43.52
CA ASN E 408 -14.59 9.79 44.77
C ASN E 408 -15.61 10.96 44.87
N ARG E 409 -15.86 11.65 43.77
CA ARG E 409 -16.84 12.72 43.83
C ARG E 409 -18.24 12.16 44.07
N LEU E 410 -18.58 11.03 43.44
CA LEU E 410 -19.89 10.42 43.69
C LEU E 410 -20.02 10.03 45.15
N MET E 411 -18.96 9.49 45.74
CA MET E 411 -19.06 9.10 47.14
C MET E 411 -19.23 10.31 48.04
N ALA E 412 -18.53 11.42 47.72
CA ALA E 412 -18.71 12.68 48.45
C ALA E 412 -20.15 13.19 48.32
N ILE E 413 -20.71 13.14 47.11
CA ILE E 413 -22.10 13.59 46.90
C ILE E 413 -23.06 12.75 47.72
N GLU E 414 -22.88 11.43 47.67
CA GLU E 414 -23.76 10.55 48.39
C GLU E 414 -23.69 10.82 49.89
N GLU E 415 -22.49 10.98 50.41
CA GLU E 415 -22.35 11.24 51.84
C GLU E 415 -22.97 12.58 52.21
N GLU E 416 -22.70 13.60 51.41
CA GLU E 416 -23.24 14.93 51.62
C GLU E 416 -24.76 14.92 51.65
N MET E 417 -25.39 14.05 50.84
CA MET E 417 -26.85 14.03 50.82
C MET E 417 -27.44 13.27 52.01
N GLY E 418 -26.63 12.49 52.72
CA GLY E 418 -27.10 11.76 53.87
C GLY E 418 -28.32 10.92 53.57
N PRO E 419 -29.39 11.10 54.36
CA PRO E 419 -30.60 10.29 54.15
C PRO E 419 -31.31 10.60 52.85
N GLU E 420 -30.95 11.65 52.12
CA GLU E 420 -31.64 11.92 50.87
C GLU E 420 -31.16 11.01 49.73
N ALA E 421 -30.00 10.37 49.88
CA ALA E 421 -29.36 9.66 48.78
C ALA E 421 -30.09 8.38 48.46
N LEU E 422 -30.15 8.06 47.17
CA LEU E 422 -30.69 6.78 46.70
C LEU E 422 -29.83 6.26 45.55
N PHE E 423 -29.19 5.11 45.76
CA PHE E 423 -28.49 4.37 44.70
C PHE E 423 -29.54 3.60 43.93
N GLN E 424 -29.62 3.82 42.62
CA GLN E 424 -30.70 3.20 41.85
C GLN E 424 -30.32 3.03 40.39
N ASP E 425 -30.13 1.78 39.98
CA ASP E 425 -29.86 1.44 38.58
C ASP E 425 -31.07 1.78 37.72
N SER E 426 -30.83 2.49 36.61
CA SER E 426 -31.88 2.84 35.65
C SER E 426 -31.94 1.92 34.42
N ASN E 427 -31.06 0.93 34.33
CA ASN E 427 -31.18 -0.06 33.28
C ASN E 427 -32.62 -0.60 33.30
N PRO E 428 -33.41 -0.39 32.24
CA PRO E 428 -34.82 -0.83 32.29
C PRO E 428 -35.00 -2.31 32.63
N PHE E 429 -33.97 -3.13 32.49
CA PHE E 429 -34.08 -4.55 32.79
C PHE E 429 -33.37 -4.91 34.09
N SER E 430 -33.39 -3.94 35.02
CA SER E 430 -32.91 -4.11 36.38
C SER E 430 -33.80 -5.14 37.08
N LYS E 431 -33.20 -5.97 37.93
CA LYS E 431 -33.96 -6.97 38.67
C LYS E 431 -34.38 -6.35 40.00
N ALA E 432 -35.26 -5.36 39.88
CA ALA E 432 -35.65 -4.43 40.96
C ALA E 432 -34.44 -4.06 41.80
N ASP F 11 -9.72 36.39 65.45
CA ASP F 11 -8.81 35.24 65.31
C ASP F 11 -9.58 33.95 64.96
N VAL F 12 -9.02 33.22 64.01
CA VAL F 12 -9.69 32.09 63.36
C VAL F 12 -9.18 30.78 63.96
N VAL F 13 -10.09 29.93 64.42
CA VAL F 13 -9.70 28.72 65.14
C VAL F 13 -10.28 27.48 64.49
N ILE F 14 -9.69 26.34 64.83
CA ILE F 14 -10.16 25.06 64.33
C ILE F 14 -11.48 24.73 65.00
N SER F 15 -12.52 24.49 64.20
CA SER F 15 -13.84 24.14 64.72
C SER F 15 -14.21 22.67 64.51
N ASP F 16 -13.93 22.08 63.36
CA ASP F 16 -14.30 20.68 63.14
C ASP F 16 -13.32 20.07 62.15
N ILE F 17 -13.25 18.76 62.15
CA ILE F 17 -12.47 18.06 61.12
C ILE F 17 -13.32 16.88 60.65
N GLU F 18 -13.52 16.79 59.34
CA GLU F 18 -14.21 15.67 58.70
C GLU F 18 -13.17 14.87 57.94
N ALA F 19 -13.41 13.57 57.80
CA ALA F 19 -12.57 12.69 56.98
C ALA F 19 -13.47 11.68 56.30
N ARG F 20 -13.06 11.22 55.12
CA ARG F 20 -13.80 10.22 54.37
C ARG F 20 -12.82 9.32 53.64
N GLU F 21 -13.32 8.14 53.29
CA GLU F 21 -12.55 7.12 52.60
C GLU F 21 -12.74 7.28 51.09
N ILE F 22 -11.65 7.46 50.36
CA ILE F 22 -11.70 7.56 48.89
C ILE F 22 -10.87 6.43 48.33
N LEU F 23 -10.74 6.35 47.02
CA LEU F 23 -9.76 5.44 46.42
C LEU F 23 -8.55 6.21 45.87
N ASP F 24 -7.37 5.62 45.98
CA ASP F 24 -6.14 6.20 45.41
C ASP F 24 -6.09 5.76 43.94
N SER F 25 -5.02 6.05 43.23
CA SER F 25 -4.92 5.78 41.80
C SER F 25 -4.75 4.31 41.47
N ARG F 26 -4.39 3.49 42.44
CA ARG F 26 -4.18 2.08 42.21
C ARG F 26 -5.45 1.27 42.49
N GLY F 27 -6.47 1.90 43.03
CA GLY F 27 -7.67 1.21 43.42
C GLY F 27 -7.77 0.79 44.89
N TYR F 28 -6.97 1.36 45.75
CA TYR F 28 -6.97 1.06 47.17
C TYR F 28 -7.42 2.24 48.01
N PRO F 29 -8.04 1.98 49.17
CA PRO F 29 -8.56 3.08 49.97
C PRO F 29 -7.45 3.98 50.45
N THR F 30 -7.80 5.25 50.58
CA THR F 30 -7.05 6.19 51.40
C THR F 30 -8.06 7.17 51.94
N LEU F 31 -7.60 8.24 52.57
CA LEU F 31 -8.53 9.21 53.14
C LEU F 31 -8.28 10.62 52.59
N CYS F 32 -9.34 11.41 52.62
CA CYS F 32 -9.29 12.85 52.44
CA CYS F 32 -9.29 12.84 52.43
C CYS F 32 -9.81 13.49 53.71
N VAL F 33 -9.23 14.61 54.07
CA VAL F 33 -9.51 15.31 55.32
C VAL F 33 -9.90 16.74 55.03
N LYS F 34 -10.91 17.24 55.73
CA LYS F 34 -11.39 18.62 55.61
C LYS F 34 -11.36 19.30 56.97
N VAL F 35 -10.59 20.38 57.07
CA VAL F 35 -10.52 21.17 58.30
C VAL F 35 -11.40 22.39 58.12
N ILE F 36 -12.25 22.65 59.11
CA ILE F 36 -13.24 23.71 59.06
C ILE F 36 -13.00 24.67 60.22
N THR F 37 -12.92 25.96 59.93
CA THR F 37 -12.69 26.96 60.97
C THR F 37 -14.02 27.48 61.52
N ASN F 38 -13.93 28.27 62.59
CA ASN F 38 -15.13 28.88 63.18
C ASN F 38 -15.75 29.93 62.28
N THR F 39 -15.05 30.42 61.27
CA THR F 39 -15.66 31.33 60.33
C THR F 39 -16.29 30.60 59.15
N GLY F 40 -16.18 29.29 59.11
CA GLY F 40 -16.72 28.54 58.00
C GLY F 40 -15.77 28.36 56.85
N THR F 41 -14.56 28.94 56.90
CA THR F 41 -13.56 28.62 55.90
C THR F 41 -13.06 27.18 56.10
N PHE F 42 -12.51 26.59 55.04
CA PHE F 42 -12.04 25.21 55.16
C PHE F 42 -10.95 24.93 54.16
N GLY F 43 -10.24 23.85 54.42
CA GLY F 43 -9.31 23.32 53.45
C GLY F 43 -9.36 21.81 53.46
N GLU F 44 -9.11 21.21 52.31
CA GLU F 44 -9.22 19.78 52.12
C GLU F 44 -7.96 19.24 51.47
N ALA F 45 -7.55 18.07 51.92
CA ALA F 45 -6.41 17.37 51.36
C ALA F 45 -6.66 15.87 51.41
N CYS F 46 -6.09 15.18 50.45
CA CYS F 46 -6.08 13.73 50.41
C CYS F 46 -4.65 13.25 50.54
N VAL F 47 -4.52 12.00 50.96
CA VAL F 47 -3.27 11.44 51.45
C VAL F 47 -2.88 10.28 50.52
N PRO F 48 -1.64 10.22 50.08
CA PRO F 48 -1.21 9.11 49.21
C PRO F 48 -0.96 7.84 50.03
N SER F 49 -0.59 6.77 49.32
CA SER F 49 -0.42 5.46 49.95
C SER F 49 0.98 5.42 50.53
N GLY F 50 1.13 4.77 51.68
CA GLY F 50 2.41 4.67 52.36
C GLY F 50 2.77 3.24 52.70
N ALA F 51 3.36 3.08 53.88
CA ALA F 51 3.75 1.79 54.42
C ALA F 51 3.01 1.58 55.73
N SER F 52 2.34 0.43 55.85
CA SER F 52 1.62 0.07 57.06
C SER F 52 2.49 -0.72 58.01
N THR F 53 3.65 -1.17 57.55
CA THR F 53 4.54 -1.94 58.41
C THR F 53 5.97 -1.58 58.05
N GLY F 54 6.88 -1.98 58.92
CA GLY F 54 8.27 -1.66 58.79
C GLY F 54 8.76 -0.79 59.93
N ILE F 55 10.06 -0.57 59.93
CA ILE F 55 10.74 0.21 60.94
C ILE F 55 11.38 1.45 60.34
N LYS F 56 11.20 1.67 59.04
CA LYS F 56 11.88 2.72 58.33
C LYS F 56 11.11 4.04 58.38
N GLU F 57 9.83 4.01 58.03
CA GLU F 57 9.06 5.23 57.84
C GLU F 57 7.90 5.31 58.83
N ALA F 58 7.28 6.48 58.91
CA ALA F 58 6.01 6.59 59.62
C ALA F 58 4.97 5.65 59.02
N LEU F 59 4.11 5.11 59.86
CA LEU F 59 3.23 4.02 59.47
C LEU F 59 1.81 4.52 59.28
N GLU F 60 1.28 4.30 58.07
CA GLU F 60 -0.13 4.47 57.82
C GLU F 60 -0.92 3.37 58.50
N LEU F 61 -2.12 3.73 58.94
CA LEU F 61 -3.01 2.79 59.62
C LEU F 61 -4.01 2.20 58.62
N ARG F 62 -4.06 0.88 58.55
CA ARG F 62 -5.04 0.14 57.77
C ARG F 62 -5.94 -0.69 58.67
N ASP F 63 -7.16 -0.96 58.17
CA ASP F 63 -8.16 -1.62 59.00
C ASP F 63 -7.86 -3.10 59.21
N LYS F 64 -7.30 -3.76 58.22
CA LYS F 64 -6.97 -5.17 58.31
C LYS F 64 -8.23 -6.02 58.39
N ASP F 65 -9.37 -5.50 57.93
CA ASP F 65 -10.62 -6.25 57.91
C ASP F 65 -10.66 -7.02 56.61
N PRO F 66 -10.52 -8.34 56.62
CA PRO F 66 -10.54 -9.07 55.35
C PRO F 66 -11.84 -8.92 54.57
N LYS F 67 -12.93 -8.50 55.21
CA LYS F 67 -14.19 -8.37 54.49
C LYS F 67 -14.26 -7.12 53.63
N ARG F 68 -13.27 -6.22 53.72
CA ARG F 68 -13.30 -4.90 53.07
C ARG F 68 -11.94 -4.61 52.44
N TYR F 69 -11.90 -4.53 51.11
CA TYR F 69 -10.70 -4.11 50.38
C TYR F 69 -9.49 -4.97 50.72
N GLN F 70 -9.70 -6.26 50.93
CA GLN F 70 -8.63 -7.18 51.32
C GLN F 70 -7.79 -6.65 52.49
N GLY F 71 -8.46 -6.01 53.46
CA GLY F 71 -7.83 -5.49 54.65
C GLY F 71 -7.23 -4.10 54.53
N LYS F 72 -7.47 -3.42 53.43
CA LYS F 72 -6.82 -2.16 53.13
C LYS F 72 -7.71 -0.95 53.36
N GLY F 73 -8.86 -1.12 54.02
CA GLY F 73 -9.67 0.02 54.42
C GLY F 73 -8.95 0.97 55.36
N VAL F 74 -9.47 2.22 55.45
CA VAL F 74 -8.91 3.17 56.40
C VAL F 74 -9.96 3.88 57.26
N LEU F 75 -11.04 3.16 57.60
CA LEU F 75 -12.06 3.72 58.48
C LEU F 75 -11.52 4.00 59.87
N GLN F 76 -10.58 3.19 60.32
CA GLN F 76 -10.04 3.38 61.67
C GLN F 76 -9.23 4.67 61.73
N ALA F 77 -8.41 4.95 60.71
CA ALA F 77 -7.71 6.23 60.63
C ALA F 77 -8.69 7.40 60.57
N ILE F 78 -9.74 7.28 59.74
CA ILE F 78 -10.80 8.28 59.67
C ILE F 78 -11.41 8.47 61.03
N SER F 79 -11.65 7.37 61.75
CA SER F 79 -12.18 7.47 63.08
C SER F 79 -11.23 8.21 64.02
N ASN F 80 -9.93 7.95 63.91
CA ASN F 80 -8.96 8.65 64.75
C ASN F 80 -8.97 10.15 64.46
N VAL F 81 -9.17 10.52 63.19
CA VAL F 81 -9.30 11.94 62.87
C VAL F 81 -10.47 12.54 63.63
N GLU F 82 -11.63 11.88 63.57
CA GLU F 82 -12.88 12.48 64.03
C GLU F 82 -13.04 12.42 65.54
N LYS F 83 -12.52 11.39 66.19
CA LYS F 83 -12.77 11.19 67.61
C LYS F 83 -11.57 11.52 68.50
N VAL F 84 -10.35 11.54 67.96
CA VAL F 84 -9.16 11.82 68.73
C VAL F 84 -8.54 13.18 68.36
N LEU F 85 -8.34 13.43 67.06
CA LEU F 85 -7.68 14.68 66.69
C LEU F 85 -8.62 15.88 66.78
N VAL F 86 -9.93 15.70 66.55
CA VAL F 86 -10.87 16.82 66.63
C VAL F 86 -10.87 17.42 68.04
N PRO F 87 -11.15 16.65 69.11
CA PRO F 87 -11.10 17.25 70.45
C PRO F 87 -9.77 17.86 70.80
N ALA F 88 -8.66 17.28 70.30
CA ALA F 88 -7.33 17.77 70.65
C ALA F 88 -6.99 19.10 69.98
N LEU F 89 -7.60 19.39 68.83
CA LEU F 89 -7.22 20.55 68.04
C LEU F 89 -8.26 21.66 68.03
N GLN F 90 -9.51 21.40 68.39
CA GLN F 90 -10.48 22.47 68.22
C GLN F 90 -10.18 23.59 69.21
N GLY F 91 -10.41 24.81 68.76
CA GLY F 91 -10.07 26.00 69.50
C GLY F 91 -8.68 26.54 69.23
N PHE F 92 -7.76 25.73 68.71
CA PHE F 92 -6.42 26.21 68.40
C PHE F 92 -6.45 27.03 67.12
N SER F 93 -5.51 27.95 67.01
CA SER F 93 -5.54 28.83 65.85
C SER F 93 -5.34 28.05 64.57
N VAL F 94 -6.11 28.38 63.54
CA VAL F 94 -5.91 27.75 62.24
C VAL F 94 -4.51 28.06 61.68
N PHE F 95 -3.88 29.13 62.15
CA PHE F 95 -2.58 29.56 61.66
C PHE F 95 -1.40 28.95 62.40
N ASP F 96 -1.63 28.26 63.53
CA ASP F 96 -0.53 27.73 64.34
C ASP F 96 -0.19 26.30 63.92
N GLN F 97 0.42 26.22 62.73
CA GLN F 97 0.76 24.95 62.11
C GLN F 97 1.71 24.14 62.97
N ILE F 98 2.76 24.78 63.49
CA ILE F 98 3.76 24.05 64.25
C ILE F 98 3.13 23.48 65.53
N THR F 99 2.31 24.29 66.19
CA THR F 99 1.62 23.83 67.39
C THR F 99 0.69 22.67 67.07
N ALA F 100 -0.09 22.78 66.00
CA ALA F 100 -1.06 21.73 65.68
C ALA F 100 -0.34 20.40 65.42
N ASP F 101 0.74 20.45 64.63
CA ASP F 101 1.47 19.24 64.31
C ASP F 101 2.08 18.63 65.57
N ALA F 102 2.57 19.48 66.49
CA ALA F 102 3.11 18.98 67.73
C ALA F 102 2.04 18.32 68.59
N ILE F 103 0.82 18.92 68.61
CA ILE F 103 -0.29 18.32 69.35
C ILE F 103 -0.62 16.94 68.80
N MET F 104 -0.64 16.79 67.47
CA MET F 104 -0.96 15.49 66.89
C MET F 104 0.13 14.47 67.17
N ILE F 105 1.40 14.88 67.06
CA ILE F 105 2.50 13.96 67.37
C ILE F 105 2.40 13.52 68.82
N ASP F 106 2.01 14.43 69.69
CA ASP F 106 1.91 14.09 71.11
C ASP F 106 0.71 13.19 71.39
N ALA F 107 -0.41 13.43 70.70
CA ALA F 107 -1.59 12.59 70.91
C ALA F 107 -1.35 11.16 70.46
N ASP F 108 -0.55 10.96 69.42
CA ASP F 108 -0.20 9.61 68.98
C ASP F 108 0.83 8.98 69.92
N GLY F 109 1.86 9.73 70.28
CA GLY F 109 2.72 9.27 71.33
C GLY F 109 3.77 8.26 70.93
N THR F 110 3.84 7.90 69.66
CA THR F 110 4.85 6.98 69.22
C THR F 110 5.72 7.63 68.16
N PRO F 111 6.97 7.19 68.01
CA PRO F 111 7.85 7.87 67.05
C PRO F 111 7.34 7.81 65.60
N ASN F 112 6.75 6.68 65.22
CA ASN F 112 6.36 6.43 63.85
C ASN F 112 4.88 6.62 63.60
N LYS F 113 4.16 7.25 64.52
CA LYS F 113 2.73 7.58 64.34
C LYS F 113 1.87 6.34 64.07
N GLU F 114 2.24 5.19 64.66
CA GLU F 114 1.58 3.94 64.34
C GLU F 114 0.25 3.77 65.08
N LYS F 115 0.02 4.55 66.14
CA LYS F 115 -1.22 4.41 66.90
C LYS F 115 -2.41 5.07 66.19
N LEU F 116 -2.29 6.34 65.83
CA LEU F 116 -3.40 7.02 65.17
C LEU F 116 -3.32 6.91 63.67
N GLY F 117 -2.11 6.73 63.16
CA GLY F 117 -1.85 6.60 61.75
C GLY F 117 -1.25 7.85 61.15
N ALA F 118 -0.09 7.68 60.49
CA ALA F 118 0.56 8.79 59.81
C ALA F 118 -0.34 9.32 58.71
N ASN F 119 -1.23 8.46 58.17
CA ASN F 119 -2.18 8.92 57.18
C ASN F 119 -3.23 9.85 57.80
N ALA F 120 -3.69 9.54 59.00
CA ALA F 120 -4.60 10.43 59.71
C ALA F 120 -3.94 11.75 60.02
N ILE F 121 -2.70 11.70 60.51
CA ILE F 121 -2.05 12.91 60.97
C ILE F 121 -1.66 13.77 59.78
N LEU F 122 -1.11 13.18 58.72
CA LEU F 122 -0.76 13.99 57.57
C LEU F 122 -1.98 14.60 56.91
N GLY F 123 -3.08 13.84 56.83
CA GLY F 123 -4.28 14.40 56.23
C GLY F 123 -4.71 15.66 56.94
N VAL F 124 -4.73 15.63 58.27
CA VAL F 124 -5.07 16.82 59.03
C VAL F 124 -4.01 17.90 58.80
N SER F 125 -2.74 17.50 58.87
CA SER F 125 -1.69 18.51 58.76
C SER F 125 -1.83 19.31 57.47
N LEU F 126 -2.05 18.61 56.35
CA LEU F 126 -2.18 19.33 55.09
C LEU F 126 -3.50 20.08 55.02
N ALA F 127 -4.58 19.48 55.51
CA ALA F 127 -5.86 20.15 55.39
C ALA F 127 -5.88 21.44 56.21
N LEU F 128 -5.19 21.46 57.36
CA LEU F 128 -5.07 22.67 58.18
C LEU F 128 -4.33 23.79 57.46
N ALA F 129 -3.18 23.49 56.86
CA ALA F 129 -2.46 24.55 56.15
C ALA F 129 -3.32 25.13 55.03
N LYS F 130 -4.06 24.30 54.32
CA LYS F 130 -4.96 24.83 53.28
C LYS F 130 -6.10 25.63 53.90
N ALA F 131 -6.66 25.19 55.02
CA ALA F 131 -7.68 25.99 55.68
C ALA F 131 -7.10 27.36 56.04
N ALA F 132 -5.87 27.39 56.55
CA ALA F 132 -5.26 28.67 56.87
C ALA F 132 -5.06 29.51 55.60
N ALA F 133 -4.50 28.91 54.55
CA ALA F 133 -4.27 29.69 53.33
C ALA F 133 -5.59 30.22 52.74
N ASN F 134 -6.63 29.37 52.70
CA ASN F 134 -7.91 29.82 52.16
C ASN F 134 -8.52 30.91 53.03
N THR F 135 -8.34 30.81 54.34
CA THR F 135 -8.85 31.87 55.22
C THR F 135 -8.23 33.22 54.87
N LEU F 136 -6.92 33.23 54.61
CA LEU F 136 -6.25 34.45 54.19
C LEU F 136 -6.46 34.75 52.71
N GLN F 137 -7.04 33.82 51.95
CA GLN F 137 -7.14 33.93 50.49
C GLN F 137 -5.79 34.15 49.85
N ARG F 138 -4.80 33.40 50.31
CA ARG F 138 -3.46 33.42 49.79
C ARG F 138 -3.10 32.07 49.22
N PRO F 139 -2.31 32.03 48.16
CA PRO F 139 -1.89 30.74 47.60
C PRO F 139 -1.18 29.94 48.67
N LEU F 140 -1.41 28.62 48.65
CA LEU F 140 -0.83 27.75 49.66
C LEU F 140 0.69 27.90 49.69
N TYR F 141 1.35 27.94 48.53
CA TYR F 141 2.81 27.99 48.52
C TYR F 141 3.33 29.29 49.14
N ARG F 142 2.55 30.38 49.07
CA ARG F 142 2.95 31.62 49.73
C ARG F 142 2.69 31.55 51.24
N TYR F 143 1.60 30.92 51.65
CA TYR F 143 1.33 30.77 53.08
C TYR F 143 2.42 29.93 53.74
N LEU F 144 2.76 28.79 53.13
CA LEU F 144 3.73 27.89 53.74
C LEU F 144 5.15 28.41 53.59
N GLY F 145 5.45 29.01 52.45
CA GLY F 145 6.83 29.37 52.14
C GLY F 145 7.15 30.85 52.23
N GLY F 146 6.15 31.69 52.39
CA GLY F 146 6.40 33.12 52.48
C GLY F 146 6.48 33.81 51.13
N SER F 147 6.71 35.13 51.20
CA SER F 147 6.67 36.01 50.06
C SER F 147 7.65 35.62 48.96
N PHE F 148 8.71 34.88 49.29
CA PHE F 148 9.80 34.62 48.35
C PHE F 148 9.83 33.19 47.87
N SER F 149 8.74 32.46 48.04
CA SER F 149 8.54 31.22 47.29
CA SER F 149 8.56 31.21 47.29
C SER F 149 8.25 31.56 45.85
N HIS F 150 9.14 31.19 44.92
CA HIS F 150 8.96 31.50 43.51
C HIS F 150 9.65 30.54 42.55
N VAL F 151 10.36 29.52 43.03
CA VAL F 151 11.15 28.64 42.17
C VAL F 151 10.28 27.47 41.72
N LEU F 152 10.13 27.32 40.40
CA LEU F 152 9.45 26.13 39.90
C LEU F 152 10.48 25.00 39.73
N PRO F 153 10.10 23.77 40.06
CA PRO F 153 11.07 22.66 40.05
C PRO F 153 11.29 22.06 38.67
N CYS F 154 12.50 21.64 38.45
CA CYS F 154 12.82 20.82 37.29
C CYS F 154 12.35 19.40 37.57
N PRO F 155 11.46 18.84 36.77
CA PRO F 155 10.94 17.50 37.04
C PRO F 155 11.86 16.39 36.53
N MET F 156 11.87 15.29 37.27
CA MET F 156 12.40 14.03 36.74
C MET F 156 11.20 13.16 36.43
N MET F 157 11.03 12.86 35.14
CA MET F 157 9.80 12.32 34.61
C MET F 157 10.03 10.86 34.22
N ASN F 158 9.31 9.98 34.90
CA ASN F 158 9.32 8.56 34.59
C ASN F 158 8.98 8.32 33.13
N LEU F 159 9.71 7.41 32.48
CA LEU F 159 9.31 6.91 31.17
C LEU F 159 9.36 5.40 31.03
N ILE F 160 10.34 4.74 31.65
CA ILE F 160 10.49 3.30 31.50
C ILE F 160 10.74 2.68 32.86
N ASN F 161 10.10 1.54 33.09
CA ASN F 161 10.15 0.89 34.39
C ASN F 161 10.77 -0.50 34.25
N GLY F 162 11.45 -0.92 35.31
CA GLY F 162 12.06 -2.24 35.33
C GLY F 162 12.15 -2.80 36.74
N GLY F 163 13.03 -3.78 36.92
CA GLY F 163 13.20 -4.36 38.24
C GLY F 163 11.90 -4.90 38.77
N MET F 164 11.66 -4.64 40.05
CA MET F 164 10.44 -5.12 40.70
C MET F 164 9.19 -4.45 40.15
N HIS F 165 9.30 -3.32 39.46
CA HIS F 165 8.13 -2.68 38.88
C HIS F 165 7.86 -3.14 37.45
N ALA F 166 8.32 -4.32 37.06
CA ALA F 166 8.11 -4.76 35.68
C ALA F 166 8.32 -6.27 35.61
N THR F 167 8.18 -6.81 34.40
CA THR F 167 8.50 -8.20 34.11
C THR F 167 9.44 -8.28 32.91
N ASN F 168 10.42 -7.41 32.85
CA ASN F 168 11.39 -7.36 31.76
C ASN F 168 12.77 -7.68 32.30
N GLY F 169 13.77 -7.47 31.46
CA GLY F 169 15.15 -7.76 31.82
C GLY F 169 15.91 -6.56 32.34
N LEU F 170 15.19 -5.52 32.76
CA LEU F 170 15.84 -4.32 33.28
C LEU F 170 16.14 -4.53 34.76
N GLN F 171 17.41 -4.39 35.13
CA GLN F 171 17.81 -4.51 36.53
C GLN F 171 17.36 -3.29 37.33
N PHE F 172 17.59 -2.07 36.82
CA PHE F 172 17.18 -0.86 37.51
C PHE F 172 15.64 -0.69 37.44
N GLN F 173 15.10 0.08 38.38
CA GLN F 173 13.66 0.17 38.58
C GLN F 173 12.99 1.26 37.74
N GLU F 174 13.60 2.43 37.60
CA GLU F 174 13.03 3.51 36.81
C GLU F 174 14.10 4.23 35.98
N PHE F 175 13.71 4.58 34.76
CA PHE F 175 14.49 5.39 33.85
C PHE F 175 13.70 6.66 33.55
N MET F 176 14.29 7.81 33.84
CA MET F 176 13.62 9.11 33.81
C MET F 176 14.37 10.08 32.89
N ILE F 177 13.66 11.12 32.42
CA ILE F 177 14.27 12.24 31.73
C ILE F 177 14.05 13.51 32.56
N ARG F 178 14.94 14.47 32.39
CA ARG F 178 14.85 15.78 33.06
C ARG F 178 14.96 16.83 31.97
N PRO F 179 13.93 17.65 31.73
CA PRO F 179 14.00 18.64 30.63
C PRO F 179 14.79 19.88 31.04
N ILE F 180 16.10 19.69 31.19
CA ILE F 180 16.95 20.68 31.84
C ILE F 180 17.09 21.97 31.04
N SER F 181 16.87 21.97 29.71
CA SER F 181 16.96 23.22 28.97
C SER F 181 15.64 24.02 28.95
N ALA F 182 14.60 23.55 29.62
CA ALA F 182 13.34 24.29 29.59
C ALA F 182 13.51 25.70 30.14
N PRO F 183 12.94 26.72 29.49
CA PRO F 183 12.97 28.09 30.04
C PRO F 183 11.88 28.35 31.08
N SER F 184 10.92 27.44 31.20
CA SER F 184 9.80 27.55 32.10
C SER F 184 9.32 26.15 32.39
N LEU F 185 8.56 26.02 33.49
CA LEU F 185 7.95 24.74 33.80
C LEU F 185 6.98 24.32 32.70
N LYS F 186 6.17 25.26 32.21
CA LYS F 186 5.22 24.85 31.19
C LYS F 186 5.92 24.28 29.95
N GLU F 187 7.10 24.82 29.60
CA GLU F 187 7.83 24.23 28.47
C GLU F 187 8.50 22.92 28.85
N ALA F 188 8.93 22.77 30.12
CA ALA F 188 9.46 21.49 30.58
C ALA F 188 8.40 20.39 30.46
N VAL F 189 7.13 20.74 30.76
CA VAL F 189 6.01 19.80 30.63
C VAL F 189 5.84 19.38 29.18
N ARG F 190 5.87 20.35 28.26
CA ARG F 190 5.74 20.06 26.84
C ARG F 190 6.88 19.16 26.33
N MET F 191 8.12 19.46 26.73
CA MET F 191 9.24 18.65 26.30
C MET F 191 9.03 17.20 26.72
N GLY F 192 8.70 16.99 27.99
CA GLY F 192 8.43 15.65 28.47
C GLY F 192 7.29 14.98 27.74
N ALA F 193 6.20 15.72 27.53
CA ALA F 193 5.05 15.14 26.84
C ALA F 193 5.40 14.77 25.41
N GLU F 194 6.21 15.61 24.73
CA GLU F 194 6.62 15.30 23.36
C GLU F 194 7.60 14.13 23.33
N VAL F 195 8.47 14.01 24.34
CA VAL F 195 9.33 12.83 24.37
C VAL F 195 8.51 11.57 24.67
N PHE F 196 7.58 11.67 25.63
CA PHE F 196 6.69 10.57 25.96
C PHE F 196 5.94 10.09 24.73
N ASN F 197 5.40 11.02 23.95
CA ASN F 197 4.61 10.64 22.77
C ASN F 197 5.47 9.94 21.73
N ALA F 198 6.67 10.44 21.48
CA ALA F 198 7.57 9.79 20.53
C ALA F 198 7.93 8.38 20.98
N LEU F 199 8.09 8.17 22.28
CA LEU F 199 8.40 6.85 22.83
C LEU F 199 7.23 5.88 22.65
N LYS F 200 6.02 6.34 22.93
CA LYS F 200 4.84 5.50 22.70
C LYS F 200 4.79 5.04 21.25
N LYS F 201 5.10 5.93 20.28
CA LYS F 201 5.05 5.53 18.87
C LYS F 201 6.16 4.55 18.53
N ILE F 202 7.36 4.75 19.08
CA ILE F 202 8.43 3.80 18.90
C ILE F 202 8.03 2.44 19.44
N LEU F 203 7.47 2.42 20.64
CA LEU F 203 7.01 1.16 21.20
C LEU F 203 5.91 0.55 20.34
N GLN F 204 4.95 1.37 19.88
CA GLN F 204 3.91 0.84 19.00
C GLN F 204 4.54 0.23 17.75
N ASN F 205 5.53 0.93 17.16
CA ASN F 205 6.12 0.45 15.91
C ASN F 205 6.95 -0.82 16.09
N ARG F 206 7.55 -1.01 17.25
CA ARG F 206 8.30 -2.23 17.55
C ARG F 206 7.42 -3.34 18.12
N GLN F 207 6.11 -3.15 18.15
CA GLN F 207 5.17 -4.15 18.68
C GLN F 207 5.44 -4.48 20.15
N LEU F 208 5.86 -3.49 20.90
CA LEU F 208 6.04 -3.64 22.34
C LEU F 208 4.85 -3.06 23.09
N ALA F 209 4.66 -3.56 24.31
CA ALA F 209 3.49 -3.18 25.10
C ALA F 209 3.49 -1.69 25.42
N THR F 210 2.31 -1.07 25.32
CA THR F 210 2.11 0.33 25.63
C THR F 210 1.19 0.56 26.82
N GLY F 211 0.69 -0.49 27.44
CA GLY F 211 0.04 -0.33 28.73
C GLY F 211 0.97 0.34 29.71
N VAL F 212 0.41 1.12 30.62
CA VAL F 212 1.23 1.92 31.53
C VAL F 212 1.18 1.31 32.93
N GLY F 213 2.23 1.61 33.68
CA GLY F 213 2.32 1.22 35.07
C GLY F 213 1.78 2.32 35.97
N ASP F 214 2.06 2.18 37.26
CA ASP F 214 1.47 3.07 38.25
C ASP F 214 1.81 4.53 37.98
N GLU F 215 3.04 4.81 37.53
CA GLU F 215 3.47 6.18 37.30
C GLU F 215 3.05 6.73 35.94
N GLY F 216 2.44 5.91 35.08
CA GLY F 216 2.00 6.38 33.79
C GLY F 216 3.00 6.20 32.68
N GLY F 217 4.11 5.53 32.96
CA GLY F 217 5.10 5.20 31.96
C GLY F 217 5.01 3.75 31.52
N PHE F 218 6.04 3.32 30.80
CA PHE F 218 5.97 2.03 30.12
C PHE F 218 6.87 1.01 30.78
N ALA F 219 6.50 -0.25 30.60
CA ALA F 219 7.28 -1.39 31.07
C ALA F 219 7.44 -2.38 29.93
N PRO F 220 7.98 -1.93 28.80
CA PRO F 220 8.13 -2.82 27.65
C PRO F 220 9.14 -3.93 27.93
N ASN F 221 9.07 -4.94 27.08
CA ASN F 221 9.94 -6.11 27.20
C ASN F 221 11.32 -5.78 26.60
N LEU F 222 12.13 -5.11 27.41
CA LEU F 222 13.52 -4.82 27.10
C LEU F 222 14.42 -5.75 27.90
N ALA F 223 15.62 -5.98 27.38
CA ALA F 223 16.50 -7.01 27.88
C ALA F 223 17.55 -6.50 28.85
N SER F 224 17.80 -5.19 28.89
CA SER F 224 18.91 -4.68 29.70
C SER F 224 18.77 -3.19 29.93
N ASN F 225 19.44 -2.73 31.01
CA ASN F 225 19.47 -1.32 31.32
C ASN F 225 19.90 -0.49 30.12
N ALA F 226 20.93 -0.94 29.41
CA ALA F 226 21.48 -0.19 28.29
C ALA F 226 20.47 -0.07 27.17
N GLU F 227 19.67 -1.13 26.95
CA GLU F 227 18.62 -1.03 25.93
C GLU F 227 17.63 0.06 26.30
N ALA F 228 17.25 0.14 27.58
CA ALA F 228 16.32 1.17 28.00
C ALA F 228 16.92 2.57 27.84
N LEU F 229 18.19 2.73 28.22
CA LEU F 229 18.84 4.02 28.05
C LEU F 229 18.94 4.39 26.56
N ASP F 230 19.24 3.40 25.72
CA ASP F 230 19.30 3.63 24.27
C ASP F 230 17.95 4.10 23.75
N LEU F 231 16.87 3.47 24.23
CA LEU F 231 15.53 3.85 23.80
C LEU F 231 15.18 5.27 24.23
N LEU F 232 15.57 5.69 25.44
CA LEU F 232 15.30 7.08 25.84
C LEU F 232 16.08 8.07 24.96
N LEU F 233 17.34 7.77 24.64
CA LEU F 233 18.07 8.62 23.70
C LEU F 233 17.37 8.68 22.35
N THR F 234 16.89 7.54 21.85
CA THR F 234 16.19 7.54 20.58
C THR F 234 14.90 8.37 20.63
N ALA F 235 14.11 8.23 21.70
CA ALA F 235 12.88 9.00 21.85
C ALA F 235 13.16 10.50 21.96
N ILE F 236 14.17 10.87 22.74
CA ILE F 236 14.53 12.28 22.86
C ILE F 236 14.81 12.86 21.48
N GLU F 237 15.66 12.19 20.72
CA GLU F 237 16.04 12.69 19.39
C GLU F 237 14.85 12.67 18.44
N THR F 238 14.04 11.61 18.48
CA THR F 238 12.86 11.55 17.61
C THR F 238 11.91 12.71 17.89
N ALA F 239 11.79 13.12 19.16
CA ALA F 239 10.97 14.29 19.46
C ALA F 239 11.66 15.58 19.05
N GLY F 240 12.93 15.54 18.65
CA GLY F 240 13.60 16.72 18.13
C GLY F 240 14.48 17.45 19.11
N PHE F 241 14.79 16.86 20.26
CA PHE F 241 15.62 17.47 21.29
C PHE F 241 16.98 16.79 21.32
N THR F 242 17.91 17.49 21.93
CA THR F 242 19.28 17.04 21.95
C THR F 242 19.62 16.48 23.32
N PRO F 243 19.99 15.21 23.42
CA PRO F 243 20.34 14.66 24.74
C PRO F 243 21.52 15.42 25.33
N ARG F 244 21.56 15.48 26.66
CA ARG F 244 22.57 16.21 27.40
C ARG F 244 22.37 17.72 27.33
N GLU F 245 22.06 18.25 26.14
CA GLU F 245 21.89 19.70 26.00
C GLU F 245 20.48 20.15 26.38
N ASP F 246 19.46 19.41 25.93
CA ASP F 246 18.06 19.69 26.20
C ASP F 246 17.48 18.80 27.27
N ILE F 247 17.85 17.54 27.28
CA ILE F 247 17.23 16.53 28.13
C ILE F 247 18.30 15.60 28.63
N SER F 248 18.36 15.42 29.94
CA SER F 248 19.28 14.46 30.55
C SER F 248 18.51 13.25 31.08
N LEU F 249 19.24 12.27 31.56
CA LEU F 249 18.66 11.03 32.06
C LEU F 249 18.87 10.94 33.58
N ALA F 250 17.95 10.27 34.24
CA ALA F 250 18.12 10.00 35.66
C ALA F 250 17.70 8.57 35.94
N LEU F 251 18.35 7.96 36.91
CA LEU F 251 18.10 6.57 37.27
C LEU F 251 17.58 6.47 38.70
N ASP F 252 16.71 5.47 38.92
CA ASP F 252 16.40 4.92 40.24
C ASP F 252 16.72 3.44 40.13
N CYS F 253 17.90 3.05 40.64
CA CYS F 253 18.33 1.66 40.58
C CYS F 253 17.54 0.81 41.55
N ALA F 254 17.11 1.41 42.66
CA ALA F 254 16.48 0.68 43.75
C ALA F 254 17.33 -0.53 44.10
N ALA F 255 18.63 -0.26 44.29
CA ALA F 255 19.60 -1.33 44.40
C ALA F 255 19.34 -2.27 45.57
N SER F 256 18.60 -1.84 46.59
CA SER F 256 18.24 -2.78 47.67
C SER F 256 17.48 -4.00 47.12
N SER F 257 16.72 -3.86 46.02
CA SER F 257 15.94 -4.99 45.51
C SER F 257 16.82 -6.11 44.96
N PHE F 258 18.07 -5.81 44.50
CA PHE F 258 18.93 -6.86 43.96
C PHE F 258 20.24 -6.95 44.75
N TYR F 259 20.19 -6.63 46.05
CA TYR F 259 21.33 -6.76 46.94
C TYR F 259 21.13 -8.01 47.79
N ASN F 260 22.03 -8.96 47.64
CA ASN F 260 22.07 -10.16 48.48
C ASN F 260 22.82 -9.77 49.74
N THR F 261 22.10 -9.70 50.86
CA THR F 261 22.70 -9.17 52.08
C THR F 261 23.73 -10.12 52.70
N GLN F 262 23.56 -11.43 52.56
CA GLN F 262 24.56 -12.37 53.09
C GLN F 262 25.77 -12.46 52.18
N ASP F 263 25.58 -12.58 50.86
CA ASP F 263 26.73 -12.57 49.96
C ASP F 263 27.27 -11.16 49.74
N LYS F 264 26.51 -10.11 50.09
CA LYS F 264 26.92 -8.73 49.82
C LYS F 264 27.21 -8.53 48.33
N THR F 265 26.27 -8.94 47.49
CA THR F 265 26.46 -8.94 46.04
C THR F 265 25.25 -8.33 45.35
N TYR F 266 25.52 -7.62 44.25
CA TYR F 266 24.49 -7.01 43.39
C TYR F 266 24.42 -7.86 42.13
N ASP F 267 23.49 -8.82 42.11
CA ASP F 267 23.39 -9.84 41.05
C ASP F 267 24.78 -10.37 40.71
N GLY F 268 25.49 -10.82 41.73
CA GLY F 268 26.79 -11.44 41.62
C GLY F 268 28.00 -10.51 41.70
N LYS F 269 27.81 -9.20 41.65
CA LYS F 269 28.89 -8.23 41.62
C LYS F 269 28.98 -7.48 42.95
N SER F 270 30.20 -7.22 43.40
CA SER F 270 30.52 -6.45 44.61
C SER F 270 30.14 -4.97 44.46
N TYR F 271 30.20 -4.24 45.60
CA TYR F 271 29.86 -2.81 45.58
C TYR F 271 30.87 -2.02 44.74
N ALA F 272 32.13 -2.48 44.72
CA ALA F 272 33.12 -1.87 43.84
C ALA F 272 32.76 -2.11 42.37
N ASP F 273 32.33 -3.34 42.04
CA ASP F 273 31.85 -3.64 40.69
C ASP F 273 30.63 -2.79 40.33
N GLN F 274 29.65 -2.70 41.25
CA GLN F 274 28.45 -1.92 40.97
C GLN F 274 28.76 -0.43 40.80
N VAL F 275 29.66 0.11 41.63
CA VAL F 275 30.05 1.50 41.45
C VAL F 275 30.73 1.69 40.10
N GLY F 276 31.58 0.74 39.72
CA GLY F 276 32.19 0.78 38.41
C GLY F 276 31.16 0.73 37.30
N ILE F 277 30.10 -0.06 37.49
CA ILE F 277 29.05 -0.14 36.48
C ILE F 277 28.38 1.21 36.32
N LEU F 278 28.03 1.83 37.44
CA LEU F 278 27.36 3.12 37.39
C LEU F 278 28.25 4.18 36.76
N ALA F 279 29.54 4.18 37.10
CA ALA F 279 30.47 5.15 36.55
C ALA F 279 30.62 4.98 35.04
N GLU F 280 30.61 3.71 34.56
CA GLU F 280 30.68 3.45 33.13
C GLU F 280 29.45 4.00 32.41
N LEU F 281 28.27 3.77 33.00
CA LEU F 281 27.05 4.34 32.45
C LEU F 281 27.11 5.86 32.43
N CYS F 282 27.64 6.49 33.48
CA CYS F 282 27.66 7.95 33.52
C CYS F 282 28.65 8.55 32.52
N GLU F 283 29.71 7.81 32.14
CA GLU F 283 30.61 8.29 31.08
C GLU F 283 29.96 8.18 29.70
N HIS F 284 29.23 7.08 29.42
CA HIS F 284 28.67 6.88 28.09
C HIS F 284 27.31 7.52 27.87
N TYR F 285 26.51 7.69 28.92
CA TYR F 285 25.18 8.27 28.77
C TYR F 285 25.10 9.57 29.53
N PRO F 286 24.20 10.50 29.11
CA PRO F 286 24.02 11.79 29.81
C PRO F 286 23.14 11.68 31.06
N ILE F 287 23.58 10.85 31.98
CA ILE F 287 22.93 10.66 33.27
C ILE F 287 23.44 11.72 34.24
N ASP F 288 22.55 12.52 34.83
CA ASP F 288 23.01 13.47 35.85
C ASP F 288 22.39 13.21 37.22
N SER F 289 21.76 12.06 37.43
CA SER F 289 21.19 11.75 38.74
C SER F 289 20.98 10.25 38.88
N ILE F 290 21.37 9.71 40.03
CA ILE F 290 21.22 8.30 40.40
C ILE F 290 20.59 8.23 41.79
N GLU F 291 19.46 7.54 41.89
CA GLU F 291 18.78 7.34 43.16
C GLU F 291 18.98 5.90 43.61
N ASP F 292 19.31 5.71 44.89
CA ASP F 292 19.48 4.39 45.47
C ASP F 292 20.38 3.52 44.59
N GLY F 293 21.53 4.08 44.20
CA GLY F 293 22.44 3.34 43.35
C GLY F 293 23.07 2.13 44.03
N LEU F 294 23.19 2.15 45.35
CA LEU F 294 23.65 1.06 46.18
C LEU F 294 22.61 0.84 47.28
N ALA F 295 22.74 -0.27 48.01
CA ALA F 295 21.68 -0.69 48.92
C ALA F 295 21.55 0.26 50.10
N GLU F 296 20.37 0.24 50.74
CA GLU F 296 20.01 1.25 51.72
C GLU F 296 20.89 1.20 52.97
N GLU F 297 21.56 0.07 53.21
CA GLU F 297 22.42 -0.09 54.36
C GLU F 297 23.88 -0.39 54.01
N ASP F 298 24.24 -0.40 52.72
CA ASP F 298 25.61 -0.69 52.26
C ASP F 298 26.42 0.61 52.36
N PHE F 299 26.91 0.89 53.56
CA PHE F 299 27.49 2.21 53.81
C PHE F 299 28.87 2.36 53.18
N GLU F 300 29.65 1.29 53.06
CA GLU F 300 30.90 1.38 52.32
C GLU F 300 30.70 1.52 50.81
N GLY F 301 29.71 0.82 50.25
CA GLY F 301 29.40 1.04 48.84
C GLY F 301 29.02 2.48 48.56
N TRP F 302 28.08 3.03 49.34
CA TRP F 302 27.67 4.42 49.17
C TRP F 302 28.88 5.33 49.33
N LYS F 303 29.77 5.02 50.26
CA LYS F 303 30.95 5.85 50.44
C LYS F 303 31.80 5.86 49.17
N LEU F 304 32.07 4.67 48.60
CA LEU F 304 32.82 4.59 47.35
C LEU F 304 32.06 5.29 46.23
N LEU F 305 30.74 5.04 46.14
CA LEU F 305 29.91 5.73 45.15
C LEU F 305 30.02 7.24 45.30
N SER F 306 29.96 7.73 46.53
CA SER F 306 30.03 9.16 46.76
C SER F 306 31.41 9.70 46.37
N GLU F 307 32.46 8.98 46.70
CA GLU F 307 33.81 9.40 46.37
C GLU F 307 34.08 9.38 44.88
N THR F 308 33.42 8.46 44.16
CA THR F 308 33.67 8.26 42.75
C THR F 308 32.82 9.19 41.87
N LEU F 309 31.52 9.29 42.17
CA LEU F 309 30.61 10.06 41.35
C LEU F 309 30.01 11.27 42.05
N GLY F 310 30.21 11.41 43.36
CA GLY F 310 29.60 12.51 44.08
C GLY F 310 30.09 13.88 43.68
N ASP F 311 31.16 13.96 42.88
CA ASP F 311 31.72 15.19 42.34
C ASP F 311 31.22 15.51 40.93
N ARG F 312 30.35 14.65 40.35
CA ARG F 312 29.92 14.68 38.96
C ARG F 312 28.41 14.61 38.77
N VAL F 313 27.70 13.84 39.61
CA VAL F 313 26.28 13.57 39.39
C VAL F 313 25.54 13.64 40.71
N GLN F 314 24.26 13.96 40.61
CA GLN F 314 23.38 13.93 41.77
C GLN F 314 23.19 12.49 42.24
N LEU F 315 23.31 12.29 43.54
CA LEU F 315 23.17 10.98 44.17
C LEU F 315 22.04 11.16 45.18
N VAL F 316 20.90 10.51 44.92
CA VAL F 316 19.71 10.68 45.74
C VAL F 316 19.63 9.53 46.72
N GLY F 317 19.45 9.84 47.99
CA GLY F 317 18.94 8.86 48.94
C GLY F 317 17.42 8.89 48.95
N ASP F 318 16.79 7.75 48.63
CA ASP F 318 15.36 7.53 48.86
C ASP F 318 15.20 6.48 49.97
N ASP F 319 15.45 5.20 49.66
CA ASP F 319 15.50 4.18 50.70
C ASP F 319 16.61 4.44 51.72
N LEU F 320 17.64 5.22 51.35
CA LEU F 320 18.71 5.53 52.29
C LEU F 320 18.23 6.42 53.41
N PHE F 321 17.27 7.29 53.13
CA PHE F 321 16.90 8.35 54.05
C PHE F 321 15.46 8.29 54.54
N VAL F 322 14.52 7.81 53.70
CA VAL F 322 13.09 7.74 54.00
C VAL F 322 12.58 9.01 54.68
N THR F 323 13.03 10.17 54.19
CA THR F 323 12.61 11.49 54.67
C THR F 323 12.77 11.65 56.19
N ASN F 324 13.79 11.01 56.78
CA ASN F 324 13.98 11.02 58.23
C ASN F 324 15.19 11.86 58.60
N SER F 325 14.95 12.95 59.34
CA SER F 325 16.00 13.93 59.65
C SER F 325 17.18 13.32 60.37
N ALA F 326 16.96 12.34 61.24
CA ALA F 326 18.08 11.69 61.92
C ALA F 326 18.92 10.91 60.92
N LEU F 327 18.26 10.20 60.00
CA LEU F 327 18.96 9.47 58.94
C LEU F 327 19.63 10.43 57.97
N ILE F 328 18.97 11.53 57.63
CA ILE F 328 19.56 12.51 56.72
C ILE F 328 20.82 13.10 57.34
N ALA F 329 20.75 13.51 58.62
CA ALA F 329 21.90 14.10 59.31
C ALA F 329 23.08 13.12 59.45
N GLU F 330 22.80 11.83 59.68
CA GLU F 330 23.91 10.88 59.79
C GLU F 330 24.53 10.59 58.42
N GLY F 331 23.71 10.51 57.37
CA GLY F 331 24.26 10.37 56.03
C GLY F 331 25.11 11.57 55.64
N ILE F 332 24.63 12.78 55.96
CA ILE F 332 25.38 14.00 55.68
C ILE F 332 26.68 14.01 56.47
N ALA F 333 26.62 13.58 57.74
CA ALA F 333 27.82 13.52 58.56
C ALA F 333 28.84 12.55 57.97
N GLN F 334 28.37 11.45 57.38
CA GLN F 334 29.26 10.48 56.75
C GLN F 334 29.58 10.84 55.30
N GLY F 335 29.01 11.92 54.79
CA GLY F 335 29.29 12.37 53.45
C GLY F 335 28.67 11.53 52.36
N LEU F 336 27.48 10.98 52.60
CA LEU F 336 26.84 10.08 51.65
C LEU F 336 25.75 10.82 50.91
N ALA F 337 25.78 10.73 49.59
CA ALA F 337 24.71 11.27 48.77
C ALA F 337 24.80 12.77 48.72
N ASN F 338 24.02 13.39 47.87
CA ASN F 338 23.99 14.84 47.85
C ASN F 338 22.58 15.35 47.57
N ALA F 339 21.57 14.49 47.64
CA ALA F 339 20.19 14.92 47.44
C ALA F 339 19.26 13.97 48.18
N VAL F 340 18.09 14.47 48.56
CA VAL F 340 17.16 13.75 49.39
C VAL F 340 15.81 13.77 48.73
N LEU F 341 15.22 12.62 48.60
CA LEU F 341 13.82 12.51 48.24
C LEU F 341 13.00 12.86 49.47
N ILE F 342 11.96 13.66 49.26
CA ILE F 342 11.10 14.16 50.33
C ILE F 342 9.69 13.66 50.06
N LYS F 343 9.23 12.71 50.85
CA LYS F 343 7.90 12.13 50.74
C LYS F 343 7.15 12.49 52.01
N PRO F 344 6.25 13.49 51.97
CA PRO F 344 5.66 13.97 53.23
C PRO F 344 5.00 12.88 54.03
N ASN F 345 4.37 11.89 53.37
CA ASN F 345 3.66 10.92 54.16
C ASN F 345 4.59 9.92 54.81
N GLN F 346 5.87 9.93 54.43
CA GLN F 346 6.85 9.09 55.12
C GLN F 346 7.21 9.64 56.49
N ILE F 347 6.97 10.92 56.76
CA ILE F 347 7.28 11.45 58.07
C ILE F 347 6.02 11.87 58.83
N GLY F 348 5.03 12.46 58.16
CA GLY F 348 3.67 12.51 58.69
C GLY F 348 3.12 13.88 59.05
N THR F 349 3.94 14.92 59.09
CA THR F 349 3.42 16.26 59.28
C THR F 349 4.12 17.20 58.31
N LEU F 350 3.47 18.31 58.04
CA LEU F 350 4.13 19.37 57.27
C LEU F 350 5.29 19.97 58.06
N THR F 351 5.14 20.11 59.38
CA THR F 351 6.21 20.71 60.17
C THR F 351 7.48 19.88 60.07
N GLU F 352 7.35 18.57 60.22
CA GLU F 352 8.51 17.71 60.09
C GLU F 352 8.98 17.66 58.65
N THR F 353 8.07 17.71 57.68
CA THR F 353 8.50 17.77 56.30
C THR F 353 9.33 19.02 56.07
N ALA F 354 8.88 20.15 56.61
CA ALA F 354 9.65 21.39 56.44
C ALA F 354 11.00 21.30 57.14
N GLU F 355 11.06 20.69 58.32
CA GLU F 355 12.33 20.68 59.04
C GLU F 355 13.34 19.78 58.36
N ALA F 356 12.89 18.66 57.77
CA ALA F 356 13.77 17.82 56.97
C ALA F 356 14.40 18.58 55.82
N ILE F 357 13.58 19.35 55.08
CA ILE F 357 14.08 20.14 53.94
C ILE F 357 15.09 21.17 54.43
N ARG F 358 14.73 21.91 55.50
CA ARG F 358 15.62 22.95 56.03
C ARG F 358 16.96 22.34 56.44
N LEU F 359 16.93 21.21 57.16
CA LEU F 359 18.18 20.61 57.65
C LEU F 359 19.05 20.11 56.50
N ALA F 360 18.45 19.54 55.47
CA ALA F 360 19.17 19.10 54.29
C ALA F 360 19.72 20.28 53.51
N THR F 361 18.93 21.33 53.35
CA THR F 361 19.31 22.41 52.45
C THR F 361 20.49 23.19 53.00
N ILE F 362 20.52 23.46 54.31
CA ILE F 362 21.62 24.23 54.88
C ILE F 362 22.90 23.42 54.92
N GLN F 363 22.84 22.11 54.73
CA GLN F 363 24.04 21.30 54.55
C GLN F 363 24.38 21.12 53.07
N GLY F 364 23.72 21.84 52.17
CA GLY F 364 24.10 21.78 50.76
C GLY F 364 23.52 20.64 49.95
N TYR F 365 22.62 19.85 50.53
CA TYR F 365 21.93 18.81 49.77
C TYR F 365 20.75 19.41 48.99
N ALA F 366 20.57 18.93 47.76
CA ALA F 366 19.32 19.25 47.07
C ALA F 366 18.18 18.39 47.62
N THR F 367 16.95 18.89 47.48
CA THR F 367 15.77 18.15 47.91
C THR F 367 14.75 18.05 46.79
N ILE F 368 14.02 16.95 46.78
CA ILE F 368 13.16 16.56 45.68
C ILE F 368 11.83 16.10 46.31
N LEU F 369 10.78 16.87 46.10
CA LEU F 369 9.46 16.42 46.54
C LEU F 369 9.07 15.22 45.68
N SER F 370 8.47 14.22 46.31
CA SER F 370 8.20 12.99 45.58
C SER F 370 6.77 12.51 45.77
N HIS F 371 6.21 11.99 44.68
CA HIS F 371 4.95 11.28 44.73
C HIS F 371 5.16 9.93 45.39
N ARG F 372 4.05 9.22 45.54
CA ARG F 372 4.01 7.82 45.93
C ARG F 372 3.39 6.98 44.82
N SER F 373 3.55 5.66 44.93
CA SER F 373 2.95 4.75 43.96
C SER F 373 1.43 4.84 43.96
N GLY F 374 0.84 4.98 45.14
CA GLY F 374 -0.57 5.26 45.25
C GLY F 374 -0.81 6.73 45.46
N GLU F 375 -1.14 7.46 44.40
CA GLU F 375 -1.37 8.89 44.48
C GLU F 375 -2.87 9.16 44.43
N THR F 376 -3.24 10.43 44.54
CA THR F 376 -4.61 10.89 44.41
C THR F 376 -4.63 12.12 43.51
N GLU F 377 -5.84 12.64 43.28
CA GLU F 377 -6.06 13.88 42.54
C GLU F 377 -5.59 15.10 43.34
N ASP F 378 -5.12 14.90 44.56
CA ASP F 378 -4.50 15.95 45.36
C ASP F 378 -3.16 16.38 44.78
N THR F 379 -2.90 17.71 44.77
CA THR F 379 -1.71 18.26 44.14
C THR F 379 -0.80 19.01 45.12
N THR F 380 -0.89 18.71 46.41
CA THR F 380 -0.15 19.46 47.43
C THR F 380 1.36 19.44 47.19
N ILE F 381 1.93 18.33 46.69
CA ILE F 381 3.39 18.29 46.60
C ILE F 381 3.89 19.31 45.58
N ALA F 382 3.06 19.70 44.60
CA ALA F 382 3.45 20.78 43.69
C ALA F 382 3.59 22.11 44.45
N ASP F 383 2.60 22.44 45.28
CA ASP F 383 2.71 23.63 46.11
C ASP F 383 3.88 23.54 47.06
N LEU F 384 4.14 22.35 47.62
CA LEU F 384 5.22 22.23 48.56
C LEU F 384 6.57 22.41 47.86
N ALA F 385 6.72 21.88 46.65
CA ALA F 385 7.97 22.10 45.93
C ALA F 385 8.20 23.59 45.68
N VAL F 386 7.14 24.33 45.37
CA VAL F 386 7.35 25.76 45.18
C VAL F 386 7.52 26.48 46.52
N ALA F 387 6.70 26.12 47.53
CA ALA F 387 6.78 26.78 48.83
C ALA F 387 8.20 26.77 49.39
N PHE F 388 8.94 25.68 49.18
CA PHE F 388 10.27 25.55 49.72
C PHE F 388 11.37 25.74 48.67
N ASN F 389 11.02 26.18 47.45
CA ASN F 389 12.00 26.47 46.42
C ASN F 389 12.93 25.26 46.22
N THR F 390 12.36 24.07 46.16
CA THR F 390 13.24 22.90 46.17
C THR F 390 14.00 22.78 44.85
N GLY F 391 13.43 23.26 43.73
CA GLY F 391 14.08 23.17 42.46
C GLY F 391 13.99 21.80 41.79
N GLN F 392 13.34 20.83 42.41
CA GLN F 392 13.19 19.51 41.79
C GLN F 392 11.91 18.84 42.30
N ILE F 393 11.32 18.02 41.45
CA ILE F 393 10.15 17.23 41.81
C ILE F 393 10.19 15.94 41.01
N LYS F 394 9.62 14.90 41.59
CA LYS F 394 9.50 13.58 40.98
C LYS F 394 8.04 13.18 41.19
N THR F 395 7.22 13.34 40.16
CA THR F 395 5.79 13.10 40.31
C THR F 395 5.20 12.35 39.12
N GLY F 396 6.01 11.63 38.36
CA GLY F 396 5.49 10.60 37.46
C GLY F 396 5.75 10.91 35.99
N SER F 397 5.16 10.06 35.15
CA SER F 397 5.26 10.15 33.71
C SER F 397 4.24 11.17 33.16
N LEU F 398 4.00 11.15 31.84
CA LEU F 398 3.12 12.10 31.18
C LEU F 398 1.75 11.50 30.81
N SER F 399 1.30 10.50 31.57
CA SER F 399 -0.09 10.07 31.52
C SER F 399 -0.52 9.68 32.92
N ARG F 400 -1.83 9.63 33.10
CA ARG F 400 -2.55 9.36 34.35
C ARG F 400 -2.64 10.64 35.17
N SER F 401 -3.87 11.09 35.45
CA SER F 401 -4.05 12.44 35.99
C SER F 401 -3.60 12.58 37.44
N GLU F 402 -3.47 11.48 38.18
CA GLU F 402 -2.87 11.62 39.50
C GLU F 402 -1.40 12.04 39.40
N ARG F 403 -0.80 11.86 38.22
CA ARG F 403 0.51 12.42 37.93
C ARG F 403 0.35 13.76 37.20
N ILE F 404 -0.37 13.76 36.08
CA ILE F 404 -0.51 14.97 35.27
C ILE F 404 -1.04 16.14 36.09
N ALA F 405 -1.95 15.88 37.04
CA ALA F 405 -2.52 16.99 37.81
C ALA F 405 -1.47 17.78 38.59
N LYS F 406 -0.39 17.13 39.01
CA LYS F 406 0.68 17.87 39.66
C LYS F 406 1.36 18.81 38.67
N TYR F 407 1.57 18.36 37.43
CA TYR F 407 2.18 19.23 36.43
C TYR F 407 1.24 20.37 36.08
N ASN F 408 -0.07 20.09 35.95
CA ASN F 408 -1.05 21.15 35.69
C ASN F 408 -1.07 22.18 36.85
N ARG F 409 -0.94 21.71 38.08
CA ARG F 409 -0.89 22.62 39.21
C ARG F 409 0.40 23.44 39.17
N LEU F 410 1.52 22.80 38.84
CA LEU F 410 2.74 23.59 38.70
C LEU F 410 2.58 24.66 37.63
N MET F 411 1.90 24.34 36.50
CA MET F 411 1.75 25.35 35.46
C MET F 411 0.83 26.48 35.94
N ALA F 412 -0.20 26.16 36.70
CA ALA F 412 -1.04 27.19 37.29
C ALA F 412 -0.26 28.09 38.24
N ILE F 413 0.58 27.51 39.08
CA ILE F 413 1.39 28.32 39.98
C ILE F 413 2.28 29.27 39.17
N GLU F 414 2.93 28.72 38.15
CA GLU F 414 3.84 29.54 37.36
C GLU F 414 3.11 30.70 36.69
N GLU F 415 1.94 30.44 36.11
CA GLU F 415 1.14 31.50 35.50
C GLU F 415 0.73 32.52 36.54
N GLU F 416 0.24 32.05 37.68
CA GLU F 416 -0.20 32.94 38.74
C GLU F 416 0.92 33.85 39.18
N MET F 417 2.16 33.34 39.20
CA MET F 417 3.26 34.16 39.69
C MET F 417 3.73 35.18 38.68
N GLY F 418 3.34 35.03 37.42
CA GLY F 418 3.75 35.97 36.39
C GLY F 418 5.24 36.20 36.37
N PRO F 419 5.66 37.46 36.45
CA PRO F 419 7.09 37.77 36.36
C PRO F 419 7.91 37.31 37.56
N GLU F 420 7.28 36.87 38.65
CA GLU F 420 8.02 36.39 39.83
C GLU F 420 8.54 34.98 39.65
N ALA F 421 7.99 34.23 38.68
CA ALA F 421 8.32 32.82 38.55
C ALA F 421 9.73 32.63 38.03
N LEU F 422 10.40 31.59 38.54
CA LEU F 422 11.72 31.20 38.08
C LEU F 422 11.82 29.68 38.03
N PHE F 423 12.00 29.14 36.84
CA PHE F 423 12.29 27.72 36.67
C PHE F 423 13.79 27.51 36.91
N GLN F 424 14.14 26.69 37.90
CA GLN F 424 15.55 26.51 38.22
C GLN F 424 15.78 25.14 38.85
N ASP F 425 16.58 24.34 38.13
CA ASP F 425 17.06 23.03 38.56
C ASP F 425 18.00 23.17 39.76
N SER F 426 17.75 22.38 40.79
CA SER F 426 18.58 22.43 41.97
C SER F 426 19.64 21.32 42.00
N ASN F 427 19.68 20.46 40.97
CA ASN F 427 20.72 19.45 40.86
C ASN F 427 22.08 20.08 41.10
N PRO F 428 22.84 19.61 42.12
CA PRO F 428 24.13 20.23 42.40
C PRO F 428 25.03 20.32 41.17
N PHE F 429 24.85 19.47 40.15
CA PHE F 429 25.73 19.51 38.99
C PHE F 429 25.02 19.97 37.74
N SER F 430 24.02 20.81 37.94
CA SER F 430 23.31 21.45 36.84
C SER F 430 24.28 22.26 35.98
N LYS F 431 24.16 22.11 34.65
CA LYS F 431 24.99 22.86 33.73
C LYS F 431 24.39 24.22 33.42
N ALA F 432 23.23 24.50 33.99
CA ALA F 432 22.49 25.74 33.75
C ALA F 432 23.23 26.91 34.40
N ASP G 11 -59.98 -14.28 -53.51
CA ASP G 11 -58.52 -14.10 -53.54
C ASP G 11 -58.16 -12.73 -52.98
N VAL G 12 -57.17 -12.68 -52.10
CA VAL G 12 -56.89 -11.48 -51.32
C VAL G 12 -55.74 -10.71 -51.96
N VAL G 13 -55.97 -9.44 -52.25
CA VAL G 13 -55.00 -8.65 -53.00
C VAL G 13 -54.64 -7.38 -52.23
N ILE G 14 -53.51 -6.79 -52.67
CA ILE G 14 -53.01 -5.54 -52.12
C ILE G 14 -53.94 -4.41 -52.52
N SER G 15 -54.45 -3.69 -51.53
CA SER G 15 -55.35 -2.58 -51.74
C SER G 15 -54.72 -1.23 -51.43
N ASP G 16 -53.91 -1.13 -50.38
CA ASP G 16 -53.30 0.14 -50.04
C ASP G 16 -52.04 -0.12 -49.23
N ILE G 17 -51.17 0.86 -49.21
CA ILE G 17 -49.96 0.80 -48.38
C ILE G 17 -49.77 2.18 -47.75
N GLU G 18 -49.66 2.21 -46.43
CA GLU G 18 -49.36 3.40 -45.67
C GLU G 18 -47.97 3.27 -45.06
N ALA G 19 -47.30 4.42 -44.88
CA ALA G 19 -45.99 4.43 -44.24
C ALA G 19 -45.88 5.69 -43.39
N ARG G 20 -45.12 5.60 -42.30
CA ARG G 20 -44.93 6.73 -41.42
C ARG G 20 -43.50 6.73 -40.87
N GLU G 21 -43.09 7.91 -40.45
CA GLU G 21 -41.74 8.12 -39.93
C GLU G 21 -41.73 7.94 -38.41
N ILE G 22 -40.90 7.01 -37.95
CA ILE G 22 -40.69 6.78 -36.51
C ILE G 22 -39.23 7.04 -36.20
N LEU G 23 -38.87 6.85 -34.95
CA LEU G 23 -37.47 6.86 -34.54
C LEU G 23 -36.99 5.44 -34.26
N ASP G 24 -35.73 5.18 -34.61
CA ASP G 24 -35.02 3.97 -34.24
C ASP G 24 -34.42 4.13 -32.85
N SER G 25 -33.70 3.10 -32.39
CA SER G 25 -33.18 3.03 -31.03
C SER G 25 -32.06 4.02 -30.75
N ARG G 26 -31.50 4.65 -31.77
CA ARG G 26 -30.45 5.65 -31.57
C ARG G 26 -30.98 7.07 -31.67
N GLY G 27 -32.29 7.25 -31.83
CA GLY G 27 -32.84 8.57 -32.03
C GLY G 27 -32.83 9.07 -33.46
N TYR G 28 -32.70 8.18 -34.47
CA TYR G 28 -32.69 8.62 -35.86
C TYR G 28 -33.96 8.17 -36.58
N PRO G 29 -34.44 8.93 -37.55
CA PRO G 29 -35.66 8.51 -38.25
C PRO G 29 -35.49 7.18 -38.94
N THR G 30 -36.59 6.40 -38.95
CA THR G 30 -36.79 5.32 -39.90
C THR G 30 -38.29 5.20 -40.19
N LEU G 31 -38.69 4.15 -40.90
CA LEU G 31 -40.09 4.05 -41.29
C LEU G 31 -40.73 2.75 -40.85
N CYS G 32 -42.04 2.84 -40.64
CA CYS G 32 -42.90 1.68 -40.50
CA CYS G 32 -42.90 1.67 -40.51
C CYS G 32 -43.90 1.69 -41.65
N VAL G 33 -44.21 0.51 -42.16
CA VAL G 33 -45.04 0.34 -43.33
C VAL G 33 -46.19 -0.55 -42.92
N LYS G 34 -47.40 -0.21 -43.38
CA LYS G 34 -48.59 -0.98 -43.13
C LYS G 34 -49.18 -1.35 -44.48
N VAL G 35 -49.33 -2.65 -44.75
CA VAL G 35 -49.93 -3.13 -45.99
C VAL G 35 -51.35 -3.56 -45.69
N ILE G 36 -52.28 -3.12 -46.52
CA ILE G 36 -53.70 -3.34 -46.31
C ILE G 36 -54.29 -4.05 -47.52
N THR G 37 -55.02 -5.13 -47.25
CA THR G 37 -55.66 -5.90 -48.29
C THR G 37 -57.08 -5.42 -48.51
N ASN G 38 -57.68 -5.91 -49.60
CA ASN G 38 -59.05 -5.61 -49.96
C ASN G 38 -60.06 -6.22 -49.00
N THR G 39 -59.66 -7.14 -48.12
CA THR G 39 -60.52 -7.61 -47.06
C THR G 39 -60.33 -6.84 -45.76
N GLY G 40 -59.45 -5.85 -45.73
CA GLY G 40 -59.23 -5.10 -44.52
C GLY G 40 -58.18 -5.69 -43.59
N THR G 41 -57.64 -6.86 -43.89
CA THR G 41 -56.51 -7.37 -43.11
C THR G 41 -55.26 -6.58 -43.46
N PHE G 42 -54.29 -6.62 -42.55
CA PHE G 42 -53.09 -5.84 -42.75
C PHE G 42 -51.92 -6.44 -41.99
N GLY G 43 -50.73 -5.99 -42.39
CA GLY G 43 -49.53 -6.27 -41.65
C GLY G 43 -48.70 -5.02 -41.58
N GLU G 44 -47.96 -4.89 -40.48
CA GLU G 44 -47.15 -3.71 -40.24
C GLU G 44 -45.74 -4.15 -39.85
N ALA G 45 -44.76 -3.46 -40.41
CA ALA G 45 -43.37 -3.78 -40.12
C ALA G 45 -42.57 -2.49 -40.12
N CYS G 46 -41.57 -2.46 -39.27
CA CYS G 46 -40.65 -1.34 -39.24
C CYS G 46 -39.28 -1.85 -39.66
N VAL G 47 -38.47 -0.92 -40.14
CA VAL G 47 -37.23 -1.17 -40.85
C VAL G 47 -36.08 -0.64 -40.00
N PRO G 48 -35.02 -1.40 -39.79
CA PRO G 48 -33.86 -0.86 -39.04
C PRO G 48 -33.02 0.04 -39.95
N SER G 49 -32.01 0.63 -39.37
CA SER G 49 -31.16 1.57 -40.11
C SER G 49 -30.09 0.80 -40.84
N GLY G 50 -29.70 1.32 -42.01
CA GLY G 50 -28.66 0.72 -42.82
C GLY G 50 -27.64 1.76 -43.27
N ALA G 51 -27.42 1.82 -44.58
CA ALA G 51 -26.42 2.69 -45.19
C ALA G 51 -27.08 3.50 -46.29
N SER G 52 -26.82 4.81 -46.33
CA SER G 52 -27.44 5.68 -47.34
C SER G 52 -26.50 5.99 -48.50
N THR G 53 -25.22 5.67 -48.35
CA THR G 53 -24.22 5.88 -49.36
C THR G 53 -23.31 4.67 -49.41
N GLY G 54 -22.59 4.54 -50.53
CA GLY G 54 -21.54 3.55 -50.67
C GLY G 54 -21.83 2.57 -51.79
N ILE G 55 -20.91 1.64 -51.98
CA ILE G 55 -21.00 0.63 -53.02
C ILE G 55 -21.17 -0.74 -52.45
N LYS G 56 -21.17 -0.86 -51.13
CA LYS G 56 -21.28 -2.14 -50.46
C LYS G 56 -22.68 -2.73 -50.64
N GLU G 57 -23.59 -2.21 -49.88
CA GLU G 57 -24.89 -2.80 -49.67
C GLU G 57 -25.96 -2.00 -50.39
N ALA G 58 -27.19 -2.53 -50.38
CA ALA G 58 -28.35 -1.77 -50.83
C ALA G 58 -28.49 -0.52 -49.98
N LEU G 59 -28.93 0.58 -50.62
CA LEU G 59 -28.91 1.90 -50.00
C LEU G 59 -30.31 2.33 -49.58
N GLU G 60 -30.43 2.62 -48.28
CA GLU G 60 -31.57 3.32 -47.72
C GLU G 60 -31.55 4.76 -48.20
N LEU G 61 -32.75 5.30 -48.40
CA LEU G 61 -32.94 6.67 -48.86
C LEU G 61 -33.16 7.58 -47.66
N ARG G 62 -32.36 8.63 -47.58
CA ARG G 62 -32.50 9.70 -46.60
C ARG G 62 -32.81 11.01 -47.30
N ASP G 63 -33.49 11.90 -46.55
CA ASP G 63 -33.97 13.14 -47.16
C ASP G 63 -32.84 14.13 -47.40
N LYS G 64 -31.79 14.11 -46.57
CA LYS G 64 -30.62 14.98 -46.72
C LYS G 64 -30.93 16.44 -46.42
N ASP G 65 -32.03 16.70 -45.74
CA ASP G 65 -32.42 18.07 -45.38
C ASP G 65 -31.78 18.47 -44.07
N PRO G 66 -30.80 19.36 -44.06
CA PRO G 66 -30.08 19.65 -42.79
C PRO G 66 -30.95 20.27 -41.72
N LYS G 67 -32.13 20.82 -42.08
CA LYS G 67 -33.02 21.45 -41.13
C LYS G 67 -33.88 20.45 -40.40
N ARG G 68 -33.78 19.17 -40.76
CA ARG G 68 -34.68 18.16 -40.24
C ARG G 68 -33.84 16.94 -39.90
N TYR G 69 -33.70 16.67 -38.59
CA TYR G 69 -33.03 15.47 -38.11
C TYR G 69 -31.61 15.34 -38.70
N GLN G 70 -30.93 16.47 -38.86
CA GLN G 70 -29.56 16.50 -39.41
C GLN G 70 -29.49 15.76 -40.75
N GLY G 71 -30.54 15.88 -41.54
CA GLY G 71 -30.54 15.27 -42.85
C GLY G 71 -30.96 13.82 -42.93
N LYS G 72 -31.45 13.23 -41.84
CA LYS G 72 -31.73 11.80 -41.79
C LYS G 72 -33.22 11.48 -41.87
N GLY G 73 -34.07 12.47 -42.17
CA GLY G 73 -35.48 12.16 -42.35
C GLY G 73 -35.70 11.08 -43.42
N VAL G 74 -36.86 10.43 -43.36
CA VAL G 74 -37.18 9.45 -44.39
C VAL G 74 -38.54 9.77 -45.01
N LEU G 75 -38.88 11.06 -45.14
CA LEU G 75 -40.13 11.46 -45.79
C LEU G 75 -40.14 11.06 -47.28
N GLN G 76 -38.99 11.12 -47.96
CA GLN G 76 -38.96 10.75 -49.37
C GLN G 76 -39.25 9.27 -49.57
N ALA G 77 -38.67 8.44 -48.70
CA ALA G 77 -38.92 7.00 -48.77
C ALA G 77 -40.39 6.71 -48.51
N ILE G 78 -40.96 7.38 -47.51
CA ILE G 78 -42.39 7.24 -47.26
C ILE G 78 -43.18 7.63 -48.51
N SER G 79 -42.83 8.76 -49.14
CA SER G 79 -43.51 9.16 -50.36
C SER G 79 -43.38 8.11 -51.47
N ASN G 80 -42.20 7.48 -51.58
CA ASN G 80 -42.05 6.42 -52.57
C ASN G 80 -42.97 5.24 -52.27
N VAL G 81 -43.08 4.84 -51.01
CA VAL G 81 -44.00 3.78 -50.68
C VAL G 81 -45.41 4.14 -51.16
N GLU G 82 -45.88 5.34 -50.80
CA GLU G 82 -47.29 5.65 -50.98
C GLU G 82 -47.62 6.04 -52.40
N LYS G 83 -46.68 6.66 -53.12
CA LYS G 83 -46.96 7.23 -54.44
C LYS G 83 -46.39 6.41 -55.59
N VAL G 84 -45.41 5.56 -55.35
CA VAL G 84 -44.75 4.77 -56.39
C VAL G 84 -45.06 3.27 -56.25
N LEU G 85 -44.86 2.72 -55.04
CA LEU G 85 -45.07 1.30 -54.82
C LEU G 85 -46.55 0.93 -54.71
N VAL G 86 -47.40 1.83 -54.20
CA VAL G 86 -48.84 1.54 -54.13
C VAL G 86 -49.41 1.32 -55.54
N PRO G 87 -49.25 2.22 -56.48
CA PRO G 87 -49.77 1.96 -57.84
C PRO G 87 -49.16 0.73 -58.48
N ALA G 88 -47.89 0.43 -58.19
CA ALA G 88 -47.25 -0.71 -58.82
C ALA G 88 -47.73 -2.03 -58.25
N LEU G 89 -48.19 -2.02 -56.99
CA LEU G 89 -48.55 -3.26 -56.31
C LEU G 89 -50.04 -3.50 -56.12
N GLN G 90 -50.90 -2.50 -56.23
CA GLN G 90 -52.29 -2.79 -55.90
C GLN G 90 -52.90 -3.71 -56.93
N GLY G 91 -53.78 -4.57 -56.45
CA GLY G 91 -54.39 -5.59 -57.26
C GLY G 91 -53.67 -6.93 -57.25
N PHE G 92 -52.40 -6.96 -56.92
CA PHE G 92 -51.68 -8.23 -56.84
C PHE G 92 -51.99 -8.99 -55.56
N SER G 93 -51.89 -10.30 -55.63
CA SER G 93 -52.17 -11.14 -54.48
C SER G 93 -51.21 -10.83 -53.34
N VAL G 94 -51.76 -10.78 -52.13
CA VAL G 94 -50.98 -10.59 -50.91
C VAL G 94 -50.02 -11.76 -50.65
N PHE G 95 -50.26 -12.92 -51.26
CA PHE G 95 -49.49 -14.14 -51.06
C PHE G 95 -48.33 -14.32 -52.06
N ASP G 96 -48.28 -13.52 -53.12
CA ASP G 96 -47.26 -13.67 -54.15
C ASP G 96 -46.06 -12.81 -53.78
N GLN G 97 -45.36 -13.28 -52.75
CA GLN G 97 -44.26 -12.53 -52.16
C GLN G 97 -43.14 -12.29 -53.18
N ILE G 98 -42.73 -13.35 -53.88
CA ILE G 98 -41.65 -13.23 -54.87
C ILE G 98 -42.05 -12.27 -55.98
N THR G 99 -43.30 -12.35 -56.42
CA THR G 99 -43.79 -11.42 -57.44
C THR G 99 -43.80 -9.98 -56.92
N ALA G 100 -44.27 -9.75 -55.69
CA ALA G 100 -44.29 -8.38 -55.19
C ALA G 100 -42.88 -7.80 -55.09
N ASP G 101 -41.95 -8.60 -54.54
CA ASP G 101 -40.57 -8.13 -54.39
C ASP G 101 -39.93 -7.87 -55.75
N ALA G 102 -40.21 -8.73 -56.74
CA ALA G 102 -39.68 -8.51 -58.08
C ALA G 102 -40.21 -7.21 -58.67
N ILE G 103 -41.52 -6.94 -58.46
CA ILE G 103 -42.15 -5.72 -58.95
C ILE G 103 -41.47 -4.50 -58.36
N MET G 104 -41.14 -4.55 -57.07
CA MET G 104 -40.50 -3.42 -56.45
C MET G 104 -39.08 -3.24 -56.97
N ILE G 105 -38.35 -4.34 -57.12
CA ILE G 105 -37.01 -4.23 -57.65
C ILE G 105 -37.03 -3.62 -59.03
N ASP G 106 -38.06 -3.94 -59.82
CA ASP G 106 -38.10 -3.38 -61.16
C ASP G 106 -38.61 -1.93 -61.14
N ALA G 107 -39.50 -1.57 -60.20
CA ALA G 107 -39.94 -0.18 -60.09
C ALA G 107 -38.77 0.75 -59.77
N ASP G 108 -37.83 0.29 -58.95
CA ASP G 108 -36.68 1.10 -58.58
C ASP G 108 -35.64 1.15 -59.68
N GLY G 109 -35.36 0.02 -60.31
CA GLY G 109 -34.57 0.03 -61.50
C GLY G 109 -33.08 0.15 -61.30
N THR G 110 -32.61 0.26 -60.07
CA THR G 110 -31.18 0.32 -59.84
C THR G 110 -30.76 -0.92 -59.06
N PRO G 111 -29.52 -1.36 -59.23
CA PRO G 111 -29.09 -2.59 -58.54
C PRO G 111 -29.11 -2.50 -57.01
N ASN G 112 -28.80 -1.34 -56.45
CA ASN G 112 -28.71 -1.15 -55.00
C ASN G 112 -29.96 -0.48 -54.41
N LYS G 113 -31.06 -0.45 -55.15
CA LYS G 113 -32.31 0.14 -54.66
C LYS G 113 -32.15 1.61 -54.25
N GLU G 114 -31.25 2.35 -54.89
CA GLU G 114 -30.98 3.69 -54.37
C GLU G 114 -31.99 4.74 -54.84
N LYS G 115 -32.76 4.48 -55.90
CA LYS G 115 -33.67 5.52 -56.37
C LYS G 115 -34.89 5.64 -55.45
N LEU G 116 -35.52 4.50 -55.13
CA LEU G 116 -36.69 4.50 -54.26
C LEU G 116 -36.33 4.26 -52.81
N GLY G 117 -35.20 3.62 -52.54
CA GLY G 117 -34.76 3.37 -51.19
C GLY G 117 -34.97 1.95 -50.71
N ALA G 118 -33.87 1.35 -50.25
CA ALA G 118 -33.94 0.00 -49.72
C ALA G 118 -34.82 -0.05 -48.48
N ASN G 119 -34.92 1.05 -47.74
CA ASN G 119 -35.77 1.08 -46.57
C ASN G 119 -37.25 1.09 -46.96
N ALA G 120 -37.60 1.85 -48.00
CA ALA G 120 -38.96 1.81 -48.53
C ALA G 120 -39.33 0.41 -49.04
N ILE G 121 -38.44 -0.24 -49.78
CA ILE G 121 -38.74 -1.52 -50.41
C ILE G 121 -38.80 -2.63 -49.36
N LEU G 122 -37.88 -2.65 -48.41
CA LEU G 122 -37.92 -3.69 -47.37
C LEU G 122 -39.15 -3.53 -46.49
N GLY G 123 -39.50 -2.29 -46.15
CA GLY G 123 -40.67 -2.07 -45.33
C GLY G 123 -41.90 -2.68 -45.95
N VAL G 124 -42.10 -2.44 -47.26
CA VAL G 124 -43.24 -3.06 -47.94
C VAL G 124 -43.09 -4.58 -47.92
N SER G 125 -41.88 -5.07 -48.21
CA SER G 125 -41.64 -6.50 -48.32
C SER G 125 -42.02 -7.20 -47.03
N LEU G 126 -41.61 -6.65 -45.88
CA LEU G 126 -41.93 -7.28 -44.61
C LEU G 126 -43.40 -7.13 -44.27
N ALA G 127 -43.97 -5.94 -44.48
CA ALA G 127 -45.35 -5.73 -44.10
C ALA G 127 -46.27 -6.58 -44.97
N LEU G 128 -45.88 -6.81 -46.24
CA LEU G 128 -46.68 -7.67 -47.11
C LEU G 128 -46.72 -9.11 -46.59
N ALA G 129 -45.57 -9.64 -46.21
CA ALA G 129 -45.53 -10.98 -45.64
C ALA G 129 -46.43 -11.06 -44.40
N LYS G 130 -46.40 -10.03 -43.56
CA LYS G 130 -47.22 -10.02 -42.34
C LYS G 130 -48.70 -9.92 -42.68
N ALA G 131 -49.05 -9.07 -43.66
CA ALA G 131 -50.45 -8.99 -44.06
C ALA G 131 -50.96 -10.35 -44.53
N ALA G 132 -50.17 -11.06 -45.32
CA ALA G 132 -50.59 -12.37 -45.80
C ALA G 132 -50.73 -13.35 -44.63
N ALA G 133 -49.78 -13.35 -43.71
CA ALA G 133 -49.88 -14.29 -42.60
C ALA G 133 -51.09 -13.98 -41.74
N ASN G 134 -51.33 -12.70 -41.48
CA ASN G 134 -52.50 -12.31 -40.69
C ASN G 134 -53.78 -12.67 -41.40
N THR G 135 -53.77 -12.55 -42.74
CA THR G 135 -54.92 -12.96 -43.53
C THR G 135 -55.24 -14.44 -43.31
N LEU G 136 -54.22 -15.28 -43.30
CA LEU G 136 -54.44 -16.70 -43.02
C LEU G 136 -54.55 -16.98 -41.53
N GLN G 137 -54.30 -15.99 -40.67
CA GLN G 137 -54.22 -16.24 -39.23
C GLN G 137 -53.23 -17.36 -38.91
N ARG G 138 -52.07 -17.29 -39.54
CA ARG G 138 -50.95 -18.20 -39.33
C ARG G 138 -49.77 -17.42 -38.78
N PRO G 139 -49.00 -18.01 -37.87
CA PRO G 139 -47.79 -17.33 -37.38
C PRO G 139 -46.89 -17.02 -38.55
N LEU G 140 -46.21 -15.88 -38.45
CA LEU G 140 -45.35 -15.44 -39.55
C LEU G 140 -44.27 -16.45 -39.91
N TYR G 141 -43.62 -17.07 -38.92
CA TYR G 141 -42.53 -17.99 -39.24
C TYR G 141 -43.08 -19.22 -39.99
N ARG G 142 -44.33 -19.60 -39.75
CA ARG G 142 -44.95 -20.72 -40.47
C ARG G 142 -45.40 -20.31 -41.86
N TYR G 143 -45.88 -19.08 -42.04
CA TYR G 143 -46.21 -18.61 -43.37
C TYR G 143 -44.95 -18.53 -44.22
N LEU G 144 -43.87 -18.01 -43.63
CA LEU G 144 -42.63 -17.80 -44.37
C LEU G 144 -41.84 -19.07 -44.57
N GLY G 145 -41.83 -19.95 -43.56
CA GLY G 145 -40.95 -21.12 -43.55
C GLY G 145 -41.64 -22.45 -43.82
N GLY G 146 -42.96 -22.45 -43.82
CA GLY G 146 -43.70 -23.68 -44.00
C GLY G 146 -43.88 -24.41 -42.68
N SER G 147 -44.60 -25.53 -42.78
CA SER G 147 -45.03 -26.27 -41.60
CA SER G 147 -45.04 -26.25 -41.58
C SER G 147 -43.89 -26.78 -40.74
N PHE G 148 -42.67 -26.85 -41.28
CA PHE G 148 -41.55 -27.43 -40.54
C PHE G 148 -40.55 -26.40 -40.04
N SER G 149 -40.95 -25.14 -40.02
CA SER G 149 -40.23 -24.12 -39.27
CA SER G 149 -40.21 -24.13 -39.26
C SER G 149 -40.39 -24.39 -37.78
N HIS G 150 -39.33 -24.84 -37.11
CA HIS G 150 -39.44 -25.18 -35.70
C HIS G 150 -38.16 -25.03 -34.88
N VAL G 151 -37.03 -24.68 -35.48
CA VAL G 151 -35.76 -24.64 -34.77
C VAL G 151 -35.55 -23.26 -34.15
N LEU G 152 -35.38 -23.21 -32.81
CA LEU G 152 -35.00 -21.97 -32.15
C LEU G 152 -33.48 -21.75 -32.23
N PRO G 153 -33.05 -20.49 -32.41
CA PRO G 153 -31.62 -20.21 -32.65
C PRO G 153 -30.83 -20.09 -31.37
N CYS G 154 -29.60 -20.57 -31.43
CA CYS G 154 -28.67 -20.29 -30.36
C CYS G 154 -28.15 -18.87 -30.56
N PRO G 155 -28.35 -17.98 -29.61
CA PRO G 155 -27.90 -16.59 -29.79
C PRO G 155 -26.43 -16.37 -29.48
N MET G 156 -25.84 -15.44 -30.21
CA MET G 156 -24.56 -14.88 -29.83
C MET G 156 -24.83 -13.49 -29.25
N MET G 157 -24.51 -13.32 -27.97
CA MET G 157 -24.99 -12.19 -27.18
C MET G 157 -23.82 -11.27 -26.90
N ASN G 158 -23.92 -10.05 -27.43
CA ASN G 158 -22.95 -9.00 -27.16
C ASN G 158 -22.84 -8.68 -25.67
N LEU G 159 -21.61 -8.55 -25.18
CA LEU G 159 -21.43 -8.09 -23.81
C LEU G 159 -20.41 -6.98 -23.71
N ILE G 160 -19.33 -7.05 -24.50
CA ILE G 160 -18.27 -6.06 -24.42
C ILE G 160 -17.97 -5.59 -25.83
N ASN G 161 -17.77 -4.28 -25.95
CA ASN G 161 -17.58 -3.61 -27.23
C ASN G 161 -16.25 -2.91 -27.32
N GLY G 162 -15.72 -2.86 -28.54
CA GLY G 162 -14.48 -2.16 -28.83
C GLY G 162 -14.37 -1.61 -30.24
N GLY G 163 -13.13 -1.33 -30.67
CA GLY G 163 -12.92 -0.83 -32.04
C GLY G 163 -13.69 0.44 -32.31
N MET G 164 -14.31 0.50 -33.50
CA MET G 164 -15.08 1.67 -33.92
C MET G 164 -16.32 1.88 -33.07
N HIS G 165 -16.78 0.85 -32.37
CA HIS G 165 -17.94 0.97 -31.51
C HIS G 165 -17.59 1.35 -30.06
N ALA G 166 -16.41 1.98 -29.83
CA ALA G 166 -16.00 2.34 -28.48
C ALA G 166 -14.88 3.38 -28.53
N THR G 167 -14.47 3.83 -27.33
CA THR G 167 -13.33 4.70 -27.15
C THR G 167 -12.33 4.08 -26.17
N ASN G 168 -12.13 2.77 -26.25
CA ASN G 168 -11.20 2.08 -25.38
C ASN G 168 -10.02 1.59 -26.23
N GLY G 169 -9.21 0.72 -25.64
CA GLY G 169 -8.05 0.19 -26.32
C GLY G 169 -8.31 -1.17 -26.91
N LEU G 170 -9.59 -1.52 -27.12
CA LEU G 170 -9.95 -2.81 -27.70
C LEU G 170 -9.93 -2.69 -29.22
N GLN G 171 -9.13 -3.54 -29.87
CA GLN G 171 -9.07 -3.54 -31.32
C GLN G 171 -10.33 -4.15 -31.91
N PHE G 172 -10.76 -5.29 -31.42
CA PHE G 172 -11.93 -5.94 -31.97
C PHE G 172 -13.19 -5.16 -31.58
N GLN G 173 -14.23 -5.33 -32.39
CA GLN G 173 -15.45 -4.56 -32.26
C GLN G 173 -16.44 -5.15 -31.27
N GLU G 174 -16.63 -6.48 -31.26
CA GLU G 174 -17.63 -7.09 -30.39
C GLU G 174 -17.12 -8.36 -29.72
N PHE G 175 -17.43 -8.50 -28.44
CA PHE G 175 -17.13 -9.69 -27.67
C PHE G 175 -18.44 -10.26 -27.15
N MET G 176 -18.71 -11.51 -27.52
CA MET G 176 -20.00 -12.15 -27.33
C MET G 176 -19.82 -13.47 -26.60
N ILE G 177 -20.94 -13.92 -25.97
CA ILE G 177 -21.07 -15.27 -25.44
C ILE G 177 -22.16 -16.01 -26.21
N ARG G 178 -22.04 -17.33 -26.25
CA ARG G 178 -23.06 -18.21 -26.86
C ARG G 178 -23.41 -19.23 -25.80
N PRO G 179 -24.67 -19.26 -25.30
CA PRO G 179 -25.08 -20.25 -24.27
C PRO G 179 -25.43 -21.61 -24.87
N ILE G 180 -24.38 -22.33 -25.27
CA ILE G 180 -24.51 -23.54 -26.07
C ILE G 180 -25.11 -24.69 -25.30
N SER G 181 -25.02 -24.71 -23.96
CA SER G 181 -25.59 -25.82 -23.22
C SER G 181 -27.06 -25.59 -22.88
N ALA G 182 -27.66 -24.49 -23.31
CA ALA G 182 -29.06 -24.26 -22.99
C ALA G 182 -29.94 -25.38 -23.55
N PRO G 183 -30.93 -25.86 -22.79
CA PRO G 183 -31.87 -26.85 -23.35
C PRO G 183 -33.01 -26.22 -24.13
N SER G 184 -33.17 -24.91 -24.06
CA SER G 184 -34.25 -24.18 -24.69
C SER G 184 -33.79 -22.75 -24.92
N LEU G 185 -34.51 -22.06 -25.80
CA LEU G 185 -34.22 -20.64 -26.00
C LEU G 185 -34.49 -19.88 -24.72
N LYS G 186 -35.56 -20.25 -24.02
CA LYS G 186 -35.91 -19.57 -22.78
C LYS G 186 -34.77 -19.64 -21.75
N GLU G 187 -34.10 -20.80 -21.65
CA GLU G 187 -32.96 -20.94 -20.74
C GLU G 187 -31.70 -20.26 -21.27
N ALA G 188 -31.52 -20.24 -22.61
CA ALA G 188 -30.41 -19.50 -23.20
C ALA G 188 -30.47 -18.03 -22.83
N VAL G 189 -31.68 -17.46 -22.82
CA VAL G 189 -31.90 -16.07 -22.44
C VAL G 189 -31.54 -15.85 -20.97
N ARG G 190 -32.00 -16.75 -20.09
CA ARG G 190 -31.65 -16.62 -18.68
C ARG G 190 -30.14 -16.73 -18.48
N MET G 191 -29.48 -17.65 -19.20
CA MET G 191 -28.03 -17.75 -19.04
C MET G 191 -27.35 -16.44 -19.42
N GLY G 192 -27.68 -15.91 -20.61
CA GLY G 192 -27.11 -14.65 -21.03
C GLY G 192 -27.41 -13.54 -20.06
N ALA G 193 -28.66 -13.48 -19.57
CA ALA G 193 -29.07 -12.44 -18.63
C ALA G 193 -28.32 -12.57 -17.31
N GLU G 194 -28.11 -13.79 -16.84
CA GLU G 194 -27.38 -13.97 -15.59
C GLU G 194 -25.91 -13.61 -15.75
N VAL G 195 -25.33 -13.91 -16.91
CA VAL G 195 -23.94 -13.50 -17.14
C VAL G 195 -23.85 -11.98 -17.27
N PHE G 196 -24.75 -11.37 -18.05
CA PHE G 196 -24.79 -9.92 -18.17
C PHE G 196 -24.89 -9.26 -16.80
N ASN G 197 -25.72 -9.80 -15.92
CA ASN G 197 -25.86 -9.18 -14.60
C ASN G 197 -24.57 -9.31 -13.80
N ALA G 198 -23.93 -10.49 -13.83
CA ALA G 198 -22.67 -10.64 -13.13
C ALA G 198 -21.60 -9.69 -13.68
N LEU G 199 -21.61 -9.48 -15.01
CA LEU G 199 -20.63 -8.59 -15.63
C LEU G 199 -20.83 -7.15 -15.18
N LYS G 200 -22.08 -6.68 -15.18
CA LYS G 200 -22.39 -5.32 -14.72
C LYS G 200 -21.88 -5.11 -13.30
N LYS G 201 -22.05 -6.10 -12.43
CA LYS G 201 -21.65 -5.93 -11.03
C LYS G 201 -20.13 -5.88 -10.91
N ILE G 202 -19.42 -6.70 -11.71
CA ILE G 202 -17.95 -6.62 -11.74
C ILE G 202 -17.51 -5.23 -12.20
N LEU G 203 -18.14 -4.70 -13.25
CA LEU G 203 -17.76 -3.37 -13.72
C LEU G 203 -18.03 -2.32 -12.64
N GLN G 204 -19.16 -2.42 -11.94
CA GLN G 204 -19.41 -1.51 -10.83
C GLN G 204 -18.34 -1.64 -9.75
N ASN G 205 -17.99 -2.88 -9.40
CA ASN G 205 -17.04 -3.07 -8.31
C ASN G 205 -15.65 -2.58 -8.69
N ARG G 206 -15.26 -2.72 -9.95
CA ARG G 206 -13.98 -2.22 -10.44
C ARG G 206 -14.06 -0.75 -10.84
N GLN G 207 -15.20 -0.10 -10.62
CA GLN G 207 -15.36 1.31 -10.95
C GLN G 207 -15.10 1.59 -12.43
N LEU G 208 -15.50 0.66 -13.28
CA LEU G 208 -15.50 0.87 -14.72
C LEU G 208 -16.90 1.30 -15.17
N ALA G 209 -16.95 1.94 -16.33
CA ALA G 209 -18.21 2.52 -16.80
C ALA G 209 -19.23 1.43 -17.05
N THR G 210 -20.48 1.71 -16.68
CA THR G 210 -21.57 0.78 -16.91
C THR G 210 -22.61 1.34 -17.86
N GLY G 211 -22.42 2.57 -18.37
CA GLY G 211 -23.23 3.02 -19.47
C GLY G 211 -23.12 2.07 -20.65
N VAL G 212 -24.21 1.94 -21.40
CA VAL G 212 -24.26 0.95 -22.47
C VAL G 212 -24.23 1.64 -23.82
N GLY G 213 -23.72 0.88 -24.80
CA GLY G 213 -23.72 1.27 -26.19
C GLY G 213 -25.00 0.87 -26.90
N ASP G 214 -24.95 0.95 -28.24
CA ASP G 214 -26.14 0.74 -29.08
C ASP G 214 -26.77 -0.63 -28.86
N GLU G 215 -25.95 -1.67 -28.69
CA GLU G 215 -26.43 -3.03 -28.56
C GLU G 215 -26.82 -3.39 -27.13
N GLY G 216 -26.60 -2.50 -26.18
CA GLY G 216 -26.99 -2.73 -24.82
C GLY G 216 -25.92 -3.36 -23.95
N GLY G 217 -24.70 -3.54 -24.47
CA GLY G 217 -23.58 -4.03 -23.69
C GLY G 217 -22.66 -2.89 -23.27
N PHE G 218 -21.51 -3.28 -22.73
CA PHE G 218 -20.59 -2.36 -22.09
C PHE G 218 -19.35 -2.15 -22.93
N ALA G 219 -18.74 -0.97 -22.73
CA ALA G 219 -17.52 -0.56 -23.43
C ALA G 219 -16.55 0.01 -22.41
N PRO G 220 -16.17 -0.79 -21.41
CA PRO G 220 -15.22 -0.31 -20.39
C PRO G 220 -13.82 -0.11 -20.96
N ASN G 221 -13.01 0.59 -20.19
CA ASN G 221 -11.65 1.00 -20.57
C ASN G 221 -10.67 -0.15 -20.34
N LEU G 222 -10.66 -1.10 -21.27
CA LEU G 222 -9.73 -2.22 -21.25
C LEU G 222 -8.58 -2.01 -22.23
N ALA G 223 -7.48 -2.70 -21.96
CA ALA G 223 -6.25 -2.44 -22.69
C ALA G 223 -6.04 -3.30 -23.92
N SER G 224 -6.71 -4.46 -24.00
CA SER G 224 -6.39 -5.42 -25.04
C SER G 224 -7.53 -6.42 -25.20
N ASN G 225 -7.61 -7.02 -26.39
CA ASN G 225 -8.63 -8.02 -26.67
C ASN G 225 -8.64 -9.15 -25.63
N ALA G 226 -7.45 -9.62 -25.24
CA ALA G 226 -7.39 -10.74 -24.32
C ALA G 226 -7.97 -10.38 -22.96
N GLU G 227 -7.70 -9.16 -22.51
CA GLU G 227 -8.26 -8.66 -21.27
C GLU G 227 -9.79 -8.65 -21.32
N ALA G 228 -10.38 -8.34 -22.47
CA ALA G 228 -11.83 -8.43 -22.60
C ALA G 228 -12.31 -9.88 -22.55
N LEU G 229 -11.60 -10.77 -23.24
CA LEU G 229 -11.96 -12.19 -23.18
C LEU G 229 -11.83 -12.72 -21.77
N ASP G 230 -10.80 -12.28 -21.04
CA ASP G 230 -10.63 -12.65 -19.64
C ASP G 230 -11.82 -12.20 -18.79
N LEU G 231 -12.31 -10.99 -19.02
CA LEU G 231 -13.44 -10.48 -18.27
C LEU G 231 -14.71 -11.30 -18.56
N LEU G 232 -14.95 -11.67 -19.81
CA LEU G 232 -16.11 -12.51 -20.08
C LEU G 232 -16.00 -13.87 -19.35
N LEU G 233 -14.79 -14.45 -19.32
CA LEU G 233 -14.60 -15.69 -18.58
C LEU G 233 -14.95 -15.53 -17.11
N THR G 234 -14.53 -14.41 -16.51
CA THR G 234 -14.86 -14.12 -15.12
C THR G 234 -16.35 -13.97 -14.93
N ALA G 235 -17.02 -13.23 -15.81
CA ALA G 235 -18.46 -13.04 -15.66
C ALA G 235 -19.20 -14.36 -15.76
N ILE G 236 -18.81 -15.21 -16.72
CA ILE G 236 -19.43 -16.53 -16.86
C ILE G 236 -19.32 -17.33 -15.57
N GLU G 237 -18.09 -17.47 -15.03
CA GLU G 237 -17.87 -18.26 -13.83
C GLU G 237 -18.54 -17.63 -12.61
N THR G 238 -18.48 -16.31 -12.51
CA THR G 238 -19.17 -15.63 -11.43
C THR G 238 -20.67 -15.91 -11.45
N ALA G 239 -21.26 -16.00 -12.65
CA ALA G 239 -22.67 -16.31 -12.76
C ALA G 239 -22.98 -17.77 -12.47
N GLY G 240 -21.97 -18.62 -12.34
CA GLY G 240 -22.18 -20.00 -11.99
C GLY G 240 -22.12 -20.97 -13.14
N PHE G 241 -21.66 -20.53 -14.31
CA PHE G 241 -21.57 -21.36 -15.50
C PHE G 241 -20.11 -21.66 -15.83
N THR G 242 -19.93 -22.72 -16.58
CA THR G 242 -18.59 -23.18 -16.90
C THR G 242 -18.25 -22.82 -18.33
N PRO G 243 -17.19 -22.03 -18.58
CA PRO G 243 -16.84 -21.71 -19.97
C PRO G 243 -16.56 -22.95 -20.78
N ARG G 244 -16.83 -22.86 -22.09
CA ARG G 244 -16.61 -23.94 -23.05
CA ARG G 244 -16.59 -23.95 -23.04
C ARG G 244 -17.65 -25.04 -22.88
N GLU G 245 -17.99 -25.43 -21.64
CA GLU G 245 -18.99 -26.47 -21.44
C GLU G 245 -20.42 -25.95 -21.57
N ASP G 246 -20.72 -24.83 -20.91
CA ASP G 246 -22.04 -24.19 -20.86
C ASP G 246 -22.15 -22.99 -21.80
N ILE G 247 -21.09 -22.19 -21.88
CA ILE G 247 -21.08 -20.92 -22.59
C ILE G 247 -19.74 -20.81 -23.28
N SER G 248 -19.74 -20.62 -24.59
CA SER G 248 -18.54 -20.41 -25.37
C SER G 248 -18.46 -18.92 -25.76
N LEU G 249 -17.34 -18.54 -26.41
CA LEU G 249 -17.09 -17.15 -26.80
C LEU G 249 -17.13 -16.94 -28.31
N ALA G 250 -17.56 -15.74 -28.74
CA ALA G 250 -17.47 -15.39 -30.14
C ALA G 250 -17.04 -13.94 -30.31
N LEU G 251 -16.35 -13.67 -31.43
CA LEU G 251 -15.81 -12.37 -31.78
C LEU G 251 -16.44 -11.82 -33.06
N ASP G 252 -16.52 -10.48 -33.12
CA ASP G 252 -16.65 -9.72 -34.37
C ASP G 252 -15.45 -8.77 -34.42
N CYS G 253 -14.46 -9.12 -35.23
CA CYS G 253 -13.25 -8.30 -35.33
C CYS G 253 -13.51 -7.01 -36.10
N ALA G 254 -14.48 -7.02 -37.02
CA ALA G 254 -14.69 -5.90 -37.96
C ALA G 254 -13.33 -5.45 -38.52
N ALA G 255 -12.54 -6.41 -38.98
CA ALA G 255 -11.15 -6.16 -39.32
C ALA G 255 -10.98 -5.15 -40.44
N SER G 256 -11.99 -4.95 -41.27
CA SER G 256 -11.94 -3.86 -42.24
C SER G 256 -11.68 -2.53 -41.53
N SER G 257 -12.09 -2.42 -40.25
CA SER G 257 -11.96 -1.16 -39.54
C SER G 257 -10.52 -0.82 -39.23
N PHE G 258 -9.65 -1.80 -39.13
CA PHE G 258 -8.26 -1.51 -38.81
C PHE G 258 -7.31 -2.05 -39.88
N TYR G 259 -7.81 -2.16 -41.12
CA TYR G 259 -7.02 -2.63 -42.26
C TYR G 259 -6.56 -1.47 -43.13
N ASN G 260 -5.24 -1.33 -43.27
CA ASN G 260 -4.65 -0.35 -44.19
C ASN G 260 -4.54 -1.00 -45.56
N THR G 261 -5.39 -0.56 -46.50
CA THR G 261 -5.48 -1.19 -47.81
C THR G 261 -4.26 -0.91 -48.68
N GLN G 262 -3.59 0.22 -48.47
CA GLN G 262 -2.35 0.47 -49.20
C GLN G 262 -1.18 -0.35 -48.66
N ASP G 263 -0.95 -0.33 -47.35
CA ASP G 263 0.13 -1.10 -46.78
C ASP G 263 -0.25 -2.58 -46.69
N LYS G 264 -1.54 -2.90 -46.80
CA LYS G 264 -2.03 -4.25 -46.59
C LYS G 264 -1.63 -4.78 -45.21
N THR G 265 -1.97 -3.99 -44.20
CA THR G 265 -1.59 -4.26 -42.81
C THR G 265 -2.79 -4.12 -41.89
N TYR G 266 -2.86 -4.97 -40.87
CA TYR G 266 -3.89 -4.92 -39.85
C TYR G 266 -3.23 -4.37 -38.60
N ASP G 267 -3.36 -3.06 -38.37
CA ASP G 267 -2.63 -2.37 -37.33
C ASP G 267 -1.19 -2.86 -37.34
N GLY G 268 -0.59 -2.80 -38.55
CA GLY G 268 0.80 -3.13 -38.78
C GLY G 268 1.09 -4.56 -39.14
N LYS G 269 0.11 -5.45 -39.08
CA LYS G 269 0.35 -6.88 -39.22
C LYS G 269 -0.09 -7.37 -40.59
N SER G 270 0.72 -8.25 -41.18
CA SER G 270 0.36 -8.90 -42.42
C SER G 270 -0.85 -9.79 -42.16
N TYR G 271 -1.51 -10.23 -43.23
CA TYR G 271 -2.69 -11.08 -42.98
C TYR G 271 -2.26 -12.40 -42.36
N ALA G 272 -1.08 -12.91 -42.72
CA ALA G 272 -0.57 -14.12 -42.09
C ALA G 272 -0.36 -13.92 -40.59
N ASP G 273 0.20 -12.77 -40.20
CA ASP G 273 0.37 -12.46 -38.79
C ASP G 273 -0.98 -12.37 -38.09
N GLN G 274 -1.96 -11.71 -38.71
CA GLN G 274 -3.28 -11.57 -38.10
C GLN G 274 -3.96 -12.92 -37.93
N VAL G 275 -3.81 -13.82 -38.91
CA VAL G 275 -4.35 -15.18 -38.78
C VAL G 275 -3.66 -15.89 -37.63
N GLY G 276 -2.35 -15.72 -37.52
CA GLY G 276 -1.62 -16.29 -36.40
C GLY G 276 -2.12 -15.77 -35.06
N ILE G 277 -2.42 -14.47 -34.99
CA ILE G 277 -2.96 -13.89 -33.76
C ILE G 277 -4.28 -14.57 -33.41
N LEU G 278 -5.17 -14.70 -34.39
CA LEU G 278 -6.45 -15.34 -34.15
C LEU G 278 -6.29 -16.80 -33.76
N ALA G 279 -5.38 -17.54 -34.41
CA ALA G 279 -5.26 -18.95 -34.09
C ALA G 279 -4.83 -19.12 -32.63
N GLU G 280 -3.93 -18.25 -32.18
CA GLU G 280 -3.46 -18.29 -30.80
C GLU G 280 -4.58 -18.01 -29.81
N LEU G 281 -5.41 -17.00 -30.10
CA LEU G 281 -6.55 -16.71 -29.22
C LEU G 281 -7.47 -17.90 -29.12
N CYS G 282 -7.72 -18.58 -30.26
CA CYS G 282 -8.58 -19.76 -30.27
C CYS G 282 -7.94 -20.94 -29.56
N GLU G 283 -6.59 -21.03 -29.55
CA GLU G 283 -5.93 -22.09 -28.79
C GLU G 283 -6.03 -21.85 -27.28
N HIS G 284 -6.21 -20.59 -26.86
CA HIS G 284 -6.21 -20.24 -25.45
C HIS G 284 -7.56 -19.85 -24.89
N TYR G 285 -8.52 -19.47 -25.74
CA TYR G 285 -9.87 -19.21 -25.27
C TYR G 285 -10.86 -20.12 -25.96
N PRO G 286 -11.98 -20.44 -25.30
CA PRO G 286 -13.06 -21.21 -25.93
C PRO G 286 -13.89 -20.34 -26.88
N ILE G 287 -13.21 -19.79 -27.87
CA ILE G 287 -13.83 -19.07 -28.98
C ILE G 287 -14.26 -20.10 -30.02
N ASP G 288 -15.55 -20.12 -30.36
CA ASP G 288 -15.99 -21.02 -31.40
C ASP G 288 -16.54 -20.30 -32.62
N SER G 289 -16.38 -18.97 -32.71
CA SER G 289 -16.90 -18.21 -33.84
C SER G 289 -16.18 -16.87 -33.94
N ILE G 290 -15.74 -16.55 -35.15
CA ILE G 290 -15.06 -15.30 -35.47
C ILE G 290 -15.74 -14.72 -36.68
N GLU G 291 -16.20 -13.47 -36.58
CA GLU G 291 -16.84 -12.73 -37.65
C GLU G 291 -15.87 -11.69 -38.17
N ASP G 292 -15.74 -11.60 -39.50
CA ASP G 292 -14.89 -10.60 -40.16
C ASP G 292 -13.49 -10.52 -39.54
N GLY G 293 -12.86 -11.68 -39.36
CA GLY G 293 -11.52 -11.71 -38.82
C GLY G 293 -10.50 -11.08 -39.72
N LEU G 294 -10.80 -10.98 -41.02
CA LEU G 294 -9.97 -10.27 -41.98
C LEU G 294 -10.87 -9.34 -42.79
N ALA G 295 -10.24 -8.47 -43.59
CA ALA G 295 -10.92 -7.39 -44.27
C ALA G 295 -11.83 -7.87 -45.42
N GLU G 296 -12.78 -7.01 -45.82
CA GLU G 296 -13.87 -7.38 -46.71
C GLU G 296 -13.40 -7.73 -48.12
N GLU G 297 -12.21 -7.28 -48.50
CA GLU G 297 -11.66 -7.57 -49.81
C GLU G 297 -10.34 -8.33 -49.77
N ASP G 298 -9.87 -8.76 -48.58
CA ASP G 298 -8.58 -9.46 -48.47
C ASP G 298 -8.82 -10.95 -48.72
N PHE G 299 -8.84 -11.31 -50.00
CA PHE G 299 -9.27 -12.66 -50.33
C PHE G 299 -8.15 -13.67 -50.07
N GLU G 300 -6.89 -13.26 -50.22
CA GLU G 300 -5.79 -14.15 -49.88
C GLU G 300 -5.77 -14.42 -48.38
N GLY G 301 -5.96 -13.37 -47.58
CA GLY G 301 -6.07 -13.57 -46.14
C GLY G 301 -7.21 -14.49 -45.77
N TRP G 302 -8.41 -14.24 -46.32
CA TRP G 302 -9.54 -15.09 -46.01
C TRP G 302 -9.24 -16.54 -46.40
N LYS G 303 -8.58 -16.74 -47.53
CA LYS G 303 -8.27 -18.11 -47.92
C LYS G 303 -7.39 -18.78 -46.87
N LEU G 304 -6.35 -18.07 -46.39
CA LEU G 304 -5.49 -18.61 -45.35
C LEU G 304 -6.20 -18.82 -44.02
N LEU G 305 -7.03 -17.85 -43.60
CA LEU G 305 -7.82 -18.03 -42.38
C LEU G 305 -8.71 -19.26 -42.48
N SER G 306 -9.34 -19.47 -43.64
CA SER G 306 -10.22 -20.61 -43.82
C SER G 306 -9.43 -21.91 -43.74
N GLU G 307 -8.23 -21.94 -44.34
CA GLU G 307 -7.40 -23.13 -44.29
C GLU G 307 -6.88 -23.39 -42.87
N THR G 308 -6.66 -22.35 -42.08
CA THR G 308 -6.04 -22.50 -40.77
C THR G 308 -7.06 -22.84 -39.69
N LEU G 309 -8.19 -22.12 -39.67
CA LEU G 309 -9.17 -22.28 -38.62
C LEU G 309 -10.53 -22.79 -39.08
N GLY G 310 -10.78 -22.89 -40.38
CA GLY G 310 -12.09 -23.29 -40.91
C GLY G 310 -12.47 -24.72 -40.59
N ASP G 311 -11.55 -25.48 -40.04
CA ASP G 311 -11.79 -26.83 -39.56
C ASP G 311 -12.07 -26.90 -38.05
N ARG G 312 -11.97 -25.75 -37.32
CA ARG G 312 -12.02 -25.76 -35.85
C ARG G 312 -13.04 -24.76 -35.30
N VAL G 313 -13.24 -23.60 -35.96
CA VAL G 313 -14.15 -22.57 -35.45
C VAL G 313 -15.01 -22.08 -36.60
N GLN G 314 -16.19 -21.57 -36.25
CA GLN G 314 -17.03 -20.90 -37.22
C GLN G 314 -16.39 -19.61 -37.71
N LEU G 315 -16.42 -19.39 -39.02
CA LEU G 315 -15.87 -18.17 -39.61
C LEU G 315 -17.00 -17.45 -40.34
N VAL G 316 -17.45 -16.33 -39.77
CA VAL G 316 -18.61 -15.60 -40.28
C VAL G 316 -18.14 -14.49 -41.19
N GLY G 317 -18.68 -14.45 -42.40
CA GLY G 317 -18.57 -13.29 -43.27
C GLY G 317 -19.74 -12.36 -43.05
N ASP G 318 -19.46 -11.11 -42.67
CA ASP G 318 -20.48 -10.06 -42.63
C ASP G 318 -20.17 -9.02 -43.72
N ASP G 319 -19.18 -8.14 -43.50
CA ASP G 319 -18.76 -7.26 -44.57
C ASP G 319 -18.25 -8.03 -45.77
N LEU G 320 -17.85 -9.28 -45.57
CA LEU G 320 -17.35 -10.08 -46.70
C LEU G 320 -18.43 -10.34 -47.73
N PHE G 321 -19.68 -10.54 -47.28
CA PHE G 321 -20.77 -11.02 -48.12
C PHE G 321 -21.92 -10.02 -48.28
N VAL G 322 -22.18 -9.22 -47.24
CA VAL G 322 -23.27 -8.24 -47.14
C VAL G 322 -24.58 -8.80 -47.68
N THR G 323 -24.92 -10.03 -47.29
CA THR G 323 -26.22 -10.64 -47.61
C THR G 323 -26.51 -10.61 -49.11
N ASN G 324 -25.46 -10.68 -49.92
CA ASN G 324 -25.53 -10.53 -51.36
C ASN G 324 -25.22 -11.89 -52.00
N SER G 325 -26.24 -12.47 -52.66
CA SER G 325 -26.15 -13.85 -53.14
C SER G 325 -24.97 -14.05 -54.09
N ALA G 326 -24.67 -13.06 -54.90
CA ALA G 326 -23.54 -13.18 -55.81
C ALA G 326 -22.21 -13.16 -55.07
N LEU G 327 -22.04 -12.29 -54.06
CA LEU G 327 -20.78 -12.31 -53.32
C LEU G 327 -20.63 -13.63 -52.56
N ILE G 328 -21.73 -14.12 -51.99
CA ILE G 328 -21.72 -15.37 -51.25
C ILE G 328 -21.31 -16.52 -52.16
N ALA G 329 -21.89 -16.56 -53.36
CA ALA G 329 -21.56 -17.61 -54.31
C ALA G 329 -20.07 -17.59 -54.67
N GLU G 330 -19.50 -16.39 -54.87
CA GLU G 330 -18.09 -16.31 -55.22
C GLU G 330 -17.21 -16.70 -54.02
N GLY G 331 -17.61 -16.31 -52.82
CA GLY G 331 -16.86 -16.73 -51.64
C GLY G 331 -16.86 -18.23 -51.45
N ILE G 332 -18.02 -18.87 -51.59
CA ILE G 332 -18.13 -20.33 -51.45
C ILE G 332 -17.29 -21.03 -52.51
N ALA G 333 -17.33 -20.52 -53.74
CA ALA G 333 -16.53 -21.10 -54.81
C ALA G 333 -15.04 -21.02 -54.51
N GLN G 334 -14.60 -19.94 -53.83
CA GLN G 334 -13.21 -19.77 -53.47
C GLN G 334 -12.88 -20.37 -52.11
N GLY G 335 -13.87 -20.95 -51.43
CA GLY G 335 -13.64 -21.62 -50.17
C GLY G 335 -13.43 -20.69 -49.01
N LEU G 336 -14.12 -19.55 -48.98
CA LEU G 336 -13.92 -18.52 -47.96
C LEU G 336 -15.02 -18.61 -46.92
N ALA G 337 -14.62 -18.68 -45.65
CA ALA G 337 -15.55 -18.59 -44.52
C ALA G 337 -16.34 -19.90 -44.43
N ASN G 338 -17.19 -20.03 -43.39
CA ASN G 338 -18.11 -21.16 -43.32
C ASN G 338 -19.48 -20.78 -42.80
N ALA G 339 -19.77 -19.49 -42.67
CA ALA G 339 -21.07 -19.01 -42.20
C ALA G 339 -21.32 -17.61 -42.76
N VAL G 340 -22.60 -17.26 -42.87
CA VAL G 340 -23.02 -15.99 -43.46
C VAL G 340 -23.94 -15.28 -42.49
N LEU G 341 -23.59 -14.03 -42.16
CA LEU G 341 -24.49 -13.13 -41.47
C LEU G 341 -25.56 -12.63 -42.43
N ILE G 342 -26.80 -12.56 -41.94
CA ILE G 342 -27.96 -12.19 -42.76
C ILE G 342 -28.63 -10.93 -42.17
N LYS G 343 -28.49 -9.81 -42.89
CA LYS G 343 -29.11 -8.54 -42.55
C LYS G 343 -30.11 -8.22 -43.66
N PRO G 344 -31.40 -8.41 -43.44
CA PRO G 344 -32.33 -8.25 -44.57
C PRO G 344 -32.27 -6.89 -45.24
N ASN G 345 -32.06 -5.84 -44.47
CA ASN G 345 -32.04 -4.50 -45.05
C ASN G 345 -30.73 -4.19 -45.78
N GLN G 346 -29.73 -5.07 -45.73
CA GLN G 346 -28.55 -4.88 -46.58
C GLN G 346 -28.85 -5.22 -48.03
N ILE G 347 -29.86 -6.02 -48.27
CA ILE G 347 -30.23 -6.42 -49.62
C ILE G 347 -31.59 -5.88 -50.02
N GLY G 348 -32.57 -5.83 -49.11
CA GLY G 348 -33.75 -4.99 -49.31
C GLY G 348 -35.08 -5.68 -49.56
N THR G 349 -35.11 -7.00 -49.80
CA THR G 349 -36.40 -7.69 -49.89
C THR G 349 -36.33 -8.99 -49.12
N LEU G 350 -37.51 -9.50 -48.76
CA LEU G 350 -37.54 -10.83 -48.14
C LEU G 350 -37.12 -11.89 -49.15
N THR G 351 -37.55 -11.73 -50.41
CA THR G 351 -37.24 -12.72 -51.42
C THR G 351 -35.73 -12.88 -51.58
N GLU G 352 -35.00 -11.76 -51.65
CA GLU G 352 -33.54 -11.83 -51.77
C GLU G 352 -32.91 -12.32 -50.46
N THR G 353 -33.51 -12.01 -49.32
CA THR G 353 -33.00 -12.52 -48.05
C THR G 353 -33.04 -14.04 -48.02
N ALA G 354 -34.18 -14.60 -48.40
CA ALA G 354 -34.37 -16.03 -48.37
C ALA G 354 -33.43 -16.72 -49.36
N GLU G 355 -33.19 -16.08 -50.50
CA GLU G 355 -32.33 -16.70 -51.50
C GLU G 355 -30.89 -16.70 -51.04
N ALA G 356 -30.44 -15.63 -50.39
CA ALA G 356 -29.12 -15.65 -49.76
C ALA G 356 -29.00 -16.76 -48.72
N ILE G 357 -30.05 -16.95 -47.91
CA ILE G 357 -30.03 -18.03 -46.95
C ILE G 357 -29.96 -19.37 -47.68
N ARG G 358 -30.78 -19.53 -48.72
CA ARG G 358 -30.83 -20.83 -49.39
C ARG G 358 -29.49 -21.17 -50.03
N LEU G 359 -28.89 -20.21 -50.74
CA LEU G 359 -27.65 -20.50 -51.47
C LEU G 359 -26.50 -20.82 -50.52
N ALA G 360 -26.46 -20.15 -49.36
CA ALA G 360 -25.43 -20.48 -48.38
C ALA G 360 -25.69 -21.86 -47.80
N THR G 361 -26.94 -22.14 -47.43
CA THR G 361 -27.26 -23.34 -46.68
C THR G 361 -27.05 -24.58 -47.54
N ILE G 362 -27.44 -24.54 -48.82
CA ILE G 362 -27.31 -25.76 -49.61
C ILE G 362 -25.87 -26.09 -49.92
N GLN G 363 -24.93 -25.15 -49.71
CA GLN G 363 -23.50 -25.39 -49.81
C GLN G 363 -22.86 -25.70 -48.46
N GLY G 364 -23.64 -25.93 -47.43
CA GLY G 364 -23.08 -26.30 -46.15
C GLY G 364 -22.64 -25.16 -45.24
N TYR G 365 -22.94 -23.91 -45.61
CA TYR G 365 -22.66 -22.79 -44.74
C TYR G 365 -23.81 -22.58 -43.76
N ALA G 366 -23.47 -22.29 -42.52
CA ALA G 366 -24.48 -21.83 -41.57
C ALA G 366 -24.89 -20.39 -41.86
N THR G 367 -26.12 -20.02 -41.47
CA THR G 367 -26.57 -18.64 -41.59
C THR G 367 -27.05 -18.09 -40.25
N ILE G 368 -26.86 -16.78 -40.07
CA ILE G 368 -27.08 -16.11 -38.78
C ILE G 368 -27.87 -14.82 -39.02
N LEU G 369 -29.13 -14.80 -38.57
CA LEU G 369 -29.93 -13.58 -38.65
C LEU G 369 -29.32 -12.51 -37.74
N SER G 370 -29.30 -11.26 -38.22
CA SER G 370 -28.65 -10.16 -37.50
C SER G 370 -29.50 -8.90 -37.42
N HIS G 371 -29.42 -8.25 -36.26
CA HIS G 371 -29.91 -6.90 -36.07
C HIS G 371 -28.96 -5.89 -36.73
N ARG G 372 -29.37 -4.64 -36.72
CA ARG G 372 -28.53 -3.53 -37.11
C ARG G 372 -28.28 -2.68 -35.87
N SER G 373 -27.29 -1.81 -35.98
CA SER G 373 -27.01 -0.93 -34.83
C SER G 373 -28.20 -0.02 -34.56
N GLY G 374 -28.87 0.45 -35.59
CA GLY G 374 -30.10 1.18 -35.38
C GLY G 374 -31.31 0.28 -35.49
N GLU G 375 -31.83 -0.19 -34.37
CA GLU G 375 -32.95 -1.10 -34.38
C GLU G 375 -34.26 -0.39 -33.99
N THR G 376 -35.35 -1.18 -34.02
CA THR G 376 -36.66 -0.71 -33.60
C THR G 376 -37.31 -1.81 -32.76
N GLU G 377 -38.52 -1.52 -32.29
CA GLU G 377 -39.37 -2.48 -31.57
C GLU G 377 -39.89 -3.60 -32.47
N ASP G 378 -39.66 -3.55 -33.77
CA ASP G 378 -40.03 -4.65 -34.66
C ASP G 378 -39.19 -5.88 -34.36
N THR G 379 -39.83 -7.05 -34.41
CA THR G 379 -39.20 -8.31 -34.02
C THR G 379 -39.09 -9.32 -35.15
N THR G 380 -39.19 -8.87 -36.41
CA THR G 380 -39.25 -9.76 -37.56
C THR G 380 -38.05 -10.70 -37.68
N ILE G 381 -36.84 -10.26 -37.30
CA ILE G 381 -35.72 -11.18 -37.48
C ILE G 381 -35.81 -12.38 -36.55
N ALA G 382 -36.51 -12.27 -35.41
CA ALA G 382 -36.78 -13.47 -34.62
C ALA G 382 -37.62 -14.48 -35.42
N ASP G 383 -38.71 -14.01 -36.02
CA ASP G 383 -39.54 -14.88 -36.84
C ASP G 383 -38.76 -15.43 -38.02
N LEU G 384 -37.86 -14.62 -38.61
CA LEU G 384 -37.10 -15.09 -39.78
C LEU G 384 -36.11 -16.18 -39.40
N ALA G 385 -35.44 -16.06 -38.24
CA ALA G 385 -34.51 -17.08 -37.80
C ALA G 385 -35.20 -18.42 -37.64
N VAL G 386 -36.44 -18.41 -37.12
CA VAL G 386 -37.19 -19.65 -36.94
C VAL G 386 -37.76 -20.13 -38.26
N ALA G 387 -38.30 -19.21 -39.07
CA ALA G 387 -38.88 -19.58 -40.35
C ALA G 387 -37.90 -20.40 -41.17
N PHE G 388 -36.62 -20.00 -41.19
CA PHE G 388 -35.61 -20.65 -42.01
C PHE G 388 -34.77 -21.63 -41.21
N ASN G 389 -35.18 -21.89 -39.97
CA ASN G 389 -34.49 -22.82 -39.10
C ASN G 389 -32.99 -22.52 -39.07
N THR G 390 -32.61 -21.25 -38.96
CA THR G 390 -31.17 -20.97 -39.15
C THR G 390 -30.32 -21.51 -38.01
N GLY G 391 -30.86 -21.63 -36.81
CA GLY G 391 -30.07 -22.13 -35.71
C GLY G 391 -29.16 -21.11 -35.06
N GLN G 392 -29.14 -19.89 -35.55
CA GLN G 392 -28.32 -18.86 -34.92
C GLN G 392 -28.96 -17.51 -35.13
N ILE G 393 -28.74 -16.61 -34.17
CA ILE G 393 -29.20 -15.23 -34.28
C ILE G 393 -28.21 -14.36 -33.51
N LYS G 394 -28.13 -13.10 -33.95
CA LYS G 394 -27.28 -12.10 -33.32
C LYS G 394 -28.14 -10.85 -33.19
N THR G 395 -28.62 -10.56 -31.98
CA THR G 395 -29.56 -9.44 -31.84
C THR G 395 -29.31 -8.65 -30.55
N GLY G 396 -28.10 -8.71 -30.01
CA GLY G 396 -27.65 -7.73 -29.04
C GLY G 396 -27.38 -8.31 -27.66
N SER G 397 -27.09 -7.41 -26.73
CA SER G 397 -26.83 -7.72 -25.34
C SER G 397 -28.17 -7.91 -24.62
N LEU G 398 -28.12 -7.94 -23.29
CA LEU G 398 -29.28 -8.24 -22.47
C LEU G 398 -29.86 -7.00 -21.81
N SER G 399 -29.71 -5.84 -22.46
CA SER G 399 -30.46 -4.65 -22.09
C SER G 399 -30.80 -3.86 -23.35
N ARG G 400 -31.82 -2.97 -23.21
CA ARG G 400 -32.45 -2.20 -24.29
C ARG G 400 -33.50 -3.05 -25.02
N SER G 401 -34.75 -2.57 -25.04
CA SER G 401 -35.84 -3.42 -25.51
C SER G 401 -35.87 -3.65 -27.02
N GLU G 402 -35.21 -2.81 -27.82
CA GLU G 402 -35.07 -3.18 -29.24
C GLU G 402 -34.17 -4.41 -29.45
N ARG G 403 -33.35 -4.78 -28.46
CA ARG G 403 -32.66 -6.07 -28.44
C ARG G 403 -33.50 -7.11 -27.69
N ILE G 404 -33.89 -6.80 -26.45
CA ILE G 404 -34.67 -7.73 -25.65
C ILE G 404 -35.96 -8.16 -26.35
N ALA G 405 -36.62 -7.24 -27.08
CA ALA G 405 -37.91 -7.63 -27.69
C ALA G 405 -37.74 -8.81 -28.63
N LYS G 406 -36.57 -8.95 -29.28
CA LYS G 406 -36.34 -10.12 -30.13
C LYS G 406 -36.23 -11.38 -29.30
N TYR G 407 -35.57 -11.31 -28.13
CA TYR G 407 -35.51 -12.51 -27.29
C TYR G 407 -36.90 -12.83 -26.74
N ASN G 408 -37.66 -11.81 -26.36
CA ASN G 408 -39.03 -12.04 -25.88
C ASN G 408 -39.87 -12.68 -26.96
N ARG G 409 -39.69 -12.25 -28.21
CA ARG G 409 -40.44 -12.85 -29.31
C ARG G 409 -40.02 -14.30 -29.53
N LEU G 410 -38.72 -14.57 -29.48
CA LEU G 410 -38.25 -15.95 -29.60
C LEU G 410 -38.84 -16.82 -28.51
N MET G 411 -38.94 -16.30 -27.30
CA MET G 411 -39.52 -17.11 -26.22
C MET G 411 -40.99 -17.38 -26.48
N ALA G 412 -41.72 -16.39 -27.00
CA ALA G 412 -43.11 -16.58 -27.37
C ALA G 412 -43.29 -17.62 -28.47
N ILE G 413 -42.44 -17.56 -29.48
CA ILE G 413 -42.50 -18.55 -30.56
C ILE G 413 -42.27 -19.95 -29.99
N GLU G 414 -41.25 -20.10 -29.14
CA GLU G 414 -40.92 -21.41 -28.59
C GLU G 414 -42.06 -21.97 -27.75
N GLU G 415 -42.65 -21.13 -26.88
CA GLU G 415 -43.77 -21.55 -26.05
C GLU G 415 -45.00 -21.86 -26.91
N GLU G 416 -45.32 -20.98 -27.86
CA GLU G 416 -46.44 -21.21 -28.78
C GLU G 416 -46.36 -22.57 -29.49
N MET G 417 -45.15 -23.01 -29.85
CA MET G 417 -44.94 -24.23 -30.59
C MET G 417 -44.99 -25.50 -29.73
N GLY G 418 -44.89 -25.36 -28.41
CA GLY G 418 -44.96 -26.49 -27.51
C GLY G 418 -43.99 -27.59 -27.87
N PRO G 419 -44.52 -28.81 -28.08
CA PRO G 419 -43.63 -29.95 -28.35
C PRO G 419 -42.94 -29.89 -29.69
N GLU G 420 -43.32 -28.97 -30.56
CA GLU G 420 -42.68 -28.89 -31.86
C GLU G 420 -41.34 -28.16 -31.79
N ALA G 421 -41.10 -27.40 -30.73
CA ALA G 421 -39.95 -26.52 -30.66
C ALA G 421 -38.66 -27.30 -30.47
N LEU G 422 -37.59 -26.83 -31.10
CA LEU G 422 -36.26 -27.43 -30.94
C LEU G 422 -35.21 -26.34 -30.89
N PHE G 423 -34.54 -26.21 -29.74
CA PHE G 423 -33.37 -25.34 -29.63
C PHE G 423 -32.18 -26.10 -30.20
N GLN G 424 -31.54 -25.53 -31.20
CA GLN G 424 -30.43 -26.22 -31.84
C GLN G 424 -29.49 -25.19 -32.47
N ASP G 425 -28.28 -25.12 -31.92
CA ASP G 425 -27.19 -24.33 -32.45
C ASP G 425 -26.76 -24.92 -33.78
N SER G 426 -26.61 -24.09 -34.81
CA SER G 426 -26.12 -24.54 -36.11
C SER G 426 -24.63 -24.30 -36.31
N ASN G 427 -23.95 -23.77 -35.31
CA ASN G 427 -22.51 -23.61 -35.46
C ASN G 427 -21.90 -24.93 -35.91
N PRO G 428 -21.26 -25.00 -37.08
CA PRO G 428 -20.76 -26.28 -37.57
C PRO G 428 -19.86 -26.99 -36.57
N PHE G 429 -19.29 -26.25 -35.62
CA PHE G 429 -18.35 -26.79 -34.65
C PHE G 429 -18.97 -26.86 -33.27
N SER G 430 -20.28 -27.01 -33.30
CA SER G 430 -21.09 -27.25 -32.12
C SER G 430 -20.66 -28.58 -31.53
N LYS G 431 -20.50 -28.64 -30.21
CA LYS G 431 -20.10 -29.89 -29.58
C LYS G 431 -21.31 -30.76 -29.25
N ALA G 432 -22.48 -30.17 -29.15
CA ALA G 432 -23.73 -30.91 -28.98
C ALA G 432 -23.99 -31.87 -30.15
N ASP H 11 -73.05 -11.35 -26.71
CA ASP H 11 -72.17 -10.78 -25.67
C ASP H 11 -70.79 -11.46 -25.66
N VAL H 12 -69.75 -10.63 -25.56
CA VAL H 12 -68.37 -11.07 -25.64
C VAL H 12 -67.82 -11.12 -24.21
N VAL H 13 -67.26 -12.28 -23.83
CA VAL H 13 -66.82 -12.49 -22.46
C VAL H 13 -65.40 -13.03 -22.43
N ILE H 14 -64.81 -12.92 -21.25
CA ILE H 14 -63.47 -13.41 -20.98
C ILE H 14 -63.51 -14.94 -21.00
N SER H 15 -62.71 -15.55 -21.88
CA SER H 15 -62.68 -16.99 -21.98
C SER H 15 -61.43 -17.59 -21.36
N ASP H 16 -60.27 -16.97 -21.56
CA ASP H 16 -59.03 -17.48 -21.00
C ASP H 16 -58.08 -16.33 -20.80
N ILE H 17 -57.07 -16.55 -19.95
CA ILE H 17 -55.96 -15.63 -19.78
C ILE H 17 -54.65 -16.44 -19.75
N GLU H 18 -53.70 -16.06 -20.59
CA GLU H 18 -52.36 -16.65 -20.64
C GLU H 18 -51.38 -15.62 -20.13
N ALA H 19 -50.31 -16.09 -19.51
CA ALA H 19 -49.25 -15.22 -19.04
C ALA H 19 -47.93 -15.93 -19.25
N ARG H 20 -46.87 -15.15 -19.50
CA ARG H 20 -45.52 -15.67 -19.71
C ARG H 20 -44.46 -14.69 -19.22
N GLU H 21 -43.27 -15.23 -18.97
CA GLU H 21 -42.13 -14.49 -18.46
C GLU H 21 -41.27 -13.98 -19.61
N ILE H 22 -41.02 -12.67 -19.60
CA ILE H 22 -40.17 -11.98 -20.56
C ILE H 22 -39.09 -11.26 -19.76
N LEU H 23 -38.21 -10.56 -20.46
CA LEU H 23 -37.22 -9.68 -19.82
C LEU H 23 -37.60 -8.22 -20.06
N ASP H 24 -37.37 -7.37 -19.06
CA ASP H 24 -37.55 -5.93 -19.21
C ASP H 24 -36.30 -5.30 -19.82
N SER H 25 -36.29 -3.97 -19.96
CA SER H 25 -35.22 -3.25 -20.64
C SER H 25 -33.89 -3.28 -19.90
N ARG H 26 -33.86 -3.78 -18.68
CA ARG H 26 -32.63 -3.89 -17.91
C ARG H 26 -32.14 -5.32 -17.81
N GLY H 27 -32.83 -6.26 -18.44
CA GLY H 27 -32.44 -7.66 -18.41
C GLY H 27 -32.99 -8.46 -17.25
N TYR H 28 -34.04 -7.98 -16.61
CA TYR H 28 -34.61 -8.66 -15.49
C TYR H 28 -36.01 -9.16 -15.82
N PRO H 29 -36.48 -10.24 -15.17
CA PRO H 29 -37.78 -10.80 -15.54
C PRO H 29 -38.94 -9.85 -15.30
N THR H 30 -39.93 -9.94 -16.18
CA THR H 30 -41.28 -9.43 -15.90
C THR H 30 -42.26 -10.32 -16.67
N LEU H 31 -43.53 -9.95 -16.72
CA LEU H 31 -44.51 -10.78 -17.40
C LEU H 31 -45.30 -10.00 -18.43
N CYS H 32 -45.75 -10.74 -19.43
CA CYS H 32 -46.77 -10.28 -20.36
CA CYS H 32 -46.75 -10.30 -20.38
C CYS H 32 -47.99 -11.16 -20.19
N VAL H 33 -49.16 -10.56 -20.37
CA VAL H 33 -50.46 -11.20 -20.19
C VAL H 33 -51.27 -11.07 -21.48
N LYS H 34 -51.94 -12.14 -21.87
CA LYS H 34 -52.83 -12.15 -23.02
C LYS H 34 -54.23 -12.56 -22.53
N VAL H 35 -55.23 -11.70 -22.74
CA VAL H 35 -56.63 -12.00 -22.43
C VAL H 35 -57.35 -12.37 -23.71
N ILE H 36 -58.10 -13.48 -23.68
CA ILE H 36 -58.76 -14.05 -24.84
C ILE H 36 -60.26 -14.11 -24.58
N THR H 37 -61.05 -13.64 -25.53
CA THR H 37 -62.50 -13.70 -25.44
C THR H 37 -63.06 -14.96 -26.09
N ASN H 38 -64.37 -15.18 -25.90
CA ASN H 38 -65.02 -16.34 -26.48
C ASN H 38 -65.18 -16.24 -27.99
N THR H 39 -65.02 -15.05 -28.59
CA THR H 39 -65.00 -14.92 -30.04
C THR H 39 -63.59 -15.07 -30.62
N GLY H 40 -62.58 -15.26 -29.79
CA GLY H 40 -61.21 -15.38 -30.24
C GLY H 40 -60.43 -14.09 -30.37
N THR H 41 -61.06 -12.94 -30.13
CA THR H 41 -60.30 -11.70 -30.02
C THR H 41 -59.49 -11.70 -28.73
N PHE H 42 -58.47 -10.88 -28.72
CA PHE H 42 -57.61 -10.85 -27.55
C PHE H 42 -56.87 -9.55 -27.45
N GLY H 43 -56.26 -9.35 -26.29
CA GLY H 43 -55.30 -8.28 -26.10
C GLY H 43 -54.15 -8.76 -25.23
N GLU H 44 -52.99 -8.13 -25.43
CA GLU H 44 -51.79 -8.48 -24.72
C GLU H 44 -51.15 -7.23 -24.16
N ALA H 45 -50.60 -7.31 -22.95
CA ALA H 45 -49.89 -6.19 -22.35
C ALA H 45 -48.78 -6.79 -21.50
N CYS H 46 -47.69 -6.04 -21.37
CA CYS H 46 -46.58 -6.39 -20.51
C CYS H 46 -46.44 -5.33 -19.43
N VAL H 47 -45.79 -5.71 -18.34
CA VAL H 47 -45.78 -4.93 -17.10
C VAL H 47 -44.35 -4.47 -16.84
N PRO H 48 -44.13 -3.21 -16.51
CA PRO H 48 -42.79 -2.75 -16.17
C PRO H 48 -42.44 -3.15 -14.74
N SER H 49 -41.24 -2.76 -14.32
CA SER H 49 -40.70 -3.13 -13.03
C SER H 49 -41.30 -2.20 -12.00
N GLY H 50 -41.53 -2.74 -10.81
CA GLY H 50 -42.03 -1.97 -9.67
C GLY H 50 -41.18 -2.19 -8.43
N ALA H 51 -41.85 -2.24 -7.28
CA ALA H 51 -41.24 -2.59 -6.00
C ALA H 51 -41.83 -3.88 -5.48
N SER H 52 -40.98 -4.79 -5.01
CA SER H 52 -41.42 -6.03 -4.39
C SER H 52 -41.56 -5.92 -2.89
N THR H 53 -41.03 -4.83 -2.30
CA THR H 53 -40.98 -4.61 -0.86
C THR H 53 -41.32 -3.15 -0.55
N GLY H 54 -41.75 -2.92 0.68
CA GLY H 54 -41.91 -1.58 1.21
C GLY H 54 -43.37 -1.21 1.45
N ILE H 55 -43.54 -0.04 2.05
CA ILE H 55 -44.83 0.43 2.54
C ILE H 55 -45.50 1.38 1.56
N LYS H 56 -44.82 1.80 0.50
CA LYS H 56 -45.30 2.91 -0.31
C LYS H 56 -46.20 2.48 -1.47
N GLU H 57 -45.82 1.45 -2.21
CA GLU H 57 -46.49 1.11 -3.46
C GLU H 57 -47.24 -0.22 -3.39
N ALA H 58 -48.14 -0.42 -4.36
CA ALA H 58 -48.60 -1.78 -4.61
C ALA H 58 -47.38 -2.62 -4.97
N LEU H 59 -47.35 -3.86 -4.51
CA LEU H 59 -46.14 -4.67 -4.57
C LEU H 59 -46.23 -5.71 -5.67
N GLU H 60 -45.26 -5.68 -6.59
CA GLU H 60 -45.05 -6.78 -7.53
C GLU H 60 -44.53 -7.99 -6.76
N LEU H 61 -44.92 -9.18 -7.22
CA LEU H 61 -44.49 -10.43 -6.62
C LEU H 61 -43.30 -11.01 -7.38
N ARG H 62 -42.21 -11.27 -6.67
CA ARG H 62 -41.07 -11.97 -7.22
C ARG H 62 -40.91 -13.35 -6.57
N ASP H 63 -40.32 -14.28 -7.32
CA ASP H 63 -40.25 -15.68 -6.86
C ASP H 63 -39.26 -15.87 -5.71
N LYS H 64 -38.20 -15.09 -5.64
CA LYS H 64 -37.21 -15.20 -4.57
C LYS H 64 -36.42 -16.51 -4.63
N ASP H 65 -36.34 -17.12 -5.82
CA ASP H 65 -35.53 -18.31 -6.01
C ASP H 65 -34.10 -17.91 -6.36
N PRO H 66 -33.12 -18.10 -5.46
CA PRO H 66 -31.74 -17.65 -5.77
C PRO H 66 -31.10 -18.42 -6.92
N LYS H 67 -31.60 -19.59 -7.27
CA LYS H 67 -31.06 -20.39 -8.37
C LYS H 67 -31.53 -19.89 -9.73
N ARG H 68 -32.38 -18.85 -9.75
CA ARG H 68 -33.03 -18.39 -10.97
C ARG H 68 -33.09 -16.86 -11.03
N TYR H 69 -32.33 -16.24 -11.94
CA TYR H 69 -32.38 -14.78 -12.14
C TYR H 69 -32.18 -14.02 -10.82
N GLN H 70 -31.32 -14.54 -9.95
CA GLN H 70 -31.02 -13.83 -8.70
C GLN H 70 -32.28 -13.59 -7.87
N GLY H 71 -33.26 -14.47 -8.01
CA GLY H 71 -34.49 -14.41 -7.26
C GLY H 71 -35.59 -13.53 -7.79
N LYS H 72 -35.44 -12.91 -8.96
CA LYS H 72 -36.39 -11.94 -9.47
C LYS H 72 -37.32 -12.53 -10.53
N GLY H 73 -37.34 -13.85 -10.66
CA GLY H 73 -38.32 -14.46 -11.54
C GLY H 73 -39.74 -14.12 -11.14
N VAL H 74 -40.65 -14.24 -12.10
CA VAL H 74 -42.05 -13.94 -11.81
C VAL H 74 -42.94 -15.11 -12.20
N LEU H 75 -42.42 -16.32 -12.08
CA LEU H 75 -43.20 -17.53 -12.37
C LEU H 75 -44.39 -17.69 -11.44
N GLN H 76 -44.30 -17.16 -10.22
CA GLN H 76 -45.40 -17.26 -9.27
C GLN H 76 -46.53 -16.29 -9.63
N ALA H 77 -46.20 -15.03 -9.97
CA ALA H 77 -47.23 -14.14 -10.49
C ALA H 77 -47.90 -14.72 -11.74
N ILE H 78 -47.11 -15.30 -12.64
CA ILE H 78 -47.67 -15.97 -13.82
C ILE H 78 -48.65 -17.05 -13.40
N SER H 79 -48.26 -17.88 -12.42
CA SER H 79 -49.16 -18.91 -11.92
C SER H 79 -50.43 -18.34 -11.32
N ASN H 80 -50.33 -17.20 -10.60
CA ASN H 80 -51.53 -16.58 -10.01
C ASN H 80 -52.52 -16.13 -11.08
N VAL H 81 -52.02 -15.56 -12.18
CA VAL H 81 -52.90 -15.19 -13.30
C VAL H 81 -53.65 -16.43 -13.79
N GLU H 82 -52.91 -17.52 -14.03
CA GLU H 82 -53.49 -18.68 -14.71
C GLU H 82 -54.42 -19.47 -13.81
N LYS H 83 -54.12 -19.50 -12.50
CA LYS H 83 -54.82 -20.36 -11.56
C LYS H 83 -55.78 -19.65 -10.63
N VAL H 84 -55.60 -18.36 -10.35
CA VAL H 84 -56.49 -17.63 -9.47
C VAL H 84 -57.35 -16.64 -10.25
N LEU H 85 -56.74 -15.83 -11.13
CA LEU H 85 -57.49 -14.80 -11.81
C LEU H 85 -58.36 -15.36 -12.94
N VAL H 86 -57.91 -16.41 -13.62
CA VAL H 86 -58.72 -16.98 -14.69
C VAL H 86 -60.05 -17.47 -14.13
N PRO H 87 -60.06 -18.33 -13.11
CA PRO H 87 -61.36 -18.75 -12.56
C PRO H 87 -62.21 -17.61 -12.06
N ALA H 88 -61.59 -16.56 -11.55
CA ALA H 88 -62.34 -15.45 -10.99
C ALA H 88 -62.95 -14.58 -12.05
N LEU H 89 -62.37 -14.55 -13.25
CA LEU H 89 -62.79 -13.65 -14.31
C LEU H 89 -63.53 -14.33 -15.46
N GLN H 90 -63.50 -15.65 -15.57
CA GLN H 90 -64.10 -16.32 -16.72
C GLN H 90 -65.59 -16.08 -16.74
N GLY H 91 -66.13 -15.87 -17.95
CA GLY H 91 -67.55 -15.61 -18.13
C GLY H 91 -67.98 -14.16 -18.02
N PHE H 92 -67.17 -13.31 -17.39
CA PHE H 92 -67.52 -11.90 -17.26
C PHE H 92 -67.27 -11.19 -18.58
N SER H 93 -68.02 -10.11 -18.78
CA SER H 93 -67.93 -9.36 -20.03
C SER H 93 -66.56 -8.71 -20.19
N VAL H 94 -66.01 -8.79 -21.40
CA VAL H 94 -64.72 -8.16 -21.69
C VAL H 94 -64.78 -6.65 -21.52
N PHE H 95 -65.99 -6.07 -21.58
CA PHE H 95 -66.15 -4.63 -21.49
C PHE H 95 -66.30 -4.11 -20.06
N ASP H 96 -66.56 -4.98 -19.09
CA ASP H 96 -66.78 -4.56 -17.70
C ASP H 96 -65.43 -4.41 -16.98
N GLN H 97 -64.71 -3.35 -17.36
CA GLN H 97 -63.36 -3.11 -16.85
C GLN H 97 -63.36 -2.90 -15.33
N ILE H 98 -64.24 -2.03 -14.85
CA ILE H 98 -64.29 -1.72 -13.42
C ILE H 98 -64.62 -2.99 -12.63
N THR H 99 -65.53 -3.79 -13.16
CA THR H 99 -65.91 -5.01 -12.48
C THR H 99 -64.74 -5.97 -12.39
N ALA H 100 -64.02 -6.12 -13.49
CA ALA H 100 -62.90 -7.05 -13.53
C ALA H 100 -61.82 -6.62 -12.55
N ASP H 101 -61.54 -5.33 -12.51
CA ASP H 101 -60.51 -4.83 -11.61
C ASP H 101 -60.94 -5.03 -10.15
N ALA H 102 -62.23 -4.79 -9.87
CA ALA H 102 -62.76 -5.03 -8.54
C ALA H 102 -62.70 -6.52 -8.18
N ILE H 103 -63.00 -7.41 -9.13
CA ILE H 103 -62.91 -8.85 -8.86
C ILE H 103 -61.48 -9.21 -8.46
N MET H 104 -60.50 -8.65 -9.18
CA MET H 104 -59.10 -8.98 -8.91
C MET H 104 -58.64 -8.40 -7.58
N ILE H 105 -59.05 -7.17 -7.29
CA ILE H 105 -58.72 -6.55 -6.01
C ILE H 105 -59.23 -7.41 -4.87
N ASP H 106 -60.45 -7.90 -4.98
CA ASP H 106 -60.99 -8.76 -3.92
C ASP H 106 -60.31 -10.12 -3.87
N ALA H 107 -59.98 -10.72 -5.02
CA ALA H 107 -59.29 -12.00 -5.01
C ALA H 107 -57.93 -11.92 -4.30
N ASP H 108 -57.26 -10.77 -4.37
CA ASP H 108 -56.01 -10.60 -3.63
C ASP H 108 -56.26 -10.33 -2.14
N GLY H 109 -57.23 -9.49 -1.80
CA GLY H 109 -57.65 -9.33 -0.43
C GLY H 109 -56.75 -8.46 0.43
N THR H 110 -55.63 -7.99 -0.09
CA THR H 110 -54.74 -7.14 0.66
C THR H 110 -54.68 -5.77 0.01
N PRO H 111 -54.46 -4.71 0.79
CA PRO H 111 -54.47 -3.36 0.19
C PRO H 111 -53.39 -3.13 -0.85
N ASN H 112 -52.18 -3.63 -0.65
CA ASN H 112 -51.07 -3.35 -1.55
C ASN H 112 -50.84 -4.50 -2.56
N LYS H 113 -51.85 -5.35 -2.74
CA LYS H 113 -51.84 -6.42 -3.73
C LYS H 113 -50.69 -7.40 -3.52
N GLU H 114 -50.27 -7.60 -2.28
CA GLU H 114 -49.05 -8.38 -2.06
C GLU H 114 -49.27 -9.89 -2.15
N LYS H 115 -50.52 -10.38 -2.10
CA LYS H 115 -50.71 -11.83 -2.17
C LYS H 115 -50.60 -12.35 -3.59
N LEU H 116 -51.34 -11.74 -4.52
CA LEU H 116 -51.28 -12.18 -5.90
C LEU H 116 -50.21 -11.46 -6.68
N GLY H 117 -49.86 -10.25 -6.25
CA GLY H 117 -48.82 -9.49 -6.90
C GLY H 117 -49.43 -8.45 -7.83
N ALA H 118 -49.03 -7.18 -7.63
CA ALA H 118 -49.55 -6.10 -8.46
C ALA H 118 -49.20 -6.29 -9.93
N ASN H 119 -48.07 -6.95 -10.21
CA ASN H 119 -47.68 -7.17 -11.59
C ASN H 119 -48.65 -8.11 -12.30
N ALA H 120 -49.11 -9.15 -11.62
CA ALA H 120 -50.11 -10.05 -12.19
C ALA H 120 -51.43 -9.33 -12.46
N ILE H 121 -51.89 -8.54 -11.49
CA ILE H 121 -53.21 -7.92 -11.63
C ILE H 121 -53.18 -6.83 -12.70
N LEU H 122 -52.14 -6.00 -12.72
CA LEU H 122 -52.05 -4.96 -13.75
C LEU H 122 -51.97 -5.57 -15.14
N GLY H 123 -51.24 -6.69 -15.28
CA GLY H 123 -51.11 -7.29 -16.59
C GLY H 123 -52.47 -7.67 -17.14
N VAL H 124 -53.28 -8.33 -16.31
CA VAL H 124 -54.65 -8.67 -16.66
C VAL H 124 -55.45 -7.40 -16.90
N SER H 125 -55.29 -6.39 -16.03
CA SER H 125 -56.05 -5.16 -16.16
C SER H 125 -55.82 -4.50 -17.53
N LEU H 126 -54.54 -4.40 -17.96
CA LEU H 126 -54.23 -3.77 -19.24
C LEU H 126 -54.63 -4.66 -20.41
N ALA H 127 -54.37 -5.96 -20.30
CA ALA H 127 -54.64 -6.84 -21.43
C ALA H 127 -56.14 -6.93 -21.68
N LEU H 128 -56.92 -6.89 -20.60
CA LEU H 128 -58.38 -6.93 -20.74
C LEU H 128 -58.86 -5.71 -21.53
N ALA H 129 -58.39 -4.53 -21.16
CA ALA H 129 -58.82 -3.32 -21.86
C ALA H 129 -58.45 -3.40 -23.34
N LYS H 130 -57.24 -3.90 -23.62
CA LYS H 130 -56.83 -4.03 -25.01
C LYS H 130 -57.71 -5.05 -25.73
N ALA H 131 -58.09 -6.15 -25.05
CA ALA H 131 -59.00 -7.14 -25.65
C ALA H 131 -60.33 -6.52 -26.02
N ALA H 132 -60.90 -5.70 -25.13
CA ALA H 132 -62.18 -5.07 -25.44
C ALA H 132 -62.03 -4.10 -26.61
N ALA H 133 -60.98 -3.30 -26.60
CA ALA H 133 -60.76 -2.33 -27.67
C ALA H 133 -60.59 -3.04 -29.01
N ASN H 134 -59.83 -4.14 -29.02
CA ASN H 134 -59.70 -4.95 -30.22
C ASN H 134 -61.03 -5.62 -30.59
N THR H 135 -61.82 -6.01 -29.61
CA THR H 135 -63.13 -6.57 -29.92
C THR H 135 -63.97 -5.55 -30.69
N LEU H 136 -63.95 -4.30 -30.28
CA LEU H 136 -64.67 -3.25 -30.97
C LEU H 136 -63.93 -2.73 -32.19
N GLN H 137 -62.69 -3.15 -32.38
CA GLN H 137 -61.82 -2.58 -33.42
C GLN H 137 -61.75 -1.05 -33.29
N ARG H 138 -61.65 -0.58 -32.04
CA ARG H 138 -61.50 0.82 -31.75
C ARG H 138 -60.16 1.07 -31.10
N PRO H 139 -59.55 2.21 -31.35
CA PRO H 139 -58.26 2.50 -30.70
C PRO H 139 -58.39 2.45 -29.19
N LEU H 140 -57.33 1.98 -28.55
CA LEU H 140 -57.36 1.84 -27.09
C LEU H 140 -57.67 3.17 -26.39
N TYR H 141 -57.04 4.27 -26.85
CA TYR H 141 -57.26 5.53 -26.16
C TYR H 141 -58.71 5.98 -26.28
N ARG H 142 -59.40 5.59 -27.36
CA ARG H 142 -60.81 5.95 -27.48
C ARG H 142 -61.71 5.03 -26.65
N TYR H 143 -61.36 3.75 -26.57
CA TYR H 143 -62.10 2.87 -25.69
C TYR H 143 -61.98 3.37 -24.25
N LEU H 144 -60.77 3.74 -23.82
CA LEU H 144 -60.55 4.08 -22.42
C LEU H 144 -61.10 5.45 -22.06
N GLY H 145 -60.95 6.41 -22.98
CA GLY H 145 -61.27 7.78 -22.66
C GLY H 145 -62.48 8.34 -23.34
N GLY H 146 -63.02 7.61 -24.31
CA GLY H 146 -64.19 8.04 -25.04
C GLY H 146 -63.90 8.98 -26.19
N SER H 147 -64.99 9.48 -26.78
CA SER H 147 -64.93 10.18 -28.06
C SER H 147 -64.03 11.41 -28.03
N PHE H 148 -63.90 12.04 -26.87
CA PHE H 148 -63.19 13.31 -26.77
C PHE H 148 -61.78 13.15 -26.23
N SER H 149 -61.26 11.93 -26.21
CA SER H 149 -59.83 11.73 -26.02
CA SER H 149 -59.83 11.75 -26.00
C SER H 149 -59.09 12.26 -27.24
N HIS H 150 -58.36 13.31 -27.10
CA HIS H 150 -57.71 13.85 -28.28
C HIS H 150 -56.44 14.64 -28.01
N VAL H 151 -56.02 14.83 -26.76
CA VAL H 151 -54.88 15.68 -26.43
C VAL H 151 -53.58 14.87 -26.44
N LEU H 152 -52.60 15.30 -27.29
CA LEU H 152 -51.28 14.70 -27.22
C LEU H 152 -50.45 15.37 -26.13
N PRO H 153 -49.67 14.60 -25.37
CA PRO H 153 -48.92 15.17 -24.26
C PRO H 153 -47.64 15.88 -24.68
N CYS H 154 -47.33 16.94 -23.95
CA CYS H 154 -46.02 17.58 -24.04
C CYS H 154 -45.07 16.74 -23.20
N PRO H 155 -44.03 16.16 -23.80
CA PRO H 155 -43.13 15.30 -23.03
C PRO H 155 -42.08 16.09 -22.28
N MET H 156 -41.68 15.56 -21.14
CA MET H 156 -40.47 15.99 -20.46
C MET H 156 -39.44 14.89 -20.70
N MET H 157 -38.37 15.24 -21.40
CA MET H 157 -37.46 14.28 -22.00
C MET H 157 -36.12 14.32 -21.28
N ASN H 158 -35.77 13.19 -20.68
CA ASN H 158 -34.49 13.00 -20.02
C ASN H 158 -33.32 13.25 -20.97
N LEU H 159 -32.32 14.01 -20.52
CA LEU H 159 -31.09 14.11 -21.29
C LEU H 159 -29.86 13.86 -20.45
N ILE H 160 -29.87 14.27 -19.19
CA ILE H 160 -28.68 14.17 -18.35
C ILE H 160 -29.07 13.62 -16.99
N ASN H 161 -28.25 12.71 -16.47
CA ASN H 161 -28.56 12.02 -15.23
C ASN H 161 -27.48 12.27 -14.18
N GLY H 162 -27.92 12.27 -12.93
CA GLY H 162 -27.05 12.45 -11.80
C GLY H 162 -27.56 11.72 -10.57
N GLY H 163 -27.12 12.19 -9.40
CA GLY H 163 -27.55 11.60 -8.15
C GLY H 163 -27.20 10.12 -8.10
N MET H 164 -28.14 9.32 -7.62
CA MET H 164 -27.94 7.88 -7.53
C MET H 164 -27.90 7.22 -8.91
N HIS H 165 -28.40 7.88 -9.95
CA HIS H 165 -28.41 7.31 -11.29
C HIS H 165 -27.14 7.63 -12.09
N ALA H 166 -26.04 7.95 -11.42
CA ALA H 166 -24.78 8.27 -12.08
C ALA H 166 -23.65 8.20 -11.06
N THR H 167 -22.44 8.44 -11.55
CA THR H 167 -21.23 8.54 -10.75
C THR H 167 -20.52 9.85 -11.04
N ASN H 168 -21.28 10.93 -11.16
CA ASN H 168 -20.74 12.24 -11.42
C ASN H 168 -20.94 13.14 -10.19
N GLY H 169 -20.75 14.45 -10.39
CA GLY H 169 -20.90 15.43 -9.34
C GLY H 169 -22.23 16.15 -9.30
N LEU H 170 -23.23 15.56 -9.98
CA LEU H 170 -24.59 16.09 -10.02
C LEU H 170 -25.39 15.59 -8.84
N GLN H 171 -25.97 16.53 -8.09
CA GLN H 171 -26.84 16.20 -6.98
C GLN H 171 -28.20 15.73 -7.46
N PHE H 172 -28.81 16.48 -8.38
CA PHE H 172 -30.12 16.13 -8.90
C PHE H 172 -30.06 14.90 -9.81
N GLN H 173 -31.19 14.22 -9.92
CA GLN H 173 -31.22 12.94 -10.58
C GLN H 173 -31.45 13.01 -12.08
N GLU H 174 -32.35 13.87 -12.54
CA GLU H 174 -32.62 13.97 -13.96
C GLU H 174 -32.74 15.42 -14.38
N PHE H 175 -32.17 15.74 -15.53
CA PHE H 175 -32.27 17.04 -16.17
C PHE H 175 -32.95 16.83 -17.51
N MET H 176 -34.10 17.47 -17.69
CA MET H 176 -35.00 17.17 -18.79
C MET H 176 -35.27 18.44 -19.57
N ILE H 177 -35.70 18.27 -20.82
CA ILE H 177 -36.20 19.36 -21.64
C ILE H 177 -37.65 19.07 -21.97
N ARG H 178 -38.39 20.15 -22.25
CA ARG H 178 -39.79 20.09 -22.66
C ARG H 178 -39.92 20.89 -23.96
N PRO H 179 -40.32 20.26 -25.08
CA PRO H 179 -40.39 21.01 -26.36
C PRO H 179 -41.69 21.79 -26.51
N ILE H 180 -41.81 22.87 -25.74
CA ILE H 180 -43.11 23.51 -25.54
C ILE H 180 -43.67 24.27 -26.75
N SER H 181 -42.86 24.73 -27.69
CA SER H 181 -43.41 25.45 -28.83
C SER H 181 -43.82 24.54 -29.96
N ALA H 182 -43.70 23.21 -29.80
CA ALA H 182 -44.03 22.29 -30.87
C ALA H 182 -45.48 22.45 -31.27
N PRO H 183 -45.78 22.47 -32.58
CA PRO H 183 -47.17 22.53 -33.01
C PRO H 183 -47.87 21.17 -33.00
N SER H 184 -47.09 20.10 -32.82
CA SER H 184 -47.59 18.75 -32.86
C SER H 184 -46.65 17.88 -32.01
N LEU H 185 -47.14 16.71 -31.62
CA LEU H 185 -46.28 15.79 -30.90
C LEU H 185 -45.14 15.30 -31.81
N LYS H 186 -45.45 15.06 -33.07
CA LYS H 186 -44.45 14.64 -34.05
C LYS H 186 -43.30 15.64 -34.13
N GLU H 187 -43.61 16.94 -34.10
CA GLU H 187 -42.57 17.96 -34.08
C GLU H 187 -41.88 18.03 -32.73
N ALA H 188 -42.61 17.77 -31.64
CA ALA H 188 -41.99 17.70 -30.33
C ALA H 188 -40.94 16.59 -30.28
N VAL H 189 -41.24 15.45 -30.88
CA VAL H 189 -40.28 14.35 -30.90
C VAL H 189 -39.03 14.77 -31.65
N ARG H 190 -39.24 15.41 -32.82
CA ARG H 190 -38.11 15.86 -33.64
C ARG H 190 -37.24 16.84 -32.88
N MET H 191 -37.87 17.79 -32.20
CA MET H 191 -37.11 18.75 -31.41
C MET H 191 -36.29 18.03 -30.35
N GLY H 192 -36.91 17.13 -29.59
CA GLY H 192 -36.14 16.41 -28.59
C GLY H 192 -34.99 15.65 -29.20
N ALA H 193 -35.25 14.98 -30.32
CA ALA H 193 -34.24 14.19 -30.99
C ALA H 193 -33.08 15.05 -31.48
N GLU H 194 -33.39 16.25 -31.98
CA GLU H 194 -32.32 17.11 -32.49
C GLU H 194 -31.47 17.66 -31.36
N VAL H 195 -32.09 18.00 -30.24
CA VAL H 195 -31.32 18.43 -29.07
C VAL H 195 -30.52 17.26 -28.52
N PHE H 196 -31.12 16.07 -28.50
CA PHE H 196 -30.40 14.86 -28.09
C PHE H 196 -29.16 14.64 -28.93
N ASN H 197 -29.29 14.72 -30.26
CA ASN H 197 -28.15 14.48 -31.15
C ASN H 197 -27.08 15.55 -30.97
N ALA H 198 -27.50 16.82 -30.85
CA ALA H 198 -26.50 17.87 -30.62
C ALA H 198 -25.79 17.66 -29.29
N LEU H 199 -26.51 17.19 -28.27
CA LEU H 199 -25.85 16.93 -27.01
C LEU H 199 -24.86 15.79 -27.15
N LYS H 200 -25.25 14.72 -27.81
CA LYS H 200 -24.34 13.60 -28.02
C LYS H 200 -23.05 14.06 -28.68
N LYS H 201 -23.17 14.89 -29.73
CA LYS H 201 -21.97 15.32 -30.46
C LYS H 201 -21.15 16.29 -29.61
N ILE H 202 -21.81 17.15 -28.84
CA ILE H 202 -21.08 17.99 -27.90
C ILE H 202 -20.28 17.12 -26.94
N LEU H 203 -20.91 16.06 -26.38
CA LEU H 203 -20.20 15.18 -25.45
C LEU H 203 -19.01 14.49 -26.13
N GLN H 204 -19.22 14.00 -27.36
CA GLN H 204 -18.14 13.34 -28.09
C GLN H 204 -16.97 14.28 -28.29
N ASN H 205 -17.27 15.52 -28.71
CA ASN H 205 -16.21 16.46 -29.02
C ASN H 205 -15.49 16.89 -27.75
N ARG H 206 -16.19 17.00 -26.63
CA ARG H 206 -15.55 17.32 -25.37
C ARG H 206 -14.92 16.10 -24.71
N GLN H 207 -14.99 14.94 -25.35
CA GLN H 207 -14.41 13.71 -24.84
C GLN H 207 -15.05 13.28 -23.51
N LEU H 208 -16.33 13.53 -23.34
CA LEU H 208 -17.08 13.04 -22.19
C LEU H 208 -17.79 11.75 -22.59
N ALA H 209 -18.19 10.98 -21.58
CA ALA H 209 -18.81 9.68 -21.81
C ALA H 209 -20.15 9.80 -22.53
N THR H 210 -20.39 8.90 -23.50
CA THR H 210 -21.64 8.88 -24.25
C THR H 210 -22.43 7.57 -24.09
N GLY H 211 -21.97 6.62 -23.28
CA GLY H 211 -22.82 5.51 -22.89
C GLY H 211 -24.08 6.02 -22.21
N VAL H 212 -25.18 5.29 -22.39
CA VAL H 212 -26.45 5.78 -21.88
C VAL H 212 -26.88 4.92 -20.71
N GLY H 213 -27.67 5.53 -19.83
CA GLY H 213 -28.26 4.85 -18.70
C GLY H 213 -29.61 4.26 -19.08
N ASP H 214 -30.36 3.91 -18.03
CA ASP H 214 -31.61 3.19 -18.20
C ASP H 214 -32.61 3.94 -19.08
N GLU H 215 -32.66 5.27 -18.97
CA GLU H 215 -33.64 6.06 -19.71
C GLU H 215 -33.18 6.42 -21.12
N GLY H 216 -31.95 6.07 -21.50
CA GLY H 216 -31.45 6.36 -22.81
C GLY H 216 -30.72 7.66 -22.93
N GLY H 217 -30.51 8.39 -21.82
CA GLY H 217 -29.74 9.60 -21.82
C GLY H 217 -28.34 9.41 -21.27
N PHE H 218 -27.65 10.52 -21.06
CA PHE H 218 -26.23 10.53 -20.75
C PHE H 218 -26.01 10.86 -19.28
N ALA H 219 -24.88 10.41 -18.73
CA ALA H 219 -24.48 10.72 -17.35
C ALA H 219 -23.01 11.14 -17.37
N PRO H 220 -22.70 12.22 -18.09
CA PRO H 220 -21.30 12.66 -18.19
C PRO H 220 -20.76 13.17 -16.85
N ASN H 221 -19.44 13.28 -16.79
CA ASN H 221 -18.79 13.71 -15.56
C ASN H 221 -18.87 15.24 -15.43
N LEU H 222 -20.01 15.73 -14.96
CA LEU H 222 -20.19 17.15 -14.68
C LEU H 222 -20.13 17.44 -13.18
N ALA H 223 -19.74 18.68 -12.85
CA ALA H 223 -19.37 19.08 -11.49
C ALA H 223 -20.52 19.62 -10.66
N SER H 224 -21.62 20.03 -11.28
CA SER H 224 -22.67 20.71 -10.53
C SER H 224 -23.95 20.71 -11.32
N ASN H 225 -25.07 20.87 -10.59
CA ASN H 225 -26.37 21.03 -11.22
C ASN H 225 -26.31 22.14 -12.26
N ALA H 226 -25.64 23.24 -11.95
CA ALA H 226 -25.61 24.37 -12.86
C ALA H 226 -24.90 24.03 -14.16
N GLU H 227 -23.81 23.24 -14.08
CA GLU H 227 -23.12 22.81 -15.29
C GLU H 227 -24.02 21.98 -16.18
N ALA H 228 -24.86 21.12 -15.60
CA ALA H 228 -25.76 20.31 -16.42
C ALA H 228 -26.79 21.20 -17.11
N LEU H 229 -27.33 22.18 -16.38
CA LEU H 229 -28.29 23.11 -16.96
C LEU H 229 -27.65 23.94 -18.06
N ASP H 230 -26.42 24.43 -17.83
CA ASP H 230 -25.68 25.17 -18.86
C ASP H 230 -25.48 24.31 -20.10
N LEU H 231 -25.17 23.04 -19.91
CA LEU H 231 -24.97 22.14 -21.05
C LEU H 231 -26.27 21.94 -21.83
N LEU H 232 -27.41 21.81 -21.14
CA LEU H 232 -28.67 21.68 -21.88
C LEU H 232 -28.97 22.95 -22.67
N LEU H 233 -28.68 24.12 -22.10
CA LEU H 233 -28.89 25.37 -22.83
C LEU H 233 -28.05 25.40 -24.11
N THR H 234 -26.79 24.97 -24.03
CA THR H 234 -25.91 24.90 -25.19
C THR H 234 -26.42 23.90 -26.21
N ALA H 235 -26.88 22.75 -25.76
CA ALA H 235 -27.40 21.76 -26.69
C ALA H 235 -28.62 22.30 -27.43
N ILE H 236 -29.53 22.93 -26.68
CA ILE H 236 -30.73 23.49 -27.31
C ILE H 236 -30.32 24.46 -28.41
N GLU H 237 -29.46 25.43 -28.08
CA GLU H 237 -29.08 26.47 -29.03
C GLU H 237 -28.31 25.88 -30.20
N THR H 238 -27.43 24.91 -29.94
CA THR H 238 -26.68 24.28 -31.02
C THR H 238 -27.61 23.57 -32.02
N ALA H 239 -28.65 22.92 -31.53
CA ALA H 239 -29.62 22.30 -32.43
C ALA H 239 -30.48 23.33 -33.16
N GLY H 240 -30.39 24.59 -32.77
CA GLY H 240 -31.06 25.67 -33.46
C GLY H 240 -32.30 26.23 -32.78
N PHE H 241 -32.55 25.86 -31.53
CA PHE H 241 -33.75 26.27 -30.83
C PHE H 241 -33.41 27.32 -29.79
N THR H 242 -34.43 28.03 -29.34
CA THR H 242 -34.25 29.12 -28.39
C THR H 242 -34.71 28.68 -27.02
N PRO H 243 -33.85 28.68 -26.01
CA PRO H 243 -34.33 28.30 -24.67
C PRO H 243 -35.43 29.25 -24.22
N ARG H 244 -36.41 28.70 -23.51
CA ARG H 244 -37.58 29.39 -22.97
C ARG H 244 -38.68 29.62 -23.99
N GLU H 245 -38.34 30.08 -25.20
CA GLU H 245 -39.36 30.26 -26.24
C GLU H 245 -39.78 28.93 -26.88
N ASP H 246 -38.82 28.06 -27.16
CA ASP H 246 -39.02 26.77 -27.82
C ASP H 246 -38.95 25.59 -26.87
N ILE H 247 -37.99 25.63 -25.96
CA ILE H 247 -37.66 24.49 -25.14
C ILE H 247 -37.36 25.01 -23.74
N SER H 248 -38.07 24.48 -22.78
CA SER H 248 -37.83 24.75 -21.38
C SER H 248 -37.14 23.54 -20.75
N LEU H 249 -36.74 23.72 -19.50
CA LEU H 249 -36.02 22.74 -18.72
C LEU H 249 -36.89 22.21 -17.61
N ALA H 250 -36.65 20.96 -17.20
CA ALA H 250 -37.33 20.38 -16.06
C ALA H 250 -36.35 19.56 -15.24
N LEU H 251 -36.59 19.52 -13.93
CA LEU H 251 -35.74 18.83 -12.99
C LEU H 251 -36.54 17.72 -12.33
N ASP H 252 -35.84 16.63 -12.01
CA ASP H 252 -36.25 15.67 -10.99
C ASP H 252 -35.07 15.62 -10.01
N CYS H 253 -35.22 16.31 -8.89
CA CYS H 253 -34.15 16.34 -7.90
C CYS H 253 -34.03 15.02 -7.15
N ALA H 254 -35.13 14.29 -6.98
CA ALA H 254 -35.12 13.08 -6.15
C ALA H 254 -34.46 13.38 -4.80
N ALA H 255 -34.96 14.45 -4.16
CA ALA H 255 -34.29 15.01 -3.00
C ALA H 255 -34.23 14.04 -1.84
N SER H 256 -35.11 13.03 -1.79
CA SER H 256 -35.00 12.00 -0.77
C SER H 256 -33.62 11.35 -0.82
N SER H 257 -33.00 11.31 -2.00
CA SER H 257 -31.75 10.62 -2.18
C SER H 257 -30.59 11.30 -1.48
N PHE H 258 -30.72 12.60 -1.16
CA PHE H 258 -29.71 13.37 -0.47
C PHE H 258 -30.27 14.06 0.77
N TYR H 259 -31.30 13.46 1.37
CA TYR H 259 -31.91 14.00 2.59
C TYR H 259 -31.43 13.21 3.78
N ASN H 260 -30.75 13.89 4.70
CA ASN H 260 -30.29 13.29 5.93
C ASN H 260 -31.45 13.30 6.92
N THR H 261 -32.01 12.14 7.20
CA THR H 261 -33.19 12.07 8.06
C THR H 261 -32.86 12.33 9.53
N GLN H 262 -31.63 12.02 9.97
CA GLN H 262 -31.24 12.32 11.34
C GLN H 262 -31.07 13.82 11.51
N ASP H 263 -30.33 14.43 10.59
CA ASP H 263 -30.01 15.84 10.56
C ASP H 263 -31.11 16.74 10.01
N LYS H 264 -32.03 16.18 9.21
CA LYS H 264 -33.02 16.95 8.44
C LYS H 264 -32.33 17.97 7.54
N THR H 265 -31.33 17.50 6.79
CA THR H 265 -30.48 18.36 5.96
C THR H 265 -30.28 17.75 4.57
N TYR H 266 -30.19 18.63 3.58
CA TYR H 266 -29.95 18.26 2.18
C TYR H 266 -28.50 18.58 1.84
N ASP H 267 -27.62 17.59 1.92
CA ASP H 267 -26.18 17.78 1.79
C ASP H 267 -25.72 19.02 2.58
N GLY H 268 -26.13 19.07 3.85
CA GLY H 268 -25.77 20.16 4.74
C GLY H 268 -26.73 21.33 4.75
N LYS H 269 -27.69 21.40 3.84
CA LYS H 269 -28.53 22.58 3.72
C LYS H 269 -29.86 22.32 4.41
N SER H 270 -30.36 23.33 5.10
CA SER H 270 -31.70 23.30 5.63
C SER H 270 -32.70 23.32 4.47
N TYR H 271 -33.95 22.97 4.75
CA TYR H 271 -34.94 22.97 3.67
C TYR H 271 -35.19 24.40 3.19
N ALA H 272 -35.05 25.38 4.07
CA ALA H 272 -35.17 26.77 3.67
C ALA H 272 -34.06 27.14 2.68
N ASP H 273 -32.82 26.71 2.96
CA ASP H 273 -31.72 26.95 2.01
C ASP H 273 -31.97 26.25 0.67
N GLN H 274 -32.41 24.98 0.71
CA GLN H 274 -32.66 24.25 -0.53
C GLN H 274 -33.75 24.94 -1.34
N VAL H 275 -34.79 25.44 -0.67
CA VAL H 275 -35.85 26.14 -1.41
C VAL H 275 -35.25 27.37 -2.07
N GLY H 276 -34.37 28.07 -1.34
CA GLY H 276 -33.67 29.20 -1.93
C GLY H 276 -32.79 28.81 -3.10
N ILE H 277 -32.13 27.65 -3.01
CA ILE H 277 -31.29 27.17 -4.13
C ILE H 277 -32.15 26.96 -5.37
N LEU H 278 -33.26 26.23 -5.20
CA LEU H 278 -34.18 25.98 -6.30
C LEU H 278 -34.77 27.28 -6.81
N ALA H 279 -35.13 28.19 -5.91
CA ALA H 279 -35.69 29.47 -6.33
C ALA H 279 -34.68 30.23 -7.18
N GLU H 280 -33.39 30.19 -6.79
CA GLU H 280 -32.35 30.84 -7.57
C GLU H 280 -32.19 30.22 -8.95
N LEU H 281 -32.17 28.90 -9.03
CA LEU H 281 -32.06 28.24 -10.33
C LEU H 281 -33.20 28.66 -11.23
N CYS H 282 -34.41 28.78 -10.68
CA CYS H 282 -35.57 29.17 -11.47
C CYS H 282 -35.51 30.62 -11.90
N GLU H 283 -34.77 31.46 -11.19
CA GLU H 283 -34.62 32.84 -11.63
C GLU H 283 -33.73 32.90 -12.87
N HIS H 284 -32.68 32.08 -12.90
CA HIS H 284 -31.65 32.18 -13.91
C HIS H 284 -31.93 31.32 -15.14
N TYR H 285 -32.50 30.13 -14.96
CA TYR H 285 -32.71 29.16 -16.04
C TYR H 285 -34.20 29.02 -16.37
N PRO H 286 -34.53 28.68 -17.60
CA PRO H 286 -35.95 28.47 -17.97
C PRO H 286 -36.51 27.12 -17.50
N ILE H 287 -36.51 26.92 -16.19
CA ILE H 287 -37.07 25.73 -15.56
C ILE H 287 -38.56 25.97 -15.31
N ASP H 288 -39.42 25.10 -15.85
CA ASP H 288 -40.85 25.26 -15.60
C ASP H 288 -41.42 24.09 -14.82
N SER H 289 -40.60 23.15 -14.37
CA SER H 289 -41.11 22.02 -13.63
C SER H 289 -40.01 21.42 -12.78
N ILE H 290 -40.35 21.17 -11.51
CA ILE H 290 -39.43 20.59 -10.54
C ILE H 290 -40.16 19.43 -9.88
N GLU H 291 -39.57 18.23 -9.97
CA GLU H 291 -40.11 17.02 -9.37
C GLU H 291 -39.28 16.63 -8.15
N ASP H 292 -39.97 16.35 -7.04
CA ASP H 292 -39.34 15.95 -5.78
C ASP H 292 -38.18 16.88 -5.39
N GLY H 293 -38.45 18.19 -5.42
CA GLY H 293 -37.50 19.18 -4.96
C GLY H 293 -37.24 19.10 -3.48
N LEU H 294 -38.16 18.50 -2.74
CA LEU H 294 -37.95 18.21 -1.34
C LEU H 294 -38.28 16.74 -1.08
N ALA H 295 -37.89 16.30 0.11
CA ALA H 295 -37.96 14.88 0.43
C ALA H 295 -39.39 14.43 0.63
N GLU H 296 -39.63 13.12 0.52
CA GLU H 296 -41.00 12.61 0.48
C GLU H 296 -41.74 12.84 1.79
N GLU H 297 -41.02 13.04 2.89
CA GLU H 297 -41.66 13.23 4.18
C GLU H 297 -41.35 14.59 4.78
N ASP H 298 -40.61 15.45 4.08
CA ASP H 298 -40.31 16.79 4.60
C ASP H 298 -41.50 17.69 4.27
N PHE H 299 -42.56 17.56 5.06
CA PHE H 299 -43.81 18.22 4.69
C PHE H 299 -43.76 19.72 4.96
N GLU H 300 -42.97 20.15 5.94
CA GLU H 300 -42.73 21.58 6.14
C GLU H 300 -41.92 22.15 4.99
N GLY H 301 -40.92 21.42 4.53
CA GLY H 301 -40.18 21.87 3.37
C GLY H 301 -41.08 22.07 2.16
N TRP H 302 -41.89 21.05 1.86
CA TRP H 302 -42.81 21.15 0.73
C TRP H 302 -43.78 22.33 0.90
N LYS H 303 -44.19 22.62 2.13
CA LYS H 303 -45.07 23.77 2.33
C LYS H 303 -44.38 25.07 1.90
N LEU H 304 -43.12 25.26 2.31
CA LEU H 304 -42.37 26.45 1.90
C LEU H 304 -42.10 26.47 0.40
N LEU H 305 -41.69 25.34 -0.17
CA LEU H 305 -41.49 25.28 -1.61
C LEU H 305 -42.76 25.70 -2.36
N SER H 306 -43.91 25.20 -1.93
CA SER H 306 -45.15 25.55 -2.64
C SER H 306 -45.46 27.03 -2.50
N GLU H 307 -45.27 27.61 -1.30
CA GLU H 307 -45.52 29.03 -1.12
C GLU H 307 -44.54 29.87 -1.92
N THR H 308 -43.31 29.37 -2.11
CA THR H 308 -42.28 30.16 -2.75
C THR H 308 -42.37 30.04 -4.27
N LEU H 309 -42.47 28.81 -4.81
CA LEU H 309 -42.46 28.60 -6.25
C LEU H 309 -43.77 28.06 -6.82
N GLY H 310 -44.73 27.68 -5.98
CA GLY H 310 -45.97 27.12 -6.49
C GLY H 310 -46.80 28.10 -7.31
N ASP H 311 -46.40 29.37 -7.36
CA ASP H 311 -47.05 30.39 -8.17
C ASP H 311 -46.38 30.62 -9.53
N ARG H 312 -45.29 29.90 -9.79
CA ARG H 312 -44.38 30.21 -10.88
C ARG H 312 -44.03 28.99 -11.72
N VAL H 313 -43.94 27.84 -11.07
CA VAL H 313 -43.31 26.65 -11.65
C VAL H 313 -44.15 25.45 -11.31
N GLN H 314 -44.18 24.46 -12.19
CA GLN H 314 -44.83 23.20 -11.86
C GLN H 314 -44.04 22.46 -10.80
N LEU H 315 -44.74 21.96 -9.79
CA LEU H 315 -44.15 21.20 -8.69
C LEU H 315 -44.77 19.81 -8.67
N VAL H 316 -43.97 18.80 -9.04
CA VAL H 316 -44.45 17.43 -9.22
C VAL H 316 -44.10 16.59 -8.00
N GLY H 317 -45.09 15.93 -7.43
CA GLY H 317 -44.86 14.85 -6.48
C GLY H 317 -44.78 13.52 -7.20
N ASP H 318 -43.62 12.84 -7.06
CA ASP H 318 -43.43 11.46 -7.49
C ASP H 318 -43.34 10.54 -6.27
N ASP H 319 -42.20 10.52 -5.58
CA ASP H 319 -42.12 9.80 -4.31
C ASP H 319 -43.08 10.38 -3.27
N LEU H 320 -43.50 11.65 -3.44
CA LEU H 320 -44.42 12.27 -2.49
C LEU H 320 -45.78 11.59 -2.50
N PHE H 321 -46.20 11.09 -3.65
CA PHE H 321 -47.55 10.60 -3.83
C PHE H 321 -47.64 9.11 -4.18
N VAL H 322 -46.66 8.55 -4.90
CA VAL H 322 -46.61 7.16 -5.37
C VAL H 322 -47.95 6.67 -5.91
N THR H 323 -48.59 7.50 -6.75
CA THR H 323 -49.83 7.12 -7.44
C THR H 323 -50.89 6.59 -6.46
N ASN H 324 -50.89 7.12 -5.23
CA ASN H 324 -51.74 6.65 -4.13
C ASN H 324 -52.76 7.74 -3.79
N SER H 325 -54.04 7.46 -4.05
CA SER H 325 -55.08 8.47 -3.91
C SER H 325 -55.18 9.02 -2.48
N ALA H 326 -54.90 8.20 -1.47
CA ALA H 326 -54.94 8.72 -0.10
C ALA H 326 -53.82 9.74 0.11
N LEU H 327 -52.63 9.45 -0.42
CA LEU H 327 -51.53 10.40 -0.33
C LEU H 327 -51.81 11.64 -1.17
N ILE H 328 -52.36 11.45 -2.37
CA ILE H 328 -52.71 12.59 -3.22
C ILE H 328 -53.72 13.49 -2.50
N ALA H 329 -54.77 12.87 -1.95
CA ALA H 329 -55.82 13.64 -1.28
C ALA H 329 -55.27 14.46 -0.11
N GLU H 330 -54.36 13.87 0.67
CA GLU H 330 -53.80 14.56 1.82
C GLU H 330 -52.80 15.65 1.42
N GLY H 331 -51.99 15.39 0.38
CA GLY H 331 -51.11 16.44 -0.10
C GLY H 331 -51.90 17.63 -0.61
N ILE H 332 -52.91 17.36 -1.43
CA ILE H 332 -53.76 18.42 -1.97
C ILE H 332 -54.48 19.16 -0.84
N ALA H 333 -54.90 18.42 0.21
CA ALA H 333 -55.59 19.05 1.33
C ALA H 333 -54.69 20.07 2.05
N GLN H 334 -53.39 19.81 2.17
CA GLN H 334 -52.42 20.72 2.75
C GLN H 334 -51.79 21.66 1.74
N GLY H 335 -52.14 21.53 0.47
CA GLY H 335 -51.65 22.40 -0.59
C GLY H 335 -50.24 22.14 -1.10
N LEU H 336 -49.84 20.87 -1.22
CA LEU H 336 -48.47 20.54 -1.55
C LEU H 336 -48.41 20.20 -3.03
N ALA H 337 -47.52 20.85 -3.75
CA ALA H 337 -47.30 20.49 -5.15
C ALA H 337 -48.46 20.96 -6.02
N ASN H 338 -48.36 20.81 -7.33
CA ASN H 338 -49.48 21.13 -8.20
C ASN H 338 -49.56 20.14 -9.35
N ALA H 339 -48.79 19.06 -9.30
CA ALA H 339 -48.82 18.03 -10.34
C ALA H 339 -48.40 16.69 -9.72
N VAL H 340 -48.93 15.63 -10.32
CA VAL H 340 -48.82 14.26 -9.83
C VAL H 340 -48.29 13.38 -10.95
N LEU H 341 -47.26 12.59 -10.65
CA LEU H 341 -46.79 11.51 -11.52
C LEU H 341 -47.70 10.29 -11.36
N ILE H 342 -48.00 9.65 -12.47
CA ILE H 342 -48.93 8.54 -12.52
C ILE H 342 -48.16 7.34 -13.07
N LYS H 343 -47.90 6.39 -12.21
CA LYS H 343 -47.21 5.16 -12.57
C LYS H 343 -48.22 4.03 -12.39
N PRO H 344 -48.85 3.54 -13.46
CA PRO H 344 -49.96 2.61 -13.26
C PRO H 344 -49.62 1.39 -12.42
N ASN H 345 -48.39 0.86 -12.53
CA ASN H 345 -48.04 -0.35 -11.79
C ASN H 345 -47.76 -0.06 -10.33
N GLN H 346 -47.69 1.21 -9.93
CA GLN H 346 -47.59 1.53 -8.51
C GLN H 346 -48.91 1.36 -7.79
N ILE H 347 -50.02 1.34 -8.50
CA ILE H 347 -51.31 1.18 -7.88
C ILE H 347 -51.98 -0.12 -8.32
N GLY H 348 -51.85 -0.50 -9.60
CA GLY H 348 -52.01 -1.90 -9.98
C GLY H 348 -53.22 -2.28 -10.80
N THR H 349 -54.21 -1.39 -10.97
CA THR H 349 -55.32 -1.62 -11.89
C THR H 349 -55.52 -0.37 -12.71
N LEU H 350 -56.11 -0.55 -13.91
CA LEU H 350 -56.49 0.62 -14.68
C LEU H 350 -57.60 1.41 -13.99
N THR H 351 -58.55 0.71 -13.36
CA THR H 351 -59.64 1.42 -12.71
C THR H 351 -59.09 2.36 -11.65
N GLU H 352 -58.13 1.88 -10.83
CA GLU H 352 -57.56 2.76 -9.81
C GLU H 352 -56.66 3.84 -10.42
N THR H 353 -56.01 3.55 -11.55
CA THR H 353 -55.22 4.57 -12.23
C THR H 353 -56.10 5.71 -12.73
N ALA H 354 -57.21 5.36 -13.40
CA ALA H 354 -58.14 6.38 -13.86
C ALA H 354 -58.76 7.14 -12.70
N GLU H 355 -59.04 6.45 -11.60
CA GLU H 355 -59.62 7.17 -10.47
C GLU H 355 -58.58 8.08 -9.82
N ALA H 356 -57.31 7.65 -9.78
CA ALA H 356 -56.24 8.53 -9.31
C ALA H 356 -56.14 9.78 -10.17
N ILE H 357 -56.16 9.62 -11.49
CA ILE H 357 -56.10 10.76 -12.40
C ILE H 357 -57.32 11.65 -12.18
N ARG H 358 -58.51 11.06 -12.06
CA ARG H 358 -59.73 11.85 -11.93
C ARG H 358 -59.67 12.72 -10.67
N LEU H 359 -59.26 12.10 -9.56
CA LEU H 359 -59.30 12.81 -8.28
C LEU H 359 -58.27 13.94 -8.23
N ALA H 360 -57.11 13.74 -8.86
CA ALA H 360 -56.12 14.82 -8.93
C ALA H 360 -56.60 15.95 -9.84
N THR H 361 -57.21 15.57 -10.97
CA THR H 361 -57.53 16.55 -12.01
C THR H 361 -58.58 17.54 -11.53
N ILE H 362 -59.58 17.07 -10.78
CA ILE H 362 -60.65 17.96 -10.31
C ILE H 362 -60.21 18.85 -9.17
N GLN H 363 -59.06 18.57 -8.56
CA GLN H 363 -58.49 19.51 -7.59
C GLN H 363 -57.48 20.43 -8.25
N GLY H 364 -57.41 20.46 -9.59
CA GLY H 364 -56.52 21.38 -10.25
C GLY H 364 -55.08 20.92 -10.39
N TYR H 365 -54.77 19.68 -10.07
CA TYR H 365 -53.43 19.16 -10.28
C TYR H 365 -53.34 18.67 -11.72
N ALA H 366 -52.19 18.92 -12.33
CA ALA H 366 -51.84 18.25 -13.58
C ALA H 366 -51.43 16.83 -13.27
N THR H 367 -51.59 15.93 -14.23
CA THR H 367 -51.14 14.55 -14.08
C THR H 367 -50.23 14.21 -15.26
N ILE H 368 -49.22 13.40 -14.97
CA ILE H 368 -48.11 13.12 -15.88
C ILE H 368 -47.93 11.61 -15.89
N LEU H 369 -48.30 10.94 -16.99
CA LEU H 369 -48.05 9.52 -17.12
C LEU H 369 -46.55 9.30 -17.18
N SER H 370 -46.09 8.25 -16.52
CA SER H 370 -44.66 8.03 -16.35
C SER H 370 -44.29 6.58 -16.62
N HIS H 371 -43.13 6.42 -17.22
CA HIS H 371 -42.48 5.14 -17.33
C HIS H 371 -41.91 4.71 -15.97
N ARG H 372 -41.36 3.49 -15.96
CA ARG H 372 -40.53 2.99 -14.86
C ARG H 372 -39.11 2.75 -15.39
N SER H 373 -38.16 2.56 -14.47
CA SER H 373 -36.79 2.34 -14.90
C SER H 373 -36.67 1.06 -15.68
N GLY H 374 -37.36 0.01 -15.24
CA GLY H 374 -37.44 -1.21 -16.01
C GLY H 374 -38.69 -1.24 -16.87
N GLU H 375 -38.54 -0.85 -18.12
CA GLU H 375 -39.64 -0.77 -19.06
C GLU H 375 -39.60 -1.98 -19.99
N THR H 376 -40.56 -2.04 -20.89
CA THR H 376 -40.67 -3.07 -21.91
C THR H 376 -41.09 -2.42 -23.22
N GLU H 377 -41.25 -3.25 -24.25
CA GLU H 377 -41.74 -2.80 -25.55
C GLU H 377 -43.22 -2.40 -25.51
N ASP H 378 -43.92 -2.62 -24.41
CA ASP H 378 -45.31 -2.21 -24.30
C ASP H 378 -45.43 -0.69 -24.31
N THR H 379 -46.46 -0.16 -24.97
CA THR H 379 -46.61 1.29 -25.14
C THR H 379 -47.90 1.84 -24.52
N THR H 380 -48.48 1.12 -23.55
CA THR H 380 -49.79 1.48 -22.98
C THR H 380 -49.82 2.90 -22.37
N ILE H 381 -48.75 3.37 -21.76
CA ILE H 381 -48.85 4.67 -21.11
C ILE H 381 -49.03 5.81 -22.12
N ALA H 382 -48.61 5.61 -23.39
CA ALA H 382 -48.90 6.60 -24.42
C ALA H 382 -50.40 6.71 -24.62
N ASP H 383 -51.05 5.55 -24.80
CA ASP H 383 -52.50 5.51 -24.90
C ASP H 383 -53.16 6.08 -23.66
N LEU H 384 -52.62 5.82 -22.48
CA LEU H 384 -53.26 6.35 -21.27
C LEU H 384 -53.15 7.87 -21.22
N ALA H 385 -52.01 8.41 -21.61
CA ALA H 385 -51.86 9.87 -21.58
C ALA H 385 -52.87 10.56 -22.49
N VAL H 386 -53.14 9.96 -23.65
CA VAL H 386 -54.11 10.51 -24.59
C VAL H 386 -55.53 10.21 -24.15
N ALA H 387 -55.80 8.97 -23.68
CA ALA H 387 -57.14 8.63 -23.22
C ALA H 387 -57.66 9.62 -22.18
N PHE H 388 -56.81 10.08 -21.29
CA PHE H 388 -57.22 10.95 -20.21
C PHE H 388 -56.86 12.41 -20.45
N ASN H 389 -56.40 12.75 -21.65
CA ASN H 389 -56.06 14.13 -22.01
C ASN H 389 -55.15 14.78 -20.96
N THR H 390 -54.16 14.01 -20.49
CA THR H 390 -53.35 14.51 -19.38
C THR H 390 -52.46 15.69 -19.78
N GLY H 391 -52.05 15.77 -21.06
CA GLY H 391 -51.22 16.88 -21.54
C GLY H 391 -49.74 16.79 -21.22
N GLN H 392 -49.30 15.74 -20.53
CA GLN H 392 -47.90 15.59 -20.19
C GLN H 392 -47.56 14.12 -20.03
N ILE H 393 -46.31 13.81 -20.33
CA ILE H 393 -45.80 12.45 -20.19
C ILE H 393 -44.32 12.53 -19.89
N LYS H 394 -43.83 11.50 -19.20
CA LYS H 394 -42.42 11.34 -18.87
C LYS H 394 -42.05 9.90 -19.20
N THR H 395 -41.39 9.68 -20.34
CA THR H 395 -41.10 8.33 -20.78
C THR H 395 -39.71 8.18 -21.42
N GLY H 396 -38.75 9.05 -21.08
CA GLY H 396 -37.33 8.79 -21.25
C GLY H 396 -36.64 9.76 -22.20
N SER H 397 -35.38 9.45 -22.49
CA SER H 397 -34.59 10.20 -23.46
C SER H 397 -34.96 9.72 -24.89
N LEU H 398 -34.14 10.09 -25.88
CA LEU H 398 -34.40 9.79 -27.28
C LEU H 398 -33.48 8.67 -27.77
N SER H 399 -33.17 7.71 -26.91
CA SER H 399 -32.59 6.45 -27.36
C SER H 399 -33.14 5.33 -26.49
N ARG H 400 -32.98 4.10 -27.00
CA ARG H 400 -33.50 2.89 -26.37
C ARG H 400 -34.99 2.78 -26.67
N SER H 401 -35.42 1.70 -27.33
CA SER H 401 -36.76 1.65 -27.87
C SER H 401 -37.85 1.45 -26.82
N GLU H 402 -37.51 0.99 -25.62
CA GLU H 402 -38.53 0.94 -24.56
C GLU H 402 -38.97 2.33 -24.15
N ARG H 403 -38.21 3.36 -24.49
CA ARG H 403 -38.63 4.73 -24.41
C ARG H 403 -39.18 5.22 -25.74
N ILE H 404 -38.38 5.09 -26.81
CA ILE H 404 -38.79 5.57 -28.12
C ILE H 404 -40.11 4.95 -28.56
N ALA H 405 -40.34 3.67 -28.25
CA ALA H 405 -41.57 3.05 -28.69
C ALA H 405 -42.79 3.80 -28.17
N LYS H 406 -42.69 4.42 -26.99
CA LYS H 406 -43.79 5.25 -26.53
C LYS H 406 -43.95 6.48 -27.41
N TYR H 407 -42.84 7.10 -27.83
CA TYR H 407 -42.93 8.27 -28.70
C TYR H 407 -43.45 7.89 -30.08
N ASN H 408 -43.02 6.74 -30.60
CA ASN H 408 -43.55 6.27 -31.86
C ASN H 408 -45.05 6.02 -31.75
N ARG H 409 -45.50 5.46 -30.62
CA ARG H 409 -46.93 5.20 -30.45
C ARG H 409 -47.71 6.51 -30.34
N LEU H 410 -47.18 7.51 -29.63
CA LEU H 410 -47.84 8.80 -29.59
C LEU H 410 -47.93 9.41 -30.99
N MET H 411 -46.88 9.22 -31.81
CA MET H 411 -46.96 9.73 -33.19
C MET H 411 -47.99 8.96 -34.01
N ALA H 412 -48.07 7.63 -33.84
CA ALA H 412 -49.15 6.89 -34.52
C ALA H 412 -50.54 7.38 -34.06
N ILE H 413 -50.74 7.59 -32.75
CA ILE H 413 -52.03 8.07 -32.29
C ILE H 413 -52.36 9.42 -32.94
N GLU H 414 -51.39 10.33 -32.99
CA GLU H 414 -51.67 11.65 -33.56
C GLU H 414 -52.04 11.57 -35.05
N GLU H 415 -51.28 10.81 -35.82
CA GLU H 415 -51.61 10.69 -37.23
C GLU H 415 -52.98 10.05 -37.41
N GLU H 416 -53.26 9.01 -36.63
CA GLU H 416 -54.56 8.35 -36.72
C GLU H 416 -55.72 9.31 -36.44
N MET H 417 -55.53 10.24 -35.53
CA MET H 417 -56.60 11.18 -35.24
C MET H 417 -56.74 12.29 -36.28
N GLY H 418 -55.77 12.49 -37.16
CA GLY H 418 -55.87 13.52 -38.18
C GLY H 418 -56.22 14.88 -37.60
N PRO H 419 -57.28 15.52 -38.10
CA PRO H 419 -57.64 16.85 -37.60
C PRO H 419 -58.16 16.90 -36.17
N GLU H 420 -58.46 15.76 -35.54
CA GLU H 420 -58.93 15.77 -34.16
C GLU H 420 -57.79 15.95 -33.15
N ALA H 421 -56.55 15.74 -33.57
CA ALA H 421 -55.44 15.74 -32.63
C ALA H 421 -55.08 17.15 -32.18
N LEU H 422 -54.68 17.29 -30.92
CA LEU H 422 -54.20 18.55 -30.38
C LEU H 422 -53.06 18.31 -29.40
N PHE H 423 -51.88 18.85 -29.71
CA PHE H 423 -50.75 18.88 -28.80
C PHE H 423 -50.95 20.05 -27.83
N GLN H 424 -50.98 19.76 -26.53
CA GLN H 424 -51.28 20.79 -25.54
C GLN H 424 -50.65 20.45 -24.21
N ASP H 425 -49.72 21.31 -23.79
CA ASP H 425 -49.07 21.20 -22.49
C ASP H 425 -50.08 21.49 -21.39
N SER H 426 -50.11 20.64 -20.36
CA SER H 426 -50.98 20.87 -19.21
C SER H 426 -50.27 21.52 -18.02
N ASN H 427 -48.99 21.81 -18.14
CA ASN H 427 -48.25 22.49 -17.07
C ASN H 427 -49.00 23.78 -16.65
N PRO H 428 -49.39 23.90 -15.37
CA PRO H 428 -50.19 25.07 -14.98
C PRO H 428 -49.56 26.39 -15.38
N PHE H 429 -48.25 26.44 -15.61
CA PHE H 429 -47.59 27.69 -15.96
C PHE H 429 -47.13 27.70 -17.40
N SER H 430 -47.90 27.04 -18.25
CA SER H 430 -47.64 27.04 -19.68
C SER H 430 -47.78 28.47 -20.20
N LYS H 431 -46.84 28.87 -21.05
CA LYS H 431 -46.82 30.22 -21.62
C LYS H 431 -47.65 30.28 -22.89
N ALA H 432 -48.18 29.14 -23.35
CA ALA H 432 -49.09 29.10 -24.49
C ALA H 432 -50.40 29.74 -24.06
P PO4 I . 17.81 1.53 -19.28
O1 PO4 I . 17.80 1.21 -20.82
O2 PO4 I . 16.41 2.02 -18.76
O3 PO4 I . 18.82 2.70 -19.10
O4 PO4 I . 18.23 0.24 -18.46
P PO4 J . 23.70 0.65 -48.83
O1 PO4 J . 24.86 1.08 -49.79
O2 PO4 J . 23.04 -0.72 -49.23
O3 PO4 J . 24.29 0.54 -47.38
O4 PO4 J . 22.59 1.77 -48.87
MG MG K . 19.09 -0.66 -24.94
P PO4 L . 6.98 31.02 -20.82
O1 PO4 L . 6.67 32.23 -21.76
O2 PO4 L . 6.73 31.39 -19.30
O3 PO4 L . 8.50 30.69 -20.92
O4 PO4 L . 6.05 29.80 -21.13
MG MG M . 2.35 32.09 -16.46
C1 GOL N . 3.16 34.31 7.39
O1 GOL N . 1.84 34.72 7.13
C2 GOL N . 3.96 34.25 6.09
O2 GOL N . 3.11 33.85 5.04
C3 GOL N . 4.67 35.56 5.74
O3 GOL N . 6.03 35.22 5.46
C1 GOL O . -8.69 34.19 -27.45
O1 GOL O . -9.88 34.77 -27.96
C2 GOL O . -7.49 34.95 -27.98
O2 GOL O . -7.02 35.85 -26.99
C3 GOL O . -6.36 34.01 -28.40
O3 GOL O . -5.30 34.83 -28.85
C1 PEG P . 5.46 -22.82 -15.89
O1 PEG P . 5.35 -22.44 -17.25
C2 PEG P . 4.25 -23.54 -15.35
O2 PEG P . 3.58 -22.85 -14.30
C3 PEG P . 2.91 -21.71 -14.78
C4 PEG P . 2.09 -20.93 -13.77
O4 PEG P . 1.51 -19.84 -14.48
P PO4 Q . 9.53 -31.14 13.14
O1 PO4 Q . 8.97 -31.17 11.66
O2 PO4 Q . 9.52 -29.66 13.63
O3 PO4 Q . 10.92 -31.80 12.97
O4 PO4 Q . 8.76 -32.03 14.17
P PO4 R . -5.98 -18.39 -9.92
O1 PO4 R . -6.39 -18.50 -11.44
O2 PO4 R . -4.84 -17.34 -9.71
O3 PO4 R . -5.47 -19.79 -9.41
O4 PO4 R . -7.23 -17.94 -9.09
MG MG S . 2.54 -28.36 10.31
C1 PEG T . 43.87 -30.06 31.18
O1 PEG T . 43.03 -30.89 31.96
C2 PEG T . 43.47 -28.59 31.11
O2 PEG T . 43.89 -27.88 32.27
C3 PEG T . 43.55 -26.52 32.36
C4 PEG T . 43.63 -26.01 33.79
O4 PEG T . 42.89 -26.83 34.70
P PO4 U . 35.88 -15.52 6.08
O1 PO4 U . 36.72 -14.55 5.18
O2 PO4 U . 35.37 -16.78 5.32
O3 PO4 U . 34.63 -14.78 6.61
O4 PO4 U . 36.81 -15.99 7.27
P PO4 V . 46.44 -18.09 34.76
O1 PO4 V . 46.79 -18.36 33.26
O2 PO4 V . 46.82 -16.63 35.16
O3 PO4 V . 47.24 -19.07 35.70
O4 PO4 V . 44.89 -18.33 34.87
MG MG W . 38.52 -14.64 11.24
C1 PGE X . 41.41 -3.81 -10.79
O1 PGE X . 40.05 -3.84 -11.21
C2 PGE X . 42.32 -3.57 -11.99
O2 PGE X . 43.65 -3.94 -11.71
C3 PGE X . 44.57 -3.82 -12.79
C4 PGE X . 45.91 -4.44 -12.55
O4 PGE X . 45.99 -8.58 -12.41
C6 PGE X . 46.61 -7.88 -11.35
C5 PGE X . 46.95 -6.49 -11.86
O3 PGE X . 45.76 -5.76 -12.04
C1 PEG Y . -30.15 -9.24 40.79
O1 PEG Y . -30.72 -10.51 41.07
C2 PEG Y . -30.81 -8.12 41.59
O2 PEG Y . -29.87 -7.22 42.17
C3 PEG Y . -30.40 -6.29 43.10
C4 PEG Y . -30.61 -6.96 44.44
O4 PEG Y . -30.86 -5.97 45.43
P PO4 Z . -13.67 8.26 23.06
O1 PO4 Z . -14.30 8.70 21.70
O2 PO4 Z . -13.05 9.47 23.82
O3 PO4 Z . -12.55 7.20 22.84
O4 PO4 Z . -14.81 7.72 23.99
P PO4 AA . -32.02 -13.84 33.19
O1 PO4 AA . -32.29 -12.73 32.11
O2 PO4 AA . -31.58 -15.19 32.50
O3 PO4 AA . -30.84 -13.35 34.09
O4 PO4 AA . -33.31 -14.06 34.06
MG MG BA . -18.54 3.81 22.94
C1 PEG CA . 23.19 21.58 28.51
O1 PEG CA . 24.44 22.14 28.18
C2 PEG CA . 22.79 21.89 29.93
O2 PEG CA . 22.27 23.19 30.14
C3 PEG CA . 20.87 23.27 30.36
C4 PEG CA . 20.33 24.34 29.43
O4 PEG CA . 19.78 25.40 30.17
P PO4 DA . 6.36 4.00 46.85
O1 PO4 DA . 7.47 5.11 46.65
O2 PO4 DA . 6.33 3.02 45.66
O3 PO4 DA . 5.05 4.81 46.98
O4 PO4 DA . 6.56 3.18 48.15
P PO4 EA . 29.82 15.84 31.11
O1 PO4 EA . 30.44 17.26 30.84
O2 PO4 EA . 30.89 14.69 31.15
O3 PO4 EA . 28.81 15.51 29.97
O4 PO4 EA . 29.13 15.91 32.52
C1 PEG FA . -23.99 -28.76 -25.87
O1 PEG FA . -24.39 -28.96 -24.52
C2 PEG FA . -22.84 -27.78 -25.97
O2 PEG FA . -21.57 -28.39 -26.06
C3 PEG FA . -21.04 -28.79 -24.83
C4 PEG FA . -19.56 -29.01 -24.91
O4 PEG FA . -19.12 -29.66 -23.73
P PO4 GA . -24.33 -1.93 -38.40
O1 PO4 GA . -23.82 -1.73 -39.87
O2 PO4 GA . -25.89 -1.80 -38.26
O3 PO4 GA . -23.64 -0.89 -37.44
O4 PO4 GA . -24.11 -3.44 -37.99
P PO4 HA . -11.38 -27.55 -28.16
O1 PO4 HA . -12.26 -26.82 -29.24
O2 PO4 HA . -11.41 -26.74 -26.81
O3 PO4 HA . -9.89 -27.63 -28.68
O4 PO4 HA . -11.99 -28.98 -27.90
MG MG IA . -18.51 -6.91 -38.85
C1 PEG JA . -45.33 28.42 -28.40
O1 PEG JA . -46.37 28.63 -29.33
C2 PEG JA . -45.85 27.91 -27.09
O2 PEG JA . -44.87 28.01 -26.04
C3 PEG JA . -44.71 29.28 -25.44
C4 PEG JA . -43.30 29.45 -24.93
O4 PEG JA . -42.87 30.80 -24.92
P PO4 KA . -38.36 3.81 -10.91
O1 PO4 KA . -39.06 5.16 -11.26
O2 PO4 KA . -38.89 2.77 -11.95
O3 PO4 KA . -38.83 3.33 -9.50
O4 PO4 KA . -36.80 3.95 -11.00
P PO4 LA . -40.30 34.01 -16.92
O1 PO4 LA . -41.37 34.89 -17.64
O2 PO4 LA . -39.12 33.74 -17.92
O3 PO4 LA . -39.74 34.72 -15.62
O4 PO4 LA . -40.91 32.62 -16.51
MG MG MA . -38.34 9.78 -10.56
#